data_9CO6
#
_entry.id   9CO6
#
_cell.length_a   1.00
_cell.length_b   1.00
_cell.length_c   1.00
_cell.angle_alpha   90.00
_cell.angle_beta   90.00
_cell.angle_gamma   90.00
#
_symmetry.space_group_name_H-M   'P 1'
#
loop_
_entity.id
_entity.type
_entity.pdbx_description
1 polymer 'Spike glycoprotein'
2 polymer Nanosota-9
3 branched 2-acetamido-2-deoxy-beta-D-glucopyranose-(1-4)-2-acetamido-2-deoxy-beta-D-glucopyranose
4 non-polymer 2-acetamido-2-deoxy-beta-D-glucopyranose
#
loop_
_entity_poly.entity_id
_entity_poly.type
_entity_poly.pdbx_seq_one_letter_code
_entity_poly.pdbx_strand_id
1 'polypeptide(L)'
;MDAMKRGLCCVLLLCGAVFVSASQCVNLITRTQSYTNSFTRGVYYPDKVFRSSVLHSTQDLFLPFFSNVTWFHAISGTNG
TKRFDNPVLPFNDGVYFASTEKSNIIRGWIFGTTLDSKTQSLLIVNNATNVVIKVCEFQFCNDPFLDVYYHKNNKSWMES
EFRVYSSANNCTFEYVSQPFLMDLEGKQGNFKNLREFVFKNIDGYFKIYSKHTPINLGRDLPQGFSALEPLVDLPIGINI
TRFQTLLALHRSYLTPGDSSSGWTAGAAAYYVGYLQPRTFLLKYNENGTITDAVDCALDPLSETKCTLKSFTVEKGIYQT
SNFRVQPTESIVRFPNITNLCPFDEVFNATRFASVYAWNRKRISNCVADYSVLYNFAPFFAFKCYGVSPTKLNDLCFTNV
YADSFVIRGNEVSQIAPGQTGNIADYNYKLPDDFTGCVIAWNSNKLDSKVGGNYNYRYRLFRKSNLKPFERDISTEIYQA
GNKPCNGVAGVNCYFPLQSYGFRPTYGVGHQPYRVVVLSFELLHAPATVCGPKKSTNLVKNKCVNFNFNGLTGTGVLTES
NKKFLPFQQFGRDIADTTDAVRDPQTLEILDITPCSFGGVSVITPGTNTSNQVAVLYQGVNCTEVPVAIHADQLTPTWRV
YSTGSNVFQTRAGCLIGAEYVNNSYECDIPIGAGICASYQTQTKSHAGARSVASQSIIAYTMSLGAENSVAYSNNSIAIP
TNFTISVTTEILPVSMTKTSVDCTMYICGDSTECSNLLLQYGSFCTQLKRALTGIAVEQDKNTQEVFAQVKQIYKTPPIK
YFGGFNFSQILPDPSKPSKRSPIEDLLFNKVTLADAGFIKQYGDCLGDIAARDLICAQKFNGLTVLPPLLTDEMIAQYTS
ALLAGTITSGWTFGAGPALQIPFPMQMAYRFNGIGVTQNVLYENQKLIANQFNSAIGKIQDSLSSTPSALGKLQDVVNHN
AQALNTLVKQLSSKFGAISSVLNDILSRLDPPEAEVQIDRLITGRLQSLQTYVTQQLIRAAEIRASANLAATKMSECVLG
QSKRVDFCGKGYHLMSFPQSAPHGVVFLHVTYVPAQEKNFTTAPAICHDGKAHFPREGVFVSNGTHWFVTQRNFYEPQII
TTDNTFVSGNCDVVIGIVNNTVYDPLQPELDSFKEELDKYFKNHTSPDVDLGDISGINASVVNIQKEIDRLNEVAKNLNE
SLIDLQELGKYEQYIKGSGYIPEAPRDGQAYVRKDGEWVLLSTFLGHHHHHH
;
B,C,A
2 'polypeptide(L)'
;QVQLQESGGGLVQPGGSLRLSCTASGIALHTHATGWFRQAPGKEREGVSCISSGDGTTYYEDSVEGRFTISRDNAKNTVY
LQMNSLKLEDTAVYYCAADPGAVCHSGSYYYTDDDFYYRGQGTQVTVSSGGQHHHHHHGAYPYDVPDYAS
;
E,F,D
#
# COMPACT_ATOMS: atom_id res chain seq x y z
N THR A 32 -9.66 14.67 -63.74
CA THR A 32 -9.81 13.32 -63.19
C THR A 32 -9.95 13.36 -61.68
N GLN A 33 -10.99 12.72 -61.15
CA GLN A 33 -11.20 12.58 -59.71
C GLN A 33 -11.67 11.17 -59.37
N SER A 34 -11.24 10.17 -60.14
CA SER A 34 -11.68 8.80 -59.93
C SER A 34 -11.02 8.19 -58.71
N TYR A 35 -11.44 6.98 -58.36
CA TYR A 35 -11.00 6.33 -57.14
C TYR A 35 -10.49 4.93 -57.46
N THR A 36 -9.53 4.47 -56.66
CA THR A 36 -8.91 3.17 -56.83
C THR A 36 -8.61 2.59 -55.45
N ASN A 37 -8.74 1.28 -55.30
CA ASN A 37 -8.50 0.64 -54.02
C ASN A 37 -7.02 0.33 -53.86
N SER A 38 -6.42 0.83 -52.77
CA SER A 38 -5.04 0.54 -52.42
C SER A 38 -5.02 -0.69 -51.53
N PHE A 39 -4.42 -1.77 -52.02
CA PHE A 39 -4.63 -3.08 -51.38
C PHE A 39 -3.77 -3.28 -50.14
N THR A 40 -2.45 -3.36 -50.32
CA THR A 40 -1.52 -3.62 -49.21
C THR A 40 -0.31 -2.69 -49.32
N ARG A 41 -0.56 -1.41 -49.58
CA ARG A 41 0.52 -0.45 -49.79
C ARG A 41 0.52 0.61 -48.70
N GLY A 42 1.70 1.14 -48.41
CA GLY A 42 1.84 2.21 -47.45
C GLY A 42 2.29 1.78 -46.08
N VAL A 43 3.32 0.93 -46.02
CA VAL A 43 3.91 0.48 -44.75
C VAL A 43 5.34 0.96 -44.68
N TYR A 44 5.77 1.36 -43.49
CA TYR A 44 7.10 1.92 -43.29
C TYR A 44 7.61 1.53 -41.92
N TYR A 45 8.93 1.63 -41.75
CA TYR A 45 9.56 1.32 -40.49
C TYR A 45 9.25 2.41 -39.47
N PRO A 46 8.63 2.09 -38.34
CA PRO A 46 8.26 3.16 -37.39
C PRO A 46 9.43 3.75 -36.63
N ASP A 47 10.54 3.03 -36.51
CA ASP A 47 11.66 3.50 -35.71
C ASP A 47 12.97 2.95 -36.27
N LYS A 48 14.07 3.42 -35.69
CA LYS A 48 15.41 3.10 -36.16
C LYS A 48 15.99 1.82 -35.56
N VAL A 49 15.25 1.14 -34.69
CA VAL A 49 15.80 -0.01 -33.98
C VAL A 49 15.70 -1.26 -34.86
N PHE A 50 16.68 -2.14 -34.71
CA PHE A 50 16.64 -3.45 -35.37
C PHE A 50 15.81 -4.42 -34.56
N ARG A 51 15.08 -5.28 -35.26
CA ARG A 51 14.19 -6.24 -34.62
C ARG A 51 14.05 -7.43 -35.55
N SER A 52 14.24 -8.64 -35.02
CA SER A 52 14.34 -9.84 -35.85
C SER A 52 13.42 -10.94 -35.34
N SER A 53 12.65 -11.52 -36.28
CA SER A 53 11.92 -12.78 -36.10
C SER A 53 10.90 -12.72 -34.97
N VAL A 54 10.35 -11.55 -34.68
CA VAL A 54 9.30 -11.41 -33.67
C VAL A 54 8.27 -10.40 -34.17
N LEU A 55 6.99 -10.72 -33.96
CA LEU A 55 5.92 -9.81 -34.31
C LEU A 55 5.90 -8.63 -33.35
N HIS A 56 5.59 -7.44 -33.88
CA HIS A 56 5.61 -6.23 -33.06
C HIS A 56 4.35 -5.41 -33.30
N SER A 57 3.87 -4.76 -32.24
CA SER A 57 2.67 -3.94 -32.30
C SER A 57 3.05 -2.47 -32.26
N THR A 58 2.56 -1.70 -33.24
CA THR A 58 2.84 -0.27 -33.32
C THR A 58 1.53 0.49 -33.42
N GLN A 59 1.53 1.71 -32.90
CA GLN A 59 0.39 2.62 -32.99
C GLN A 59 0.89 3.92 -33.61
N ASP A 60 0.52 4.18 -34.85
CA ASP A 60 1.14 5.26 -35.60
C ASP A 60 0.22 5.67 -36.73
N LEU A 61 0.51 6.82 -37.33
CA LEU A 61 -0.15 7.22 -38.57
C LEU A 61 0.18 6.24 -39.67
N PHE A 62 -0.85 5.75 -40.36
CA PHE A 62 -0.69 4.69 -41.34
C PHE A 62 -1.79 4.81 -42.39
N LEU A 63 -1.55 4.17 -43.53
CA LEU A 63 -2.56 4.10 -44.57
C LEU A 63 -3.39 2.83 -44.39
N PRO A 64 -4.72 2.94 -44.28
CA PRO A 64 -5.55 1.77 -43.99
C PRO A 64 -5.53 0.75 -45.12
N PHE A 65 -5.64 -0.51 -44.74
CA PHE A 65 -5.72 -1.58 -45.71
C PHE A 65 -7.05 -1.53 -46.45
N PHE A 66 -6.98 -1.74 -47.77
CA PHE A 66 -8.14 -1.70 -48.68
C PHE A 66 -8.86 -0.36 -48.60
N SER A 67 -8.10 0.71 -48.40
CA SER A 67 -8.65 2.06 -48.46
C SER A 67 -8.77 2.50 -49.91
N ASN A 68 -9.38 3.66 -50.10
CA ASN A 68 -9.62 4.21 -51.43
C ASN A 68 -8.81 5.48 -51.64
N VAL A 69 -8.27 5.65 -52.85
CA VAL A 69 -7.37 6.75 -53.14
C VAL A 69 -7.84 7.43 -54.42
N THR A 70 -7.51 8.70 -54.55
CA THR A 70 -7.93 9.51 -55.69
C THR A 70 -6.91 9.42 -56.81
N TRP A 71 -7.35 9.79 -58.02
CA TRP A 71 -6.49 9.90 -59.17
C TRP A 71 -6.49 11.35 -59.66
N PHE A 72 -5.32 11.87 -59.98
CA PHE A 72 -5.17 13.16 -60.63
C PHE A 72 -4.34 12.97 -61.90
N HIS A 73 -4.78 13.58 -62.98
CA HIS A 73 -4.17 13.35 -64.29
C HIS A 73 -3.76 14.68 -64.91
N ALA A 74 -2.66 14.64 -65.65
CA ALA A 74 -2.12 15.80 -66.35
C ALA A 74 -2.20 15.56 -67.85
N ILE A 75 -2.74 16.54 -68.58
CA ILE A 75 -2.94 16.44 -70.02
C ILE A 75 -2.31 17.67 -70.66
N SER A 76 -1.92 17.53 -71.93
CA SER A 76 -1.28 18.63 -72.64
C SER A 76 -2.30 19.54 -73.32
N GLY A 77 -3.11 18.98 -74.23
CA GLY A 77 -4.07 19.75 -74.98
C GLY A 77 -3.55 20.38 -76.25
N THR A 78 -2.22 20.42 -76.42
CA THR A 78 -1.54 20.99 -77.58
C THR A 78 -1.95 22.45 -77.78
N ASN A 79 -1.69 23.25 -76.75
CA ASN A 79 -1.99 24.68 -76.73
C ASN A 79 -1.28 25.27 -75.53
N GLY A 80 -1.10 26.60 -75.56
CA GLY A 80 -0.49 27.31 -74.46
C GLY A 80 -1.49 27.89 -73.49
N THR A 81 -2.72 27.38 -73.51
CA THR A 81 -3.78 27.90 -72.65
C THR A 81 -3.82 27.11 -71.33
N LYS A 82 -4.88 27.32 -70.56
CA LYS A 82 -4.99 26.71 -69.24
C LYS A 82 -5.43 25.25 -69.34
N ARG A 83 -4.99 24.46 -68.36
CA ARG A 83 -5.36 23.05 -68.29
C ARG A 83 -6.00 22.69 -66.96
N PHE A 84 -5.59 23.38 -65.89
CA PHE A 84 -6.06 23.14 -64.52
C PHE A 84 -5.84 21.70 -64.08
N ASP A 85 -4.67 21.15 -64.41
CA ASP A 85 -4.34 19.78 -64.05
C ASP A 85 -3.64 19.66 -62.70
N ASN A 86 -3.35 20.79 -62.04
CA ASN A 86 -2.71 20.79 -60.72
C ASN A 86 -3.67 21.43 -59.72
N PRO A 87 -4.52 20.63 -59.06
CA PRO A 87 -5.40 21.19 -58.04
C PRO A 87 -4.73 21.30 -56.68
N VAL A 88 -5.50 21.69 -55.66
CA VAL A 88 -4.99 21.87 -54.30
C VAL A 88 -5.62 20.80 -53.42
N LEU A 89 -4.76 20.05 -52.69
CA LEU A 89 -5.13 18.90 -51.85
C LEU A 89 -5.34 19.34 -50.40
N PRO A 90 -6.17 18.61 -49.65
CA PRO A 90 -6.42 19.01 -48.25
C PRO A 90 -5.21 18.96 -47.33
N PHE A 91 -4.46 17.84 -47.31
CA PHE A 91 -3.31 17.63 -46.42
C PHE A 91 -3.73 17.78 -44.95
N ASN A 92 -4.50 16.79 -44.48
CA ASN A 92 -4.63 16.56 -43.06
C ASN A 92 -3.83 15.33 -42.65
N ASP A 93 -3.21 15.41 -41.46
CA ASP A 93 -2.42 14.42 -40.72
C ASP A 93 -1.62 13.43 -41.59
N GLY A 94 -0.87 13.95 -42.56
CA GLY A 94 0.03 13.12 -43.34
C GLY A 94 -0.55 12.61 -44.64
N VAL A 95 0.28 12.51 -45.68
CA VAL A 95 -0.17 12.03 -46.99
C VAL A 95 0.79 10.97 -47.50
N TYR A 96 0.28 10.15 -48.43
CA TYR A 96 1.03 9.15 -49.17
C TYR A 96 0.99 9.52 -50.64
N PHE A 97 2.12 9.37 -51.31
CA PHE A 97 2.25 9.73 -52.72
C PHE A 97 2.87 8.55 -53.45
N ALA A 98 2.40 8.30 -54.66
CA ALA A 98 2.98 7.23 -55.45
C ALA A 98 2.88 7.57 -56.93
N SER A 99 3.79 7.00 -57.72
CA SER A 99 3.79 7.25 -59.15
C SER A 99 4.48 6.11 -59.88
N THR A 100 4.01 5.83 -61.10
CA THR A 100 4.71 4.92 -62.01
C THR A 100 4.63 5.50 -63.43
N GLU A 101 5.78 5.91 -63.94
CA GLU A 101 5.92 6.55 -65.25
C GLU A 101 7.40 6.59 -65.61
N LYS A 102 7.67 6.61 -66.92
CA LYS A 102 9.02 6.33 -67.42
C LYS A 102 9.94 7.54 -67.28
N SER A 103 9.53 8.69 -67.83
CA SER A 103 10.40 9.85 -67.90
C SER A 103 10.43 10.62 -66.57
N ASN A 104 10.90 11.86 -66.60
CA ASN A 104 11.13 12.66 -65.40
C ASN A 104 10.24 13.90 -65.34
N ILE A 105 8.94 13.73 -65.64
CA ILE A 105 8.01 14.87 -65.61
C ILE A 105 7.80 15.34 -64.17
N ILE A 106 7.63 14.40 -63.24
CA ILE A 106 7.24 14.73 -61.86
C ILE A 106 8.46 15.27 -61.12
N ARG A 107 8.56 16.61 -61.08
CA ARG A 107 9.60 17.32 -60.35
C ARG A 107 8.98 18.57 -59.73
N GLY A 108 9.23 18.79 -58.44
CA GLY A 108 8.78 19.99 -57.79
C GLY A 108 7.63 19.80 -56.83
N TRP A 109 7.94 19.74 -55.53
CA TRP A 109 6.95 19.51 -54.47
C TRP A 109 6.98 20.70 -53.53
N ILE A 110 5.81 21.33 -53.33
CA ILE A 110 5.70 22.60 -52.62
C ILE A 110 4.67 22.45 -51.51
N PHE A 111 5.04 22.87 -50.31
CA PHE A 111 4.16 22.85 -49.15
C PHE A 111 3.97 24.29 -48.65
N GLY A 112 3.31 24.43 -47.51
CA GLY A 112 3.13 25.74 -46.90
C GLY A 112 1.72 25.98 -46.41
N THR A 113 1.59 26.63 -45.25
CA THR A 113 0.27 26.88 -44.70
C THR A 113 -0.47 28.02 -45.37
N THR A 114 0.24 28.93 -46.04
CA THR A 114 -0.38 30.12 -46.61
C THR A 114 -0.20 30.24 -48.11
N LEU A 115 1.04 30.18 -48.61
CA LEU A 115 1.41 30.48 -49.99
C LEU A 115 0.92 31.86 -50.42
N ASP A 116 1.42 32.88 -49.73
CA ASP A 116 1.02 34.26 -50.03
C ASP A 116 2.19 35.18 -49.68
N SER A 117 1.90 36.47 -49.51
CA SER A 117 2.92 37.48 -49.29
C SER A 117 3.18 37.78 -47.81
N LYS A 118 2.72 36.91 -46.90
CA LYS A 118 2.94 37.14 -45.47
C LYS A 118 3.76 36.04 -44.80
N THR A 119 3.38 34.78 -44.95
CA THR A 119 3.94 33.70 -44.17
C THR A 119 4.69 32.73 -45.08
N GLN A 120 5.67 32.04 -44.51
CA GLN A 120 6.64 31.23 -45.25
C GLN A 120 5.98 30.07 -46.00
N SER A 121 6.69 29.55 -46.99
CA SER A 121 6.28 28.39 -47.76
C SER A 121 7.49 27.50 -48.01
N LEU A 122 7.23 26.20 -48.17
CA LEU A 122 8.26 25.18 -48.23
C LEU A 122 8.27 24.54 -49.62
N LEU A 123 9.46 24.13 -50.06
CA LEU A 123 9.65 23.77 -51.46
C LEU A 123 10.83 22.82 -51.62
N ILE A 124 10.63 21.76 -52.40
CA ILE A 124 11.49 20.57 -52.48
C ILE A 124 11.97 20.37 -53.93
N VAL A 125 12.42 21.44 -54.58
CA VAL A 125 12.70 21.37 -56.02
C VAL A 125 13.85 20.40 -56.28
N ASN A 126 13.80 19.73 -57.44
CA ASN A 126 14.82 18.77 -57.83
C ASN A 126 15.54 19.26 -59.09
N ASN A 127 16.86 19.11 -59.10
CA ASN A 127 17.66 19.38 -60.28
C ASN A 127 17.81 18.08 -61.07
N ALA A 128 18.72 18.05 -62.04
CA ALA A 128 18.97 16.83 -62.79
C ALA A 128 19.60 15.76 -61.92
N THR A 129 20.60 16.13 -61.11
CA THR A 129 21.27 15.20 -60.21
C THR A 129 21.42 15.79 -58.81
N ASN A 130 20.49 16.67 -58.42
CA ASN A 130 20.52 17.32 -57.12
C ASN A 130 19.10 17.69 -56.72
N VAL A 131 18.91 18.00 -55.44
CA VAL A 131 17.70 18.62 -54.94
C VAL A 131 18.07 19.83 -54.10
N VAL A 132 17.13 20.76 -54.01
CA VAL A 132 17.24 21.96 -53.19
C VAL A 132 15.96 22.07 -52.37
N ILE A 133 16.09 22.07 -51.05
CA ILE A 133 15.00 22.34 -50.13
C ILE A 133 15.14 23.79 -49.69
N LYS A 134 14.21 24.63 -50.16
CA LYS A 134 14.28 26.07 -49.98
C LYS A 134 12.97 26.55 -49.38
N VAL A 135 12.91 26.58 -48.05
CA VAL A 135 11.80 27.20 -47.36
C VAL A 135 12.06 28.70 -47.28
N CYS A 136 11.12 29.50 -47.78
CA CYS A 136 11.30 30.94 -47.88
C CYS A 136 9.94 31.59 -48.10
N GLU A 137 9.94 32.90 -48.36
CA GLU A 137 8.73 33.66 -48.59
C GLU A 137 8.49 33.72 -50.09
N PHE A 138 7.39 33.14 -50.54
CA PHE A 138 7.07 33.07 -51.96
C PHE A 138 5.82 33.89 -52.22
N GLN A 139 5.99 35.03 -52.89
CA GLN A 139 4.90 35.98 -53.05
C GLN A 139 3.92 35.54 -54.13
N PHE A 140 4.39 35.41 -55.36
CA PHE A 140 3.53 35.13 -56.51
C PHE A 140 3.95 33.83 -57.17
N CYS A 141 2.97 32.96 -57.42
CA CYS A 141 3.14 31.74 -58.20
C CYS A 141 1.98 31.69 -59.18
N ASN A 142 2.18 32.27 -60.36
CA ASN A 142 1.07 32.43 -61.31
C ASN A 142 0.70 31.09 -61.96
N ASP A 143 1.63 30.48 -62.67
CA ASP A 143 1.39 29.23 -63.38
C ASP A 143 2.72 28.62 -63.76
N PRO A 144 2.80 27.30 -63.92
CA PRO A 144 4.01 26.70 -64.49
C PRO A 144 4.20 27.14 -65.93
N PHE A 145 5.46 27.23 -66.35
CA PHE A 145 5.77 27.68 -67.69
C PHE A 145 5.35 26.64 -68.73
N LEU A 146 5.08 27.12 -69.94
CA LEU A 146 4.49 26.30 -70.99
C LEU A 146 5.30 26.44 -72.27
N ASP A 147 5.32 25.38 -73.06
CA ASP A 147 5.79 25.48 -74.44
C ASP A 147 4.66 25.99 -75.32
N VAL A 148 4.95 26.14 -76.62
CA VAL A 148 3.92 26.58 -77.54
C VAL A 148 2.88 25.48 -77.78
N MET A 158 14.05 20.00 -73.27
CA MET A 158 13.58 20.97 -72.27
C MET A 158 14.79 21.60 -71.60
N GLU A 159 15.04 22.89 -71.87
CA GLU A 159 16.18 23.58 -71.28
C GLU A 159 15.77 24.98 -70.81
N SER A 160 16.03 25.26 -69.54
CA SER A 160 16.01 26.61 -68.97
C SER A 160 14.66 27.31 -69.13
N GLU A 161 13.59 26.61 -68.75
CA GLU A 161 12.23 27.17 -68.84
C GLU A 161 11.46 26.85 -67.56
N PHE A 162 12.08 27.10 -66.41
CA PHE A 162 11.47 26.80 -65.11
C PHE A 162 11.63 27.99 -64.17
N ARG A 163 10.56 28.78 -64.04
CA ARG A 163 10.49 29.90 -63.09
C ARG A 163 9.08 29.96 -62.52
N VAL A 164 8.98 29.94 -61.20
CA VAL A 164 7.70 30.03 -60.53
C VAL A 164 7.63 31.17 -59.52
N TYR A 165 8.75 31.62 -58.98
CA TYR A 165 8.78 32.67 -57.97
C TYR A 165 9.44 33.92 -58.52
N SER A 166 9.06 35.08 -57.95
CA SER A 166 9.59 36.36 -58.35
C SER A 166 10.43 37.03 -57.27
N SER A 167 9.87 37.19 -56.07
CA SER A 167 10.55 37.86 -54.97
C SER A 167 10.81 36.89 -53.83
N ALA A 168 12.01 36.99 -53.25
CA ALA A 168 12.41 36.16 -52.13
C ALA A 168 12.75 37.07 -50.95
N ASN A 169 11.92 37.03 -49.91
CA ASN A 169 12.15 37.82 -48.71
C ASN A 169 13.13 37.09 -47.79
N ASN A 170 13.22 37.54 -46.54
CA ASN A 170 14.18 36.97 -45.60
C ASN A 170 13.83 35.53 -45.26
N CYS A 171 14.86 34.68 -45.25
CA CYS A 171 14.71 33.25 -45.00
C CYS A 171 16.10 32.65 -44.80
N THR A 172 16.12 31.42 -44.28
CA THR A 172 17.34 30.71 -43.93
C THR A 172 17.05 29.23 -44.25
N PHE A 173 18.02 28.35 -43.97
CA PHE A 173 17.91 26.88 -44.09
C PHE A 173 17.65 26.48 -45.55
N GLU A 174 18.69 26.71 -46.35
CA GLU A 174 18.75 26.23 -47.73
C GLU A 174 19.45 24.88 -47.70
N TYR A 175 18.67 23.79 -47.70
CA TYR A 175 19.22 22.46 -47.47
C TYR A 175 19.49 21.78 -48.81
N VAL A 176 20.75 21.42 -49.05
CA VAL A 176 21.16 20.70 -50.25
C VAL A 176 21.85 19.42 -49.81
N SER A 177 21.46 18.30 -50.41
CA SER A 177 22.04 17.01 -50.04
C SER A 177 22.00 16.09 -51.26
N GLN A 178 22.19 14.79 -51.01
CA GLN A 178 22.06 13.78 -52.04
C GLN A 178 20.62 13.77 -52.54
N PRO A 179 20.39 13.80 -53.86
CA PRO A 179 19.01 13.86 -54.36
C PRO A 179 18.16 12.65 -53.98
N PHE A 180 16.89 12.92 -53.70
CA PHE A 180 15.95 11.87 -53.30
C PHE A 180 15.65 10.91 -54.43
N LEU A 181 15.42 11.46 -55.62
CA LEU A 181 14.87 10.70 -56.74
C LEU A 181 16.00 10.21 -57.63
N MET A 182 16.12 8.90 -57.76
CA MET A 182 17.11 8.28 -58.64
C MET A 182 16.40 7.59 -59.79
N ASP A 183 17.04 7.60 -60.95
CA ASP A 183 16.42 7.17 -62.20
C ASP A 183 16.86 5.76 -62.54
N LEU A 184 15.89 4.84 -62.60
CA LEU A 184 16.11 3.50 -63.14
C LEU A 184 15.63 3.48 -64.58
N GLU A 185 16.53 3.13 -65.50
CA GLU A 185 16.22 3.18 -66.92
C GLU A 185 15.34 2.01 -67.31
N GLY A 186 14.12 2.30 -67.75
CA GLY A 186 13.23 1.26 -68.24
C GLY A 186 13.53 0.92 -69.70
N LYS A 187 13.41 -0.36 -70.03
CA LYS A 187 13.77 -0.83 -71.35
C LYS A 187 13.00 -2.09 -71.68
N GLN A 188 12.99 -2.43 -72.97
CA GLN A 188 12.40 -3.67 -73.51
C GLN A 188 10.90 -3.77 -73.23
N GLY A 189 10.23 -2.63 -73.06
CA GLY A 189 8.81 -2.61 -72.81
C GLY A 189 8.46 -3.03 -71.40
N ASN A 190 7.18 -2.79 -71.06
CA ASN A 190 6.42 -3.24 -69.88
C ASN A 190 7.21 -3.32 -68.58
N PHE A 191 8.07 -2.33 -68.34
CA PHE A 191 8.93 -2.32 -67.16
C PHE A 191 9.17 -0.87 -66.78
N LYS A 192 8.39 -0.37 -65.82
CA LYS A 192 8.50 1.00 -65.36
C LYS A 192 8.83 1.02 -63.87
N ASN A 193 9.42 2.13 -63.44
CA ASN A 193 9.82 2.29 -62.04
C ASN A 193 8.64 2.80 -61.22
N LEU A 194 8.41 2.17 -60.07
CA LEU A 194 7.35 2.56 -59.15
C LEU A 194 7.98 3.30 -57.97
N ARG A 195 7.35 4.40 -57.57
CA ARG A 195 7.92 5.32 -56.59
C ARG A 195 6.88 5.54 -55.50
N GLU A 196 7.27 5.28 -54.25
CA GLU A 196 6.35 5.44 -53.13
C GLU A 196 6.97 6.33 -52.06
N PHE A 197 6.15 7.23 -51.51
CA PHE A 197 6.57 8.20 -50.50
C PHE A 197 5.46 8.35 -49.46
N VAL A 198 5.86 8.55 -48.21
CA VAL A 198 4.97 8.93 -47.12
C VAL A 198 5.57 10.13 -46.41
N PHE A 199 4.76 11.16 -46.19
CA PHE A 199 5.20 12.42 -45.61
C PHE A 199 4.59 12.57 -44.22
N LYS A 200 5.41 12.96 -43.25
CA LYS A 200 4.92 13.25 -41.91
C LYS A 200 5.49 14.58 -41.43
N ASN A 201 4.66 15.37 -40.75
CA ASN A 201 5.07 16.64 -40.16
C ASN A 201 4.54 16.65 -38.73
N ILE A 202 5.36 16.20 -37.79
CA ILE A 202 4.96 16.13 -36.38
C ILE A 202 6.02 16.79 -35.52
N ASP A 203 5.56 17.53 -34.50
CA ASP A 203 6.34 18.33 -33.54
C ASP A 203 7.50 19.11 -34.16
N GLY A 204 7.27 19.72 -35.32
CA GLY A 204 8.28 20.52 -35.97
C GLY A 204 9.28 19.75 -36.81
N TYR A 205 9.10 18.44 -36.95
CA TYR A 205 9.98 17.59 -37.73
C TYR A 205 9.23 17.09 -38.97
N PHE A 206 9.92 17.10 -40.11
CA PHE A 206 9.37 16.64 -41.37
C PHE A 206 10.16 15.41 -41.81
N LYS A 207 9.45 14.31 -42.06
CA LYS A 207 10.02 13.02 -42.40
C LYS A 207 9.47 12.54 -43.74
N ILE A 208 10.36 12.01 -44.57
CA ILE A 208 10.01 11.43 -45.86
C ILE A 208 10.45 9.97 -45.84
N TYR A 209 9.52 9.07 -46.10
CA TYR A 209 9.84 7.66 -46.30
C TYR A 209 9.61 7.33 -47.76
N SER A 210 10.52 6.53 -48.35
CA SER A 210 10.45 6.31 -49.79
C SER A 210 10.88 4.88 -50.13
N LYS A 211 10.45 4.45 -51.30
CA LYS A 211 10.90 3.17 -51.86
C LYS A 211 10.77 3.21 -53.38
N HIS A 212 11.80 2.69 -54.05
CA HIS A 212 11.82 2.55 -55.50
C HIS A 212 11.65 1.06 -55.82
N THR A 213 10.49 0.69 -56.34
CA THR A 213 10.23 -0.69 -56.73
C THR A 213 10.33 -0.80 -58.24
N PRO A 214 11.37 -1.45 -58.78
CA PRO A 214 11.52 -1.51 -60.24
C PRO A 214 10.48 -2.37 -60.94
N ILE A 215 9.77 -3.24 -60.22
CA ILE A 215 8.90 -4.23 -60.82
C ILE A 215 7.45 -3.80 -60.63
N ASN A 216 6.75 -3.58 -61.74
CA ASN A 216 5.30 -3.31 -61.70
C ASN A 216 4.49 -4.07 -62.74
N LEU A 217 5.11 -4.57 -63.81
CA LEU A 217 4.48 -5.31 -64.91
C LEU A 217 3.40 -4.43 -65.55
N GLY A 218 2.32 -5.04 -66.02
CA GLY A 218 1.24 -4.34 -66.68
C GLY A 218 0.18 -3.77 -65.77
N ARG A 219 0.33 -3.92 -64.46
CA ARG A 219 -0.61 -3.38 -63.49
C ARG A 219 -0.02 -2.12 -62.86
N ASP A 220 -0.80 -1.04 -62.84
CA ASP A 220 -0.31 0.23 -62.33
C ASP A 220 -0.13 0.21 -60.82
N LEU A 221 -0.96 -0.54 -60.10
CA LEU A 221 -0.83 -0.73 -58.65
C LEU A 221 -0.85 -2.22 -58.39
N PRO A 222 0.29 -2.90 -58.54
CA PRO A 222 0.31 -4.36 -58.53
C PRO A 222 0.18 -4.93 -57.12
N GLN A 223 0.01 -6.25 -57.07
CA GLN A 223 0.05 -6.99 -55.82
C GLN A 223 1.45 -6.99 -55.24
N GLY A 224 1.54 -7.28 -53.95
CA GLY A 224 2.81 -7.42 -53.28
C GLY A 224 2.79 -6.71 -51.95
N PHE A 225 3.99 -6.58 -51.37
CA PHE A 225 4.14 -5.96 -50.06
C PHE A 225 5.59 -5.50 -49.94
N SER A 226 5.79 -4.24 -49.57
CA SER A 226 7.13 -3.70 -49.48
C SER A 226 7.15 -2.53 -48.49
N ALA A 227 8.09 -2.57 -47.56
CA ALA A 227 8.26 -1.49 -46.60
C ALA A 227 9.02 -0.33 -47.24
N LEU A 228 9.02 0.81 -46.54
CA LEU A 228 9.61 2.04 -47.05
C LEU A 228 10.92 2.32 -46.34
N GLU A 229 11.95 2.65 -47.12
CA GLU A 229 13.25 3.02 -46.57
C GLU A 229 13.24 4.51 -46.22
N PRO A 230 13.46 4.89 -44.97
CA PRO A 230 13.55 6.32 -44.64
C PRO A 230 14.78 6.96 -45.26
N LEU A 231 14.65 8.24 -45.60
CA LEU A 231 15.74 8.97 -46.24
C LEU A 231 16.29 10.09 -45.36
N VAL A 232 15.45 11.05 -44.96
CA VAL A 232 15.90 12.22 -44.20
C VAL A 232 14.93 12.48 -43.06
N ASP A 233 15.33 13.45 -42.23
CA ASP A 233 14.50 13.96 -41.14
C ASP A 233 14.95 15.39 -40.88
N LEU A 234 14.16 16.36 -41.32
CA LEU A 234 14.61 17.74 -41.27
C LEU A 234 13.63 18.60 -40.47
N PRO A 235 14.13 19.42 -39.54
CA PRO A 235 13.24 20.32 -38.79
C PRO A 235 13.00 21.64 -39.50
N ILE A 236 11.74 22.05 -39.52
CA ILE A 236 11.35 23.38 -40.00
C ILE A 236 10.56 24.13 -38.93
N GLY A 237 9.48 23.53 -38.44
CA GLY A 237 8.70 24.10 -37.36
C GLY A 237 7.41 24.79 -37.77
N ILE A 238 7.09 24.83 -39.06
CA ILE A 238 5.86 25.47 -39.51
C ILE A 238 4.81 24.41 -39.74
N ASN A 239 3.55 24.78 -39.50
CA ASN A 239 2.43 23.92 -39.84
C ASN A 239 2.15 23.97 -41.33
N ILE A 240 1.51 22.93 -41.84
CA ILE A 240 1.13 22.85 -43.25
C ILE A 240 -0.39 22.75 -43.32
N THR A 241 -1.01 23.76 -43.93
CA THR A 241 -2.45 23.72 -44.13
C THR A 241 -2.81 22.91 -45.38
N ARG A 242 -2.05 23.11 -46.47
CA ARG A 242 -2.28 22.40 -47.72
C ARG A 242 -0.98 22.45 -48.53
N PHE A 243 -0.98 21.78 -49.68
CA PHE A 243 0.19 21.75 -50.53
C PHE A 243 -0.24 21.74 -51.99
N GLN A 244 0.76 21.75 -52.88
CA GLN A 244 0.52 21.75 -54.32
C GLN A 244 1.75 21.13 -54.99
N THR A 245 1.51 20.44 -56.11
CA THR A 245 2.57 19.77 -56.85
C THR A 245 2.74 20.43 -58.21
N LEU A 246 3.97 20.80 -58.53
CA LEU A 246 4.30 21.25 -59.88
C LEU A 246 4.74 20.08 -60.74
N LEU A 247 4.39 20.16 -62.01
CA LEU A 247 4.78 19.18 -63.02
C LEU A 247 5.73 19.83 -64.01
N ALA A 248 6.18 19.05 -64.97
CA ALA A 248 6.79 19.61 -66.19
C ALA A 248 5.68 19.87 -67.20
N LEU A 249 4.85 20.86 -66.85
CA LEU A 249 3.59 21.11 -67.54
C LEU A 249 3.74 21.65 -68.95
N HIS A 250 4.97 21.88 -69.42
CA HIS A 250 5.17 22.17 -70.85
C HIS A 250 4.65 21.03 -71.71
N ARG A 251 5.02 19.80 -71.37
CA ARG A 251 4.67 18.61 -72.15
C ARG A 251 4.38 17.46 -71.20
N SER A 252 3.27 16.77 -71.43
CA SER A 252 2.89 15.64 -70.59
C SER A 252 2.20 14.56 -71.40
N ALA A 267 -6.69 5.94 -66.17
CA ALA A 267 -5.24 5.98 -66.01
C ALA A 267 -4.77 7.39 -65.65
N ALA A 268 -4.05 7.50 -64.54
CA ALA A 268 -3.56 8.79 -64.10
C ALA A 268 -2.05 8.75 -63.84
N ALA A 269 -1.55 7.59 -63.40
CA ALA A 269 -0.15 7.39 -63.01
C ALA A 269 0.29 8.39 -61.94
N TYR A 270 -0.61 8.67 -61.00
CA TYR A 270 -0.37 9.68 -59.98
C TYR A 270 -1.31 9.37 -58.82
N TYR A 271 -0.76 8.90 -57.71
CA TYR A 271 -1.53 8.37 -56.58
C TYR A 271 -1.38 9.27 -55.38
N VAL A 272 -2.50 9.69 -54.80
CA VAL A 272 -2.53 10.41 -53.54
C VAL A 272 -3.42 9.63 -52.57
N GLY A 273 -2.83 9.22 -51.45
CA GLY A 273 -3.56 8.57 -50.38
C GLY A 273 -3.37 9.32 -49.07
N TYR A 274 -4.14 8.92 -48.07
CA TYR A 274 -4.18 9.67 -46.82
C TYR A 274 -3.99 8.72 -45.64
N LEU A 275 -3.53 9.28 -44.52
CA LEU A 275 -3.15 8.51 -43.36
C LEU A 275 -4.07 8.82 -42.18
N GLN A 276 -4.27 7.82 -41.34
CA GLN A 276 -5.02 7.93 -40.09
C GLN A 276 -4.24 7.27 -38.96
N PRO A 277 -4.42 7.71 -37.71
CA PRO A 277 -3.68 7.10 -36.61
C PRO A 277 -4.17 5.72 -36.22
N ARG A 278 -3.66 4.69 -36.91
CA ARG A 278 -4.13 3.33 -36.73
C ARG A 278 -3.13 2.52 -35.90
N THR A 279 -3.41 1.23 -35.77
CA THR A 279 -2.57 0.28 -35.05
C THR A 279 -2.24 -0.88 -35.97
N PHE A 280 -0.95 -1.16 -36.12
CA PHE A 280 -0.48 -2.21 -37.00
C PHE A 280 0.25 -3.29 -36.20
N LEU A 281 0.27 -4.50 -36.77
CA LEU A 281 1.07 -5.60 -36.28
C LEU A 281 1.99 -6.04 -37.41
N LEU A 282 3.30 -5.94 -37.16
CA LEU A 282 4.34 -6.11 -38.16
C LEU A 282 5.09 -7.41 -37.93
N LYS A 283 5.49 -8.06 -39.02
CA LYS A 283 6.27 -9.29 -38.99
C LYS A 283 7.68 -8.97 -39.46
N TYR A 284 8.64 -9.02 -38.55
CA TYR A 284 10.03 -8.78 -38.89
C TYR A 284 10.70 -10.09 -39.28
N ASN A 285 11.46 -10.06 -40.36
CA ASN A 285 12.15 -11.26 -40.84
C ASN A 285 13.45 -11.44 -40.05
N GLU A 286 14.20 -12.49 -40.38
CA GLU A 286 15.46 -12.75 -39.68
C GLU A 286 16.58 -11.83 -40.13
N ASN A 287 16.38 -11.07 -41.20
CA ASN A 287 17.19 -9.90 -41.58
C ASN A 287 16.61 -8.57 -41.08
N GLY A 288 15.52 -8.58 -40.32
CA GLY A 288 14.97 -7.35 -39.80
C GLY A 288 14.09 -6.59 -40.76
N THR A 289 13.83 -7.13 -41.94
CA THR A 289 12.93 -6.49 -42.88
C THR A 289 11.50 -6.94 -42.61
N ILE A 290 10.55 -6.10 -43.01
CA ILE A 290 9.14 -6.38 -42.76
C ILE A 290 8.60 -7.23 -43.90
N THR A 291 8.12 -8.43 -43.57
CA THR A 291 7.62 -9.38 -44.56
C THR A 291 6.10 -9.36 -44.67
N ASP A 292 5.39 -9.11 -43.57
CA ASP A 292 3.94 -9.10 -43.59
C ASP A 292 3.46 -8.11 -42.53
N ALA A 293 2.22 -7.64 -42.70
CA ALA A 293 1.64 -6.70 -41.76
C ALA A 293 0.14 -6.82 -41.79
N VAL A 294 -0.49 -6.61 -40.64
CA VAL A 294 -1.94 -6.51 -40.55
C VAL A 294 -2.30 -5.26 -39.78
N ASP A 295 -3.53 -4.78 -39.98
CA ASP A 295 -4.09 -3.71 -39.17
C ASP A 295 -5.38 -4.17 -38.51
N CYS A 296 -5.70 -3.56 -37.38
CA CYS A 296 -6.60 -4.15 -36.40
C CYS A 296 -7.97 -3.48 -36.36
N ALA A 297 -8.40 -2.87 -37.48
CA ALA A 297 -9.65 -2.11 -37.42
C ALA A 297 -10.52 -2.26 -38.66
N LEU A 298 -10.37 -3.34 -39.44
CA LEU A 298 -11.23 -3.52 -40.60
C LEU A 298 -12.11 -4.76 -40.50
N ASP A 299 -11.62 -5.84 -39.88
CA ASP A 299 -12.32 -7.11 -39.83
C ASP A 299 -12.26 -7.66 -38.42
N PRO A 300 -13.26 -8.44 -38.02
CA PRO A 300 -13.14 -9.20 -36.77
C PRO A 300 -11.98 -10.18 -36.76
N LEU A 301 -11.66 -10.77 -37.92
CA LEU A 301 -10.56 -11.73 -37.99
C LEU A 301 -9.22 -11.05 -37.75
N SER A 302 -9.00 -9.88 -38.33
CA SER A 302 -7.77 -9.15 -38.12
C SER A 302 -7.64 -8.68 -36.68
N GLU A 303 -8.75 -8.27 -36.07
CA GLU A 303 -8.73 -7.88 -34.67
C GLU A 303 -8.43 -9.07 -33.76
N THR A 304 -8.95 -10.25 -34.12
CA THR A 304 -8.59 -11.48 -33.40
C THR A 304 -7.11 -11.79 -33.53
N LYS A 305 -6.57 -11.62 -34.74
CA LYS A 305 -5.13 -11.84 -34.96
C LYS A 305 -4.30 -10.86 -34.14
N CYS A 306 -4.75 -9.61 -34.03
CA CYS A 306 -4.01 -8.63 -33.24
C CYS A 306 -4.08 -8.94 -31.75
N THR A 307 -5.26 -9.31 -31.24
CA THR A 307 -5.37 -9.56 -29.81
C THR A 307 -4.76 -10.91 -29.41
N LEU A 308 -4.53 -11.82 -30.36
CA LEU A 308 -3.74 -13.00 -30.09
C LEU A 308 -2.27 -12.83 -30.43
N LYS A 309 -1.90 -11.70 -31.06
CA LYS A 309 -0.53 -11.39 -31.46
C LYS A 309 0.08 -12.48 -32.33
N SER A 310 -0.68 -12.96 -33.30
CA SER A 310 -0.21 -13.97 -34.23
C SER A 310 -1.00 -13.88 -35.52
N PHE A 311 -0.39 -14.34 -36.61
CA PHE A 311 -1.06 -14.40 -37.90
C PHE A 311 -1.86 -15.67 -38.12
N THR A 312 -1.75 -16.64 -37.22
CA THR A 312 -2.47 -17.90 -37.32
C THR A 312 -3.38 -18.06 -36.12
N VAL A 313 -4.66 -18.33 -36.37
CA VAL A 313 -5.64 -18.56 -35.32
C VAL A 313 -6.17 -19.99 -35.46
N GLU A 314 -6.56 -20.56 -34.34
CA GLU A 314 -7.08 -21.92 -34.31
C GLU A 314 -8.60 -21.88 -34.16
N LYS A 315 -9.22 -23.06 -34.19
CA LYS A 315 -10.67 -23.16 -34.06
C LYS A 315 -11.07 -22.85 -32.62
N GLY A 316 -12.09 -22.01 -32.47
CA GLY A 316 -12.61 -21.69 -31.16
C GLY A 316 -13.25 -20.31 -31.17
N ILE A 317 -13.59 -19.85 -29.97
CA ILE A 317 -14.18 -18.53 -29.76
C ILE A 317 -13.19 -17.69 -28.97
N TYR A 318 -13.05 -16.43 -29.36
CA TYR A 318 -12.11 -15.51 -28.74
C TYR A 318 -12.80 -14.19 -28.47
N GLN A 319 -12.69 -13.71 -27.23
CA GLN A 319 -13.26 -12.43 -26.86
C GLN A 319 -12.24 -11.34 -27.16
N THR A 320 -12.64 -10.34 -27.93
CA THR A 320 -11.72 -9.33 -28.44
C THR A 320 -11.90 -7.97 -27.79
N SER A 321 -13.10 -7.41 -27.80
CA SER A 321 -13.28 -6.04 -27.32
C SER A 321 -14.70 -5.90 -26.76
N ASN A 322 -15.13 -4.65 -26.59
CA ASN A 322 -16.40 -4.33 -25.99
C ASN A 322 -17.08 -3.26 -26.82
N PHE A 323 -18.41 -3.21 -26.76
CA PHE A 323 -19.17 -2.21 -27.49
C PHE A 323 -20.10 -1.47 -26.54
N ARG A 324 -20.24 -0.17 -26.78
CA ARG A 324 -21.12 0.71 -26.03
C ARG A 324 -21.92 1.52 -27.04
N VAL A 325 -23.18 1.82 -26.70
CA VAL A 325 -24.00 2.70 -27.52
C VAL A 325 -23.68 4.14 -27.14
N GLN A 326 -23.07 4.89 -28.05
CA GLN A 326 -22.70 6.26 -27.77
C GLN A 326 -23.94 7.15 -27.73
N PRO A 327 -23.91 8.22 -26.93
CA PRO A 327 -25.03 9.18 -26.93
C PRO A 327 -25.18 9.89 -28.26
N THR A 328 -26.42 10.18 -28.61
CA THR A 328 -26.73 10.85 -29.87
C THR A 328 -27.01 12.35 -29.69
N GLU A 329 -27.66 12.75 -28.59
CA GLU A 329 -27.68 14.18 -28.26
C GLU A 329 -27.32 14.45 -26.81
N SER A 330 -27.48 15.70 -26.40
CA SER A 330 -27.23 16.15 -25.04
C SER A 330 -28.38 17.04 -24.61
N ILE A 331 -28.98 16.71 -23.47
CA ILE A 331 -30.11 17.45 -22.90
C ILE A 331 -29.64 18.15 -21.63
N VAL A 332 -30.04 19.40 -21.48
CA VAL A 332 -29.71 20.23 -20.32
C VAL A 332 -30.99 20.83 -19.80
N ARG A 333 -31.29 20.61 -18.52
CA ARG A 333 -32.56 21.04 -17.95
C ARG A 333 -32.29 21.74 -16.62
N PHE A 334 -32.42 23.08 -16.62
CA PHE A 334 -32.16 23.97 -15.50
C PHE A 334 -33.45 24.68 -15.08
N PRO A 335 -33.60 25.04 -13.77
CA PRO A 335 -34.93 25.36 -13.25
C PRO A 335 -35.48 26.75 -13.57
N ASN A 336 -35.40 27.17 -14.83
CA ASN A 336 -36.18 28.28 -15.41
C ASN A 336 -36.01 29.56 -14.58
N ILE A 337 -34.79 30.06 -14.49
CA ILE A 337 -34.54 31.27 -13.72
C ILE A 337 -33.87 32.30 -14.62
N THR A 338 -34.35 33.54 -14.53
CA THR A 338 -33.90 34.64 -15.37
C THR A 338 -33.40 35.83 -14.57
N ASN A 339 -33.81 35.96 -13.29
CA ASN A 339 -33.73 37.22 -12.55
C ASN A 339 -32.32 37.78 -12.36
N LEU A 340 -31.28 36.94 -12.47
CA LEU A 340 -29.87 37.36 -12.47
C LEU A 340 -29.54 38.07 -11.16
N CYS A 341 -29.40 37.27 -10.09
CA CYS A 341 -29.24 37.81 -8.73
C CYS A 341 -28.06 38.77 -8.65
N PRO A 342 -28.17 39.85 -7.88
CA PRO A 342 -27.13 40.88 -7.89
C PRO A 342 -25.84 40.48 -7.17
N PHE A 343 -24.77 40.32 -7.95
CA PHE A 343 -23.43 40.28 -7.40
C PHE A 343 -22.76 41.64 -7.41
N ASP A 344 -23.33 42.61 -8.13
CA ASP A 344 -22.81 43.97 -8.13
C ASP A 344 -23.07 44.70 -6.81
N GLU A 345 -24.10 44.30 -6.06
CA GLU A 345 -24.38 44.93 -4.78
C GLU A 345 -23.27 44.65 -3.78
N VAL A 346 -22.77 43.41 -3.76
CA VAL A 346 -21.68 43.06 -2.84
C VAL A 346 -20.38 43.72 -3.28
N PHE A 347 -20.08 43.69 -4.57
CA PHE A 347 -18.77 44.10 -5.07
C PHE A 347 -18.67 45.59 -5.35
N ASN A 348 -19.77 46.32 -5.36
CA ASN A 348 -19.77 47.76 -5.60
C ASN A 348 -20.66 48.44 -4.55
N ALA A 349 -20.45 48.07 -3.29
CA ALA A 349 -21.18 48.67 -2.18
C ALA A 349 -20.49 49.94 -1.73
N THR A 350 -21.30 50.89 -1.24
CA THR A 350 -20.75 52.15 -0.77
C THR A 350 -20.02 51.98 0.56
N ARG A 351 -20.59 51.22 1.48
CA ARG A 351 -20.02 51.03 2.80
C ARG A 351 -19.86 49.55 3.08
N PHE A 352 -18.65 49.14 3.49
CA PHE A 352 -18.38 47.76 3.85
C PHE A 352 -18.58 47.58 5.35
N ALA A 353 -18.14 46.44 5.89
CA ALA A 353 -18.31 46.12 7.29
C ALA A 353 -16.97 45.80 7.93
N SER A 354 -16.91 45.95 9.25
CA SER A 354 -15.70 45.68 10.00
C SER A 354 -15.46 44.18 10.12
N VAL A 355 -14.26 43.83 10.59
CA VAL A 355 -13.88 42.42 10.71
C VAL A 355 -14.67 41.75 11.83
N TYR A 356 -14.78 42.41 12.99
CA TYR A 356 -15.47 41.81 14.12
C TYR A 356 -16.97 41.69 13.89
N ALA A 357 -17.53 42.57 13.05
CA ALA A 357 -18.95 42.55 12.71
C ALA A 357 -19.04 42.58 11.19
N TRP A 358 -18.94 41.41 10.58
CA TRP A 358 -18.97 41.26 9.14
C TRP A 358 -20.36 40.82 8.68
N ASN A 359 -20.69 41.18 7.45
CA ASN A 359 -21.98 40.85 6.86
C ASN A 359 -21.90 39.59 6.00
N ARG A 360 -23.07 39.01 5.73
CA ARG A 360 -23.13 37.79 4.95
C ARG A 360 -24.43 37.78 4.16
N LYS A 361 -24.32 37.45 2.86
CA LYS A 361 -25.50 37.25 2.03
C LYS A 361 -25.52 35.81 1.54
N ARG A 362 -26.67 35.17 1.72
CA ARG A 362 -26.98 33.86 1.16
C ARG A 362 -27.97 34.06 0.01
N ILE A 363 -27.63 33.52 -1.16
CA ILE A 363 -28.35 33.81 -2.39
C ILE A 363 -28.89 32.50 -2.95
N SER A 364 -30.17 32.48 -3.30
CA SER A 364 -30.80 31.29 -3.84
C SER A 364 -31.72 31.66 -4.98
N ASN A 365 -31.96 30.67 -5.85
CA ASN A 365 -32.87 30.76 -7.00
C ASN A 365 -32.47 31.90 -7.95
N CYS A 366 -31.28 31.77 -8.52
CA CYS A 366 -30.84 32.72 -9.54
C CYS A 366 -29.82 32.07 -10.45
N VAL A 367 -29.64 32.67 -11.62
CA VAL A 367 -28.48 32.39 -12.46
C VAL A 367 -27.34 33.30 -12.02
N ALA A 368 -26.13 32.76 -12.04
CA ALA A 368 -24.96 33.45 -11.51
C ALA A 368 -23.93 33.59 -12.62
N ASP A 369 -23.85 34.79 -13.19
CA ASP A 369 -22.84 35.09 -14.20
C ASP A 369 -21.61 35.62 -13.48
N TYR A 370 -20.48 34.94 -13.66
CA TYR A 370 -19.24 35.32 -12.99
C TYR A 370 -18.34 36.17 -13.87
N SER A 371 -18.77 36.51 -15.09
CA SER A 371 -18.01 37.44 -15.91
C SER A 371 -18.25 38.89 -15.52
N VAL A 372 -19.31 39.17 -14.78
CA VAL A 372 -19.55 40.53 -14.30
C VAL A 372 -18.67 40.85 -13.09
N LEU A 373 -18.09 39.84 -12.45
CA LEU A 373 -17.16 40.11 -11.36
C LEU A 373 -15.83 40.62 -11.87
N TYR A 374 -15.43 40.19 -13.08
CA TYR A 374 -14.11 40.52 -13.61
C TYR A 374 -13.96 42.01 -13.92
N ASN A 375 -15.05 42.66 -14.31
CA ASN A 375 -14.95 44.05 -14.77
C ASN A 375 -14.74 45.03 -13.61
N PHE A 376 -15.20 44.67 -12.41
CA PHE A 376 -15.21 45.63 -11.31
C PHE A 376 -13.84 45.86 -10.69
N ALA A 377 -12.91 44.90 -10.78
CA ALA A 377 -11.64 45.09 -10.10
C ALA A 377 -10.47 44.38 -10.76
N PRO A 378 -9.37 45.08 -11.04
CA PRO A 378 -8.12 44.41 -11.42
C PRO A 378 -7.49 43.72 -10.21
N PHE A 379 -7.90 42.48 -9.96
CA PHE A 379 -7.65 41.83 -8.68
C PHE A 379 -6.16 41.61 -8.41
N PHE A 380 -5.79 41.78 -7.15
CA PHE A 380 -4.56 41.27 -6.56
C PHE A 380 -4.72 39.80 -6.13
N ALA A 381 -5.92 39.26 -6.30
CA ALA A 381 -6.40 38.02 -5.71
C ALA A 381 -7.21 37.25 -6.74
N PHE A 382 -8.17 36.45 -6.26
CA PHE A 382 -9.01 35.50 -6.99
C PHE A 382 -8.13 34.34 -7.43
N LYS A 383 -7.49 33.73 -6.45
CA LYS A 383 -7.08 32.33 -6.55
C LYS A 383 -8.16 31.47 -5.89
N CYS A 384 -8.48 30.35 -6.53
CA CYS A 384 -9.55 29.49 -6.08
C CYS A 384 -8.99 28.17 -5.59
N TYR A 385 -9.71 27.53 -4.67
CA TYR A 385 -9.18 26.41 -3.90
C TYR A 385 -9.61 25.05 -4.43
N GLY A 386 -10.92 24.82 -4.52
CA GLY A 386 -11.41 23.53 -4.95
C GLY A 386 -11.98 23.51 -6.36
N VAL A 387 -12.21 24.69 -6.92
CA VAL A 387 -12.84 24.83 -8.22
C VAL A 387 -11.87 25.57 -9.14
N SER A 388 -11.80 25.14 -10.40
CA SER A 388 -10.96 25.82 -11.37
C SER A 388 -11.47 27.24 -11.62
N PRO A 389 -10.58 28.22 -11.78
CA PRO A 389 -11.03 29.62 -11.96
C PRO A 389 -11.79 29.87 -13.25
N THR A 390 -11.70 28.98 -14.24
CA THR A 390 -12.39 29.17 -15.51
C THR A 390 -13.60 28.27 -15.67
N LYS A 391 -14.04 27.61 -14.59
CA LYS A 391 -15.12 26.63 -14.69
C LYS A 391 -16.23 26.88 -13.67
N LEU A 392 -16.35 28.09 -13.15
CA LEU A 392 -17.44 28.42 -12.23
C LEU A 392 -18.71 28.83 -12.95
N ASN A 393 -18.72 28.86 -14.27
CA ASN A 393 -19.86 29.36 -15.03
C ASN A 393 -20.87 28.25 -15.30
N ASP A 394 -20.39 27.10 -15.80
CA ASP A 394 -21.28 26.02 -16.21
C ASP A 394 -21.82 25.19 -15.04
N LEU A 395 -21.19 25.26 -13.87
CA LEU A 395 -21.60 24.41 -12.76
C LEU A 395 -22.83 24.97 -12.06
N CYS A 396 -23.57 24.07 -11.42
CA CYS A 396 -24.70 24.43 -10.57
C CYS A 396 -24.28 24.37 -9.12
N PHE A 397 -24.70 25.36 -8.36
CA PHE A 397 -24.16 25.63 -7.03
C PHE A 397 -25.27 25.45 -6.00
N THR A 398 -24.97 24.73 -4.91
CA THR A 398 -25.99 24.42 -3.93
C THR A 398 -26.08 25.50 -2.85
N ASN A 399 -25.01 25.71 -2.11
CA ASN A 399 -24.94 26.75 -1.09
C ASN A 399 -23.83 27.73 -1.46
N VAL A 400 -24.18 29.01 -1.51
CA VAL A 400 -23.22 30.09 -1.74
C VAL A 400 -23.25 31.02 -0.55
N TYR A 401 -22.08 31.43 -0.07
CA TYR A 401 -21.95 32.41 1.00
C TYR A 401 -21.09 33.55 0.49
N ALA A 402 -21.62 34.77 0.57
CA ALA A 402 -20.86 35.97 0.20
C ALA A 402 -20.60 36.77 1.47
N ASP A 403 -19.33 36.83 1.89
CA ASP A 403 -18.95 37.59 3.07
C ASP A 403 -18.04 38.72 2.63
N SER A 404 -18.26 39.91 3.18
CA SER A 404 -17.52 41.11 2.78
C SER A 404 -16.94 41.81 4.00
N PHE A 405 -15.66 42.18 3.92
CA PHE A 405 -14.99 42.90 4.98
C PHE A 405 -13.76 43.57 4.40
N VAL A 406 -13.02 44.31 5.24
CA VAL A 406 -11.78 44.98 4.84
C VAL A 406 -10.69 44.65 5.84
N ILE A 407 -9.48 44.38 5.33
CA ILE A 407 -8.31 44.05 6.15
C ILE A 407 -7.10 44.75 5.57
N ARG A 408 -5.95 44.52 6.19
CA ARG A 408 -4.71 45.21 5.85
C ARG A 408 -3.93 44.44 4.79
N GLY A 409 -2.78 45.00 4.38
CA GLY A 409 -2.02 44.42 3.30
C GLY A 409 -1.29 43.15 3.67
N ASN A 410 -0.82 43.04 4.91
CA ASN A 410 -0.13 41.85 5.37
C ASN A 410 -1.06 40.77 5.91
N GLU A 411 -2.37 41.01 5.87
CA GLU A 411 -3.35 40.09 6.42
C GLU A 411 -4.07 39.29 5.34
N VAL A 412 -3.85 39.60 4.06
CA VAL A 412 -4.58 38.93 2.99
C VAL A 412 -4.13 37.48 2.84
N SER A 413 -2.83 37.20 3.06
CA SER A 413 -2.33 35.83 2.95
C SER A 413 -2.82 34.94 4.09
N GLN A 414 -3.31 35.53 5.18
CA GLN A 414 -3.82 34.76 6.30
C GLN A 414 -5.19 34.14 6.01
N ILE A 415 -5.92 34.68 5.04
CA ILE A 415 -7.25 34.16 4.72
C ILE A 415 -7.06 32.89 3.90
N ALA A 416 -7.02 31.76 4.60
CA ALA A 416 -6.76 30.46 3.99
C ALA A 416 -7.20 29.39 4.98
N PRO A 417 -7.57 28.20 4.52
CA PRO A 417 -7.92 27.11 5.45
C PRO A 417 -6.70 26.67 6.25
N GLY A 418 -6.87 26.59 7.56
CA GLY A 418 -5.81 26.17 8.45
C GLY A 418 -4.68 27.16 8.58
N GLN A 419 -4.96 28.32 9.19
CA GLN A 419 -3.96 29.36 9.36
C GLN A 419 -3.93 29.82 10.80
N THR A 420 -2.80 30.39 11.20
CA THR A 420 -2.59 30.93 12.53
C THR A 420 -2.51 32.45 12.47
N GLY A 421 -2.68 33.08 13.63
CA GLY A 421 -2.75 34.52 13.71
C GLY A 421 -4.09 34.97 14.24
N ASN A 422 -4.15 36.15 14.87
CA ASN A 422 -5.35 36.55 15.59
C ASN A 422 -6.53 36.86 14.69
N ILE A 423 -6.31 37.20 13.41
CA ILE A 423 -7.42 37.25 12.46
C ILE A 423 -7.99 35.85 12.24
N ALA A 424 -7.11 34.87 12.03
CA ALA A 424 -7.54 33.50 11.78
C ALA A 424 -7.95 32.76 13.04
N ASP A 425 -7.65 33.30 14.22
CA ASP A 425 -7.95 32.62 15.48
C ASP A 425 -9.05 33.27 16.30
N TYR A 426 -9.22 34.59 16.21
CA TYR A 426 -10.22 35.28 17.01
C TYR A 426 -11.19 36.12 16.20
N ASN A 427 -10.99 36.24 14.89
CA ASN A 427 -11.81 37.12 14.06
C ASN A 427 -12.57 36.36 12.98
N TYR A 428 -11.89 35.57 12.16
CA TYR A 428 -12.51 34.88 11.04
C TYR A 428 -11.68 33.63 10.74
N LYS A 429 -12.25 32.47 10.99
CA LYS A 429 -11.59 31.19 10.75
C LYS A 429 -12.32 30.46 9.63
N LEU A 430 -11.58 30.10 8.58
CA LEU A 430 -12.15 29.30 7.51
C LEU A 430 -12.18 27.82 7.91
N PRO A 431 -13.12 27.05 7.37
CA PRO A 431 -13.12 25.61 7.63
C PRO A 431 -11.90 24.93 7.04
N ASP A 432 -11.54 23.79 7.64
CA ASP A 432 -10.35 23.05 7.20
C ASP A 432 -10.53 22.52 5.79
N ASP A 433 -11.71 21.98 5.47
CA ASP A 433 -12.05 21.55 4.11
C ASP A 433 -12.84 22.69 3.46
N PHE A 434 -12.12 23.63 2.87
CA PHE A 434 -12.70 24.85 2.32
C PHE A 434 -12.86 24.72 0.81
N THR A 435 -14.08 24.95 0.33
CA THR A 435 -14.38 25.01 -1.09
C THR A 435 -14.93 26.39 -1.40
N GLY A 436 -14.18 27.18 -2.14
CA GLY A 436 -14.57 28.53 -2.47
C GLY A 436 -13.38 29.34 -2.92
N CYS A 437 -13.61 30.64 -3.06
CA CYS A 437 -12.57 31.56 -3.52
C CYS A 437 -12.54 32.80 -2.65
N VAL A 438 -11.38 33.47 -2.68
CA VAL A 438 -11.15 34.71 -1.95
C VAL A 438 -10.81 35.79 -2.98
N ILE A 439 -11.39 36.97 -2.81
CA ILE A 439 -11.19 38.09 -3.73
C ILE A 439 -10.81 39.31 -2.92
N ALA A 440 -9.77 40.03 -3.35
CA ALA A 440 -9.27 41.17 -2.62
C ALA A 440 -8.79 42.23 -3.60
N TRP A 441 -9.03 43.49 -3.26
CA TRP A 441 -8.55 44.60 -4.07
C TRP A 441 -8.28 45.80 -3.18
N ASN A 442 -7.27 46.58 -3.56
CA ASN A 442 -6.82 47.70 -2.73
C ASN A 442 -7.81 48.85 -2.84
N SER A 443 -8.06 49.51 -1.70
CA SER A 443 -9.00 50.64 -1.64
C SER A 443 -8.40 51.78 -0.83
N ASN A 444 -7.16 52.15 -1.16
CA ASN A 444 -6.54 53.32 -0.54
C ASN A 444 -7.22 54.61 -0.95
N LYS A 445 -7.94 54.61 -2.06
CA LYS A 445 -8.52 55.83 -2.63
C LYS A 445 -9.90 56.14 -2.09
N LEU A 446 -10.51 55.24 -1.33
CA LEU A 446 -11.88 55.42 -0.88
C LEU A 446 -12.08 55.31 0.63
N ASP A 447 -11.19 54.65 1.37
CA ASP A 447 -11.40 54.43 2.79
C ASP A 447 -10.18 54.81 3.62
N SER A 448 -9.44 55.84 3.18
CA SER A 448 -8.22 56.25 3.87
C SER A 448 -8.45 57.40 4.84
N LYS A 449 -8.95 58.55 4.33
CA LYS A 449 -8.99 59.90 4.89
C LYS A 449 -7.67 60.40 5.50
N VAL A 450 -7.43 61.71 5.39
CA VAL A 450 -6.12 62.28 5.71
C VAL A 450 -5.80 62.14 7.20
N GLY A 451 -6.81 62.24 8.06
CA GLY A 451 -6.59 62.03 9.47
C GLY A 451 -6.54 60.58 9.90
N GLY A 452 -6.73 59.65 8.96
CA GLY A 452 -6.75 58.25 9.29
C GLY A 452 -8.14 57.78 9.67
N ASN A 453 -8.56 56.62 9.17
CA ASN A 453 -9.91 56.13 9.40
C ASN A 453 -9.88 55.25 10.64
N TYR A 454 -10.71 55.58 11.62
CA TYR A 454 -10.72 54.89 12.91
C TYR A 454 -11.98 54.09 13.18
N ASN A 455 -12.93 54.06 12.24
CA ASN A 455 -14.14 53.27 12.48
C ASN A 455 -13.89 51.78 12.33
N TYR A 456 -12.80 51.38 11.68
CA TYR A 456 -12.48 49.98 11.49
C TYR A 456 -11.96 49.37 12.79
N ARG A 457 -12.42 48.16 13.09
CA ARG A 457 -12.19 47.53 14.38
C ARG A 457 -11.82 46.08 14.17
N TYR A 458 -11.07 45.51 15.11
CA TYR A 458 -10.95 44.07 15.19
C TYR A 458 -10.73 43.65 16.64
N ARG A 459 -10.95 42.36 16.90
CA ARG A 459 -10.78 41.81 18.24
C ARG A 459 -9.43 41.09 18.30
N LEU A 460 -8.49 41.65 19.06
CA LEU A 460 -7.17 41.08 19.23
C LEU A 460 -7.09 40.19 20.47
N PHE A 461 -7.66 40.62 21.59
CA PHE A 461 -7.68 39.83 22.81
C PHE A 461 -9.00 39.07 22.89
N ARG A 462 -8.93 37.75 23.01
CA ARG A 462 -10.12 36.92 23.14
C ARG A 462 -9.74 35.65 23.90
N LYS A 463 -10.68 35.16 24.69
CA LYS A 463 -10.40 34.02 25.57
C LYS A 463 -10.26 32.72 24.78
N SER A 464 -11.16 32.47 23.85
CA SER A 464 -11.20 31.20 23.13
C SER A 464 -11.22 31.44 21.63
N ASN A 465 -10.66 30.47 20.89
CA ASN A 465 -10.69 30.52 19.44
C ASN A 465 -12.08 30.14 18.94
N LEU A 466 -12.61 30.93 18.01
CA LEU A 466 -13.95 30.71 17.52
C LEU A 466 -13.98 29.56 16.53
N LYS A 467 -15.11 28.87 16.47
CA LYS A 467 -15.35 27.90 15.42
C LYS A 467 -15.59 28.62 14.10
N PRO A 468 -15.40 27.93 12.96
CA PRO A 468 -15.63 28.58 11.66
C PRO A 468 -17.08 29.04 11.49
N PHE A 469 -17.23 30.14 10.75
CA PHE A 469 -18.50 30.82 10.50
C PHE A 469 -19.18 31.24 11.81
N GLU A 470 -18.47 32.07 12.56
CA GLU A 470 -18.99 32.64 13.80
C GLU A 470 -18.66 34.13 13.85
N ARG A 471 -19.45 34.86 14.64
CA ARG A 471 -19.27 36.30 14.80
C ARG A 471 -19.35 36.65 16.28
N ASP A 472 -18.49 37.58 16.70
CA ASP A 472 -18.43 38.01 18.10
C ASP A 472 -18.51 39.53 18.12
N ILE A 473 -19.68 40.06 18.46
CA ILE A 473 -19.90 41.50 18.55
C ILE A 473 -20.01 41.98 19.98
N SER A 474 -19.88 41.10 20.97
CA SER A 474 -19.99 41.49 22.36
C SER A 474 -18.72 42.17 22.84
N THR A 475 -18.87 43.02 23.85
CA THR A 475 -17.75 43.73 24.46
C THR A 475 -17.67 43.35 25.94
N GLU A 476 -16.48 42.91 26.36
CA GLU A 476 -16.26 42.56 27.75
C GLU A 476 -14.80 42.78 28.09
N ILE A 477 -14.53 43.03 29.37
CA ILE A 477 -13.18 43.37 29.81
C ILE A 477 -12.30 42.13 29.78
N TYR A 478 -11.12 42.26 29.21
CA TYR A 478 -10.20 41.14 29.07
C TYR A 478 -9.56 40.82 30.42
N GLN A 479 -9.62 39.55 30.82
CA GLN A 479 -8.96 39.08 32.04
C GLN A 479 -7.52 38.71 31.70
N ALA A 480 -6.69 39.74 31.52
CA ALA A 480 -5.30 39.51 31.13
C ALA A 480 -4.48 38.97 32.31
N GLY A 481 -4.72 39.48 33.51
CA GLY A 481 -3.97 39.04 34.67
C GLY A 481 -4.83 38.49 35.77
N ASN A 482 -4.22 38.22 36.93
CA ASN A 482 -4.95 37.69 38.08
C ASN A 482 -5.81 38.73 38.78
N LYS A 483 -5.60 40.00 38.49
CA LYS A 483 -6.45 41.05 39.07
C LYS A 483 -7.85 40.95 38.48
N PRO A 484 -8.89 40.97 39.32
CA PRO A 484 -10.27 40.94 38.79
C PRO A 484 -10.57 42.14 37.91
N CYS A 485 -11.35 41.90 36.86
CA CYS A 485 -11.66 42.91 35.85
C CYS A 485 -13.14 43.30 35.87
N ASN A 486 -13.72 43.42 37.07
CA ASN A 486 -15.04 44.01 37.19
C ASN A 486 -15.01 45.49 36.83
N GLY A 487 -13.89 46.16 37.09
CA GLY A 487 -13.72 47.52 36.62
C GLY A 487 -13.49 47.58 35.12
N VAL A 488 -13.68 48.77 34.57
CA VAL A 488 -13.59 48.95 33.12
C VAL A 488 -12.13 49.04 32.67
N ALA A 489 -11.38 49.98 33.24
CA ALA A 489 -10.02 50.25 32.83
C ALA A 489 -9.04 49.74 33.87
N GLY A 490 -7.76 50.02 33.64
CA GLY A 490 -6.69 49.60 34.53
C GLY A 490 -5.80 48.55 33.90
N VAL A 491 -4.69 48.29 34.59
CA VAL A 491 -3.75 47.26 34.15
C VAL A 491 -4.38 45.88 34.31
N ASN A 492 -4.03 44.98 33.40
CA ASN A 492 -4.52 43.60 33.27
C ASN A 492 -6.00 43.52 32.92
N CYS A 493 -6.65 44.65 32.62
CA CYS A 493 -8.07 44.71 32.33
C CYS A 493 -8.24 45.67 31.15
N TYR A 494 -8.22 45.12 29.94
CA TYR A 494 -8.19 45.92 28.72
C TYR A 494 -9.57 45.92 28.05
N PHE A 495 -9.68 46.67 26.96
CA PHE A 495 -10.89 46.79 26.15
C PHE A 495 -10.77 45.87 24.96
N PRO A 496 -11.81 45.12 24.60
CA PRO A 496 -11.63 44.03 23.62
C PRO A 496 -11.41 44.50 22.19
N LEU A 497 -12.17 45.48 21.72
CA LEU A 497 -12.00 45.96 20.35
C LEU A 497 -10.77 46.85 20.24
N GLN A 498 -10.19 46.90 19.05
CA GLN A 498 -8.92 47.58 18.84
C GLN A 498 -8.92 48.12 17.43
N SER A 499 -8.56 49.40 17.29
CA SER A 499 -8.64 50.11 16.01
C SER A 499 -7.28 50.15 15.34
N TYR A 500 -7.26 50.70 14.12
CA TYR A 500 -6.09 50.69 13.26
C TYR A 500 -6.28 51.67 12.12
N GLY A 501 -5.22 52.44 11.82
CA GLY A 501 -5.33 53.64 11.01
C GLY A 501 -4.83 53.51 9.59
N PHE A 502 -5.43 54.31 8.70
CA PHE A 502 -5.23 54.29 7.25
C PHE A 502 -4.86 55.68 6.73
N ARG A 503 -3.79 56.26 7.28
CA ARG A 503 -3.20 57.46 6.69
C ARG A 503 -2.87 57.21 5.23
N PRO A 504 -3.19 58.14 4.32
CA PRO A 504 -2.94 57.89 2.89
C PRO A 504 -1.46 57.76 2.54
N THR A 505 -0.56 58.20 3.41
CA THR A 505 0.87 58.17 3.13
C THR A 505 1.48 56.80 3.44
N TYR A 506 0.69 55.87 3.98
CA TYR A 506 1.15 54.50 4.19
C TYR A 506 1.47 53.83 2.85
N GLY A 507 2.47 52.94 2.87
CA GLY A 507 2.85 52.24 1.66
C GLY A 507 2.74 50.73 1.74
N VAL A 508 1.76 50.19 1.02
CA VAL A 508 1.43 48.77 0.78
C VAL A 508 1.88 47.77 1.84
N GLY A 509 1.91 48.17 3.11
CA GLY A 509 2.17 47.24 4.20
C GLY A 509 1.02 47.20 5.16
N HIS A 510 0.33 48.34 5.28
CA HIS A 510 -0.91 48.44 6.04
C HIS A 510 -1.99 49.14 5.22
N GLN A 511 -1.76 49.28 3.91
CA GLN A 511 -2.71 49.92 3.03
C GLN A 511 -3.95 49.03 2.88
N PRO A 512 -5.15 49.62 2.86
CA PRO A 512 -6.38 48.81 2.94
C PRO A 512 -6.61 47.90 1.74
N TYR A 513 -7.31 46.80 2.02
CA TYR A 513 -7.70 45.82 1.01
C TYR A 513 -9.10 45.32 1.35
N ARG A 514 -10.03 45.51 0.42
CA ARG A 514 -11.37 44.95 0.53
C ARG A 514 -11.30 43.47 0.17
N VAL A 515 -11.85 42.61 1.03
CA VAL A 515 -11.86 41.17 0.82
C VAL A 515 -13.30 40.70 0.84
N VAL A 516 -13.73 40.09 -0.26
CA VAL A 516 -14.99 39.38 -0.35
C VAL A 516 -14.66 37.91 -0.56
N VAL A 517 -15.15 37.05 0.32
CA VAL A 517 -14.94 35.62 0.22
C VAL A 517 -16.25 34.97 -0.19
N LEU A 518 -16.17 34.09 -1.18
CA LEU A 518 -17.32 33.34 -1.68
C LEU A 518 -17.07 31.88 -1.34
N SER A 519 -17.73 31.38 -0.31
CA SER A 519 -17.56 29.98 0.05
C SER A 519 -18.70 29.16 -0.54
N PHE A 520 -18.33 28.03 -1.13
CA PHE A 520 -19.19 27.28 -2.03
C PHE A 520 -19.46 25.90 -1.44
N GLU A 521 -20.58 25.30 -1.84
CA GLU A 521 -20.87 23.91 -1.50
C GLU A 521 -21.36 23.21 -2.76
N LEU A 522 -20.63 22.18 -3.19
CA LEU A 522 -20.94 21.45 -4.41
C LEU A 522 -21.17 19.98 -4.07
N LEU A 523 -22.37 19.50 -4.34
CA LEU A 523 -22.77 18.12 -4.06
C LEU A 523 -24.05 17.84 -4.83
N HIS A 524 -24.32 16.56 -5.07
CA HIS A 524 -25.60 16.17 -5.62
C HIS A 524 -26.69 16.47 -4.60
N ALA A 525 -27.47 17.52 -4.87
CA ALA A 525 -28.34 18.13 -3.87
C ALA A 525 -29.39 18.94 -4.62
N PRO A 526 -30.48 19.36 -3.93
CA PRO A 526 -31.40 20.32 -4.57
C PRO A 526 -30.78 21.68 -4.75
N ALA A 527 -29.92 21.82 -5.77
CA ALA A 527 -29.19 23.05 -6.01
C ALA A 527 -30.13 24.14 -6.51
N THR A 528 -29.82 25.38 -6.11
CA THR A 528 -30.64 26.53 -6.47
C THR A 528 -29.91 27.57 -7.31
N VAL A 529 -28.58 27.56 -7.33
CA VAL A 529 -27.79 28.53 -8.06
C VAL A 529 -27.13 27.83 -9.24
N CYS A 530 -27.29 28.37 -10.44
CA CYS A 530 -26.70 27.80 -11.64
C CYS A 530 -26.21 28.94 -12.53
N GLY A 531 -25.88 28.62 -13.77
CA GLY A 531 -25.41 29.60 -14.72
C GLY A 531 -26.39 29.83 -15.85
N PRO A 532 -26.05 30.73 -16.76
CA PRO A 532 -26.94 31.05 -17.90
C PRO A 532 -26.76 30.13 -19.10
N LYS A 533 -27.34 28.94 -19.01
CA LYS A 533 -27.32 27.96 -20.08
C LYS A 533 -28.72 27.75 -20.63
N LYS A 534 -28.78 27.31 -21.89
CA LYS A 534 -30.05 27.16 -22.60
C LYS A 534 -30.67 25.80 -22.27
N SER A 535 -31.94 25.82 -21.89
CA SER A 535 -32.67 24.58 -21.66
C SER A 535 -33.00 23.90 -22.98
N THR A 536 -33.07 22.56 -22.94
CA THR A 536 -33.33 21.75 -24.12
C THR A 536 -34.59 20.93 -23.88
N ASN A 537 -35.38 20.74 -24.94
CA ASN A 537 -36.64 20.02 -24.83
C ASN A 537 -36.41 18.55 -24.50
N LEU A 538 -37.43 17.93 -23.92
CA LEU A 538 -37.33 16.57 -23.39
C LEU A 538 -37.19 15.54 -24.51
N VAL A 539 -36.08 14.81 -24.52
CA VAL A 539 -35.90 13.64 -25.35
C VAL A 539 -36.03 12.41 -24.46
N LYS A 540 -36.65 11.36 -24.98
CA LYS A 540 -37.02 10.21 -24.18
C LYS A 540 -36.83 8.94 -24.99
N ASN A 541 -36.57 7.84 -24.27
CA ASN A 541 -36.41 6.50 -24.84
C ASN A 541 -35.26 6.41 -25.83
N LYS A 542 -34.23 7.25 -25.64
CA LYS A 542 -33.03 7.21 -26.45
C LYS A 542 -31.82 7.43 -25.55
N CYS A 543 -30.69 6.87 -25.97
CA CYS A 543 -29.45 7.10 -25.23
C CYS A 543 -28.97 8.53 -25.46
N VAL A 544 -28.65 9.23 -24.38
CA VAL A 544 -28.48 10.67 -24.42
C VAL A 544 -27.60 11.07 -23.24
N ASN A 545 -26.80 12.11 -23.42
CA ASN A 545 -26.16 12.75 -22.28
C ASN A 545 -27.16 13.68 -21.60
N PHE A 546 -27.19 13.67 -20.27
CA PHE A 546 -28.14 14.50 -19.54
C PHE A 546 -27.45 15.33 -18.47
N ASN A 547 -27.97 16.54 -18.28
CA ASN A 547 -27.47 17.47 -17.27
C ASN A 547 -28.68 18.08 -16.55
N PHE A 548 -28.99 17.53 -15.38
CA PHE A 548 -30.08 18.02 -14.53
C PHE A 548 -29.45 18.68 -13.30
N ASN A 549 -29.41 20.02 -13.32
CA ASN A 549 -28.90 20.83 -12.20
C ASN A 549 -27.46 20.49 -11.86
N GLY A 550 -26.63 20.35 -12.89
CA GLY A 550 -25.23 20.03 -12.69
C GLY A 550 -24.92 18.56 -12.50
N LEU A 551 -25.92 17.69 -12.61
CA LEU A 551 -25.72 16.25 -12.48
C LEU A 551 -25.48 15.71 -13.88
N THR A 552 -24.22 15.53 -14.24
CA THR A 552 -23.86 15.06 -15.58
C THR A 552 -23.89 13.54 -15.62
N GLY A 553 -24.59 13.00 -16.62
CA GLY A 553 -24.63 11.56 -16.77
C GLY A 553 -24.93 11.18 -18.21
N THR A 554 -24.96 9.87 -18.46
CA THR A 554 -25.25 9.34 -19.78
C THR A 554 -26.17 8.14 -19.62
N GLY A 555 -27.26 8.12 -20.36
CA GLY A 555 -28.19 7.01 -20.25
C GLY A 555 -29.45 7.26 -21.05
N VAL A 556 -30.43 6.38 -20.84
CA VAL A 556 -31.72 6.45 -21.49
C VAL A 556 -32.76 6.87 -20.45
N LEU A 557 -33.68 7.74 -20.88
CA LEU A 557 -34.73 8.28 -20.03
C LEU A 557 -36.05 7.58 -20.33
N THR A 558 -36.80 7.26 -19.27
CA THR A 558 -38.14 6.73 -19.42
C THR A 558 -39.00 7.30 -18.30
N GLU A 559 -40.30 7.03 -18.36
CA GLU A 559 -41.22 7.43 -17.31
C GLU A 559 -41.53 6.24 -16.43
N SER A 560 -41.62 6.49 -15.13
CA SER A 560 -41.78 5.43 -14.14
C SER A 560 -42.83 5.82 -13.12
N ASN A 561 -43.42 4.81 -12.49
CA ASN A 561 -44.42 5.02 -11.45
C ASN A 561 -43.78 4.96 -10.07
N LYS A 562 -42.88 5.91 -9.82
CA LYS A 562 -42.21 6.05 -8.53
C LYS A 562 -42.90 7.18 -7.78
N LYS A 563 -43.55 6.85 -6.66
CA LYS A 563 -44.31 7.81 -5.88
C LYS A 563 -43.35 8.66 -5.05
N PHE A 564 -42.83 9.71 -5.69
CA PHE A 564 -41.93 10.63 -5.00
C PHE A 564 -42.72 11.53 -4.06
N LEU A 565 -42.25 11.63 -2.83
CA LEU A 565 -42.79 12.61 -1.91
C LEU A 565 -42.35 14.01 -2.32
N PRO A 566 -43.12 15.06 -1.94
CA PRO A 566 -42.79 16.41 -2.42
C PRO A 566 -41.42 16.94 -2.02
N PHE A 567 -40.86 16.51 -0.89
CA PHE A 567 -39.51 16.93 -0.56
C PHE A 567 -38.46 16.08 -1.27
N GLN A 568 -38.85 14.94 -1.83
CA GLN A 568 -37.91 14.03 -2.45
C GLN A 568 -37.56 14.49 -3.85
N GLN A 569 -36.26 14.58 -4.15
CA GLN A 569 -35.78 15.08 -5.42
C GLN A 569 -35.10 14.02 -6.27
N PHE A 570 -34.10 13.34 -5.71
CA PHE A 570 -33.34 12.32 -6.43
C PHE A 570 -33.81 10.93 -6.00
N GLY A 571 -33.36 9.93 -6.74
CA GLY A 571 -33.69 8.54 -6.43
C GLY A 571 -32.45 7.69 -6.43
N ARG A 572 -32.39 6.77 -5.45
CA ARG A 572 -31.26 5.87 -5.31
C ARG A 572 -31.73 4.50 -4.86
N ASP A 573 -30.80 3.55 -4.92
CA ASP A 573 -31.05 2.13 -4.71
C ASP A 573 -29.77 1.50 -4.16
N ILE A 574 -29.62 0.19 -4.35
CA ILE A 574 -28.41 -0.57 -4.07
C ILE A 574 -27.16 0.17 -4.52
N ALA A 575 -26.19 0.32 -3.61
CA ALA A 575 -24.86 0.86 -3.85
C ALA A 575 -24.85 2.33 -4.23
N ASP A 576 -25.92 3.07 -3.91
CA ASP A 576 -25.98 4.53 -4.01
C ASP A 576 -25.71 5.02 -5.43
N THR A 577 -26.42 4.45 -6.39
CA THR A 577 -26.35 4.87 -7.78
C THR A 577 -27.61 5.63 -8.13
N THR A 578 -27.46 6.71 -8.90
CA THR A 578 -28.58 7.55 -9.28
C THR A 578 -29.52 6.77 -10.21
N ASP A 579 -30.78 6.65 -9.81
CA ASP A 579 -31.74 5.81 -10.51
C ASP A 579 -32.91 6.62 -11.05
N ALA A 580 -33.45 7.55 -10.27
CA ALA A 580 -34.57 8.37 -10.69
C ALA A 580 -34.24 9.84 -10.47
N VAL A 581 -34.58 10.67 -11.46
CA VAL A 581 -34.39 12.11 -11.37
C VAL A 581 -35.69 12.77 -11.80
N ARG A 582 -36.00 13.92 -11.22
CA ARG A 582 -37.25 14.60 -11.53
C ARG A 582 -36.96 15.89 -12.28
N ASP A 583 -37.81 16.18 -13.26
CA ASP A 583 -37.57 17.27 -14.19
C ASP A 583 -37.69 18.61 -13.48
N PRO A 584 -36.74 19.52 -13.65
CA PRO A 584 -36.86 20.84 -13.00
C PRO A 584 -38.03 21.68 -13.49
N GLN A 585 -38.25 21.77 -14.80
CA GLN A 585 -39.29 22.65 -15.32
C GLN A 585 -40.69 22.12 -15.03
N THR A 586 -41.05 20.98 -15.59
CA THR A 586 -42.32 20.34 -15.26
C THR A 586 -42.09 19.31 -14.17
N LEU A 587 -43.05 19.20 -13.25
CA LEU A 587 -42.84 18.39 -12.06
C LEU A 587 -43.21 16.94 -12.38
N GLU A 588 -42.28 16.27 -13.07
CA GLU A 588 -42.50 14.92 -13.55
C GLU A 588 -41.30 14.05 -13.19
N ILE A 589 -41.58 12.79 -12.84
CA ILE A 589 -40.55 11.83 -12.42
C ILE A 589 -40.05 11.09 -13.65
N LEU A 590 -38.73 10.89 -13.74
CA LEU A 590 -38.11 10.17 -14.84
C LEU A 590 -37.14 9.15 -14.27
N ASP A 591 -37.05 8.01 -14.95
CA ASP A 591 -36.17 6.92 -14.59
C ASP A 591 -35.03 6.88 -15.59
N ILE A 592 -33.80 6.98 -15.09
CA ILE A 592 -32.61 6.89 -15.94
C ILE A 592 -32.10 5.45 -15.87
N THR A 593 -31.54 4.99 -17.00
CA THR A 593 -30.98 3.66 -17.07
C THR A 593 -29.71 3.77 -17.91
N PRO A 594 -28.57 3.28 -17.42
CA PRO A 594 -27.34 3.40 -18.20
C PRO A 594 -27.41 2.59 -19.49
N CYS A 595 -26.73 3.10 -20.52
CA CYS A 595 -26.88 2.63 -21.88
C CYS A 595 -26.41 1.19 -22.04
N SER A 596 -26.95 0.52 -23.05
CA SER A 596 -26.63 -0.87 -23.30
C SER A 596 -25.16 -1.02 -23.71
N PHE A 597 -24.53 -2.05 -23.17
CA PHE A 597 -23.11 -2.30 -23.40
C PHE A 597 -22.88 -3.80 -23.31
N GLY A 598 -21.76 -4.24 -23.87
CA GLY A 598 -21.47 -5.66 -23.81
C GLY A 598 -20.12 -5.98 -24.41
N GLY A 599 -19.81 -7.28 -24.39
CA GLY A 599 -18.59 -7.76 -25.01
C GLY A 599 -18.85 -8.35 -26.38
N VAL A 600 -17.78 -8.47 -27.16
CA VAL A 600 -17.86 -9.04 -28.50
C VAL A 600 -16.89 -10.20 -28.60
N SER A 601 -17.33 -11.28 -29.24
CA SER A 601 -16.52 -12.47 -29.43
C SER A 601 -16.57 -12.90 -30.89
N VAL A 602 -15.50 -13.54 -31.34
CA VAL A 602 -15.35 -13.95 -32.73
C VAL A 602 -15.29 -15.47 -32.77
N ILE A 603 -16.26 -16.08 -33.44
CA ILE A 603 -16.29 -17.51 -33.68
C ILE A 603 -15.62 -17.76 -35.04
N THR A 604 -14.55 -18.53 -35.04
CA THR A 604 -13.81 -18.79 -36.27
C THR A 604 -13.36 -20.24 -36.31
N PRO A 605 -13.26 -20.81 -37.51
CA PRO A 605 -12.51 -22.05 -37.68
C PRO A 605 -11.01 -21.75 -37.80
N GLY A 606 -10.21 -22.76 -38.11
CA GLY A 606 -8.79 -22.52 -38.33
C GLY A 606 -8.54 -21.60 -39.50
N THR A 607 -7.47 -20.80 -39.39
CA THR A 607 -7.19 -19.79 -40.41
C THR A 607 -6.73 -20.41 -41.73
N ASN A 608 -6.31 -21.67 -41.73
CA ASN A 608 -6.01 -22.37 -42.97
C ASN A 608 -7.24 -23.00 -43.60
N THR A 609 -8.27 -23.32 -42.81
CA THR A 609 -9.49 -23.90 -43.35
C THR A 609 -10.29 -22.86 -44.12
N SER A 610 -10.49 -21.68 -43.54
CA SER A 610 -11.27 -20.63 -44.17
C SER A 610 -10.88 -19.29 -43.55
N ASN A 611 -11.58 -18.23 -43.98
CA ASN A 611 -11.32 -16.90 -43.48
C ASN A 611 -12.56 -16.18 -42.95
N GLN A 612 -13.77 -16.66 -43.25
CA GLN A 612 -14.98 -16.02 -42.77
C GLN A 612 -15.21 -16.34 -41.29
N VAL A 613 -15.81 -15.40 -40.58
CA VAL A 613 -16.00 -15.47 -39.13
C VAL A 613 -17.45 -15.16 -38.79
N ALA A 614 -17.82 -15.45 -37.56
CA ALA A 614 -19.10 -15.06 -37.00
C ALA A 614 -18.87 -14.19 -35.77
N VAL A 615 -19.79 -13.27 -35.51
CA VAL A 615 -19.63 -12.26 -34.48
C VAL A 615 -20.74 -12.42 -33.45
N LEU A 616 -20.38 -12.54 -32.18
CA LEU A 616 -21.34 -12.69 -31.10
C LEU A 616 -21.25 -11.48 -30.19
N TYR A 617 -22.37 -10.78 -30.02
CA TYR A 617 -22.49 -9.68 -29.07
C TYR A 617 -23.20 -10.19 -27.83
N GLN A 618 -22.50 -10.17 -26.70
CA GLN A 618 -22.94 -10.93 -25.53
C GLN A 618 -24.02 -10.17 -24.76
N GLY A 619 -25.14 -10.85 -24.51
CA GLY A 619 -26.17 -10.38 -23.60
C GLY A 619 -26.90 -9.12 -24.02
N VAL A 620 -27.22 -8.97 -25.30
CA VAL A 620 -27.95 -7.81 -25.79
C VAL A 620 -29.03 -8.25 -26.76
N ASN A 621 -30.03 -7.38 -26.93
CA ASN A 621 -31.03 -7.53 -27.99
C ASN A 621 -30.45 -7.11 -29.34
N CYS A 622 -30.94 -7.74 -30.40
CA CYS A 622 -30.45 -7.44 -31.75
C CYS A 622 -31.07 -6.18 -32.32
N THR A 623 -32.00 -5.55 -31.60
CA THR A 623 -32.56 -4.28 -32.03
C THR A 623 -31.64 -3.10 -31.72
N GLU A 624 -30.54 -3.34 -31.00
CA GLU A 624 -29.61 -2.29 -30.62
C GLU A 624 -28.21 -2.47 -31.18
N VAL A 625 -28.00 -3.52 -31.98
CA VAL A 625 -26.66 -3.85 -32.50
C VAL A 625 -26.18 -2.86 -33.57
N PRO A 626 -27.03 -2.14 -34.36
CA PRO A 626 -26.35 -1.14 -35.19
C PRO A 626 -25.68 0.01 -34.43
N GLY A 644 -25.57 -7.34 -41.88
CA GLY A 644 -25.57 -7.99 -43.18
C GLY A 644 -26.25 -9.35 -43.17
N SER A 645 -27.52 -9.37 -42.74
CA SER A 645 -28.38 -10.55 -42.70
C SER A 645 -27.84 -11.66 -41.79
N ASN A 646 -28.58 -12.77 -41.73
CA ASN A 646 -28.24 -13.94 -40.90
C ASN A 646 -28.08 -13.56 -39.43
N VAL A 647 -28.96 -12.69 -38.94
CA VAL A 647 -28.92 -12.22 -37.55
C VAL A 647 -29.85 -13.11 -36.74
N PHE A 648 -29.31 -13.74 -35.69
CA PHE A 648 -30.06 -14.66 -34.86
C PHE A 648 -30.00 -14.21 -33.41
N GLN A 649 -31.10 -14.38 -32.69
CA GLN A 649 -31.20 -14.05 -31.28
C GLN A 649 -31.01 -15.31 -30.45
N THR A 650 -30.07 -15.25 -29.51
CA THR A 650 -29.74 -16.35 -28.63
C THR A 650 -29.84 -15.85 -27.19
N ARG A 651 -30.04 -16.79 -26.26
CA ARG A 651 -30.06 -16.41 -24.84
C ARG A 651 -28.72 -15.86 -24.40
N ALA A 652 -27.62 -16.30 -25.02
CA ALA A 652 -26.31 -15.73 -24.71
C ALA A 652 -26.15 -14.33 -25.29
N GLY A 653 -26.74 -14.06 -26.46
CA GLY A 653 -26.61 -12.75 -27.08
C GLY A 653 -27.10 -12.78 -28.52
N CYS A 654 -26.58 -11.86 -29.32
CA CYS A 654 -26.92 -11.77 -30.73
C CYS A 654 -25.78 -12.34 -31.57
N LEU A 655 -26.12 -13.22 -32.51
CA LEU A 655 -25.14 -13.90 -33.35
C LEU A 655 -25.34 -13.45 -34.80
N ILE A 656 -24.27 -12.94 -35.41
CA ILE A 656 -24.31 -12.38 -36.75
C ILE A 656 -23.29 -13.13 -37.61
N GLY A 657 -23.74 -13.58 -38.78
CA GLY A 657 -22.87 -14.29 -39.70
C GLY A 657 -23.02 -15.80 -39.69
N ALA A 658 -23.89 -16.34 -38.84
CA ALA A 658 -24.16 -17.77 -38.80
C ALA A 658 -25.66 -17.98 -38.83
N GLU A 659 -26.09 -19.01 -39.56
CA GLU A 659 -27.51 -19.31 -39.76
C GLU A 659 -27.92 -20.46 -38.86
N TYR A 660 -29.07 -20.31 -38.21
CA TYR A 660 -29.60 -21.35 -37.35
C TYR A 660 -30.22 -22.47 -38.19
N VAL A 661 -29.79 -23.70 -37.93
CA VAL A 661 -30.34 -24.87 -38.58
C VAL A 661 -31.21 -25.62 -37.58
N ASN A 662 -31.95 -26.60 -38.09
CA ASN A 662 -32.90 -27.37 -37.28
C ASN A 662 -32.42 -28.81 -37.17
N ASN A 663 -31.13 -28.97 -36.89
CA ASN A 663 -30.52 -30.28 -36.69
C ASN A 663 -29.92 -30.33 -35.28
N SER A 664 -29.19 -31.41 -35.00
CA SER A 664 -28.54 -31.57 -33.71
C SER A 664 -27.25 -32.37 -33.92
N TYR A 665 -26.11 -31.74 -33.67
CA TYR A 665 -24.81 -32.37 -33.82
C TYR A 665 -24.04 -32.26 -32.51
N GLU A 666 -22.88 -32.89 -32.48
CA GLU A 666 -21.97 -32.74 -31.36
C GLU A 666 -21.37 -31.34 -31.38
N CYS A 667 -21.18 -30.75 -30.20
CA CYS A 667 -20.68 -29.39 -30.10
C CYS A 667 -19.23 -29.31 -30.57
N ASP A 668 -18.95 -28.35 -31.45
CA ASP A 668 -17.60 -28.08 -31.92
C ASP A 668 -17.04 -26.80 -31.32
N ILE A 669 -17.74 -25.67 -31.49
CA ILE A 669 -17.36 -24.41 -30.87
C ILE A 669 -18.49 -24.00 -29.94
N PRO A 670 -18.26 -23.95 -28.62
CA PRO A 670 -19.36 -23.65 -27.70
C PRO A 670 -19.66 -22.16 -27.63
N ILE A 671 -20.92 -21.82 -27.83
CA ILE A 671 -21.40 -20.45 -27.65
C ILE A 671 -22.05 -20.26 -26.29
N GLY A 672 -23.02 -21.10 -25.96
CA GLY A 672 -23.64 -21.07 -24.65
C GLY A 672 -25.13 -21.35 -24.72
N ALA A 673 -25.71 -21.64 -23.55
CA ALA A 673 -27.13 -21.95 -23.37
C ALA A 673 -27.58 -23.11 -24.25
N GLY A 674 -26.70 -24.10 -24.41
CA GLY A 674 -26.98 -25.23 -25.26
C GLY A 674 -26.85 -24.97 -26.74
N ILE A 675 -26.24 -23.84 -27.12
CA ILE A 675 -26.08 -23.47 -28.52
C ILE A 675 -24.60 -23.51 -28.86
N CYS A 676 -24.27 -24.19 -29.95
CA CYS A 676 -22.91 -24.28 -30.45
C CYS A 676 -22.88 -23.92 -31.92
N ALA A 677 -21.66 -23.76 -32.45
CA ALA A 677 -21.46 -23.37 -33.84
C ALA A 677 -20.42 -24.27 -34.49
N SER A 678 -20.53 -24.42 -35.80
CA SER A 678 -19.60 -25.28 -36.54
C SER A 678 -19.48 -24.80 -37.97
N TYR A 679 -18.41 -25.24 -38.63
CA TYR A 679 -18.12 -24.92 -40.02
C TYR A 679 -18.25 -26.18 -40.86
N GLN A 680 -19.25 -26.23 -41.73
CA GLN A 680 -19.44 -27.38 -42.59
C GLN A 680 -20.32 -26.99 -43.77
N THR A 681 -20.60 -27.97 -44.63
CA THR A 681 -21.41 -27.77 -45.82
C THR A 681 -22.89 -27.87 -45.47
N GLN A 682 -23.73 -27.75 -46.49
CA GLN A 682 -25.17 -27.84 -46.33
C GLN A 682 -25.84 -28.27 -47.63
N SER A 694 -20.81 -23.10 -50.67
CA SER A 694 -20.74 -24.53 -50.36
C SER A 694 -20.50 -24.75 -48.88
N GLN A 695 -19.50 -24.07 -48.34
CA GLN A 695 -19.13 -24.18 -46.94
C GLN A 695 -19.65 -22.96 -46.17
N SER A 696 -20.12 -23.19 -44.95
CA SER A 696 -20.70 -22.10 -44.18
C SER A 696 -20.60 -22.40 -42.69
N ILE A 697 -20.76 -21.35 -41.89
CA ILE A 697 -20.80 -21.43 -40.44
C ILE A 697 -22.26 -21.46 -40.01
N ILE A 698 -22.63 -22.47 -39.21
CA ILE A 698 -23.99 -22.64 -38.76
C ILE A 698 -24.00 -22.77 -37.24
N ALA A 699 -25.16 -22.50 -36.66
CA ALA A 699 -25.38 -22.60 -35.22
C ALA A 699 -26.53 -23.57 -34.97
N TYR A 700 -26.37 -24.41 -33.95
CA TYR A 700 -27.34 -25.45 -33.66
C TYR A 700 -27.43 -25.69 -32.17
N THR A 701 -28.38 -26.54 -31.79
CA THR A 701 -28.53 -27.01 -30.42
C THR A 701 -27.79 -28.34 -30.27
N MET A 702 -27.16 -28.53 -29.11
CA MET A 702 -26.31 -29.69 -28.89
C MET A 702 -27.12 -30.99 -28.89
N SER A 703 -26.51 -32.04 -29.43
CA SER A 703 -27.03 -33.39 -29.31
C SER A 703 -26.24 -34.12 -28.24
N LEU A 704 -26.94 -34.59 -27.21
CA LEU A 704 -26.25 -35.18 -26.06
C LEU A 704 -25.70 -36.56 -26.38
N GLY A 705 -26.31 -37.27 -27.31
CA GLY A 705 -25.82 -38.59 -27.67
C GLY A 705 -26.86 -39.35 -28.47
N ALA A 706 -26.48 -40.57 -28.84
CA ALA A 706 -27.38 -41.44 -29.58
C ALA A 706 -28.52 -41.90 -28.68
N GLU A 707 -29.71 -42.00 -29.27
CA GLU A 707 -30.90 -42.38 -28.53
C GLU A 707 -31.00 -43.91 -28.48
N ASN A 708 -31.19 -44.45 -27.28
CA ASN A 708 -31.16 -45.90 -27.11
C ASN A 708 -32.31 -46.35 -26.23
N SER A 709 -32.88 -47.50 -26.59
CA SER A 709 -33.89 -48.19 -25.79
C SER A 709 -33.38 -49.58 -25.47
N VAL A 710 -33.40 -49.95 -24.19
CA VAL A 710 -32.99 -51.27 -23.74
C VAL A 710 -34.26 -52.08 -23.44
N ALA A 711 -34.39 -53.23 -24.09
CA ALA A 711 -35.61 -54.04 -24.01
C ALA A 711 -35.63 -54.77 -22.67
N TYR A 712 -36.03 -54.04 -21.64
CA TYR A 712 -36.13 -54.62 -20.31
C TYR A 712 -37.35 -55.54 -20.22
N SER A 713 -37.18 -56.68 -19.57
CA SER A 713 -38.27 -57.60 -19.30
C SER A 713 -37.95 -58.34 -18.00
N ASN A 714 -38.99 -58.88 -17.40
CA ASN A 714 -38.87 -59.55 -16.11
C ASN A 714 -38.48 -61.02 -16.20
N ASN A 715 -38.30 -61.56 -17.41
CA ASN A 715 -37.75 -62.91 -17.56
C ASN A 715 -36.78 -62.97 -18.74
N SER A 716 -35.93 -61.97 -18.89
CA SER A 716 -34.96 -61.95 -19.97
C SER A 716 -33.64 -61.37 -19.50
N ILE A 717 -32.55 -61.96 -19.95
CA ILE A 717 -31.20 -61.51 -19.62
C ILE A 717 -30.37 -61.50 -20.90
N ALA A 718 -29.28 -60.74 -20.88
CA ALA A 718 -28.36 -60.67 -22.01
C ALA A 718 -26.97 -61.06 -21.56
N ILE A 719 -26.31 -61.95 -22.31
CA ILE A 719 -24.98 -62.41 -21.96
C ILE A 719 -24.07 -62.27 -23.17
N PRO A 720 -22.88 -61.70 -23.01
CA PRO A 720 -21.93 -61.64 -24.14
C PRO A 720 -21.36 -63.00 -24.47
N THR A 721 -21.05 -63.19 -25.74
CA THR A 721 -20.45 -64.42 -26.23
C THR A 721 -19.03 -64.23 -26.75
N ASN A 722 -18.45 -63.05 -26.53
CA ASN A 722 -17.11 -62.73 -27.01
C ASN A 722 -16.56 -61.63 -26.10
N PHE A 723 -15.40 -61.09 -26.45
CA PHE A 723 -14.77 -60.04 -25.66
C PHE A 723 -13.83 -59.24 -26.54
N THR A 724 -13.22 -58.21 -25.95
CA THR A 724 -12.32 -57.31 -26.66
C THR A 724 -11.33 -56.73 -25.66
N ILE A 725 -10.05 -56.75 -26.01
CA ILE A 725 -9.01 -56.14 -25.19
C ILE A 725 -8.75 -54.74 -25.71
N SER A 726 -8.90 -53.74 -24.84
CA SER A 726 -8.79 -52.35 -25.26
C SER A 726 -7.71 -51.65 -24.45
N VAL A 727 -6.88 -50.84 -25.12
CA VAL A 727 -5.77 -50.16 -24.49
C VAL A 727 -5.95 -48.67 -24.72
N THR A 728 -6.04 -47.90 -23.63
CA THR A 728 -6.29 -46.46 -23.69
C THR A 728 -5.16 -45.69 -23.01
N THR A 729 -5.16 -44.37 -23.23
CA THR A 729 -4.16 -43.47 -22.66
C THR A 729 -4.75 -42.65 -21.52
N GLU A 730 -3.85 -42.17 -20.67
CA GLU A 730 -4.18 -41.13 -19.70
C GLU A 730 -2.93 -40.32 -19.41
N ILE A 731 -2.98 -39.02 -19.67
CA ILE A 731 -1.83 -38.13 -19.51
C ILE A 731 -2.04 -37.29 -18.24
N LEU A 732 -1.06 -37.29 -17.36
CA LEU A 732 -1.15 -36.54 -16.10
C LEU A 732 0.13 -35.72 -15.91
N PRO A 733 0.01 -34.41 -15.73
CA PRO A 733 1.19 -33.61 -15.39
C PRO A 733 1.67 -33.92 -13.97
N VAL A 734 2.98 -33.78 -13.77
CA VAL A 734 3.62 -34.10 -12.50
C VAL A 734 4.28 -32.88 -11.88
N SER A 735 5.09 -32.17 -12.66
CA SER A 735 5.88 -31.07 -12.12
C SER A 735 6.02 -29.98 -13.16
N MET A 736 6.38 -28.78 -12.70
CA MET A 736 6.68 -27.65 -13.57
C MET A 736 8.10 -27.17 -13.30
N THR A 737 8.48 -26.09 -13.99
CA THR A 737 9.86 -25.62 -13.93
C THR A 737 10.13 -24.88 -12.61
N LYS A 738 11.34 -25.06 -12.10
CA LYS A 738 11.79 -24.39 -10.89
C LYS A 738 12.45 -23.08 -11.25
N THR A 739 12.02 -22.00 -10.60
CA THR A 739 12.51 -20.67 -10.91
C THR A 739 12.98 -19.98 -9.64
N SER A 740 13.80 -18.94 -9.81
CA SER A 740 14.34 -18.17 -8.70
C SER A 740 14.49 -16.72 -9.10
N VAL A 741 14.12 -15.82 -8.19
CA VAL A 741 14.09 -14.39 -8.44
C VAL A 741 14.91 -13.68 -7.36
N ASP A 742 15.74 -12.72 -7.77
CA ASP A 742 16.57 -11.95 -6.86
C ASP A 742 15.82 -10.69 -6.41
N CYS A 743 16.10 -10.27 -5.17
CA CYS A 743 15.56 -9.02 -4.65
C CYS A 743 16.01 -7.80 -5.42
N THR A 744 17.31 -7.50 -5.35
CA THR A 744 17.81 -6.22 -5.83
C THR A 744 17.93 -6.16 -7.34
N MET A 745 18.25 -7.28 -7.99
CA MET A 745 18.56 -7.27 -9.41
C MET A 745 17.35 -6.93 -10.27
N TYR A 746 16.16 -7.36 -9.87
CA TYR A 746 14.97 -7.10 -10.67
C TYR A 746 14.53 -5.65 -10.55
N ILE A 747 14.28 -5.19 -9.33
CA ILE A 747 13.76 -3.83 -9.13
C ILE A 747 14.82 -2.79 -9.45
N CYS A 748 16.04 -2.99 -8.96
CA CYS A 748 17.10 -2.00 -9.08
C CYS A 748 18.11 -2.44 -10.13
N GLY A 749 18.40 -1.54 -11.08
CA GLY A 749 19.41 -1.83 -12.08
C GLY A 749 20.81 -1.60 -11.56
N ASP A 750 21.26 -2.50 -10.67
CA ASP A 750 22.55 -2.45 -9.96
C ASP A 750 22.88 -1.06 -9.38
N SER A 751 21.85 -0.34 -8.96
CA SER A 751 22.03 0.99 -8.37
C SER A 751 22.28 0.88 -6.88
N THR A 752 22.79 1.96 -6.31
CA THR A 752 23.10 2.02 -4.89
C THR A 752 21.98 2.64 -4.07
N GLU A 753 21.54 3.85 -4.43
CA GLU A 753 20.47 4.51 -3.69
C GLU A 753 19.13 3.79 -3.85
N CYS A 754 18.96 3.07 -4.96
CA CYS A 754 17.77 2.23 -5.12
C CYS A 754 17.74 1.12 -4.07
N SER A 755 18.89 0.52 -3.78
CA SER A 755 18.95 -0.50 -2.74
C SER A 755 18.68 0.08 -1.37
N ASN A 756 19.20 1.28 -1.09
CA ASN A 756 18.97 1.92 0.20
C ASN A 756 17.51 2.30 0.39
N LEU A 757 16.84 2.71 -0.70
CA LEU A 757 15.41 2.99 -0.60
C LEU A 757 14.60 1.70 -0.53
N LEU A 758 15.12 0.60 -1.09
CA LEU A 758 14.40 -0.67 -1.03
C LEU A 758 14.49 -1.30 0.36
N LEU A 759 15.61 -1.11 1.06
CA LEU A 759 15.74 -1.65 2.41
C LEU A 759 14.78 -0.99 3.39
N GLN A 760 14.31 0.22 3.08
CA GLN A 760 13.36 0.92 3.96
C GLN A 760 11.98 0.27 3.93
N TYR A 761 11.64 -0.47 2.85
CA TYR A 761 10.28 -0.96 2.69
C TYR A 761 10.00 -2.13 3.62
N GLY A 762 10.97 -3.02 3.82
CA GLY A 762 10.76 -4.14 4.72
C GLY A 762 11.33 -5.45 4.23
N SER A 763 10.58 -6.54 4.36
CA SER A 763 11.05 -7.88 4.07
C SER A 763 10.06 -8.61 3.16
N PHE A 764 9.62 -7.94 2.10
CA PHE A 764 8.78 -8.59 1.11
C PHE A 764 9.53 -9.64 0.30
N CYS A 765 10.71 -9.28 -0.22
CA CYS A 765 11.38 -10.19 -1.14
C CYS A 765 12.00 -11.39 -0.42
N THR A 766 12.24 -11.28 0.89
CA THR A 766 12.59 -12.46 1.67
C THR A 766 11.45 -13.46 1.68
N GLN A 767 10.21 -12.97 1.83
CA GLN A 767 9.04 -13.84 1.75
C GLN A 767 8.89 -14.45 0.36
N LEU A 768 9.13 -13.64 -0.69
CA LEU A 768 9.06 -14.16 -2.05
C LEU A 768 10.12 -15.24 -2.30
N LYS A 769 11.34 -15.00 -1.81
CA LYS A 769 12.43 -15.95 -1.92
C LYS A 769 12.10 -17.26 -1.21
N ARG A 770 11.54 -17.16 0.00
CA ARG A 770 11.16 -18.35 0.76
C ARG A 770 10.06 -19.13 0.05
N ALA A 771 9.07 -18.42 -0.51
CA ALA A 771 7.99 -19.08 -1.22
C ALA A 771 8.50 -19.80 -2.47
N LEU A 772 9.39 -19.16 -3.23
CA LEU A 772 9.93 -19.78 -4.43
C LEU A 772 10.80 -20.99 -4.09
N THR A 773 11.57 -20.90 -3.01
CA THR A 773 12.38 -22.04 -2.58
C THR A 773 11.51 -23.22 -2.16
N GLY A 774 10.42 -22.94 -1.42
CA GLY A 774 9.49 -23.99 -1.06
C GLY A 774 8.82 -24.62 -2.27
N ILE A 775 8.49 -23.79 -3.27
CA ILE A 775 7.90 -24.29 -4.51
C ILE A 775 8.87 -25.22 -5.23
N ALA A 776 10.15 -24.82 -5.32
CA ALA A 776 11.15 -25.65 -6.00
C ALA A 776 11.36 -26.98 -5.28
N VAL A 777 11.41 -26.96 -3.95
CA VAL A 777 11.55 -28.20 -3.19
C VAL A 777 10.32 -29.09 -3.39
N GLU A 778 9.14 -28.47 -3.46
CA GLU A 778 7.91 -29.22 -3.71
C GLU A 778 7.93 -29.90 -5.08
N GLN A 779 8.41 -29.19 -6.11
CA GLN A 779 8.48 -29.80 -7.44
C GLN A 779 9.53 -30.88 -7.52
N ASP A 780 10.60 -30.77 -6.73
CA ASP A 780 11.55 -31.88 -6.64
C ASP A 780 10.92 -33.09 -5.95
N LYS A 781 10.09 -32.85 -4.93
CA LYS A 781 9.50 -33.96 -4.18
C LYS A 781 8.40 -34.66 -4.97
N ASN A 782 7.74 -33.94 -5.88
CA ASN A 782 6.61 -34.51 -6.63
C ASN A 782 7.06 -35.67 -7.51
N THR A 783 8.15 -35.50 -8.26
CA THR A 783 8.67 -36.55 -9.13
C THR A 783 9.15 -37.74 -8.31
N GLN A 784 9.74 -37.48 -7.14
CA GLN A 784 10.13 -38.56 -6.25
C GLN A 784 8.93 -39.36 -5.77
N GLU A 785 7.82 -38.68 -5.49
CA GLU A 785 6.63 -39.40 -5.05
C GLU A 785 5.99 -40.22 -6.17
N VAL A 786 6.05 -39.74 -7.42
CA VAL A 786 5.39 -40.48 -8.49
C VAL A 786 6.23 -41.68 -8.94
N PHE A 787 7.48 -41.45 -9.33
CA PHE A 787 8.25 -42.51 -9.97
C PHE A 787 9.03 -43.39 -8.99
N ALA A 788 9.69 -42.81 -8.00
CA ALA A 788 10.56 -43.56 -7.10
C ALA A 788 9.71 -44.35 -6.11
N GLN A 789 9.26 -45.53 -6.56
CA GLN A 789 8.48 -46.43 -5.72
C GLN A 789 8.99 -47.86 -5.68
N VAL A 790 9.99 -48.21 -6.48
CA VAL A 790 10.53 -49.56 -6.49
C VAL A 790 11.74 -49.63 -5.56
N LYS A 791 11.88 -50.78 -4.89
CA LYS A 791 13.02 -50.96 -4.01
C LYS A 791 14.30 -51.22 -4.80
N GLN A 792 14.20 -52.02 -5.86
CA GLN A 792 15.35 -52.45 -6.63
C GLN A 792 15.07 -52.26 -8.11
N ILE A 793 16.14 -52.13 -8.89
CA ILE A 793 16.03 -51.95 -10.33
C ILE A 793 15.93 -53.34 -10.97
N TYR A 794 14.80 -53.60 -11.62
CA TYR A 794 14.54 -54.88 -12.27
C TYR A 794 14.89 -54.80 -13.75
N LYS A 795 15.23 -55.96 -14.32
CA LYS A 795 15.55 -56.04 -15.73
C LYS A 795 14.85 -57.23 -16.36
N THR A 796 14.51 -57.09 -17.64
CA THR A 796 13.93 -58.18 -18.39
C THR A 796 14.99 -59.23 -18.70
N PRO A 797 14.58 -60.49 -18.93
CA PRO A 797 15.55 -61.49 -19.38
C PRO A 797 16.07 -61.17 -20.76
N PRO A 798 17.30 -61.60 -21.09
CA PRO A 798 17.87 -61.26 -22.41
C PRO A 798 17.09 -61.84 -23.58
N ILE A 799 16.47 -63.00 -23.41
CA ILE A 799 15.57 -63.56 -24.41
C ILE A 799 14.14 -63.19 -24.05
N LYS A 800 13.37 -62.78 -25.04
CA LYS A 800 12.09 -62.10 -24.82
C LYS A 800 10.98 -62.89 -25.51
N TYR A 801 10.25 -63.69 -24.75
CA TYR A 801 9.09 -64.40 -25.25
C TYR A 801 8.10 -64.53 -24.08
N PHE A 802 7.10 -63.66 -24.06
CA PHE A 802 6.14 -63.60 -22.96
C PHE A 802 4.80 -64.11 -23.47
N GLY A 803 4.66 -65.44 -23.55
CA GLY A 803 3.41 -66.08 -23.90
C GLY A 803 2.84 -65.72 -25.26
N GLY A 804 3.67 -65.22 -26.18
CA GLY A 804 3.19 -64.70 -27.44
C GLY A 804 2.81 -63.24 -27.43
N PHE A 805 2.80 -62.60 -26.27
CA PHE A 805 2.53 -61.16 -26.18
C PHE A 805 3.77 -60.39 -26.61
N ASN A 806 3.55 -59.25 -27.27
CA ASN A 806 4.61 -58.46 -27.86
C ASN A 806 4.70 -57.15 -27.08
N PHE A 807 5.79 -56.97 -26.34
CA PHE A 807 6.00 -55.77 -25.54
C PHE A 807 7.08 -54.87 -26.10
N SER A 808 7.43 -55.02 -27.38
CA SER A 808 8.58 -54.33 -27.95
C SER A 808 8.37 -52.83 -28.04
N GLN A 809 7.12 -52.35 -28.02
CA GLN A 809 6.88 -50.92 -28.15
C GLN A 809 7.02 -50.17 -26.84
N ILE A 810 7.05 -50.86 -25.70
CA ILE A 810 7.18 -50.20 -24.41
C ILE A 810 8.50 -50.52 -23.70
N LEU A 811 9.17 -51.61 -24.06
CA LEU A 811 10.51 -51.85 -23.53
C LEU A 811 11.52 -50.96 -24.25
N PRO A 812 12.60 -50.56 -23.57
CA PRO A 812 13.59 -49.68 -24.20
C PRO A 812 14.34 -50.36 -25.33
N ASP A 813 14.77 -49.54 -26.29
CA ASP A 813 15.56 -50.03 -27.40
C ASP A 813 17.02 -49.69 -27.15
N PRO A 814 17.91 -50.68 -27.02
CA PRO A 814 19.31 -50.39 -26.71
C PRO A 814 20.08 -49.74 -27.85
N SER A 815 19.56 -49.75 -29.07
CA SER A 815 20.25 -49.11 -30.18
C SER A 815 20.31 -47.59 -30.02
N LYS A 816 19.24 -46.99 -29.53
CA LYS A 816 19.24 -45.57 -29.23
C LYS A 816 20.15 -45.29 -28.04
N PRO A 817 20.94 -44.22 -28.07
CA PRO A 817 21.83 -43.94 -26.92
C PRO A 817 21.10 -43.60 -25.63
N SER A 818 19.83 -43.19 -25.70
CA SER A 818 18.99 -43.05 -24.53
C SER A 818 18.02 -44.22 -24.48
N LYS A 819 18.01 -44.94 -23.35
CA LYS A 819 17.20 -46.16 -23.22
C LYS A 819 15.75 -45.76 -23.05
N ARG A 820 15.11 -45.45 -24.18
CA ARG A 820 13.71 -45.03 -24.21
C ARG A 820 12.95 -45.84 -25.25
N SER A 821 11.71 -46.18 -24.93
CA SER A 821 10.85 -46.91 -25.83
C SER A 821 10.41 -46.03 -26.99
N PRO A 822 9.92 -46.62 -28.08
CA PRO A 822 9.33 -45.80 -29.16
C PRO A 822 8.18 -44.90 -28.71
N ILE A 823 7.37 -45.33 -27.75
CA ILE A 823 6.31 -44.47 -27.22
C ILE A 823 6.90 -43.27 -26.50
N GLU A 824 7.91 -43.50 -25.65
CA GLU A 824 8.54 -42.39 -24.93
C GLU A 824 9.29 -41.46 -25.88
N ASP A 825 9.91 -42.02 -26.92
CA ASP A 825 10.58 -41.20 -27.93
C ASP A 825 9.56 -40.34 -28.68
N LEU A 826 8.41 -40.91 -29.01
CA LEU A 826 7.36 -40.14 -29.69
C LEU A 826 6.82 -39.04 -28.79
N LEU A 827 6.62 -39.32 -27.50
CA LEU A 827 6.14 -38.30 -26.57
C LEU A 827 7.17 -37.21 -26.37
N PHE A 828 8.45 -37.56 -26.34
CA PHE A 828 9.50 -36.56 -26.20
C PHE A 828 9.62 -35.69 -27.44
N ASN A 829 9.47 -36.29 -28.63
CA ASN A 829 9.56 -35.51 -29.85
C ASN A 829 8.32 -34.66 -30.08
N LYS A 830 7.17 -35.09 -29.55
CA LYS A 830 5.93 -34.35 -29.79
C LYS A 830 5.88 -33.06 -28.99
N VAL A 831 6.35 -33.08 -27.74
CA VAL A 831 6.35 -31.88 -26.91
C VAL A 831 7.55 -31.04 -27.28
N THR A 832 7.32 -29.79 -27.66
CA THR A 832 8.37 -28.86 -28.02
C THR A 832 8.57 -27.87 -26.88
N LEU A 833 9.77 -27.85 -26.32
CA LEU A 833 10.10 -26.98 -25.20
C LEU A 833 10.44 -25.58 -25.67
N LEU A 854 16.42 -17.28 -28.02
CA LEU A 854 16.43 -15.84 -27.78
C LEU A 854 15.67 -15.49 -26.50
N ILE A 855 14.64 -16.29 -26.19
CA ILE A 855 13.88 -16.07 -24.97
C ILE A 855 14.70 -16.41 -23.74
N CYS A 856 15.66 -17.32 -23.86
CA CYS A 856 16.57 -17.60 -22.76
C CYS A 856 17.63 -16.52 -22.60
N ALA A 857 17.86 -15.71 -23.62
CA ALA A 857 18.80 -14.60 -23.56
C ALA A 857 18.19 -13.33 -22.96
N GLN A 858 16.90 -13.37 -22.62
CA GLN A 858 16.21 -12.21 -22.06
C GLN A 858 15.98 -12.31 -20.57
N LYS A 859 16.20 -13.48 -19.97
CA LYS A 859 15.97 -13.69 -18.54
C LYS A 859 17.24 -13.44 -17.74
N PHE A 860 17.78 -12.22 -17.89
CA PHE A 860 18.94 -11.77 -17.14
C PHE A 860 18.62 -10.54 -16.31
N ASN A 861 17.42 -10.52 -15.72
CA ASN A 861 17.00 -9.46 -14.81
C ASN A 861 16.75 -10.02 -13.43
N GLY A 862 17.60 -10.94 -12.99
CA GLY A 862 17.42 -11.62 -11.74
C GLY A 862 16.63 -12.91 -11.81
N LEU A 863 16.31 -13.38 -13.02
CA LEU A 863 15.53 -14.59 -13.21
C LEU A 863 16.46 -15.75 -13.53
N THR A 864 16.34 -16.84 -12.77
CA THR A 864 17.11 -18.04 -13.05
C THR A 864 16.19 -19.25 -13.05
N VAL A 865 16.55 -20.25 -13.85
CA VAL A 865 15.79 -21.50 -13.95
C VAL A 865 16.68 -22.61 -13.43
N LEU A 866 16.23 -23.30 -12.40
CA LEU A 866 17.00 -24.36 -11.77
C LEU A 866 16.71 -25.70 -12.45
N PRO A 867 17.73 -26.53 -12.67
CA PRO A 867 17.48 -27.82 -13.29
C PRO A 867 16.86 -28.79 -12.30
N PRO A 868 16.06 -29.74 -12.77
CA PRO A 868 15.50 -30.74 -11.85
C PRO A 868 16.56 -31.71 -11.36
N LEU A 869 16.31 -32.26 -10.17
CA LEU A 869 17.26 -33.21 -9.58
C LEU A 869 17.30 -34.52 -10.35
N LEU A 870 16.14 -35.01 -10.78
CA LEU A 870 16.03 -36.25 -11.53
C LEU A 870 16.02 -35.94 -13.02
N THR A 871 17.04 -36.41 -13.73
CA THR A 871 17.14 -36.18 -15.16
C THR A 871 16.23 -37.16 -15.91
N ASP A 872 16.20 -37.03 -17.24
CA ASP A 872 15.29 -37.83 -18.04
C ASP A 872 15.67 -39.30 -18.07
N GLU A 873 16.97 -39.60 -18.11
CA GLU A 873 17.42 -40.99 -18.14
C GLU A 873 17.12 -41.71 -16.83
N MET A 874 17.21 -41.00 -15.71
CA MET A 874 16.91 -41.62 -14.42
C MET A 874 15.44 -41.93 -14.27
N ILE A 875 14.57 -41.03 -14.74
CA ILE A 875 13.13 -41.28 -14.74
C ILE A 875 12.79 -42.42 -15.69
N ALA A 876 13.48 -42.49 -16.83
CA ALA A 876 13.29 -43.61 -17.75
C ALA A 876 13.76 -44.92 -17.13
N GLN A 877 14.79 -44.89 -16.29
CA GLN A 877 15.22 -46.11 -15.62
C GLN A 877 14.21 -46.57 -14.57
N TYR A 878 13.61 -45.63 -13.84
CA TYR A 878 12.49 -45.98 -12.97
C TYR A 878 11.33 -46.59 -13.76
N THR A 879 11.00 -46.01 -14.92
CA THR A 879 9.93 -46.55 -15.75
C THR A 879 10.26 -47.95 -16.25
N SER A 880 11.51 -48.17 -16.65
CA SER A 880 11.95 -49.49 -17.11
C SER A 880 11.89 -50.52 -15.99
N ALA A 881 12.30 -50.13 -14.78
CA ALA A 881 12.23 -51.05 -13.64
C ALA A 881 10.79 -51.40 -13.31
N LEU A 882 9.89 -50.41 -13.36
CA LEU A 882 8.47 -50.68 -13.11
C LEU A 882 7.90 -51.61 -14.16
N LEU A 883 8.25 -51.40 -15.44
CA LEU A 883 7.75 -52.25 -16.51
C LEU A 883 8.26 -53.68 -16.39
N ALA A 884 9.55 -53.85 -16.09
CA ALA A 884 10.12 -55.18 -15.93
C ALA A 884 9.50 -55.90 -14.74
N GLY A 885 9.26 -55.17 -13.64
CA GLY A 885 8.61 -55.78 -12.49
C GLY A 885 7.18 -56.19 -12.77
N THR A 886 6.43 -55.36 -13.50
CA THR A 886 5.03 -55.68 -13.73
C THR A 886 4.80 -56.68 -14.85
N ILE A 887 5.80 -56.92 -15.71
CA ILE A 887 5.66 -57.97 -16.73
C ILE A 887 6.45 -59.22 -16.38
N THR A 888 7.23 -59.21 -15.30
CA THR A 888 7.97 -60.38 -14.88
C THR A 888 7.38 -61.05 -13.64
N SER A 889 7.07 -60.26 -12.61
CA SER A 889 6.63 -60.80 -11.33
C SER A 889 5.17 -60.53 -11.01
N GLY A 890 4.42 -59.89 -11.91
CA GLY A 890 3.03 -59.58 -11.62
C GLY A 890 2.88 -58.45 -10.63
N TRP A 891 1.93 -58.60 -9.70
CA TRP A 891 1.75 -57.62 -8.63
C TRP A 891 2.45 -58.01 -7.34
N THR A 892 3.26 -59.08 -7.37
CA THR A 892 3.90 -59.56 -6.15
C THR A 892 5.03 -58.64 -5.70
N PHE A 893 5.69 -57.96 -6.64
CA PHE A 893 6.80 -57.09 -6.28
C PHE A 893 6.33 -55.78 -5.65
N GLY A 894 5.07 -55.41 -5.84
CA GLY A 894 4.55 -54.20 -5.22
C GLY A 894 4.26 -54.31 -3.74
N ALA A 895 4.09 -55.53 -3.24
CA ALA A 895 3.81 -55.77 -1.83
C ALA A 895 5.05 -56.16 -1.06
N GLY A 896 5.79 -57.16 -1.53
CA GLY A 896 7.02 -57.57 -0.90
C GLY A 896 8.07 -57.95 -1.92
N PRO A 897 8.70 -59.11 -1.71
CA PRO A 897 9.69 -59.59 -2.68
C PRO A 897 9.05 -59.99 -4.00
N ALA A 898 9.83 -59.89 -5.07
CA ALA A 898 9.35 -60.22 -6.40
C ALA A 898 9.31 -61.74 -6.58
N LEU A 899 8.14 -62.27 -6.87
CA LEU A 899 7.95 -63.70 -7.09
C LEU A 899 7.74 -63.95 -8.58
N GLN A 900 8.56 -64.82 -9.15
CA GLN A 900 8.52 -65.11 -10.58
C GLN A 900 7.24 -65.86 -10.96
N ILE A 901 6.79 -65.64 -12.19
CA ILE A 901 5.53 -66.20 -12.67
C ILE A 901 5.50 -66.16 -14.20
N PRO A 902 5.03 -67.21 -14.87
CA PRO A 902 4.80 -67.11 -16.31
C PRO A 902 3.71 -66.09 -16.63
N PHE A 903 3.90 -65.36 -17.73
CA PHE A 903 2.94 -64.33 -18.09
C PHE A 903 1.54 -64.84 -18.45
N PRO A 904 1.35 -65.94 -19.22
CA PRO A 904 -0.03 -66.44 -19.40
C PRO A 904 -0.70 -66.83 -18.10
N MET A 905 0.04 -67.39 -17.15
CA MET A 905 -0.55 -67.76 -15.87
C MET A 905 -0.95 -66.51 -15.08
N GLN A 906 -0.14 -65.46 -15.19
CA GLN A 906 -0.48 -64.16 -14.60
C GLN A 906 -1.75 -63.59 -15.22
N MET A 907 -1.87 -63.67 -16.54
CA MET A 907 -3.06 -63.15 -17.22
C MET A 907 -4.30 -63.95 -16.84
N ALA A 908 -4.14 -65.26 -16.63
CA ALA A 908 -5.24 -66.08 -16.15
C ALA A 908 -5.66 -65.69 -14.73
N TYR A 909 -4.67 -65.35 -13.88
CA TYR A 909 -4.99 -64.81 -12.56
C TYR A 909 -5.75 -63.50 -12.66
N ARG A 910 -5.36 -62.63 -13.60
CA ARG A 910 -6.04 -61.35 -13.75
C ARG A 910 -7.46 -61.52 -14.26
N PHE A 911 -7.71 -62.50 -15.15
CA PHE A 911 -9.08 -62.83 -15.52
C PHE A 911 -9.86 -63.40 -14.35
N ASN A 912 -9.20 -64.20 -13.50
CA ASN A 912 -9.89 -64.78 -12.34
C ASN A 912 -10.33 -63.72 -11.34
N GLY A 913 -9.72 -62.53 -11.37
CA GLY A 913 -10.10 -61.44 -10.50
C GLY A 913 -11.25 -60.58 -10.97
N ILE A 914 -11.72 -60.76 -12.21
CA ILE A 914 -12.82 -59.96 -12.73
C ILE A 914 -14.06 -60.80 -13.01
N GLY A 915 -14.10 -62.04 -12.51
CA GLY A 915 -15.28 -62.87 -12.64
C GLY A 915 -15.30 -63.79 -13.85
N VAL A 916 -14.16 -64.00 -14.51
CA VAL A 916 -14.06 -64.90 -15.65
C VAL A 916 -13.11 -66.02 -15.27
N THR A 917 -13.54 -67.26 -15.50
CA THR A 917 -12.72 -68.41 -15.17
C THR A 917 -11.49 -68.47 -16.08
N GLN A 918 -10.43 -69.11 -15.56
CA GLN A 918 -9.13 -69.08 -16.24
C GLN A 918 -9.08 -69.94 -17.49
N ASN A 919 -10.05 -70.84 -17.70
CA ASN A 919 -10.05 -71.65 -18.91
C ASN A 919 -10.37 -70.84 -20.17
N VAL A 920 -10.94 -69.65 -20.00
CA VAL A 920 -11.24 -68.79 -21.14
C VAL A 920 -9.96 -68.31 -21.81
N LEU A 921 -8.96 -67.92 -21.02
CA LEU A 921 -7.70 -67.45 -21.59
C LEU A 921 -6.93 -68.59 -22.26
N TYR A 922 -6.80 -69.73 -21.56
CA TYR A 922 -5.99 -70.83 -22.08
C TYR A 922 -6.56 -71.43 -23.35
N GLU A 923 -7.86 -71.30 -23.58
CA GLU A 923 -8.48 -71.74 -24.82
C GLU A 923 -8.52 -70.65 -25.87
N ASN A 924 -8.16 -69.41 -25.53
CA ASN A 924 -8.15 -68.29 -26.47
C ASN A 924 -6.89 -67.47 -26.30
N GLN A 925 -5.75 -68.13 -26.16
CA GLN A 925 -4.49 -67.41 -25.91
C GLN A 925 -4.04 -66.61 -27.12
N LYS A 926 -4.08 -67.23 -28.30
CA LYS A 926 -3.60 -66.58 -29.52
C LYS A 926 -4.46 -65.37 -29.89
N LEU A 927 -5.77 -65.49 -29.72
CA LEU A 927 -6.67 -64.39 -30.04
C LEU A 927 -6.43 -63.19 -29.14
N ILE A 928 -6.25 -63.43 -27.84
CA ILE A 928 -6.01 -62.33 -26.91
C ILE A 928 -4.65 -61.70 -27.15
N ALA A 929 -3.64 -62.51 -27.48
CA ALA A 929 -2.33 -61.96 -27.81
C ALA A 929 -2.40 -61.09 -29.06
N ASN A 930 -3.13 -61.55 -30.09
CA ASN A 930 -3.28 -60.77 -31.31
C ASN A 930 -4.03 -59.46 -31.06
N GLN A 931 -5.09 -59.51 -30.23
CA GLN A 931 -5.83 -58.29 -29.91
C GLN A 931 -4.96 -57.30 -29.14
N PHE A 932 -4.15 -57.79 -28.21
CA PHE A 932 -3.26 -56.90 -27.47
C PHE A 932 -2.22 -56.26 -28.39
N ASN A 933 -1.63 -57.05 -29.28
CA ASN A 933 -0.64 -56.50 -30.22
C ASN A 933 -1.27 -55.49 -31.17
N SER A 934 -2.50 -55.75 -31.63
CA SER A 934 -3.19 -54.79 -32.48
C SER A 934 -3.51 -53.50 -31.72
N ALA A 935 -3.88 -53.62 -30.45
CA ALA A 935 -4.15 -52.43 -29.64
C ALA A 935 -2.89 -51.59 -29.45
N ILE A 936 -1.75 -52.24 -29.21
CA ILE A 936 -0.50 -51.50 -29.09
C ILE A 936 -0.12 -50.84 -30.42
N GLY A 937 -0.30 -51.56 -31.53
CA GLY A 937 -0.03 -50.98 -32.84
C GLY A 937 -0.91 -49.80 -33.16
N LYS A 938 -2.17 -49.82 -32.72
CA LYS A 938 -3.06 -48.69 -32.95
C LYS A 938 -2.73 -47.51 -32.03
N ILE A 939 -2.35 -47.78 -30.78
CA ILE A 939 -2.06 -46.69 -29.86
C ILE A 939 -0.69 -46.07 -30.17
N GLN A 940 0.13 -46.76 -30.96
CA GLN A 940 1.37 -46.15 -31.46
C GLN A 940 1.10 -44.89 -32.27
N ASP A 941 0.22 -44.98 -33.27
CA ASP A 941 -0.05 -43.84 -34.13
C ASP A 941 -1.33 -43.09 -33.77
N SER A 942 -2.07 -43.52 -32.74
CA SER A 942 -3.19 -42.72 -32.25
C SER A 942 -2.72 -41.39 -31.69
N LEU A 943 -1.59 -41.40 -30.96
CA LEU A 943 -1.03 -40.15 -30.45
C LEU A 943 -0.42 -39.32 -31.57
N SER A 944 0.15 -39.97 -32.59
CA SER A 944 0.82 -39.25 -33.66
C SER A 944 -0.18 -38.60 -34.62
N SER A 945 -1.35 -39.21 -34.81
CA SER A 945 -2.32 -38.67 -35.75
C SER A 945 -2.95 -37.37 -35.21
N THR A 946 -3.37 -37.37 -33.95
CA THR A 946 -4.00 -36.20 -33.37
C THR A 946 -2.94 -35.35 -32.67
N PRO A 947 -2.76 -34.09 -33.06
CA PRO A 947 -1.74 -33.25 -32.44
C PRO A 947 -2.16 -32.60 -31.13
N SER A 948 -3.42 -32.71 -30.74
CA SER A 948 -3.93 -32.09 -29.52
C SER A 948 -4.09 -33.07 -28.37
N ALA A 949 -3.48 -34.25 -28.48
CA ALA A 949 -3.61 -35.26 -27.42
C ALA A 949 -2.84 -34.84 -26.17
N LEU A 950 -1.62 -34.33 -26.34
CA LEU A 950 -0.78 -33.94 -25.20
C LEU A 950 -0.96 -32.45 -24.89
N GLY A 951 -2.20 -32.09 -24.60
CA GLY A 951 -2.51 -30.69 -24.36
C GLY A 951 -2.05 -30.17 -23.02
N LYS A 952 -2.06 -31.01 -21.98
CA LYS A 952 -1.85 -30.54 -20.62
C LYS A 952 -0.40 -30.12 -20.37
N LEU A 953 0.56 -30.94 -20.85
CA LEU A 953 1.96 -30.60 -20.68
C LEU A 953 2.34 -29.35 -21.46
N GLN A 954 1.79 -29.21 -22.67
CA GLN A 954 2.00 -28.00 -23.46
C GLN A 954 1.39 -26.78 -22.78
N ASP A 955 0.22 -26.96 -22.15
CA ASP A 955 -0.37 -25.85 -21.40
C ASP A 955 0.50 -25.45 -20.21
N VAL A 956 1.12 -26.43 -19.55
CA VAL A 956 2.00 -26.13 -18.43
C VAL A 956 3.20 -25.29 -18.90
N VAL A 957 3.88 -25.75 -19.95
CA VAL A 957 5.06 -25.01 -20.41
C VAL A 957 4.68 -23.65 -20.99
N ASN A 958 3.51 -23.55 -21.65
CA ASN A 958 3.07 -22.27 -22.19
C ASN A 958 2.71 -21.30 -21.08
N HIS A 959 2.08 -21.79 -20.00
CA HIS A 959 1.76 -20.93 -18.86
C HIS A 959 3.03 -20.40 -18.19
N ASN A 960 4.03 -21.26 -18.02
CA ASN A 960 5.29 -20.82 -17.43
C ASN A 960 5.98 -19.77 -18.29
N ALA A 961 6.08 -20.03 -19.60
CA ALA A 961 6.75 -19.09 -20.50
C ALA A 961 5.98 -17.77 -20.58
N GLN A 962 4.64 -17.85 -20.60
CA GLN A 962 3.83 -16.64 -20.68
C GLN A 962 3.94 -15.80 -19.42
N ALA A 963 3.99 -16.44 -18.25
CA ALA A 963 4.17 -15.70 -17.00
C ALA A 963 5.53 -15.02 -16.94
N LEU A 964 6.59 -15.73 -17.36
CA LEU A 964 7.92 -15.11 -17.35
C LEU A 964 8.00 -13.95 -18.34
N ASN A 965 7.43 -14.12 -19.54
CA ASN A 965 7.44 -13.04 -20.53
C ASN A 965 6.61 -11.85 -20.05
N THR A 966 5.49 -12.11 -19.36
CA THR A 966 4.68 -11.03 -18.81
C THR A 966 5.44 -10.25 -17.75
N LEU A 967 6.18 -10.95 -16.89
CA LEU A 967 6.99 -10.27 -15.88
C LEU A 967 8.08 -9.41 -16.52
N VAL A 968 8.77 -9.96 -17.53
CA VAL A 968 9.86 -9.22 -18.16
C VAL A 968 9.32 -8.00 -18.93
N LYS A 969 8.18 -8.16 -19.59
CA LYS A 969 7.59 -7.03 -20.30
C LYS A 969 7.04 -5.98 -19.34
N GLN A 970 6.52 -6.42 -18.18
CA GLN A 970 6.01 -5.49 -17.19
C GLN A 970 7.13 -4.70 -16.54
N LEU A 971 8.35 -5.25 -16.52
CA LEU A 971 9.51 -4.55 -15.97
C LEU A 971 9.78 -3.21 -16.66
N SER A 972 9.37 -3.06 -17.92
CA SER A 972 9.70 -1.86 -18.71
C SER A 972 8.56 -0.84 -18.75
N SER A 973 7.80 -0.69 -17.67
CA SER A 973 6.74 0.30 -17.59
C SER A 973 7.24 1.54 -16.84
N LYS A 974 6.37 2.55 -16.75
CA LYS A 974 6.72 3.83 -16.14
C LYS A 974 6.06 4.07 -14.79
N PHE A 975 4.82 3.64 -14.62
CA PHE A 975 4.04 3.82 -13.38
C PHE A 975 3.98 5.29 -12.96
N GLY A 976 3.75 6.17 -13.93
CA GLY A 976 3.67 7.59 -13.65
C GLY A 976 4.97 8.24 -13.23
N ALA A 977 6.08 7.89 -13.87
CA ALA A 977 7.38 8.49 -13.62
C ALA A 977 7.87 9.18 -14.88
N ILE A 978 9.00 9.88 -14.75
CA ILE A 978 9.58 10.59 -15.89
C ILE A 978 10.11 9.61 -16.92
N SER A 979 10.81 8.57 -16.48
CA SER A 979 11.39 7.59 -17.39
C SER A 979 11.38 6.23 -16.73
N SER A 980 11.52 5.20 -17.57
CA SER A 980 11.51 3.81 -17.11
C SER A 980 12.90 3.28 -16.80
N VAL A 981 13.94 4.09 -16.91
CA VAL A 981 15.31 3.67 -16.67
C VAL A 981 15.84 4.42 -15.45
N LEU A 982 16.36 3.67 -14.48
CA LEU A 982 16.90 4.28 -13.27
C LEU A 982 18.16 5.09 -13.57
N ASN A 983 18.98 4.63 -14.51
CA ASN A 983 20.21 5.34 -14.85
C ASN A 983 19.91 6.71 -15.43
N ASP A 984 18.88 6.81 -16.30
CA ASP A 984 18.50 8.09 -16.86
C ASP A 984 17.97 9.03 -15.79
N ILE A 985 17.21 8.51 -14.83
CA ILE A 985 16.67 9.34 -13.75
C ILE A 985 17.79 9.86 -12.87
N LEU A 986 18.76 9.01 -12.51
CA LEU A 986 19.84 9.46 -11.65
C LEU A 986 20.80 10.39 -12.39
N SER A 987 20.98 10.21 -13.70
CA SER A 987 21.83 11.09 -14.47
C SER A 987 21.11 12.35 -14.93
N ARG A 988 19.80 12.44 -14.75
CA ARG A 988 19.02 13.60 -15.16
C ARG A 988 18.65 14.51 -14.00
N LEU A 989 18.25 13.94 -12.87
CA LEU A 989 17.74 14.70 -11.74
C LEU A 989 18.66 14.58 -10.53
N ASP A 990 18.68 15.63 -9.72
CA ASP A 990 19.33 15.57 -8.42
C ASP A 990 18.51 14.68 -7.48
N PRO A 991 19.15 14.08 -6.47
CA PRO A 991 18.47 13.10 -5.58
C PRO A 991 17.20 13.59 -4.88
N PRO A 992 17.10 14.85 -4.39
CA PRO A 992 15.92 15.19 -3.56
C PRO A 992 14.55 15.05 -4.22
N GLU A 993 14.46 15.03 -5.55
CA GLU A 993 13.24 14.55 -6.19
C GLU A 993 13.45 13.33 -7.07
N ALA A 994 14.70 12.91 -7.31
CA ALA A 994 14.93 11.62 -7.95
C ALA A 994 14.42 10.47 -7.08
N GLU A 995 14.51 10.62 -5.76
CA GLU A 995 14.02 9.56 -4.87
C GLU A 995 12.50 9.39 -4.98
N VAL A 996 11.76 10.50 -5.06
CA VAL A 996 10.30 10.36 -5.17
C VAL A 996 9.92 10.01 -6.61
N GLN A 997 10.77 10.31 -7.60
CA GLN A 997 10.53 9.81 -8.94
C GLN A 997 10.68 8.28 -9.01
N ILE A 998 11.68 7.73 -8.31
CA ILE A 998 11.93 6.28 -8.40
C ILE A 998 11.13 5.46 -7.41
N ASP A 999 10.54 6.08 -6.38
CA ASP A 999 9.72 5.33 -5.43
C ASP A 999 8.50 4.70 -6.10
N ARG A 1000 7.92 5.37 -7.09
CA ARG A 1000 6.81 4.79 -7.83
C ARG A 1000 7.24 3.58 -8.65
N LEU A 1001 8.47 3.61 -9.19
CA LEU A 1001 9.02 2.42 -9.83
C LEU A 1001 9.20 1.28 -8.85
N ILE A 1002 9.66 1.60 -7.63
CA ILE A 1002 9.79 0.59 -6.57
C ILE A 1002 8.44 -0.07 -6.30
N THR A 1003 7.40 0.74 -6.14
CA THR A 1003 6.07 0.21 -5.84
C THR A 1003 5.53 -0.65 -6.98
N GLY A 1004 5.69 -0.18 -8.23
CA GLY A 1004 5.17 -0.94 -9.35
C GLY A 1004 5.86 -2.28 -9.54
N ARG A 1005 7.20 -2.30 -9.46
CA ARG A 1005 7.93 -3.54 -9.66
C ARG A 1005 7.69 -4.50 -8.50
N LEU A 1006 7.58 -3.97 -7.28
CA LEU A 1006 7.28 -4.82 -6.12
C LEU A 1006 5.90 -5.45 -6.23
N GLN A 1007 4.90 -4.68 -6.68
CA GLN A 1007 3.55 -5.22 -6.85
C GLN A 1007 3.52 -6.29 -7.94
N SER A 1008 4.28 -6.07 -9.03
CA SER A 1008 4.36 -7.07 -10.09
C SER A 1008 4.98 -8.37 -9.58
N LEU A 1009 6.03 -8.26 -8.76
CA LEU A 1009 6.64 -9.46 -8.20
C LEU A 1009 5.68 -10.20 -7.27
N GLN A 1010 4.92 -9.46 -6.45
CA GLN A 1010 3.94 -10.09 -5.57
C GLN A 1010 2.87 -10.84 -6.36
N THR A 1011 2.38 -10.23 -7.45
CA THR A 1011 1.39 -10.90 -8.29
C THR A 1011 1.96 -12.17 -8.92
N TYR A 1012 3.20 -12.11 -9.40
CA TYR A 1012 3.82 -13.29 -10.00
C TYR A 1012 3.98 -14.42 -9.00
N VAL A 1013 4.41 -14.10 -7.78
CA VAL A 1013 4.59 -15.12 -6.75
C VAL A 1013 3.25 -15.75 -6.36
N THR A 1014 2.19 -14.94 -6.26
CA THR A 1014 0.88 -15.48 -5.91
C THR A 1014 0.36 -16.43 -6.99
N GLN A 1015 0.51 -16.03 -8.26
CA GLN A 1015 0.07 -16.91 -9.35
C GLN A 1015 0.87 -18.20 -9.38
N GLN A 1016 2.18 -18.13 -9.13
CA GLN A 1016 3.00 -19.34 -9.11
C GLN A 1016 2.62 -20.25 -7.95
N LEU A 1017 2.25 -19.67 -6.80
CA LEU A 1017 1.82 -20.49 -5.67
C LEU A 1017 0.53 -21.24 -5.97
N ILE A 1018 -0.43 -20.57 -6.62
CA ILE A 1018 -1.69 -21.23 -6.97
C ILE A 1018 -1.45 -22.35 -7.99
N ARG A 1019 -0.61 -22.08 -8.99
CA ARG A 1019 -0.30 -23.09 -9.99
C ARG A 1019 0.46 -24.27 -9.37
N ALA A 1020 1.32 -23.99 -8.38
CA ALA A 1020 2.03 -25.05 -7.69
C ALA A 1020 1.09 -25.94 -6.90
N ALA A 1021 0.07 -25.34 -6.26
CA ALA A 1021 -0.92 -26.15 -5.56
C ALA A 1021 -1.70 -27.05 -6.52
N GLU A 1022 -2.08 -26.52 -7.68
CA GLU A 1022 -2.78 -27.33 -8.68
C GLU A 1022 -1.90 -28.47 -9.19
N ILE A 1023 -0.61 -28.19 -9.42
CA ILE A 1023 0.33 -29.21 -9.88
C ILE A 1023 0.54 -30.27 -8.79
N ARG A 1024 0.54 -29.86 -7.51
CA ARG A 1024 0.63 -30.81 -6.41
C ARG A 1024 -0.56 -31.76 -6.40
N ALA A 1025 -1.77 -31.23 -6.61
CA ALA A 1025 -2.96 -32.10 -6.66
C ALA A 1025 -2.88 -33.09 -7.82
N SER A 1026 -2.44 -32.62 -8.98
CA SER A 1026 -2.30 -33.49 -10.15
C SER A 1026 -1.25 -34.58 -9.91
N ALA A 1027 -0.14 -34.21 -9.27
CA ALA A 1027 0.93 -35.18 -9.01
C ALA A 1027 0.51 -36.20 -7.96
N ASN A 1028 -0.29 -35.79 -6.97
CA ASN A 1028 -0.81 -36.74 -6.00
C ASN A 1028 -1.75 -37.73 -6.66
N LEU A 1029 -2.59 -37.26 -7.59
CA LEU A 1029 -3.45 -38.18 -8.34
C LEU A 1029 -2.63 -39.14 -9.19
N ALA A 1030 -1.56 -38.63 -9.82
CA ALA A 1030 -0.69 -39.49 -10.62
C ALA A 1030 0.02 -40.54 -9.78
N ALA A 1031 0.47 -40.17 -8.58
CA ALA A 1031 1.11 -41.13 -7.70
C ALA A 1031 0.13 -42.20 -7.23
N THR A 1032 -1.10 -41.80 -6.92
CA THR A 1032 -2.12 -42.78 -6.54
C THR A 1032 -2.43 -43.73 -7.69
N LYS A 1033 -2.53 -43.21 -8.90
CA LYS A 1033 -2.79 -44.08 -10.06
C LYS A 1033 -1.61 -44.99 -10.37
N MET A 1034 -0.39 -44.53 -10.11
CA MET A 1034 0.78 -45.40 -10.23
C MET A 1034 0.74 -46.52 -9.20
N SER A 1035 0.33 -46.21 -7.98
CA SER A 1035 0.30 -47.22 -6.92
C SER A 1035 -0.80 -48.25 -7.16
N GLU A 1036 -1.96 -47.83 -7.65
CA GLU A 1036 -3.10 -48.74 -7.73
C GLU A 1036 -3.21 -49.45 -9.07
N CYS A 1037 -3.10 -48.72 -10.19
CA CYS A 1037 -3.30 -49.34 -11.49
C CYS A 1037 -2.10 -50.19 -11.92
N VAL A 1038 -0.89 -49.74 -11.62
CA VAL A 1038 0.31 -50.41 -12.13
C VAL A 1038 0.77 -51.53 -11.20
N LEU A 1039 0.83 -51.26 -9.89
CA LEU A 1039 1.32 -52.25 -8.94
C LEU A 1039 0.25 -53.27 -8.53
N GLY A 1040 -0.96 -53.15 -9.03
CA GLY A 1040 -1.99 -54.11 -8.68
C GLY A 1040 -3.16 -53.99 -9.64
N GLN A 1041 -4.20 -54.77 -9.34
CA GLN A 1041 -5.44 -54.75 -10.11
C GLN A 1041 -6.49 -53.98 -9.32
N SER A 1042 -7.14 -53.03 -9.98
CA SER A 1042 -8.06 -52.11 -9.32
C SER A 1042 -9.50 -52.53 -9.60
N LYS A 1043 -10.31 -52.60 -8.54
CA LYS A 1043 -11.73 -52.87 -8.66
C LYS A 1043 -12.57 -51.61 -8.73
N ARG A 1044 -11.94 -50.44 -8.62
CA ARG A 1044 -12.67 -49.18 -8.68
C ARG A 1044 -13.16 -48.93 -10.10
N VAL A 1045 -14.44 -48.59 -10.23
CA VAL A 1045 -15.06 -48.45 -11.54
C VAL A 1045 -14.60 -47.15 -12.19
N ASP A 1046 -14.15 -47.26 -13.44
CA ASP A 1046 -13.76 -46.13 -14.29
C ASP A 1046 -12.63 -45.31 -13.65
N PHE A 1047 -11.71 -46.01 -12.99
CA PHE A 1047 -10.53 -45.38 -12.42
C PHE A 1047 -9.31 -45.60 -13.30
N CYS A 1048 -8.97 -46.86 -13.57
CA CYS A 1048 -7.87 -47.18 -14.47
C CYS A 1048 -8.42 -47.60 -15.83
N GLY A 1049 -8.89 -46.60 -16.57
CA GLY A 1049 -9.44 -46.83 -17.89
C GLY A 1049 -10.91 -47.19 -17.89
N LYS A 1050 -11.44 -47.41 -19.09
CA LYS A 1050 -12.84 -47.75 -19.29
C LYS A 1050 -12.99 -49.26 -19.42
N GLY A 1051 -13.92 -49.82 -18.65
CA GLY A 1051 -14.13 -51.25 -18.64
C GLY A 1051 -13.51 -51.91 -17.44
N TYR A 1052 -13.54 -53.24 -17.45
CA TYR A 1052 -12.94 -54.02 -16.37
C TYR A 1052 -11.42 -53.97 -16.48
N HIS A 1053 -10.78 -53.44 -15.45
CA HIS A 1053 -9.34 -53.21 -15.50
C HIS A 1053 -8.57 -54.52 -15.49
N LEU A 1054 -7.55 -54.60 -16.36
CA LEU A 1054 -6.65 -55.74 -16.41
C LEU A 1054 -5.24 -55.36 -16.02
N MET A 1055 -4.61 -54.43 -16.73
CA MET A 1055 -3.23 -54.05 -16.46
C MET A 1055 -3.03 -52.57 -16.75
N SER A 1056 -1.85 -52.07 -16.41
CA SER A 1056 -1.47 -50.71 -16.74
C SER A 1056 0.05 -50.64 -16.91
N PHE A 1057 0.49 -49.76 -17.81
CA PHE A 1057 1.91 -49.59 -18.10
C PHE A 1057 2.27 -48.11 -18.02
N PRO A 1058 3.36 -47.76 -17.34
CA PRO A 1058 3.77 -46.35 -17.27
C PRO A 1058 4.76 -45.96 -18.35
N GLN A 1059 4.66 -44.71 -18.79
CA GLN A 1059 5.62 -44.11 -19.71
C GLN A 1059 5.92 -42.69 -19.21
N SER A 1060 7.17 -42.26 -19.37
CA SER A 1060 7.55 -40.92 -18.97
C SER A 1060 7.31 -39.93 -20.10
N ALA A 1061 7.02 -38.70 -19.74
CA ALA A 1061 6.79 -37.62 -20.68
C ALA A 1061 7.39 -36.36 -20.10
N PRO A 1062 7.74 -35.38 -20.95
CA PRO A 1062 8.25 -34.11 -20.43
C PRO A 1062 7.26 -33.44 -19.49
N HIS A 1063 7.66 -33.33 -18.23
CA HIS A 1063 6.84 -32.80 -17.13
C HIS A 1063 5.57 -33.61 -16.92
N GLY A 1064 5.61 -34.93 -17.12
CA GLY A 1064 4.40 -35.68 -16.89
C GLY A 1064 4.59 -37.18 -17.06
N VAL A 1065 3.48 -37.90 -16.86
CA VAL A 1065 3.44 -39.34 -16.97
C VAL A 1065 2.25 -39.73 -17.86
N VAL A 1066 2.39 -40.86 -18.54
CA VAL A 1066 1.36 -41.38 -19.43
C VAL A 1066 1.08 -42.82 -19.03
N PHE A 1067 -0.17 -43.12 -18.70
CA PHE A 1067 -0.58 -44.48 -18.35
C PHE A 1067 -1.27 -45.12 -19.54
N LEU A 1068 -0.85 -46.34 -19.87
CA LEU A 1068 -1.51 -47.16 -20.88
C LEU A 1068 -2.33 -48.21 -20.13
N HIS A 1069 -3.65 -48.05 -20.15
CA HIS A 1069 -4.57 -48.90 -19.41
C HIS A 1069 -5.08 -50.00 -20.33
N VAL A 1070 -4.84 -51.25 -19.95
CA VAL A 1070 -5.32 -52.42 -20.68
C VAL A 1070 -6.53 -52.94 -19.93
N THR A 1071 -7.67 -53.01 -20.62
CA THR A 1071 -8.96 -53.33 -20.02
C THR A 1071 -9.71 -54.35 -20.85
N TYR A 1072 -10.67 -54.99 -20.20
CA TYR A 1072 -11.51 -56.05 -20.75
C TYR A 1072 -12.89 -55.47 -21.04
N VAL A 1073 -13.38 -55.64 -22.27
CA VAL A 1073 -14.64 -55.08 -22.71
C VAL A 1073 -15.49 -56.22 -23.25
N PRO A 1074 -16.77 -56.31 -22.89
CA PRO A 1074 -17.64 -57.33 -23.49
C PRO A 1074 -17.92 -57.04 -24.95
N ALA A 1075 -18.57 -58.00 -25.60
CA ALA A 1075 -18.73 -58.02 -27.04
C ALA A 1075 -20.06 -58.68 -27.36
N GLN A 1076 -20.18 -59.21 -28.58
CA GLN A 1076 -21.38 -59.79 -29.20
C GLN A 1076 -22.26 -60.54 -28.20
N GLU A 1077 -23.54 -60.17 -28.19
CA GLU A 1077 -24.46 -60.51 -27.12
C GLU A 1077 -25.52 -61.47 -27.62
N LYS A 1078 -26.09 -62.23 -26.70
CA LYS A 1078 -27.28 -63.01 -26.97
C LYS A 1078 -28.23 -62.90 -25.79
N ASN A 1079 -29.52 -62.74 -26.09
CA ASN A 1079 -30.53 -62.69 -25.06
C ASN A 1079 -31.14 -64.07 -24.79
N PHE A 1080 -31.62 -64.26 -23.57
CA PHE A 1080 -32.06 -65.56 -23.10
C PHE A 1080 -33.16 -65.37 -22.07
N THR A 1081 -33.89 -66.46 -21.82
CA THR A 1081 -34.85 -66.51 -20.74
C THR A 1081 -34.15 -66.99 -19.47
N THR A 1082 -34.45 -66.33 -18.36
CA THR A 1082 -33.79 -66.61 -17.09
C THR A 1082 -34.82 -66.84 -15.99
N ALA A 1083 -34.40 -67.58 -14.97
CA ALA A 1083 -35.23 -67.88 -13.81
C ALA A 1083 -34.39 -67.71 -12.55
N PRO A 1084 -35.00 -67.31 -11.43
CA PRO A 1084 -34.22 -67.17 -10.19
C PRO A 1084 -33.92 -68.48 -9.48
N ALA A 1085 -34.73 -69.52 -9.68
CA ALA A 1085 -34.52 -70.78 -8.97
C ALA A 1085 -35.12 -71.92 -9.77
N ILE A 1086 -34.74 -73.14 -9.40
CA ILE A 1086 -35.20 -74.37 -10.03
C ILE A 1086 -35.89 -75.22 -8.99
N CYS A 1087 -37.10 -75.70 -9.32
CA CYS A 1087 -37.86 -76.59 -8.45
C CYS A 1087 -37.69 -78.02 -8.96
N HIS A 1088 -37.17 -78.90 -8.10
CA HIS A 1088 -36.89 -80.27 -8.49
C HIS A 1088 -37.77 -81.28 -7.76
N ASP A 1089 -37.73 -81.30 -6.42
CA ASP A 1089 -38.47 -82.26 -5.61
C ASP A 1089 -39.16 -81.54 -4.46
N GLY A 1090 -39.84 -80.44 -4.77
CA GLY A 1090 -40.38 -79.59 -3.73
C GLY A 1090 -39.36 -78.74 -3.02
N LYS A 1091 -38.14 -78.65 -3.57
CA LYS A 1091 -37.07 -77.87 -2.99
C LYS A 1091 -36.51 -76.91 -4.03
N ALA A 1092 -36.01 -75.77 -3.57
CA ALA A 1092 -35.51 -74.72 -4.44
C ALA A 1092 -34.00 -74.84 -4.61
N HIS A 1093 -33.55 -74.73 -5.84
CA HIS A 1093 -32.13 -74.81 -6.19
C HIS A 1093 -31.67 -73.44 -6.67
N PHE A 1094 -30.66 -72.88 -6.00
CA PHE A 1094 -30.11 -71.60 -6.36
C PHE A 1094 -28.69 -71.78 -6.89
N PRO A 1095 -28.25 -70.96 -7.85
CA PRO A 1095 -26.91 -71.15 -8.41
C PRO A 1095 -25.83 -70.83 -7.40
N ARG A 1096 -24.84 -71.72 -7.30
CA ARG A 1096 -23.69 -71.47 -6.43
C ARG A 1096 -22.89 -70.27 -6.94
N GLU A 1097 -22.67 -70.23 -8.26
CA GLU A 1097 -22.15 -69.04 -8.93
C GLU A 1097 -22.56 -69.13 -10.39
N GLY A 1098 -23.07 -68.01 -10.93
CA GLY A 1098 -23.55 -67.98 -12.29
C GLY A 1098 -25.01 -67.55 -12.36
N VAL A 1099 -25.72 -68.10 -13.34
CA VAL A 1099 -27.06 -67.66 -13.70
C VAL A 1099 -27.73 -68.76 -14.50
N PHE A 1100 -29.04 -68.90 -14.33
CA PHE A 1100 -29.84 -69.90 -15.04
C PHE A 1100 -30.28 -69.35 -16.39
N VAL A 1101 -30.02 -70.11 -17.45
CA VAL A 1101 -30.19 -69.66 -18.83
C VAL A 1101 -30.93 -70.74 -19.62
N SER A 1102 -31.96 -70.34 -20.36
CA SER A 1102 -32.69 -71.26 -21.23
C SER A 1102 -32.57 -70.80 -22.67
N ASN A 1103 -32.26 -71.73 -23.58
CA ASN A 1103 -32.26 -71.37 -24.99
C ASN A 1103 -33.66 -71.45 -25.61
N GLY A 1104 -34.63 -72.01 -24.89
CA GLY A 1104 -35.97 -72.19 -25.40
C GLY A 1104 -36.53 -73.55 -25.05
N THR A 1105 -35.67 -74.57 -24.99
CA THR A 1105 -36.07 -75.92 -24.65
C THR A 1105 -35.49 -76.41 -23.34
N HIS A 1106 -34.18 -76.33 -23.18
CA HIS A 1106 -33.49 -76.85 -22.00
C HIS A 1106 -32.91 -75.72 -21.17
N TRP A 1107 -32.55 -76.04 -19.93
CA TRP A 1107 -32.01 -75.07 -18.98
C TRP A 1107 -30.58 -75.43 -18.62
N PHE A 1108 -29.74 -74.41 -18.50
CA PHE A 1108 -28.33 -74.54 -18.18
C PHE A 1108 -27.98 -73.50 -17.11
N VAL A 1109 -26.76 -73.61 -16.60
CA VAL A 1109 -26.19 -72.61 -15.70
C VAL A 1109 -24.87 -72.14 -16.30
N THR A 1110 -24.61 -70.84 -16.22
CA THR A 1110 -23.41 -70.29 -16.82
C THR A 1110 -22.88 -69.13 -16.00
N GLN A 1111 -21.61 -68.81 -16.22
CA GLN A 1111 -21.02 -67.64 -15.58
C GLN A 1111 -21.56 -66.36 -16.22
N ARG A 1112 -21.45 -65.26 -15.47
CA ARG A 1112 -22.16 -64.04 -15.83
C ARG A 1112 -21.56 -63.35 -17.04
N ASN A 1113 -20.23 -63.22 -17.08
CA ASN A 1113 -19.57 -62.39 -18.08
C ASN A 1113 -19.17 -63.13 -19.35
N PHE A 1114 -19.51 -64.41 -19.46
CA PHE A 1114 -19.18 -65.17 -20.66
C PHE A 1114 -20.17 -66.31 -20.79
N TYR A 1115 -20.56 -66.61 -22.04
CA TYR A 1115 -21.53 -67.67 -22.29
C TYR A 1115 -20.83 -69.01 -22.29
N GLU A 1116 -21.15 -69.83 -21.29
CA GLU A 1116 -20.59 -71.18 -21.17
C GLU A 1116 -21.62 -72.08 -20.51
N PRO A 1117 -22.57 -72.61 -21.27
CA PRO A 1117 -23.66 -73.38 -20.67
C PRO A 1117 -23.17 -74.75 -20.20
N GLN A 1118 -23.65 -75.15 -19.02
CA GLN A 1118 -23.36 -76.46 -18.45
C GLN A 1118 -24.65 -77.07 -17.91
N ILE A 1119 -24.63 -78.40 -17.81
CA ILE A 1119 -25.78 -79.12 -17.28
C ILE A 1119 -25.96 -78.81 -15.81
N ILE A 1120 -27.20 -78.52 -15.40
CA ILE A 1120 -27.49 -78.18 -14.02
C ILE A 1120 -27.38 -79.45 -13.17
N THR A 1121 -26.33 -79.55 -12.38
CA THR A 1121 -26.10 -80.67 -11.49
C THR A 1121 -26.29 -80.22 -10.04
N THR A 1122 -26.13 -81.17 -9.12
CA THR A 1122 -26.23 -80.88 -7.70
C THR A 1122 -24.98 -80.21 -7.15
N ASP A 1123 -23.89 -80.18 -7.92
CA ASP A 1123 -22.67 -79.50 -7.51
C ASP A 1123 -22.61 -78.05 -8.00
N ASN A 1124 -23.45 -77.67 -8.95
CA ASN A 1124 -23.53 -76.29 -9.42
C ASN A 1124 -24.53 -75.45 -8.63
N THR A 1125 -25.41 -76.08 -7.86
CA THR A 1125 -26.49 -75.40 -7.16
C THR A 1125 -26.47 -75.78 -5.69
N PHE A 1126 -27.19 -75.00 -4.89
CA PHE A 1126 -27.39 -75.30 -3.48
C PHE A 1126 -28.87 -75.20 -3.15
N VAL A 1127 -29.30 -75.98 -2.16
CA VAL A 1127 -30.71 -76.10 -1.78
C VAL A 1127 -30.99 -75.17 -0.62
N SER A 1128 -32.09 -74.41 -0.72
CA SER A 1128 -32.48 -73.50 0.36
C SER A 1128 -34.00 -73.35 0.32
N GLY A 1129 -34.67 -74.03 1.25
CA GLY A 1129 -36.11 -73.86 1.41
C GLY A 1129 -36.94 -74.71 0.48
N ASN A 1130 -38.25 -74.56 0.62
CA ASN A 1130 -39.23 -75.28 -0.19
C ASN A 1130 -39.57 -74.47 -1.44
N CYS A 1131 -40.65 -74.85 -2.11
CA CYS A 1131 -40.96 -74.37 -3.45
C CYS A 1131 -42.25 -73.55 -3.47
N ASP A 1132 -42.46 -72.68 -2.47
CA ASP A 1132 -43.65 -71.84 -2.48
C ASP A 1132 -43.38 -70.42 -2.00
N VAL A 1133 -42.13 -69.97 -1.96
CA VAL A 1133 -41.82 -68.66 -1.43
C VAL A 1133 -41.14 -67.80 -2.49
N VAL A 1134 -40.48 -68.45 -3.45
CA VAL A 1134 -39.74 -67.72 -4.48
C VAL A 1134 -40.69 -67.39 -5.63
N ILE A 1135 -40.66 -66.14 -6.08
CA ILE A 1135 -41.49 -65.69 -7.19
C ILE A 1135 -40.72 -65.88 -8.48
N GLY A 1136 -41.27 -66.68 -9.40
CA GLY A 1136 -40.64 -66.93 -10.67
C GLY A 1136 -39.91 -68.26 -10.80
N ILE A 1137 -40.07 -69.16 -9.83
CA ILE A 1137 -39.42 -70.45 -9.90
C ILE A 1137 -40.07 -71.30 -11.00
N VAL A 1138 -39.25 -72.12 -11.68
CA VAL A 1138 -39.70 -72.92 -12.80
C VAL A 1138 -39.42 -74.39 -12.52
N ASN A 1139 -40.07 -75.24 -13.31
CA ASN A 1139 -39.93 -76.69 -13.15
C ASN A 1139 -38.82 -77.22 -14.05
N ASN A 1140 -37.89 -77.96 -13.45
CA ASN A 1140 -36.81 -78.60 -14.18
C ASN A 1140 -36.27 -79.74 -13.32
N THR A 1141 -35.43 -80.56 -13.93
CA THR A 1141 -34.78 -81.68 -13.26
C THR A 1141 -33.31 -81.37 -13.04
N VAL A 1142 -32.83 -81.65 -11.84
CA VAL A 1142 -31.43 -81.45 -11.48
C VAL A 1142 -30.74 -82.81 -11.50
N TYR A 1143 -29.74 -82.96 -12.35
CA TYR A 1143 -29.07 -84.24 -12.54
C TYR A 1143 -28.13 -84.53 -11.37
N ASP A 1144 -28.19 -85.75 -10.85
CA ASP A 1144 -27.31 -86.18 -9.78
C ASP A 1144 -26.21 -87.05 -10.37
N PRO A 1145 -24.93 -86.65 -10.29
CA PRO A 1145 -23.87 -87.45 -10.89
C PRO A 1145 -23.51 -88.71 -10.12
N LEU A 1146 -24.20 -89.02 -9.03
CA LEU A 1146 -23.88 -90.18 -8.20
C LEU A 1146 -24.85 -91.35 -8.41
N GLN A 1147 -26.14 -91.07 -8.57
CA GLN A 1147 -27.15 -92.12 -8.62
C GLN A 1147 -27.02 -93.08 -9.82
N PRO A 1148 -26.83 -92.63 -11.07
CA PRO A 1148 -26.68 -93.64 -12.15
C PRO A 1148 -25.43 -94.49 -12.03
N GLU A 1149 -24.34 -93.94 -11.49
CA GLU A 1149 -23.15 -94.74 -11.24
C GLU A 1149 -23.43 -95.84 -10.22
N LEU A 1150 -24.17 -95.51 -9.17
CA LEU A 1150 -24.53 -96.50 -8.16
C LEU A 1150 -25.47 -97.55 -8.74
N ASP A 1151 -26.45 -97.12 -9.53
CA ASP A 1151 -27.39 -98.07 -10.14
C ASP A 1151 -26.73 -98.95 -11.20
N SER A 1152 -25.62 -98.50 -11.79
CA SER A 1152 -24.93 -99.28 -12.80
C SER A 1152 -23.90 -100.23 -12.20
N PHE A 1153 -23.19 -99.83 -11.15
CA PHE A 1153 -22.08 -100.63 -10.67
C PHE A 1153 -22.47 -101.62 -9.58
N LYS A 1154 -23.53 -101.34 -8.82
CA LYS A 1154 -23.95 -102.26 -7.76
C LYS A 1154 -24.61 -103.51 -8.33
N GLU A 1155 -25.45 -103.35 -9.35
CA GLU A 1155 -26.24 -104.45 -9.88
C GLU A 1155 -25.42 -105.31 -10.84
N THR B 32 59.60 -2.59 16.71
CA THR B 32 58.90 -3.83 16.44
C THR B 32 57.64 -3.57 15.62
N GLN B 33 57.44 -4.34 14.55
CA GLN B 33 56.26 -4.26 13.71
C GLN B 33 55.71 -5.65 13.40
N SER B 34 55.84 -6.58 14.33
CA SER B 34 55.39 -7.95 14.10
C SER B 34 53.88 -8.04 14.06
N TYR B 35 53.38 -8.97 13.27
CA TYR B 35 51.94 -9.17 13.06
C TYR B 35 51.50 -10.43 13.78
N THR B 36 50.30 -10.37 14.39
CA THR B 36 49.75 -11.51 15.09
C THR B 36 48.24 -11.49 14.93
N ASN B 37 47.64 -12.66 14.70
CA ASN B 37 46.20 -12.73 14.59
C ASN B 37 45.51 -12.64 15.96
N SER B 38 44.27 -12.16 15.94
CA SER B 38 43.45 -12.04 17.15
C SER B 38 42.22 -12.91 16.97
N PHE B 39 42.03 -13.88 17.88
CA PHE B 39 41.09 -14.96 17.63
C PHE B 39 39.63 -14.53 17.78
N THR B 40 39.22 -14.20 19.00
CA THR B 40 37.81 -13.91 19.30
C THR B 40 37.71 -12.68 20.20
N ARG B 41 38.46 -11.63 19.87
CA ARG B 41 38.46 -10.42 20.68
C ARG B 41 38.05 -9.22 19.83
N GLY B 42 37.50 -8.21 20.51
CA GLY B 42 37.10 -6.99 19.83
C GLY B 42 35.59 -6.84 19.70
N VAL B 43 34.85 -7.26 20.72
CA VAL B 43 33.40 -7.15 20.73
C VAL B 43 33.00 -6.23 21.87
N TYR B 44 31.81 -5.64 21.74
CA TYR B 44 31.28 -4.77 22.77
C TYR B 44 29.76 -4.68 22.63
N TYR B 45 29.12 -4.23 23.69
CA TYR B 45 27.67 -4.05 23.67
C TYR B 45 27.32 -2.87 22.78
N PRO B 46 26.54 -3.06 21.71
CA PRO B 46 26.24 -1.93 20.81
C PRO B 46 25.30 -0.90 21.42
N ASP B 47 24.50 -1.27 22.42
CA ASP B 47 23.50 -0.38 22.97
C ASP B 47 23.21 -0.77 24.42
N LYS B 48 22.28 -0.05 25.03
CA LYS B 48 21.99 -0.18 26.45
C LYS B 48 20.81 -1.11 26.74
N VAL B 49 20.25 -1.76 25.73
CA VAL B 49 19.05 -2.56 25.92
C VAL B 49 19.40 -3.90 26.54
N PHE B 50 18.37 -4.59 27.03
CA PHE B 50 18.50 -5.89 27.69
C PHE B 50 17.81 -6.93 26.82
N ARG B 51 18.54 -7.98 26.45
CA ARG B 51 17.97 -9.10 25.70
C ARG B 51 18.34 -10.40 26.40
N SER B 52 17.39 -11.34 26.42
CA SER B 52 17.53 -12.57 27.17
C SER B 52 17.25 -13.77 26.27
N SER B 53 18.19 -14.71 26.24
CA SER B 53 18.07 -16.00 25.54
C SER B 53 17.81 -15.86 24.05
N VAL B 54 18.39 -14.84 23.40
CA VAL B 54 18.11 -14.62 21.99
C VAL B 54 19.41 -14.42 21.21
N LEU B 55 19.32 -14.63 19.91
CA LEU B 55 20.40 -14.32 18.98
C LEU B 55 20.02 -13.05 18.24
N HIS B 56 20.89 -12.04 18.30
CA HIS B 56 20.60 -10.74 17.71
C HIS B 56 21.67 -10.38 16.69
N SER B 57 21.24 -9.98 15.50
CA SER B 57 22.15 -9.61 14.43
C SER B 57 22.25 -8.09 14.36
N THR B 58 23.48 -7.58 14.40
CA THR B 58 23.71 -6.14 14.39
C THR B 58 24.75 -5.78 13.34
N GLN B 59 24.61 -4.57 12.80
CA GLN B 59 25.54 -4.02 11.82
C GLN B 59 26.21 -2.82 12.47
N ASP B 60 27.49 -2.95 12.80
CA ASP B 60 28.17 -1.96 13.62
C ASP B 60 29.67 -2.13 13.41
N LEU B 61 30.41 -1.08 13.73
CA LEU B 61 31.87 -1.14 13.69
C LEU B 61 32.39 -2.15 14.71
N PHE B 62 33.24 -3.06 14.26
CA PHE B 62 33.77 -4.14 15.08
C PHE B 62 35.17 -4.48 14.61
N LEU B 63 35.87 -5.26 15.43
CA LEU B 63 37.14 -5.84 15.03
C LEU B 63 36.90 -7.24 14.47
N PRO B 64 37.26 -7.51 13.21
CA PRO B 64 36.92 -8.80 12.60
C PRO B 64 37.66 -9.96 13.25
N PHE B 65 37.02 -11.13 13.19
CA PHE B 65 37.61 -12.34 13.73
C PHE B 65 38.80 -12.77 12.89
N PHE B 66 39.85 -13.26 13.57
CA PHE B 66 41.09 -13.74 12.95
C PHE B 66 41.76 -12.67 12.10
N SER B 67 41.66 -11.42 12.52
CA SER B 67 42.34 -10.32 11.86
C SER B 67 43.72 -10.11 12.47
N ASN B 68 44.64 -9.59 11.67
CA ASN B 68 45.99 -9.33 12.12
C ASN B 68 46.12 -7.98 12.80
N VAL B 69 46.99 -7.91 13.81
CA VAL B 69 47.27 -6.69 14.55
C VAL B 69 48.78 -6.57 14.70
N THR B 70 49.24 -5.34 14.88
CA THR B 70 50.66 -5.04 14.98
C THR B 70 51.10 -5.00 16.44
N TRP B 71 52.40 -5.21 16.66
CA TRP B 71 52.99 -5.21 17.99
C TRP B 71 54.02 -4.08 18.08
N PHE B 72 53.66 -2.99 18.75
CA PHE B 72 54.63 -1.96 19.09
C PHE B 72 55.24 -2.26 20.45
N HIS B 73 56.56 -2.13 20.55
CA HIS B 73 57.29 -2.50 21.74
C HIS B 73 58.19 -1.34 22.14
N ALA B 74 58.15 -0.96 23.41
CA ALA B 74 59.00 0.10 23.94
C ALA B 74 60.28 -0.51 24.51
N ILE B 75 61.43 -0.06 24.01
CA ILE B 75 62.70 -0.63 24.40
C ILE B 75 63.11 -0.05 25.77
N SER B 76 64.06 -0.72 26.42
CA SER B 76 64.48 -0.34 27.77
C SER B 76 65.13 1.05 27.79
N GLY B 77 66.03 1.32 26.84
CA GLY B 77 66.64 2.62 26.73
C GLY B 77 67.51 3.03 27.91
N THR B 78 68.66 2.35 28.08
CA THR B 78 69.55 2.66 29.20
C THR B 78 70.13 4.05 29.06
N ASN B 79 70.62 4.40 27.88
CA ASN B 79 71.13 5.74 27.65
C ASN B 79 69.96 6.71 27.46
N GLY B 80 70.22 7.98 27.70
CA GLY B 80 69.18 8.99 27.79
C GLY B 80 68.83 9.74 26.52
N THR B 81 69.34 9.34 25.35
CA THR B 81 69.16 10.20 24.17
C THR B 81 67.81 9.97 23.48
N LYS B 82 67.64 8.81 22.84
CA LYS B 82 66.46 8.54 22.03
C LYS B 82 66.12 7.06 22.08
N ARG B 83 64.85 6.74 21.83
CA ARG B 83 64.46 5.36 21.55
C ARG B 83 63.59 5.25 20.30
N PHE B 84 62.77 6.28 20.04
CA PHE B 84 61.77 6.29 18.97
C PHE B 84 60.85 5.07 19.04
N ASP B 85 60.40 4.75 20.25
CA ASP B 85 59.46 3.65 20.45
C ASP B 85 58.01 4.06 20.28
N ASN B 86 57.72 5.36 20.18
CA ASN B 86 56.36 5.88 20.19
C ASN B 86 56.07 6.59 18.88
N PRO B 87 55.54 5.91 17.88
CA PRO B 87 55.19 6.55 16.61
C PRO B 87 53.73 6.99 16.58
N VAL B 88 53.39 7.70 15.51
CA VAL B 88 52.04 8.23 15.31
C VAL B 88 51.26 7.25 14.45
N LEU B 89 49.96 7.08 14.77
CA LEU B 89 49.14 6.08 14.11
C LEU B 89 48.02 6.73 13.28
N PRO B 90 47.60 6.10 12.18
CA PRO B 90 46.63 6.74 11.28
C PRO B 90 45.25 7.04 11.86
N PHE B 91 44.75 6.24 12.80
CA PHE B 91 43.41 6.41 13.41
C PHE B 91 42.31 6.50 12.35
N ASN B 92 42.06 5.38 11.69
CA ASN B 92 40.87 5.26 10.86
C ASN B 92 39.75 4.55 11.63
N ASP B 93 38.56 5.14 11.59
CA ASP B 93 37.24 4.67 12.06
C ASP B 93 37.26 3.75 13.28
N GLY B 94 37.84 4.23 14.39
CA GLY B 94 37.82 3.49 15.64
C GLY B 94 39.06 2.66 15.87
N VAL B 95 39.50 2.56 17.13
CA VAL B 95 40.74 1.84 17.45
C VAL B 95 40.51 0.93 18.64
N TYR B 96 40.84 -0.35 18.47
CA TYR B 96 40.89 -1.31 19.56
C TYR B 96 42.28 -1.32 20.17
N PHE B 97 42.34 -1.48 21.49
CA PHE B 97 43.58 -1.40 22.24
C PHE B 97 43.60 -2.50 23.30
N ALA B 98 44.78 -3.04 23.58
CA ALA B 98 44.91 -4.06 24.60
C ALA B 98 46.31 -4.02 25.19
N SER B 99 46.42 -4.44 26.44
CA SER B 99 47.71 -4.48 27.11
C SER B 99 47.70 -5.55 28.19
N THR B 100 48.89 -6.03 28.52
CA THR B 100 49.07 -6.91 29.67
C THR B 100 50.47 -6.70 30.24
N GLU B 101 50.53 -6.36 31.53
CA GLU B 101 51.77 -6.10 32.24
C GLU B 101 51.47 -6.06 33.73
N LYS B 102 52.50 -6.32 34.53
CA LYS B 102 52.35 -6.28 35.98
C LYS B 102 52.29 -4.85 36.50
N SER B 103 53.13 -3.96 35.97
CA SER B 103 53.28 -2.61 36.48
C SER B 103 52.25 -1.68 35.84
N ASN B 104 52.43 -0.38 36.02
CA ASN B 104 51.54 0.64 35.48
C ASN B 104 52.29 1.60 34.58
N ILE B 105 53.18 1.05 33.74
CA ILE B 105 53.94 1.87 32.80
C ILE B 105 53.03 2.50 31.76
N ILE B 106 52.09 1.73 31.24
CA ILE B 106 51.11 2.27 30.28
C ILE B 106 50.14 3.20 31.01
N ARG B 107 50.24 4.50 30.71
CA ARG B 107 49.41 5.51 31.35
C ARG B 107 49.36 6.71 30.41
N GLY B 108 48.22 6.93 29.77
CA GLY B 108 48.05 8.12 28.96
C GLY B 108 47.74 7.89 27.50
N TRP B 109 46.92 8.76 26.93
CA TRP B 109 46.56 8.73 25.52
C TRP B 109 46.24 10.15 25.09
N ILE B 110 46.88 10.64 24.02
CA ILE B 110 46.58 11.95 23.49
C ILE B 110 46.02 11.78 22.08
N PHE B 111 45.00 12.57 21.75
CA PHE B 111 44.29 12.50 20.49
C PHE B 111 44.40 13.84 19.78
N GLY B 112 43.97 13.87 18.52
CA GLY B 112 43.86 15.12 17.79
C GLY B 112 44.29 15.05 16.35
N THR B 113 43.72 15.93 15.52
CA THR B 113 44.02 15.91 14.10
C THR B 113 45.39 16.50 13.79
N THR B 114 45.88 17.43 14.61
CA THR B 114 47.13 18.13 14.31
C THR B 114 48.15 18.06 15.43
N LEU B 115 47.70 18.19 16.69
CA LEU B 115 48.56 18.32 17.87
C LEU B 115 49.54 19.48 17.71
N ASP B 116 48.98 20.68 17.63
CA ASP B 116 49.77 21.88 17.40
C ASP B 116 49.10 23.05 18.13
N SER B 117 49.47 24.27 17.74
CA SER B 117 49.01 25.48 18.42
C SER B 117 47.71 26.03 17.85
N LYS B 118 47.14 25.40 16.82
CA LYS B 118 45.97 25.96 16.15
C LYS B 118 44.68 25.19 16.37
N THR B 119 44.74 23.90 16.73
CA THR B 119 43.56 23.07 16.82
C THR B 119 43.57 22.30 18.13
N GLN B 120 42.39 21.97 18.63
CA GLN B 120 42.21 21.32 19.93
C GLN B 120 42.77 19.91 19.91
N SER B 121 43.08 19.40 21.09
CA SER B 121 43.61 18.05 21.24
C SER B 121 43.17 17.47 22.57
N LEU B 122 42.83 16.18 22.57
CA LEU B 122 42.28 15.53 23.75
C LEU B 122 43.35 14.75 24.49
N LEU B 123 43.18 14.64 25.81
CA LEU B 123 44.14 14.03 26.70
C LEU B 123 43.41 13.23 27.78
N ILE B 124 43.98 12.07 28.13
CA ILE B 124 43.49 11.23 29.22
C ILE B 124 44.72 10.77 29.99
N VAL B 125 44.98 11.36 31.16
CA VAL B 125 46.06 10.90 32.02
C VAL B 125 45.47 10.34 33.31
N ASN B 126 45.81 9.09 33.59
CA ASN B 126 45.45 8.47 34.86
C ASN B 126 46.45 8.89 35.93
N ASN B 127 45.94 9.39 37.05
CA ASN B 127 46.78 9.70 38.20
C ASN B 127 47.04 8.41 38.98
N ALA B 128 47.54 8.55 40.22
CA ALA B 128 47.72 7.38 41.07
C ALA B 128 46.40 6.71 41.40
N THR B 129 45.37 7.51 41.71
CA THR B 129 44.03 6.99 41.99
C THR B 129 42.94 7.84 41.34
N ASN B 130 43.25 8.50 40.23
CA ASN B 130 42.30 9.38 39.56
C ASN B 130 42.63 9.44 38.07
N VAL B 131 41.76 10.12 37.32
CA VAL B 131 42.01 10.46 35.93
C VAL B 131 41.70 11.94 35.70
N VAL B 132 42.33 12.49 34.68
CA VAL B 132 42.04 13.83 34.17
C VAL B 132 41.88 13.72 32.66
N ILE B 133 40.75 14.21 32.16
CA ILE B 133 40.47 14.28 30.73
C ILE B 133 40.34 15.76 30.38
N LYS B 134 41.34 16.31 29.71
CA LYS B 134 41.38 17.74 29.40
C LYS B 134 41.61 17.91 27.92
N VAL B 135 40.65 18.51 27.23
CA VAL B 135 40.73 18.74 25.80
C VAL B 135 40.84 20.24 25.52
N CYS B 136 42.01 20.64 25.02
CA CYS B 136 42.28 21.92 24.35
C CYS B 136 43.68 21.90 23.76
N GLU B 137 44.11 23.07 23.28
CA GLU B 137 45.33 23.20 22.49
C GLU B 137 46.58 22.93 23.31
N PHE B 138 47.47 22.11 22.74
CA PHE B 138 48.79 21.83 23.32
C PHE B 138 49.83 22.30 22.31
N GLN B 139 50.59 23.34 22.68
CA GLN B 139 51.49 23.96 21.72
C GLN B 139 52.68 23.06 21.39
N PHE B 140 53.35 22.53 22.42
CA PHE B 140 54.55 21.76 22.20
C PHE B 140 54.56 20.55 23.12
N CYS B 141 54.76 19.36 22.52
CA CYS B 141 54.99 18.12 23.25
C CYS B 141 56.23 17.50 22.62
N ASN B 142 57.41 17.86 23.15
CA ASN B 142 58.67 17.43 22.55
C ASN B 142 58.87 15.93 22.71
N ASP B 143 58.85 15.44 23.95
CA ASP B 143 59.02 14.02 24.25
C ASP B 143 58.58 13.79 25.68
N PRO B 144 58.09 12.59 26.00
CA PRO B 144 57.90 12.24 27.42
C PRO B 144 59.23 12.22 28.14
N PHE B 145 59.19 12.58 29.42
CA PHE B 145 60.43 12.70 30.20
C PHE B 145 61.08 11.32 30.37
N LEU B 146 62.37 11.27 30.09
CA LEU B 146 63.11 10.01 30.00
C LEU B 146 64.26 10.09 30.99
N ASP B 147 63.99 9.69 32.24
CA ASP B 147 64.98 9.68 33.31
C ASP B 147 65.10 8.25 33.82
N VAL B 148 65.92 7.46 33.12
CA VAL B 148 66.37 6.09 33.38
C VAL B 148 65.83 5.40 34.65
N MET B 158 58.64 6.36 40.29
CA MET B 158 59.01 7.71 39.92
C MET B 158 58.08 8.72 40.62
N GLU B 159 58.63 9.91 40.89
CA GLU B 159 57.87 10.98 41.54
C GLU B 159 57.90 12.25 40.69
N SER B 160 56.77 12.52 40.03
CA SER B 160 56.45 13.81 39.41
C SER B 160 57.44 14.22 38.31
N GLU B 161 57.49 13.41 37.25
CA GLU B 161 58.26 13.77 36.05
C GLU B 161 57.45 13.49 34.79
N PHE B 162 56.20 13.98 34.74
CA PHE B 162 55.45 14.10 33.49
C PHE B 162 55.08 15.57 33.29
N ARG B 163 55.93 16.30 32.58
CA ARG B 163 55.64 17.66 32.12
C ARG B 163 55.74 17.64 30.60
N VAL B 164 54.63 17.35 29.94
CA VAL B 164 54.62 17.20 28.48
C VAL B 164 54.20 18.48 27.76
N TYR B 165 53.45 19.36 28.43
CA TYR B 165 52.94 20.58 27.81
C TYR B 165 53.48 21.80 28.55
N SER B 166 53.56 22.92 27.83
CA SER B 166 54.08 24.17 28.37
C SER B 166 53.02 25.25 28.49
N SER B 167 52.31 25.55 27.41
CA SER B 167 51.31 26.62 27.38
C SER B 167 49.93 26.04 27.15
N ALA B 168 48.94 26.57 27.87
CA ALA B 168 47.56 26.15 27.74
C ALA B 168 46.70 27.39 27.44
N ASN B 169 46.07 27.39 26.28
CA ASN B 169 45.20 28.50 25.88
C ASN B 169 43.80 28.30 26.46
N ASN B 170 42.85 29.08 25.99
CA ASN B 170 41.48 29.02 26.51
C ASN B 170 40.82 27.68 26.15
N CYS B 171 40.14 27.09 27.14
CA CYS B 171 39.43 25.84 26.97
C CYS B 171 38.52 25.58 28.15
N THR B 172 37.71 24.53 28.02
CA THR B 172 36.66 24.18 28.96
C THR B 172 36.63 22.65 28.96
N PHE B 173 35.74 22.04 29.77
CA PHE B 173 35.50 20.60 29.84
C PHE B 173 36.74 19.84 30.29
N GLU B 174 37.11 20.10 31.55
CA GLU B 174 38.15 19.35 32.25
C GLU B 174 37.44 18.33 33.13
N TYR B 175 37.28 17.12 32.61
CA TYR B 175 36.46 16.08 33.22
C TYR B 175 37.31 15.19 34.14
N VAL B 176 36.88 15.06 35.39
CA VAL B 176 37.58 14.26 36.39
C VAL B 176 36.57 13.28 36.99
N SER B 177 36.95 12.01 37.09
CA SER B 177 36.04 11.00 37.60
C SER B 177 36.83 9.84 38.20
N GLN B 178 36.14 8.73 38.43
CA GLN B 178 36.74 7.51 38.96
C GLN B 178 37.74 6.98 37.94
N PRO B 179 38.95 6.59 38.35
CA PRO B 179 39.95 6.12 37.37
C PRO B 179 39.53 4.88 36.60
N PHE B 180 39.94 4.84 35.33
CA PHE B 180 39.54 3.78 34.43
C PHE B 180 40.24 2.46 34.78
N LEU B 181 41.58 2.47 34.76
CA LEU B 181 42.33 1.26 35.05
C LEU B 181 42.40 1.09 36.57
N MET B 182 41.87 -0.01 37.06
CA MET B 182 41.99 -0.39 38.46
C MET B 182 42.99 -1.53 38.58
N ASP B 183 43.78 -1.50 39.65
CA ASP B 183 44.95 -2.35 39.76
C ASP B 183 44.53 -3.72 40.30
N LEU B 184 44.57 -4.72 39.43
CA LEU B 184 44.44 -6.12 39.84
C LEU B 184 45.83 -6.63 40.20
N GLU B 185 46.05 -6.91 41.48
CA GLU B 185 47.37 -7.28 41.96
C GLU B 185 47.68 -8.72 41.59
N GLY B 186 48.74 -8.92 40.82
CA GLY B 186 49.18 -10.26 40.46
C GLY B 186 50.12 -10.83 41.51
N LYS B 187 50.14 -12.16 41.60
CA LYS B 187 50.95 -12.83 42.60
C LYS B 187 51.22 -14.26 42.16
N GLN B 188 52.24 -14.86 42.78
CA GLN B 188 52.61 -16.27 42.61
C GLN B 188 52.94 -16.63 41.16
N GLY B 189 53.42 -15.66 40.39
CA GLY B 189 53.79 -15.89 39.01
C GLY B 189 52.59 -16.05 38.09
N ASN B 190 52.88 -16.04 36.79
CA ASN B 190 52.04 -16.37 35.63
C ASN B 190 50.58 -15.95 35.75
N PHE B 191 50.35 -14.74 36.28
CA PHE B 191 49.00 -14.25 36.52
C PHE B 191 49.06 -12.73 36.50
N LYS B 192 48.67 -12.14 35.37
CA LYS B 192 48.70 -10.69 35.20
C LYS B 192 47.38 -10.23 34.60
N ASN B 193 47.01 -9.00 34.91
CA ASN B 193 45.74 -8.45 34.42
C ASN B 193 45.83 -8.05 32.96
N LEU B 194 44.75 -8.31 32.23
CA LEU B 194 44.65 -8.02 30.80
C LEU B 194 43.66 -6.86 30.63
N ARG B 195 44.17 -5.72 30.16
CA ARG B 195 43.34 -4.53 29.96
C ARG B 195 42.89 -4.49 28.51
N GLU B 196 41.59 -4.31 28.29
CA GLU B 196 41.02 -4.33 26.96
C GLU B 196 40.16 -3.09 26.77
N PHE B 197 40.37 -2.38 25.66
CA PHE B 197 39.69 -1.12 25.40
C PHE B 197 39.28 -1.02 23.93
N VAL B 198 38.19 -0.30 23.68
CA VAL B 198 37.82 0.18 22.35
C VAL B 198 37.54 1.67 22.45
N PHE B 199 38.14 2.44 21.55
CA PHE B 199 37.95 3.89 21.47
C PHE B 199 37.21 4.19 20.17
N LYS B 200 36.09 4.91 20.29
CA LYS B 200 35.30 5.32 19.13
C LYS B 200 34.95 6.79 19.26
N ASN B 201 34.75 7.44 18.11
CA ASN B 201 34.36 8.85 18.08
C ASN B 201 33.41 9.02 16.89
N ILE B 202 32.11 9.02 17.18
CA ILE B 202 31.10 9.21 16.14
C ILE B 202 30.10 10.26 16.61
N ASP B 203 29.58 11.03 15.64
CA ASP B 203 28.60 12.12 15.76
C ASP B 203 28.78 13.05 16.97
N GLY B 204 30.02 13.38 17.28
CA GLY B 204 30.34 14.29 18.36
C GLY B 204 30.46 13.66 19.72
N TYR B 205 30.42 12.34 19.81
CA TYR B 205 30.50 11.60 21.06
C TYR B 205 31.71 10.67 21.00
N PHE B 206 32.48 10.64 22.09
CA PHE B 206 33.64 9.77 22.23
C PHE B 206 33.28 8.69 23.24
N LYS B 207 33.39 7.43 22.83
CA LYS B 207 33.00 6.29 23.65
C LYS B 207 34.19 5.39 23.92
N ILE B 208 34.35 5.00 25.19
CA ILE B 208 35.38 4.08 25.63
C ILE B 208 34.68 2.85 26.20
N TYR B 209 35.04 1.68 25.67
CA TYR B 209 34.57 0.41 26.22
C TYR B 209 35.76 -0.32 26.80
N SER B 210 35.60 -0.90 27.99
CA SER B 210 36.76 -1.43 28.70
C SER B 210 36.38 -2.66 29.51
N LYS B 211 37.37 -3.53 29.71
CA LYS B 211 37.22 -4.66 30.61
C LYS B 211 38.60 -5.15 31.06
N HIS B 212 38.69 -5.54 32.33
CA HIS B 212 39.92 -6.06 32.91
C HIS B 212 39.71 -7.55 33.17
N THR B 213 40.46 -8.39 32.45
CA THR B 213 40.39 -9.83 32.62
C THR B 213 41.63 -10.32 33.37
N PRO B 214 41.49 -10.77 34.62
CA PRO B 214 42.68 -11.18 35.39
C PRO B 214 43.38 -12.41 34.87
N ILE B 215 42.72 -13.24 34.06
CA ILE B 215 43.23 -14.54 33.65
C ILE B 215 43.89 -14.39 32.28
N ASN B 216 45.18 -14.70 32.20
CA ASN B 216 45.89 -14.67 30.93
C ASN B 216 46.73 -15.93 30.71
N LEU B 217 47.15 -16.56 31.80
CA LEU B 217 48.05 -17.73 31.84
C LEU B 217 49.35 -17.38 31.10
N GLY B 218 49.95 -18.36 30.44
CA GLY B 218 51.22 -18.20 29.77
C GLY B 218 51.15 -17.70 28.35
N ARG B 219 49.96 -17.39 27.84
CA ARG B 219 49.79 -16.87 26.50
C ARG B 219 49.42 -15.39 26.57
N ASP B 220 50.09 -14.58 25.75
CA ASP B 220 49.83 -13.15 25.75
C ASP B 220 48.46 -12.82 25.18
N LEU B 221 47.98 -13.59 24.21
CA LEU B 221 46.67 -13.40 23.61
C LEU B 221 45.94 -14.73 23.65
N PRO B 222 45.39 -15.11 24.81
CA PRO B 222 44.93 -16.49 25.02
C PRO B 222 43.60 -16.76 24.35
N GLN B 223 43.14 -18.00 24.50
CA GLN B 223 41.83 -18.41 24.04
C GLN B 223 40.73 -17.82 24.94
N GLY B 224 39.50 -17.97 24.49
CA GLY B 224 38.34 -17.53 25.24
C GLY B 224 37.63 -16.37 24.57
N PHE B 225 36.49 -16.01 25.16
CA PHE B 225 35.65 -14.95 24.65
C PHE B 225 35.28 -14.02 25.79
N SER B 226 35.22 -12.72 25.51
CA SER B 226 34.89 -11.74 26.54
C SER B 226 34.31 -10.50 25.89
N ALA B 227 33.14 -10.09 26.36
CA ALA B 227 32.54 -8.83 25.94
C ALA B 227 33.13 -7.68 26.75
N LEU B 228 32.98 -6.47 26.23
CA LEU B 228 33.59 -5.28 26.80
C LEU B 228 32.51 -4.36 27.35
N GLU B 229 32.67 -3.96 28.61
CA GLU B 229 31.66 -3.16 29.30
C GLU B 229 31.85 -1.68 28.97
N PRO B 230 30.79 -0.97 28.58
CA PRO B 230 30.90 0.49 28.42
C PRO B 230 31.17 1.16 29.75
N LEU B 231 32.00 2.20 29.73
CA LEU B 231 32.32 2.95 30.94
C LEU B 231 31.83 4.40 30.88
N VAL B 232 32.26 5.17 29.89
CA VAL B 232 31.94 6.59 29.82
C VAL B 232 31.52 6.96 28.40
N ASP B 233 30.88 8.12 28.28
CA ASP B 233 30.51 8.69 27.00
C ASP B 233 30.73 10.20 27.11
N LEU B 234 31.73 10.71 26.40
CA LEU B 234 32.15 12.10 26.57
C LEU B 234 31.80 12.90 25.33
N PRO B 235 30.99 13.95 25.45
CA PRO B 235 30.71 14.81 24.29
C PRO B 235 31.77 15.89 24.10
N ILE B 236 32.48 15.85 22.98
CA ILE B 236 33.45 16.90 22.67
C ILE B 236 33.09 17.53 21.33
N GLY B 237 33.07 16.71 20.28
CA GLY B 237 32.68 17.15 18.97
C GLY B 237 33.80 17.43 17.99
N ILE B 238 35.05 17.17 18.36
CA ILE B 238 36.17 17.40 17.46
C ILE B 238 36.41 16.15 16.63
N ASN B 239 36.98 16.33 15.45
CA ASN B 239 37.41 15.20 14.65
C ASN B 239 38.80 14.75 15.11
N ILE B 240 39.03 13.44 15.02
CA ILE B 240 40.31 12.85 15.39
C ILE B 240 40.92 12.22 14.16
N THR B 241 42.11 12.69 13.80
CA THR B 241 42.87 12.14 12.67
C THR B 241 44.16 11.47 13.13
N ARG B 242 44.74 11.89 14.24
CA ARG B 242 45.95 11.27 14.76
C ARG B 242 45.80 11.01 16.26
N PHE B 243 46.60 10.07 16.76
CA PHE B 243 46.72 9.90 18.20
C PHE B 243 48.11 9.40 18.53
N GLN B 244 48.46 9.54 19.80
CA GLN B 244 49.77 9.14 20.29
C GLN B 244 49.58 8.56 21.68
N THR B 245 50.43 7.60 22.05
CA THR B 245 50.31 6.90 23.32
C THR B 245 51.39 7.39 24.28
N LEU B 246 50.98 7.72 25.49
CA LEU B 246 51.91 8.17 26.53
C LEU B 246 52.40 6.98 27.35
N LEU B 247 53.71 6.89 27.52
CA LEU B 247 54.34 5.84 28.29
C LEU B 247 55.17 6.43 29.41
N ALA B 248 55.39 5.63 30.45
CA ALA B 248 56.40 5.94 31.46
C ALA B 248 57.74 5.54 30.87
N LEU B 249 58.29 6.43 30.05
CA LEU B 249 59.44 6.17 29.19
C LEU B 249 60.77 6.30 29.92
N HIS B 250 60.79 6.21 31.25
CA HIS B 250 62.05 6.30 31.97
C HIS B 250 62.95 5.10 31.67
N ARG B 251 62.48 3.90 31.98
CA ARG B 251 63.17 2.68 31.57
C ARG B 251 62.16 1.55 31.57
N SER B 252 62.25 0.67 30.59
CA SER B 252 61.36 -0.49 30.50
C SER B 252 62.14 -1.79 30.53
N ALA B 267 57.13 -10.66 21.27
CA ALA B 267 56.53 -10.17 22.51
C ALA B 267 56.66 -8.66 22.60
N ALA B 268 55.54 -7.97 22.79
CA ALA B 268 55.54 -6.52 22.91
C ALA B 268 54.73 -6.04 24.11
N ALA B 269 53.76 -6.87 24.54
CA ALA B 269 52.84 -6.56 25.64
C ALA B 269 52.10 -5.24 25.41
N TYR B 270 51.68 -5.03 24.16
CA TYR B 270 51.05 -3.78 23.74
C TYR B 270 50.38 -4.07 22.41
N TYR B 271 49.11 -3.68 22.27
CA TYR B 271 48.31 -4.08 21.12
C TYR B 271 47.63 -2.86 20.52
N VAL B 272 47.32 -2.96 19.23
CA VAL B 272 46.48 -1.98 18.54
C VAL B 272 45.80 -2.67 17.37
N GLY B 273 44.54 -2.32 17.14
CA GLY B 273 43.76 -2.98 16.10
C GLY B 273 42.77 -2.00 15.50
N TYR B 274 42.40 -2.27 14.25
CA TYR B 274 41.60 -1.34 13.46
C TYR B 274 40.22 -1.94 13.20
N LEU B 275 39.18 -1.13 13.36
CA LEU B 275 37.81 -1.59 13.24
C LEU B 275 37.26 -1.32 11.84
N GLN B 276 36.29 -2.13 11.44
CA GLN B 276 35.54 -1.97 10.20
C GLN B 276 34.06 -2.21 10.49
N PRO B 277 33.15 -1.61 9.70
CA PRO B 277 31.72 -1.82 9.94
C PRO B 277 31.24 -3.21 9.54
N ARG B 278 31.37 -4.17 10.45
CA ARG B 278 31.17 -5.58 10.12
C ARG B 278 29.96 -6.11 10.89
N THR B 279 29.09 -6.82 10.18
CA THR B 279 27.87 -7.36 10.78
C THR B 279 28.19 -8.59 11.63
N PHE B 280 27.75 -8.56 12.89
CA PHE B 280 27.92 -9.69 13.81
C PHE B 280 26.58 -10.26 14.22
N LEU B 281 26.63 -11.48 14.75
CA LEU B 281 25.49 -12.15 15.38
C LEU B 281 25.90 -12.51 16.79
N LEU B 282 25.14 -12.03 17.77
CA LEU B 282 25.51 -12.14 19.18
C LEU B 282 24.53 -13.04 19.92
N LYS B 283 25.05 -13.82 20.86
CA LYS B 283 24.27 -14.74 21.68
C LYS B 283 24.07 -14.11 23.04
N TYR B 284 22.84 -13.68 23.33
CA TYR B 284 22.48 -13.19 24.64
C TYR B 284 21.87 -14.34 25.43
N ASN B 285 22.49 -14.66 26.56
CA ASN B 285 22.03 -15.77 27.39
C ASN B 285 20.75 -15.38 28.12
N GLU B 286 20.30 -16.21 29.06
CA GLU B 286 19.11 -15.91 29.84
C GLU B 286 19.36 -14.88 30.93
N ASN B 287 20.53 -14.24 30.94
CA ASN B 287 21.05 -13.69 32.17
C ASN B 287 21.67 -12.31 31.97
N GLY B 288 21.75 -11.84 30.73
CA GLY B 288 22.20 -10.50 30.41
C GLY B 288 23.53 -10.38 29.68
N THR B 289 24.29 -11.46 29.57
CA THR B 289 25.67 -11.38 29.10
C THR B 289 25.84 -12.02 27.73
N ILE B 290 26.67 -11.40 26.90
CA ILE B 290 27.02 -11.96 25.60
C ILE B 290 27.94 -13.16 25.81
N THR B 291 27.52 -14.32 25.31
CA THR B 291 28.23 -15.57 25.52
C THR B 291 29.08 -15.98 24.32
N ASP B 292 28.58 -15.79 23.10
CA ASP B 292 29.34 -16.12 21.90
C ASP B 292 28.92 -15.19 20.77
N ALA B 293 29.76 -15.11 19.75
CA ALA B 293 29.52 -14.22 18.62
C ALA B 293 30.02 -14.86 17.35
N VAL B 294 29.33 -14.56 16.24
CA VAL B 294 29.65 -15.09 14.92
C VAL B 294 29.76 -13.93 13.95
N ASP B 295 30.90 -13.85 13.26
CA ASP B 295 31.10 -12.85 12.22
C ASP B 295 30.32 -13.31 10.97
N CYS B 296 30.03 -12.36 10.08
CA CYS B 296 29.20 -12.66 8.92
C CYS B 296 29.95 -12.66 7.59
N ALA B 297 31.23 -12.29 7.58
CA ALA B 297 32.00 -12.22 6.34
C ALA B 297 33.38 -12.82 6.52
N LEU B 298 33.46 -13.94 7.23
CA LEU B 298 34.71 -14.64 7.46
C LEU B 298 34.82 -15.95 6.69
N ASP B 299 33.80 -16.79 6.78
CA ASP B 299 33.76 -18.09 6.14
C ASP B 299 32.37 -18.25 5.53
N PRO B 300 32.22 -19.09 4.50
CA PRO B 300 30.87 -19.38 3.99
C PRO B 300 29.95 -20.01 5.02
N LEU B 301 30.51 -20.80 5.95
CA LEU B 301 29.73 -21.29 7.08
C LEU B 301 29.23 -20.13 7.93
N SER B 302 30.06 -19.10 8.11
CA SER B 302 29.63 -17.93 8.87
C SER B 302 28.49 -17.20 8.16
N GLU B 303 28.57 -17.07 6.83
CA GLU B 303 27.50 -16.41 6.09
C GLU B 303 26.20 -17.20 6.15
N THR B 304 26.27 -18.53 6.07
CA THR B 304 25.01 -19.28 6.14
C THR B 304 24.45 -19.31 7.56
N LYS B 305 25.32 -19.22 8.58
CA LYS B 305 24.82 -19.03 9.94
C LYS B 305 24.14 -17.68 10.11
N CYS B 306 24.70 -16.63 9.50
CA CYS B 306 24.08 -15.31 9.61
C CYS B 306 22.74 -15.26 8.86
N THR B 307 22.68 -15.82 7.66
CA THR B 307 21.43 -15.78 6.90
C THR B 307 20.37 -16.71 7.48
N LEU B 308 20.79 -17.85 8.05
CA LEU B 308 19.84 -18.74 8.71
C LEU B 308 19.39 -18.17 10.05
N LYS B 309 20.19 -17.26 10.63
CA LYS B 309 19.92 -16.43 11.81
C LYS B 309 20.00 -17.24 13.09
N SER B 310 20.12 -18.56 12.98
CA SER B 310 20.41 -19.40 14.12
C SER B 310 21.93 -19.55 14.28
N PHE B 311 22.34 -20.17 15.37
CA PHE B 311 23.75 -20.30 15.67
C PHE B 311 24.29 -21.62 15.14
N THR B 312 23.54 -22.71 15.29
CA THR B 312 23.93 -24.01 14.78
C THR B 312 23.22 -24.29 13.46
N VAL B 313 23.84 -25.13 12.64
CA VAL B 313 23.34 -25.43 11.30
C VAL B 313 23.25 -26.95 11.16
N GLU B 314 22.29 -27.40 10.37
CA GLU B 314 22.07 -28.82 10.12
C GLU B 314 22.61 -29.21 8.75
N LYS B 315 22.48 -30.49 8.43
CA LYS B 315 22.98 -31.00 7.16
C LYS B 315 22.09 -30.55 6.00
N GLY B 316 22.72 -30.12 4.91
CA GLY B 316 22.00 -29.83 3.70
C GLY B 316 22.66 -28.74 2.90
N ILE B 317 21.88 -28.19 1.97
CA ILE B 317 22.29 -27.09 1.12
C ILE B 317 21.45 -25.86 1.46
N TYR B 318 22.11 -24.70 1.53
CA TYR B 318 21.42 -23.46 1.86
C TYR B 318 21.88 -22.37 0.91
N GLN B 319 20.94 -21.69 0.27
CA GLN B 319 21.26 -20.63 -0.67
C GLN B 319 21.41 -19.32 0.11
N THR B 320 22.61 -18.72 0.04
CA THR B 320 23.01 -17.67 0.96
C THR B 320 22.95 -16.28 0.33
N SER B 321 23.65 -16.06 -0.77
CA SER B 321 23.75 -14.72 -1.35
C SER B 321 23.86 -14.88 -2.86
N ASN B 322 24.30 -13.81 -3.53
CA ASN B 322 24.36 -13.78 -4.97
C ASN B 322 25.77 -13.38 -5.42
N PHE B 323 26.27 -14.08 -6.43
CA PHE B 323 27.57 -13.80 -7.02
C PHE B 323 27.35 -12.99 -8.29
N ARG B 324 27.97 -11.81 -8.36
CA ARG B 324 27.84 -10.94 -9.51
C ARG B 324 29.22 -10.47 -9.95
N VAL B 325 29.36 -10.22 -11.24
CA VAL B 325 30.65 -9.83 -11.83
C VAL B 325 30.63 -8.31 -12.02
N GLN B 326 31.58 -7.64 -11.39
CA GLN B 326 31.66 -6.19 -11.48
C GLN B 326 32.39 -5.76 -12.75
N PRO B 327 32.02 -4.61 -13.31
CA PRO B 327 32.75 -4.08 -14.47
C PRO B 327 34.18 -3.71 -14.09
N THR B 328 35.07 -3.82 -15.08
CA THR B 328 36.48 -3.49 -14.89
C THR B 328 36.83 -2.11 -15.42
N GLU B 329 36.29 -1.73 -16.57
CA GLU B 329 36.57 -0.44 -17.20
C GLU B 329 35.25 0.30 -17.44
N SER B 330 35.35 1.46 -18.10
CA SER B 330 34.17 2.24 -18.48
C SER B 330 34.51 2.94 -19.78
N ILE B 331 34.14 2.33 -20.90
CA ILE B 331 34.47 2.88 -22.21
C ILE B 331 33.49 3.99 -22.55
N VAL B 332 34.01 5.04 -23.19
CA VAL B 332 33.21 6.15 -23.69
C VAL B 332 33.42 6.23 -25.20
N ARG B 333 32.31 6.19 -25.95
CA ARG B 333 32.39 6.16 -27.40
C ARG B 333 31.39 7.19 -27.95
N PHE B 334 31.91 8.37 -28.28
CA PHE B 334 31.17 9.50 -28.81
C PHE B 334 31.56 9.73 -30.27
N PRO B 335 30.79 10.44 -31.08
CA PRO B 335 31.20 10.66 -32.46
C PRO B 335 32.20 11.78 -32.60
N ASN B 336 33.10 11.57 -33.56
CA ASN B 336 34.14 12.51 -33.99
C ASN B 336 33.58 13.66 -34.81
N ILE B 337 33.12 14.68 -34.06
CA ILE B 337 32.74 16.01 -34.51
C ILE B 337 33.46 17.05 -33.64
N THR B 338 34.41 17.79 -34.24
CA THR B 338 35.05 18.86 -33.48
C THR B 338 34.14 20.08 -33.37
N ASN B 339 33.92 20.74 -34.52
CA ASN B 339 32.84 21.68 -34.82
C ASN B 339 32.38 22.59 -33.67
N LEU B 340 33.32 23.16 -32.92
CA LEU B 340 32.99 23.83 -31.66
C LEU B 340 32.13 25.08 -31.88
N CYS B 341 30.86 24.98 -31.50
CA CYS B 341 29.93 26.09 -31.70
C CYS B 341 30.12 27.14 -30.62
N PRO B 342 30.43 28.40 -30.97
CA PRO B 342 30.65 29.43 -29.95
C PRO B 342 29.33 29.98 -29.42
N PHE B 343 29.12 29.84 -28.11
CA PHE B 343 27.94 30.39 -27.46
C PHE B 343 28.07 31.88 -27.16
N ASP B 344 29.29 32.42 -27.17
CA ASP B 344 29.50 33.82 -26.79
C ASP B 344 28.84 34.79 -27.76
N GLU B 345 28.73 34.42 -29.03
CA GLU B 345 28.00 35.22 -30.01
C GLU B 345 26.52 34.88 -30.06
N VAL B 346 26.07 33.89 -29.29
CA VAL B 346 24.67 33.50 -29.29
C VAL B 346 23.88 34.22 -28.20
N PHE B 347 24.45 34.30 -26.99
CA PHE B 347 23.78 35.00 -25.89
C PHE B 347 23.66 36.50 -26.16
N ASN B 348 24.71 37.10 -26.72
CA ASN B 348 24.80 38.54 -26.89
C ASN B 348 24.62 38.91 -28.36
N ALA B 349 23.79 39.93 -28.60
CA ALA B 349 23.63 40.49 -29.94
C ALA B 349 23.84 42.00 -29.89
N THR B 350 23.59 42.70 -31.00
CA THR B 350 23.71 44.15 -31.00
C THR B 350 22.62 44.79 -30.15
N ARG B 351 21.38 44.38 -30.36
CA ARG B 351 20.23 44.86 -29.58
C ARG B 351 19.28 43.70 -29.36
N PHE B 352 18.86 43.51 -28.11
CA PHE B 352 17.88 42.48 -27.81
C PHE B 352 16.51 42.91 -28.34
N ALA B 353 15.86 42.01 -29.08
CA ALA B 353 14.58 42.32 -29.69
C ALA B 353 13.47 42.31 -28.64
N SER B 354 12.33 42.88 -29.02
CA SER B 354 11.21 43.03 -28.10
C SER B 354 10.49 41.70 -27.91
N VAL B 355 9.51 41.72 -27.01
CA VAL B 355 8.77 40.50 -26.66
C VAL B 355 7.87 40.07 -27.81
N TYR B 356 7.22 41.04 -28.47
CA TYR B 356 6.29 40.72 -29.54
C TYR B 356 6.97 40.13 -30.78
N ALA B 357 8.28 40.26 -30.89
CA ALA B 357 9.04 39.64 -31.98
C ALA B 357 10.41 39.24 -31.41
N TRP B 358 10.52 37.99 -30.97
CA TRP B 358 11.73 37.48 -30.36
C TRP B 358 12.47 36.59 -31.34
N ASN B 359 13.79 36.65 -31.31
CA ASN B 359 14.62 35.77 -32.12
C ASN B 359 14.80 34.43 -31.43
N ARG B 360 15.18 33.43 -32.22
CA ARG B 360 15.41 32.09 -31.70
C ARG B 360 16.43 31.40 -32.60
N LYS B 361 17.47 30.81 -31.99
CA LYS B 361 18.49 30.09 -32.74
C LYS B 361 18.46 28.62 -32.34
N ARG B 362 18.32 27.75 -33.35
CA ARG B 362 18.30 26.32 -33.17
C ARG B 362 19.67 25.75 -33.50
N ILE B 363 20.33 25.12 -32.53
CA ILE B 363 21.70 24.66 -32.71
C ILE B 363 21.77 23.15 -32.49
N SER B 364 22.56 22.50 -33.35
CA SER B 364 22.77 21.06 -33.35
C SER B 364 24.11 20.76 -34.01
N ASN B 365 24.57 19.53 -33.81
CA ASN B 365 25.77 18.97 -34.44
C ASN B 365 27.01 19.81 -34.05
N CYS B 366 27.21 19.93 -32.75
CA CYS B 366 28.42 20.57 -32.22
C CYS B 366 28.64 20.11 -30.79
N VAL B 367 29.87 20.24 -30.33
CA VAL B 367 30.20 19.97 -28.94
C VAL B 367 29.75 21.16 -28.10
N ALA B 368 28.85 20.93 -27.17
CA ALA B 368 28.31 21.99 -26.32
C ALA B 368 29.05 21.99 -24.99
N ASP B 369 29.91 22.97 -24.79
CA ASP B 369 30.66 23.12 -23.54
C ASP B 369 29.79 23.97 -22.61
N TYR B 370 29.14 23.31 -21.65
CA TYR B 370 28.24 24.00 -20.74
C TYR B 370 28.97 24.68 -19.59
N SER B 371 30.24 24.37 -19.38
CA SER B 371 31.01 25.01 -18.31
C SER B 371 31.46 26.41 -18.71
N VAL B 372 31.69 26.66 -20.00
CA VAL B 372 32.24 27.94 -20.42
C VAL B 372 31.14 28.99 -20.59
N LEU B 373 29.89 28.57 -20.81
CA LEU B 373 28.78 29.53 -20.86
C LEU B 373 28.43 30.09 -19.49
N TYR B 374 28.98 29.53 -18.42
CA TYR B 374 28.73 30.01 -17.06
C TYR B 374 29.27 31.42 -16.85
N ASN B 375 30.29 31.83 -17.61
CA ASN B 375 30.94 33.12 -17.43
C ASN B 375 30.80 34.03 -18.64
N PHE B 376 29.90 33.71 -19.57
CA PHE B 376 29.67 34.60 -20.71
C PHE B 376 28.78 35.78 -20.36
N ALA B 377 27.85 35.61 -19.42
CA ALA B 377 26.92 36.67 -19.07
C ALA B 377 26.90 36.84 -17.56
N PRO B 378 26.63 38.06 -17.08
CA PRO B 378 26.43 38.26 -15.65
C PRO B 378 25.01 37.93 -15.23
N PHE B 379 24.88 37.25 -14.10
CA PHE B 379 23.59 36.85 -13.54
C PHE B 379 23.80 36.45 -12.09
N PHE B 380 22.75 35.91 -11.47
CA PHE B 380 22.77 35.57 -10.05
C PHE B 380 22.21 34.20 -9.72
N ALA B 381 21.35 33.61 -10.56
CA ALA B 381 20.57 32.44 -10.17
C ALA B 381 21.03 31.17 -10.85
N PHE B 382 21.07 31.15 -12.19
CA PHE B 382 21.36 29.95 -13.00
C PHE B 382 20.40 28.81 -12.65
N LYS B 383 19.12 29.05 -12.89
CA LYS B 383 18.06 28.10 -12.55
C LYS B 383 17.95 27.05 -13.64
N CYS B 384 18.67 25.94 -13.45
CA CYS B 384 18.62 24.80 -14.36
C CYS B 384 17.81 23.72 -13.66
N TYR B 385 16.51 23.67 -13.95
CA TYR B 385 15.59 22.85 -13.18
C TYR B 385 15.74 21.37 -13.54
N GLY B 386 15.55 21.02 -14.82
CA GLY B 386 15.43 19.63 -15.20
C GLY B 386 16.73 18.86 -15.28
N VAL B 387 17.87 19.54 -15.24
CA VAL B 387 19.16 18.90 -15.42
C VAL B 387 20.14 19.38 -14.34
N SER B 388 21.17 18.57 -14.12
CA SER B 388 22.28 18.97 -13.26
C SER B 388 23.29 19.77 -14.06
N PRO B 389 23.67 20.97 -13.62
CA PRO B 389 24.62 21.79 -14.38
C PRO B 389 25.99 21.15 -14.55
N THR B 390 26.46 20.38 -13.56
CA THR B 390 27.76 19.73 -13.65
C THR B 390 27.72 18.42 -14.43
N LYS B 391 26.54 17.96 -14.86
CA LYS B 391 26.40 16.70 -15.57
C LYS B 391 25.97 16.89 -17.02
N LEU B 392 25.94 18.12 -17.51
CA LEU B 392 25.60 18.39 -18.91
C LEU B 392 26.72 18.06 -19.87
N ASN B 393 27.91 17.73 -19.38
CA ASN B 393 28.99 17.27 -20.24
C ASN B 393 28.88 15.79 -20.60
N ASP B 394 27.86 15.09 -20.12
CA ASP B 394 27.69 13.66 -20.37
C ASP B 394 26.46 13.32 -21.18
N LEU B 395 25.37 14.08 -21.02
CA LEU B 395 24.12 13.75 -21.68
C LEU B 395 24.19 14.15 -23.15
N CYS B 396 23.98 13.18 -24.03
CA CYS B 396 23.89 13.45 -25.46
C CYS B 396 22.49 13.92 -25.81
N PHE B 397 22.41 15.04 -26.52
CA PHE B 397 21.14 15.67 -26.86
C PHE B 397 20.91 15.63 -28.37
N THR B 398 19.65 15.80 -28.76
CA THR B 398 19.33 15.85 -30.19
C THR B 398 19.65 17.23 -30.77
N ASN B 399 18.96 18.26 -30.29
CA ASN B 399 19.23 19.64 -30.65
C ASN B 399 18.66 20.53 -29.55
N VAL B 400 19.19 21.75 -29.44
CA VAL B 400 18.69 22.65 -28.41
C VAL B 400 18.37 24.01 -29.02
N TYR B 401 17.58 24.78 -28.28
CA TYR B 401 17.11 26.09 -28.71
C TYR B 401 17.65 27.15 -27.76
N ALA B 402 18.02 28.30 -28.31
CA ALA B 402 18.50 29.42 -27.52
C ALA B 402 17.72 30.67 -27.90
N ASP B 403 17.21 31.37 -26.91
CA ASP B 403 16.55 32.65 -27.20
C ASP B 403 16.73 33.61 -26.04
N SER B 404 16.56 34.90 -26.33
CA SER B 404 16.79 35.95 -25.36
C SER B 404 15.78 37.06 -25.59
N PHE B 405 15.31 37.67 -24.50
CA PHE B 405 14.39 38.79 -24.60
C PHE B 405 14.48 39.62 -23.32
N VAL B 406 13.83 40.78 -23.35
CA VAL B 406 13.87 41.75 -22.25
C VAL B 406 12.44 42.04 -21.81
N ILE B 407 12.23 42.02 -20.49
CA ILE B 407 10.92 42.30 -19.88
C ILE B 407 11.12 43.21 -18.68
N ARG B 408 10.04 43.47 -17.96
CA ARG B 408 10.11 44.15 -16.68
C ARG B 408 10.36 43.14 -15.56
N GLY B 409 10.94 43.63 -14.46
CA GLY B 409 11.35 42.74 -13.38
C GLY B 409 10.23 42.22 -12.51
N ASN B 410 9.01 42.75 -12.64
CA ASN B 410 7.89 42.28 -11.85
C ASN B 410 7.35 40.94 -12.33
N GLU B 411 7.66 40.56 -13.58
CA GLU B 411 7.15 39.33 -14.17
C GLU B 411 8.29 38.38 -14.53
N VAL B 412 9.33 38.37 -13.70
CA VAL B 412 10.42 37.41 -13.88
C VAL B 412 9.93 36.00 -13.61
N SER B 413 9.17 35.82 -12.52
CA SER B 413 8.61 34.52 -12.19
C SER B 413 7.45 34.13 -13.09
N GLN B 414 6.92 35.06 -13.89
CA GLN B 414 5.82 34.74 -14.79
C GLN B 414 6.27 33.88 -15.98
N ILE B 415 7.57 33.82 -16.26
CA ILE B 415 8.08 32.96 -17.33
C ILE B 415 8.34 31.60 -16.69
N ALA B 416 7.27 30.81 -16.60
CA ALA B 416 7.28 29.52 -15.94
C ALA B 416 6.06 28.74 -16.39
N PRO B 417 6.10 27.41 -16.38
CA PRO B 417 4.90 26.63 -16.71
C PRO B 417 3.80 26.85 -15.68
N GLY B 418 2.55 26.87 -16.17
CA GLY B 418 1.40 27.04 -15.32
C GLY B 418 1.10 28.47 -14.91
N GLN B 419 1.80 29.45 -15.47
CA GLN B 419 1.60 30.85 -15.13
C GLN B 419 0.69 31.51 -16.16
N THR B 420 -0.28 32.28 -15.67
CA THR B 420 -1.23 32.98 -16.51
C THR B 420 -1.07 34.49 -16.33
N GLY B 421 -1.90 35.24 -17.03
CA GLY B 421 -1.87 36.69 -16.98
C GLY B 421 -1.69 37.31 -18.35
N ASN B 422 -1.86 38.63 -18.38
CA ASN B 422 -1.71 39.38 -19.63
C ASN B 422 -0.27 39.33 -20.12
N ILE B 423 0.70 39.42 -19.19
CA ILE B 423 2.10 39.40 -19.57
C ILE B 423 2.55 38.03 -20.07
N ALA B 424 1.81 36.97 -19.75
CA ALA B 424 2.20 35.61 -20.09
C ALA B 424 1.38 35.02 -21.23
N ASP B 425 0.05 35.16 -21.18
CA ASP B 425 -0.81 34.47 -22.14
C ASP B 425 -0.69 35.07 -23.54
N TYR B 426 -0.60 36.39 -23.63
CA TYR B 426 -0.60 37.08 -24.92
C TYR B 426 0.79 37.47 -25.41
N ASN B 427 1.83 37.28 -24.59
CA ASN B 427 3.18 37.67 -24.98
C ASN B 427 4.10 36.47 -25.14
N TYR B 428 4.29 35.69 -24.07
CA TYR B 428 5.22 34.56 -24.10
C TYR B 428 4.89 33.65 -22.92
N LYS B 429 4.48 32.41 -23.21
CA LYS B 429 4.18 31.45 -22.16
C LYS B 429 4.89 30.14 -22.47
N LEU B 430 5.18 29.40 -21.41
CA LEU B 430 5.95 28.16 -21.47
C LEU B 430 5.02 26.95 -21.44
N PRO B 431 5.40 25.85 -22.08
CA PRO B 431 4.61 24.62 -21.98
C PRO B 431 4.69 24.03 -20.58
N ASP B 432 3.67 23.24 -20.24
CA ASP B 432 3.56 22.66 -18.91
C ASP B 432 4.64 21.62 -18.62
N ASP B 433 5.21 21.00 -19.65
CA ASP B 433 6.28 20.03 -19.50
C ASP B 433 7.64 20.61 -19.89
N PHE B 434 7.85 21.88 -19.59
CA PHE B 434 9.07 22.57 -19.99
C PHE B 434 10.27 22.08 -19.18
N THR B 435 11.37 21.84 -19.88
CA THR B 435 12.67 21.62 -19.26
C THR B 435 13.69 22.50 -19.97
N GLY B 436 14.71 22.88 -19.23
CA GLY B 436 15.73 23.76 -19.78
C GLY B 436 16.38 24.57 -18.67
N CYS B 437 17.03 25.65 -19.09
CA CYS B 437 17.73 26.55 -18.18
C CYS B 437 17.29 27.98 -18.48
N VAL B 438 16.72 28.65 -17.49
CA VAL B 438 16.22 30.02 -17.62
C VAL B 438 17.10 30.91 -16.76
N ILE B 439 17.64 31.96 -17.37
CA ILE B 439 18.57 32.89 -16.73
C ILE B 439 17.94 34.27 -16.75
N ALA B 440 17.81 34.89 -15.58
CA ALA B 440 17.25 36.22 -15.45
C ALA B 440 18.29 37.15 -14.83
N TRP B 441 18.48 38.31 -15.44
CA TRP B 441 19.46 39.27 -14.92
C TRP B 441 18.87 40.67 -14.89
N ASN B 442 19.27 41.44 -13.88
CA ASN B 442 18.93 42.85 -13.78
C ASN B 442 19.78 43.63 -14.78
N SER B 443 19.15 44.12 -15.85
CA SER B 443 19.85 44.89 -16.88
C SER B 443 19.54 46.37 -16.69
N ASN B 444 20.31 47.00 -15.78
CA ASN B 444 20.10 48.40 -15.46
C ASN B 444 21.25 49.31 -15.89
N LYS B 445 22.42 48.75 -16.17
CA LYS B 445 23.59 49.56 -16.51
C LYS B 445 23.69 49.86 -18.00
N LEU B 446 23.47 48.86 -18.85
CA LEU B 446 23.64 49.00 -20.29
C LEU B 446 22.33 49.17 -21.03
N ASP B 447 21.22 49.38 -20.32
CA ASP B 447 19.91 49.58 -20.94
C ASP B 447 19.24 50.85 -20.46
N SER B 448 20.02 51.87 -20.12
CA SER B 448 19.50 53.15 -19.68
C SER B 448 20.20 54.27 -20.44
N LYS B 449 19.46 55.36 -20.68
CA LYS B 449 19.99 56.51 -21.40
C LYS B 449 19.56 57.77 -20.66
N VAL B 450 19.75 58.92 -21.31
CA VAL B 450 19.61 60.20 -20.64
C VAL B 450 18.16 60.63 -20.47
N GLY B 451 17.21 60.03 -21.19
CA GLY B 451 15.83 60.47 -21.10
C GLY B 451 14.81 59.36 -21.18
N GLY B 452 15.25 58.11 -21.16
CA GLY B 452 14.34 56.99 -21.25
C GLY B 452 14.63 56.08 -22.43
N ASN B 453 14.07 54.87 -22.41
CA ASN B 453 14.31 53.89 -23.46
C ASN B 453 12.97 53.39 -23.98
N TYR B 454 12.69 53.66 -25.26
CA TYR B 454 11.46 53.23 -25.90
C TYR B 454 11.71 52.22 -27.02
N ASN B 455 12.83 51.50 -26.98
CA ASN B 455 13.15 50.51 -27.99
C ASN B 455 12.53 49.14 -27.71
N TYR B 456 11.81 48.99 -26.60
CA TYR B 456 11.20 47.73 -26.23
C TYR B 456 9.68 47.82 -26.34
N ARG B 457 9.07 46.71 -26.76
CA ARG B 457 7.67 46.69 -27.18
C ARG B 457 7.02 45.44 -26.62
N TYR B 458 5.71 45.52 -26.34
CA TYR B 458 4.94 44.33 -25.97
C TYR B 458 3.50 44.55 -26.41
N ARG B 459 2.71 43.48 -26.34
CA ARG B 459 1.31 43.51 -26.75
C ARG B 459 0.42 43.39 -25.52
N LEU B 460 -0.66 44.17 -25.49
CA LEU B 460 -1.56 44.17 -24.33
C LEU B 460 -3.00 43.83 -24.70
N PHE B 461 -3.47 44.19 -25.90
CA PHE B 461 -4.78 43.82 -26.38
C PHE B 461 -4.66 42.82 -27.51
N ARG B 462 -5.37 41.69 -27.39
CA ARG B 462 -5.49 40.72 -28.46
C ARG B 462 -6.76 39.92 -28.25
N LYS B 463 -7.18 39.21 -29.31
CA LYS B 463 -8.51 38.60 -29.33
C LYS B 463 -8.66 37.49 -28.30
N SER B 464 -7.72 36.53 -28.28
CA SER B 464 -7.82 35.38 -27.40
C SER B 464 -6.42 34.89 -27.07
N ASN B 465 -6.35 33.88 -26.21
CA ASN B 465 -5.07 33.30 -25.82
C ASN B 465 -4.42 32.59 -27.01
N LEU B 466 -3.11 32.75 -27.12
CA LEU B 466 -2.35 32.22 -28.24
C LEU B 466 -1.70 30.89 -27.88
N LYS B 467 -1.43 30.09 -28.91
CA LYS B 467 -0.89 28.75 -28.75
C LYS B 467 0.53 28.82 -28.21
N PRO B 468 1.00 27.78 -27.50
CA PRO B 468 2.36 27.81 -26.93
C PRO B 468 3.43 27.90 -28.01
N PHE B 469 4.46 28.69 -27.70
CA PHE B 469 5.60 28.97 -28.59
C PHE B 469 5.15 29.53 -29.94
N GLU B 470 4.24 30.49 -29.89
CA GLU B 470 3.77 31.20 -31.07
C GLU B 470 3.99 32.70 -30.90
N ARG B 471 4.32 33.37 -32.01
CA ARG B 471 4.68 34.77 -32.00
C ARG B 471 3.79 35.53 -32.97
N ASP B 472 3.21 36.64 -32.50
CA ASP B 472 2.37 37.49 -33.32
C ASP B 472 3.03 38.85 -33.49
N ILE B 473 3.15 39.30 -34.73
CA ILE B 473 3.79 40.56 -35.06
C ILE B 473 2.86 41.54 -35.76
N SER B 474 1.60 41.17 -35.96
CA SER B 474 0.67 42.04 -36.66
C SER B 474 0.27 43.22 -35.79
N THR B 475 0.12 44.39 -36.40
CA THR B 475 -0.26 45.62 -35.72
C THR B 475 -1.63 46.04 -36.25
N GLU B 476 -2.69 45.54 -35.63
CA GLU B 476 -4.06 45.87 -35.98
C GLU B 476 -4.80 46.38 -34.75
N ILE B 477 -5.72 47.31 -34.97
CA ILE B 477 -6.42 47.95 -33.86
C ILE B 477 -7.44 46.98 -33.28
N TYR B 478 -7.35 46.74 -31.97
CA TYR B 478 -8.25 45.80 -31.31
C TYR B 478 -9.65 46.40 -31.17
N GLN B 479 -10.65 45.54 -31.37
CA GLN B 479 -12.05 45.93 -31.21
C GLN B 479 -12.43 45.75 -29.74
N ALA B 480 -12.50 46.84 -29.00
CA ALA B 480 -12.80 46.82 -27.57
C ALA B 480 -14.04 47.65 -27.27
N GLY B 481 -15.03 47.60 -28.16
CA GLY B 481 -16.26 48.34 -27.93
C GLY B 481 -17.26 48.05 -29.02
N ASN B 482 -18.45 48.61 -28.85
CA ASN B 482 -19.52 48.42 -29.82
C ASN B 482 -19.29 49.19 -31.12
N LYS B 483 -18.52 50.28 -31.06
CA LYS B 483 -18.20 51.02 -32.27
C LYS B 483 -17.25 50.22 -33.13
N PRO B 484 -17.50 50.11 -34.45
CA PRO B 484 -16.56 49.40 -35.32
C PRO B 484 -15.22 50.10 -35.39
N CYS B 485 -14.15 49.31 -35.32
CA CYS B 485 -12.78 49.84 -35.30
C CYS B 485 -12.21 49.88 -36.72
N ASN B 486 -12.85 50.69 -37.55
CA ASN B 486 -12.39 50.89 -38.93
C ASN B 486 -11.45 52.07 -39.07
N GLY B 487 -11.47 53.01 -38.13
CA GLY B 487 -10.54 54.12 -38.17
C GLY B 487 -9.16 53.74 -37.64
N VAL B 488 -8.24 54.69 -37.73
CA VAL B 488 -6.89 54.47 -37.24
C VAL B 488 -6.88 54.36 -35.71
N ALA B 489 -7.58 55.28 -35.04
CA ALA B 489 -7.68 55.28 -33.58
C ALA B 489 -8.91 56.08 -33.18
N GLY B 490 -9.27 55.97 -31.92
CA GLY B 490 -10.41 56.68 -31.39
C GLY B 490 -10.97 55.99 -30.16
N VAL B 491 -12.18 56.37 -29.80
CA VAL B 491 -12.86 55.77 -28.66
C VAL B 491 -13.17 54.31 -28.93
N ASN B 492 -12.93 53.47 -27.91
CA ASN B 492 -13.16 52.02 -27.95
C ASN B 492 -12.35 51.33 -29.06
N CYS B 493 -11.23 51.94 -29.46
CA CYS B 493 -10.31 51.38 -30.44
C CYS B 493 -8.90 51.68 -29.94
N TYR B 494 -8.32 50.72 -29.22
CA TYR B 494 -7.08 50.93 -28.49
C TYR B 494 -5.91 50.31 -29.25
N PHE B 495 -4.77 50.99 -29.22
CA PHE B 495 -3.56 50.48 -29.86
C PHE B 495 -3.00 49.34 -29.04
N PRO B 496 -2.79 48.15 -29.64
CA PRO B 496 -2.36 47.00 -28.83
C PRO B 496 -0.90 47.06 -28.40
N LEU B 497 -0.01 47.63 -29.21
CA LEU B 497 1.42 47.62 -28.93
C LEU B 497 1.73 48.73 -27.93
N GLN B 498 2.09 48.34 -26.72
CA GLN B 498 2.48 49.25 -25.66
C GLN B 498 3.99 49.15 -25.43
N SER B 499 4.63 50.30 -25.25
CA SER B 499 6.08 50.36 -25.09
C SER B 499 6.45 50.41 -23.62
N TYR B 500 7.61 49.84 -23.30
CA TYR B 500 8.15 49.89 -21.95
C TYR B 500 8.82 51.22 -21.70
N GLY B 501 8.60 51.76 -20.50
CA GLY B 501 9.29 52.97 -20.08
C GLY B 501 10.26 52.68 -18.95
N PHE B 502 11.54 52.94 -19.17
CA PHE B 502 12.57 52.66 -18.18
C PHE B 502 13.37 53.93 -17.88
N ARG B 503 13.57 54.17 -16.58
CA ARG B 503 14.28 55.31 -16.02
C ARG B 503 15.34 54.76 -15.07
N PRO B 504 16.45 55.48 -14.87
CA PRO B 504 17.52 54.95 -14.01
C PRO B 504 17.15 54.83 -12.54
N THR B 505 16.06 55.44 -12.09
CA THR B 505 15.69 55.40 -10.68
C THR B 505 15.08 54.05 -10.29
N TYR B 506 14.28 53.46 -11.19
CA TYR B 506 13.27 52.44 -10.92
C TYR B 506 13.68 51.37 -9.91
N GLY B 507 12.81 51.16 -8.92
CA GLY B 507 13.04 50.15 -7.91
C GLY B 507 12.70 48.76 -8.41
N VAL B 508 12.79 47.80 -7.48
CA VAL B 508 12.63 46.39 -7.83
C VAL B 508 11.21 46.11 -8.32
N GLY B 509 11.10 45.19 -9.26
CA GLY B 509 9.86 44.95 -9.97
C GLY B 509 9.76 45.75 -11.25
N HIS B 510 10.06 47.04 -11.18
CA HIS B 510 10.05 47.90 -12.35
C HIS B 510 11.43 48.02 -13.01
N GLN B 511 12.44 47.34 -12.46
CA GLN B 511 13.74 47.32 -13.11
C GLN B 511 13.68 46.49 -14.38
N PRO B 512 14.29 46.95 -15.47
CA PRO B 512 14.31 46.16 -16.72
C PRO B 512 15.20 44.93 -16.56
N TYR B 513 14.61 43.76 -16.74
CA TYR B 513 15.30 42.48 -16.59
C TYR B 513 15.38 41.78 -17.93
N ARG B 514 16.37 40.90 -18.06
CA ARG B 514 16.55 40.13 -19.29
C ARG B 514 16.44 38.64 -18.97
N VAL B 515 15.75 37.92 -19.85
CA VAL B 515 15.51 36.49 -19.72
C VAL B 515 16.14 35.79 -20.92
N VAL B 516 17.04 34.85 -20.65
CA VAL B 516 17.68 34.02 -21.66
C VAL B 516 17.30 32.57 -21.36
N VAL B 517 16.74 31.89 -22.35
CA VAL B 517 16.27 30.53 -22.19
C VAL B 517 17.09 29.62 -23.11
N LEU B 518 17.68 28.57 -22.52
CA LEU B 518 18.29 27.47 -23.24
C LEU B 518 17.38 26.26 -23.06
N SER B 519 16.63 25.91 -24.10
CA SER B 519 15.62 24.86 -24.02
C SER B 519 16.15 23.57 -24.63
N PHE B 520 16.06 22.50 -23.85
CA PHE B 520 16.42 21.17 -24.31
C PHE B 520 15.18 20.45 -24.81
N GLU B 521 15.41 19.36 -25.55
CA GLU B 521 14.36 18.40 -25.86
C GLU B 521 15.01 17.04 -26.03
N LEU B 522 14.34 16.00 -25.55
CA LEU B 522 14.88 14.65 -25.55
C LEU B 522 13.91 13.72 -26.26
N LEU B 523 14.44 12.95 -27.21
CA LEU B 523 13.63 12.03 -28.00
C LEU B 523 14.52 10.90 -28.48
N HIS B 524 13.93 9.72 -28.68
CA HIS B 524 14.67 8.55 -29.14
C HIS B 524 14.98 8.73 -30.63
N ALA B 525 15.97 9.56 -30.90
CA ALA B 525 16.40 9.92 -32.24
C ALA B 525 17.93 9.90 -32.26
N PRO B 526 18.54 9.80 -33.46
CA PRO B 526 20.00 9.98 -33.56
C PRO B 526 20.48 11.30 -33.00
N ALA B 527 21.25 11.25 -31.91
CA ALA B 527 21.69 12.44 -31.23
C ALA B 527 22.84 13.11 -31.97
N THR B 528 22.85 14.44 -31.96
CA THR B 528 23.89 15.21 -32.62
C THR B 528 24.69 16.11 -31.68
N VAL B 529 24.18 16.41 -30.49
CA VAL B 529 24.85 17.26 -29.52
C VAL B 529 25.21 16.42 -28.31
N CYS B 530 26.48 16.47 -27.90
CA CYS B 530 26.89 15.76 -26.69
C CYS B 530 28.10 16.46 -26.10
N GLY B 531 28.42 16.11 -24.86
CA GLY B 531 29.41 16.81 -24.08
C GLY B 531 30.83 16.39 -24.39
N PRO B 532 31.79 17.17 -23.90
CA PRO B 532 33.23 16.99 -24.23
C PRO B 532 34.10 16.07 -23.35
N LYS B 533 34.04 14.77 -23.59
CA LYS B 533 35.15 13.90 -23.24
C LYS B 533 35.80 13.29 -24.46
N LYS B 534 37.02 12.80 -24.26
CA LYS B 534 37.71 12.02 -25.27
C LYS B 534 36.99 10.69 -25.48
N SER B 535 36.86 10.31 -26.75
CA SER B 535 36.29 9.00 -27.09
C SER B 535 37.31 7.93 -26.77
N THR B 536 37.07 7.17 -25.70
CA THR B 536 38.03 6.18 -25.24
C THR B 536 38.06 4.98 -26.19
N ASN B 537 39.09 4.16 -26.03
CA ASN B 537 39.28 2.99 -26.87
C ASN B 537 38.23 1.92 -26.56
N LEU B 538 38.01 1.04 -27.52
CA LEU B 538 37.02 -0.02 -27.41
C LEU B 538 37.68 -1.31 -26.95
N VAL B 539 37.10 -1.95 -25.95
CA VAL B 539 37.57 -3.23 -25.44
C VAL B 539 36.43 -4.24 -25.61
N LYS B 540 36.79 -5.47 -25.98
CA LYS B 540 35.81 -6.51 -26.26
C LYS B 540 36.12 -7.73 -25.41
N ASN B 541 35.09 -8.58 -25.26
CA ASN B 541 35.14 -9.83 -24.49
C ASN B 541 35.50 -9.59 -23.03
N LYS B 542 35.12 -8.43 -22.49
CA LYS B 542 35.30 -8.11 -21.08
C LYS B 542 34.08 -7.36 -20.57
N CYS B 543 33.66 -7.70 -19.35
CA CYS B 543 32.49 -7.08 -18.73
C CYS B 543 32.84 -5.65 -18.34
N VAL B 544 32.34 -4.67 -19.11
CA VAL B 544 32.63 -3.26 -18.91
C VAL B 544 31.33 -2.46 -18.96
N ASN B 545 31.44 -1.19 -18.61
CA ASN B 545 30.32 -0.27 -18.65
C ASN B 545 30.15 0.33 -20.05
N PHE B 546 29.13 1.15 -20.21
CA PHE B 546 28.75 1.72 -21.49
C PHE B 546 28.60 3.22 -21.36
N ASN B 547 29.10 3.95 -22.36
CA ASN B 547 28.80 5.37 -22.48
C ASN B 547 28.53 5.67 -23.96
N PHE B 548 27.68 4.85 -24.58
CA PHE B 548 27.31 5.08 -25.96
C PHE B 548 26.37 6.28 -26.05
N ASN B 549 26.08 6.69 -27.29
CA ASN B 549 25.35 7.93 -27.54
C ASN B 549 23.93 7.85 -27.01
N GLY B 550 23.70 8.49 -25.86
CA GLY B 550 22.41 8.40 -25.19
C GLY B 550 22.11 7.04 -24.61
N LEU B 551 23.12 6.23 -24.32
CA LEU B 551 22.86 4.86 -23.84
C LEU B 551 23.96 4.44 -22.88
N THR B 552 23.58 4.12 -21.65
CA THR B 552 24.49 3.57 -20.66
C THR B 552 24.03 2.18 -20.25
N GLY B 553 24.95 1.41 -19.71
CA GLY B 553 24.65 0.05 -19.31
C GLY B 553 25.92 -0.67 -18.88
N THR B 554 25.77 -1.98 -18.70
CA THR B 554 26.88 -2.84 -18.30
C THR B 554 26.77 -4.15 -19.06
N GLY B 555 27.89 -4.64 -19.59
CA GLY B 555 27.84 -5.90 -20.31
C GLY B 555 29.17 -6.21 -20.97
N VAL B 556 29.16 -7.33 -21.68
CA VAL B 556 30.30 -7.85 -22.42
C VAL B 556 29.96 -7.79 -23.90
N LEU B 557 30.98 -7.59 -24.73
CA LEU B 557 30.81 -7.31 -26.14
C LEU B 557 31.41 -8.42 -26.99
N THR B 558 30.79 -8.67 -28.15
CA THR B 558 31.31 -9.60 -29.12
C THR B 558 30.80 -9.22 -30.51
N GLU B 559 31.64 -9.49 -31.51
CA GLU B 559 31.22 -9.28 -32.90
C GLU B 559 30.25 -10.38 -33.31
N SER B 560 29.37 -10.05 -34.26
CA SER B 560 28.34 -10.99 -34.66
C SER B 560 27.93 -10.74 -36.10
N ASN B 561 27.22 -11.71 -36.67
CA ASN B 561 26.72 -11.63 -38.04
C ASN B 561 25.28 -11.13 -38.07
N LYS B 562 25.07 -9.95 -37.50
CA LYS B 562 23.78 -9.29 -37.55
C LYS B 562 23.75 -8.33 -38.73
N LYS B 563 22.81 -8.55 -39.65
CA LYS B 563 22.74 -7.79 -40.90
C LYS B 563 21.87 -6.56 -40.67
N PHE B 564 22.50 -5.51 -40.14
CA PHE B 564 21.79 -4.27 -39.90
C PHE B 564 21.60 -3.50 -41.21
N LEU B 565 20.39 -3.00 -41.42
CA LEU B 565 20.15 -2.08 -42.51
C LEU B 565 20.81 -0.74 -42.20
N PRO B 566 21.17 0.05 -43.22
CA PRO B 566 21.96 1.28 -42.97
C PRO B 566 21.27 2.31 -42.09
N PHE B 567 19.95 2.41 -42.10
CA PHE B 567 19.29 3.34 -41.19
C PHE B 567 19.26 2.80 -39.77
N GLN B 568 19.36 1.48 -39.60
CA GLN B 568 19.27 0.87 -38.29
C GLN B 568 20.54 1.13 -37.48
N GLN B 569 20.38 1.56 -36.23
CA GLN B 569 21.51 1.89 -35.38
C GLN B 569 21.47 1.27 -34.00
N PHE B 570 20.32 0.82 -33.51
CA PHE B 570 20.22 0.02 -32.30
C PHE B 570 19.77 -1.39 -32.65
N GLY B 571 19.79 -2.25 -31.65
CA GLY B 571 19.23 -3.59 -31.79
C GLY B 571 18.45 -3.94 -30.55
N ARG B 572 17.37 -4.70 -30.75
CA ARG B 572 16.43 -4.92 -29.66
C ARG B 572 15.70 -6.23 -29.90
N ASP B 573 15.17 -6.80 -28.81
CA ASP B 573 14.42 -8.04 -28.83
C ASP B 573 13.21 -7.83 -27.93
N ILE B 574 12.60 -8.95 -27.49
CA ILE B 574 11.37 -8.90 -26.71
C ILE B 574 11.57 -8.10 -25.43
N ALA B 575 10.59 -7.22 -25.14
CA ALA B 575 10.46 -6.48 -23.89
C ALA B 575 11.57 -5.43 -23.69
N ASP B 576 11.91 -4.74 -24.79
CA ASP B 576 12.65 -3.46 -24.74
C ASP B 576 14.02 -3.59 -24.10
N THR B 577 14.75 -4.64 -24.50
CA THR B 577 16.12 -4.86 -24.04
C THR B 577 17.08 -4.70 -25.22
N THR B 578 18.09 -3.86 -25.04
CA THR B 578 19.08 -3.65 -26.09
C THR B 578 19.97 -4.87 -26.23
N ASP B 579 20.14 -5.34 -27.45
CA ASP B 579 20.95 -6.52 -27.74
C ASP B 579 22.22 -6.20 -28.52
N ALA B 580 22.12 -5.37 -29.57
CA ALA B 580 23.26 -5.02 -30.39
C ALA B 580 23.35 -3.50 -30.49
N VAL B 581 24.49 -3.03 -30.99
CA VAL B 581 24.72 -1.59 -31.08
C VAL B 581 25.71 -1.32 -32.22
N ARG B 582 25.55 -0.14 -32.83
CA ARG B 582 26.41 0.36 -33.89
C ARG B 582 27.33 1.44 -33.33
N ASP B 583 28.63 1.31 -33.60
CA ASP B 583 29.59 2.30 -33.16
C ASP B 583 29.42 3.57 -34.01
N PRO B 584 29.45 4.75 -33.40
CA PRO B 584 29.31 5.98 -34.18
C PRO B 584 30.50 6.28 -35.10
N GLN B 585 31.72 5.94 -34.71
CA GLN B 585 32.87 6.24 -35.55
C GLN B 585 33.09 5.17 -36.62
N THR B 586 33.31 3.93 -36.21
CA THR B 586 33.49 2.83 -37.14
C THR B 586 32.15 2.13 -37.38
N LEU B 587 31.98 1.60 -38.58
CA LEU B 587 30.73 0.96 -38.96
C LEU B 587 30.80 -0.53 -38.64
N GLU B 588 30.75 -0.82 -37.34
CA GLU B 588 30.80 -2.17 -36.81
C GLU B 588 29.56 -2.44 -35.95
N ILE B 589 28.97 -3.61 -36.13
CA ILE B 589 27.76 -4.00 -35.41
C ILE B 589 28.17 -5.05 -34.39
N LEU B 590 27.90 -4.80 -33.11
CA LEU B 590 28.39 -5.70 -32.07
C LEU B 590 27.34 -5.87 -30.98
N ASP B 591 27.27 -7.09 -30.44
CA ASP B 591 26.23 -7.44 -29.49
C ASP B 591 26.58 -6.99 -28.07
N ILE B 592 25.57 -7.05 -27.21
CA ILE B 592 25.70 -6.79 -25.79
C ILE B 592 25.13 -7.99 -25.04
N THR B 593 25.92 -8.56 -24.13
CA THR B 593 25.44 -9.62 -23.27
C THR B 593 25.67 -9.21 -21.82
N PRO B 594 24.63 -9.18 -20.98
CA PRO B 594 24.85 -8.77 -19.58
C PRO B 594 25.72 -9.74 -18.82
N CYS B 595 26.49 -9.20 -17.88
CA CYS B 595 27.50 -9.97 -17.17
C CYS B 595 26.84 -11.01 -16.27
N SER B 596 27.55 -12.13 -16.10
CA SER B 596 26.96 -13.31 -15.48
C SER B 596 26.69 -13.11 -14.00
N PHE B 597 25.55 -13.61 -13.54
CA PHE B 597 25.19 -13.58 -12.13
C PHE B 597 24.70 -14.96 -11.70
N GLY B 598 24.15 -15.05 -10.51
CA GLY B 598 23.61 -16.31 -9.99
C GLY B 598 23.83 -16.42 -8.50
N GLY B 599 22.91 -17.11 -7.83
CA GLY B 599 23.02 -17.28 -6.40
C GLY B 599 24.09 -18.28 -6.01
N VAL B 600 24.54 -18.17 -4.77
CA VAL B 600 25.52 -19.09 -4.22
C VAL B 600 24.83 -19.97 -3.19
N SER B 601 25.35 -21.19 -3.04
CA SER B 601 24.80 -22.14 -2.09
C SER B 601 25.93 -22.78 -1.31
N VAL B 602 25.64 -23.10 -0.06
CA VAL B 602 26.59 -23.76 0.83
C VAL B 602 26.09 -25.18 1.07
N ILE B 603 26.90 -26.16 0.69
CA ILE B 603 26.65 -27.56 0.98
C ILE B 603 27.45 -27.92 2.22
N THR B 604 26.77 -28.37 3.27
CA THR B 604 27.48 -28.71 4.49
C THR B 604 26.82 -29.90 5.16
N PRO B 605 27.57 -30.68 5.93
CA PRO B 605 26.94 -31.59 6.89
C PRO B 605 26.52 -30.82 8.13
N GLY B 606 26.03 -31.52 9.15
CA GLY B 606 25.69 -30.86 10.39
C GLY B 606 26.92 -30.31 11.08
N THR B 607 26.72 -29.21 11.82
CA THR B 607 27.83 -28.60 12.54
C THR B 607 28.29 -29.44 13.72
N ASN B 608 27.51 -30.45 14.13
CA ASN B 608 27.93 -31.40 15.14
C ASN B 608 28.87 -32.46 14.57
N THR B 609 29.03 -32.51 13.25
CA THR B 609 29.90 -33.47 12.59
C THR B 609 31.25 -32.87 12.20
N SER B 610 31.25 -31.75 11.47
CA SER B 610 32.48 -31.12 11.03
C SER B 610 32.19 -29.66 10.72
N ASN B 611 33.21 -28.96 10.21
CA ASN B 611 33.09 -27.57 9.82
C ASN B 611 33.45 -27.33 8.37
N GLN B 612 33.78 -28.36 7.61
CA GLN B 612 34.08 -28.20 6.20
C GLN B 612 32.81 -27.93 5.40
N VAL B 613 32.95 -27.08 4.37
CA VAL B 613 31.82 -26.70 3.53
C VAL B 613 32.24 -26.78 2.07
N ALA B 614 31.24 -26.83 1.20
CA ALA B 614 31.45 -26.72 -0.24
C ALA B 614 30.55 -25.60 -0.76
N VAL B 615 30.99 -24.96 -1.84
CA VAL B 615 30.30 -23.79 -2.38
C VAL B 615 29.85 -24.11 -3.80
N LEU B 616 28.56 -23.90 -4.07
CA LEU B 616 27.98 -24.04 -5.39
C LEU B 616 27.69 -22.66 -5.95
N TYR B 617 28.30 -22.34 -7.08
CA TYR B 617 28.03 -21.13 -7.83
C TYR B 617 27.09 -21.53 -8.96
N GLN B 618 25.82 -21.13 -8.85
CA GLN B 618 24.77 -21.66 -9.70
C GLN B 618 24.71 -20.92 -11.03
N GLY B 619 24.59 -21.68 -12.13
CA GLY B 619 24.34 -21.10 -13.43
C GLY B 619 25.51 -20.39 -14.07
N VAL B 620 26.71 -20.50 -13.49
CA VAL B 620 27.89 -19.84 -14.01
C VAL B 620 28.84 -20.90 -14.55
N ASN B 621 29.94 -20.44 -15.11
CA ASN B 621 30.97 -21.34 -15.64
C ASN B 621 32.21 -21.18 -14.78
N CYS B 622 33.02 -22.24 -14.70
CA CYS B 622 34.08 -22.32 -13.71
C CYS B 622 35.31 -21.46 -14.04
N THR B 623 35.22 -20.58 -15.04
CA THR B 623 36.31 -19.67 -15.38
C THR B 623 36.06 -18.23 -14.95
N GLU B 624 34.91 -17.95 -14.32
CA GLU B 624 34.60 -16.62 -13.85
C GLU B 624 34.45 -16.51 -12.35
N VAL B 625 34.39 -17.63 -11.63
CA VAL B 625 34.25 -17.64 -10.17
C VAL B 625 35.42 -17.00 -9.41
N PRO B 626 36.64 -16.82 -10.00
CA PRO B 626 37.53 -15.84 -9.35
C PRO B 626 36.90 -14.46 -9.08
N GLY B 644 41.43 -22.30 -5.08
CA GLY B 644 42.15 -23.20 -4.19
C GLY B 644 41.90 -24.67 -4.48
N SER B 645 41.96 -25.02 -5.76
CA SER B 645 41.81 -26.38 -6.28
C SER B 645 40.44 -26.99 -5.95
N ASN B 646 40.28 -28.28 -6.27
CA ASN B 646 39.04 -29.03 -6.08
C ASN B 646 37.85 -28.35 -6.75
N VAL B 647 38.07 -27.83 -7.95
CA VAL B 647 37.05 -27.13 -8.71
C VAL B 647 36.48 -28.08 -9.74
N PHE B 648 35.17 -28.28 -9.72
CA PHE B 648 34.49 -29.20 -10.62
C PHE B 648 33.38 -28.46 -11.35
N GLN B 649 33.17 -28.83 -12.61
CA GLN B 649 32.11 -28.23 -13.42
C GLN B 649 30.92 -29.17 -13.48
N THR B 650 29.75 -28.65 -13.11
CA THR B 650 28.52 -29.41 -13.07
C THR B 650 27.48 -28.66 -13.89
N ARG B 651 26.47 -29.39 -14.36
CA ARG B 651 25.38 -28.77 -15.11
C ARG B 651 24.62 -27.76 -14.24
N ALA B 652 24.57 -27.99 -12.93
CA ALA B 652 23.98 -27.00 -12.03
C ALA B 652 24.86 -25.75 -11.93
N GLY B 653 26.18 -25.93 -11.91
CA GLY B 653 27.09 -24.80 -11.83
C GLY B 653 28.47 -25.25 -11.42
N CYS B 654 29.25 -24.30 -10.91
CA CYS B 654 30.61 -24.58 -10.47
C CYS B 654 30.59 -25.04 -9.02
N LEU B 655 31.32 -26.12 -8.72
CA LEU B 655 31.37 -26.68 -7.37
C LEU B 655 32.79 -26.60 -6.85
N ILE B 656 32.97 -25.94 -5.70
CA ILE B 656 34.28 -25.69 -5.14
C ILE B 656 34.33 -26.32 -3.75
N GLY B 657 35.36 -27.13 -3.50
CA GLY B 657 35.56 -27.75 -2.20
C GLY B 657 35.14 -29.19 -2.10
N ALA B 658 34.66 -29.80 -3.19
CA ALA B 658 34.25 -31.19 -3.19
C ALA B 658 34.91 -31.92 -4.35
N GLU B 659 35.34 -33.15 -4.09
CA GLU B 659 36.05 -33.97 -5.08
C GLU B 659 35.08 -34.93 -5.74
N TYR B 660 35.10 -34.98 -7.07
CA TYR B 660 34.21 -35.86 -7.81
C TYR B 660 34.78 -37.28 -7.85
N VAL B 661 33.90 -38.26 -7.80
CA VAL B 661 34.29 -39.67 -7.76
C VAL B 661 33.40 -40.45 -8.73
N ASN B 662 33.94 -41.55 -9.27
CA ASN B 662 33.17 -42.40 -10.19
C ASN B 662 32.00 -43.08 -9.50
N ASN B 663 32.14 -43.44 -8.23
CA ASN B 663 31.19 -44.32 -7.56
C ASN B 663 29.84 -43.63 -7.39
N SER B 664 28.80 -44.44 -7.19
CA SER B 664 27.42 -43.97 -7.12
C SER B 664 26.76 -44.53 -5.87
N TYR B 665 26.38 -43.66 -4.96
CA TYR B 665 25.70 -44.00 -3.71
C TYR B 665 24.33 -43.34 -3.70
N GLU B 666 23.63 -43.46 -2.56
CA GLU B 666 22.38 -42.77 -2.37
C GLU B 666 22.63 -41.28 -2.15
N CYS B 667 21.62 -40.48 -2.45
CA CYS B 667 21.73 -39.03 -2.32
C CYS B 667 21.58 -38.61 -0.86
N ASP B 668 22.44 -37.70 -0.43
CA ASP B 668 22.35 -37.10 0.90
C ASP B 668 22.05 -35.61 0.80
N ILE B 669 22.87 -34.85 0.08
CA ILE B 669 22.59 -33.44 -0.18
C ILE B 669 22.44 -33.27 -1.69
N PRO B 670 21.25 -32.94 -2.18
CA PRO B 670 21.05 -32.87 -3.64
C PRO B 670 21.52 -31.54 -4.22
N ILE B 671 22.47 -31.61 -5.15
CA ILE B 671 22.83 -30.45 -5.97
C ILE B 671 21.93 -30.34 -7.18
N GLY B 672 21.81 -31.42 -7.96
CA GLY B 672 20.95 -31.38 -9.12
C GLY B 672 21.56 -32.06 -10.34
N ALA B 673 20.73 -32.27 -11.36
CA ALA B 673 21.09 -32.99 -12.59
C ALA B 673 21.67 -34.37 -12.28
N GLY B 674 21.10 -35.01 -11.27
CA GLY B 674 21.60 -36.31 -10.83
C GLY B 674 22.90 -36.26 -10.07
N ILE B 675 23.28 -35.12 -9.51
CA ILE B 675 24.53 -34.95 -8.79
C ILE B 675 24.21 -34.65 -7.33
N CYS B 676 24.80 -35.42 -6.42
CA CYS B 676 24.58 -35.28 -4.98
C CYS B 676 25.92 -35.34 -4.26
N ALA B 677 25.98 -34.72 -3.09
CA ALA B 677 27.20 -34.70 -2.28
C ALA B 677 26.99 -35.43 -0.96
N SER B 678 28.11 -35.83 -0.37
CA SER B 678 28.09 -36.52 0.92
C SER B 678 29.40 -36.28 1.64
N TYR B 679 29.38 -36.53 2.95
CA TYR B 679 30.53 -36.38 3.82
C TYR B 679 30.92 -37.74 4.36
N GLN B 680 32.07 -38.27 3.93
CA GLN B 680 32.51 -39.58 4.38
C GLN B 680 34.00 -39.72 4.13
N THR B 681 34.53 -40.89 4.48
CA THR B 681 35.95 -41.18 4.36
C THR B 681 36.29 -41.57 2.92
N GLN B 682 37.56 -41.87 2.69
CA GLN B 682 38.03 -42.28 1.37
C GLN B 682 39.13 -43.33 1.49
N SER B 694 41.27 -37.83 6.25
CA SER B 694 40.47 -38.82 6.95
C SER B 694 39.02 -38.75 6.49
N GLN B 695 38.42 -37.58 6.59
CA GLN B 695 37.04 -37.34 6.18
C GLN B 695 37.02 -36.23 5.15
N SER B 696 36.11 -36.34 4.18
CA SER B 696 36.03 -35.36 3.11
C SER B 696 34.63 -35.31 2.53
N ILE B 697 34.34 -34.21 1.85
CA ILE B 697 33.10 -34.01 1.12
C ILE B 697 33.33 -34.38 -0.33
N ILE B 698 32.50 -35.29 -0.85
CA ILE B 698 32.63 -35.74 -2.23
C ILE B 698 31.30 -35.55 -2.94
N ALA B 699 31.37 -35.47 -4.26
CA ALA B 699 30.22 -35.32 -5.13
C ALA B 699 30.17 -36.50 -6.10
N TYR B 700 28.98 -36.99 -6.38
CA TYR B 700 28.83 -38.19 -7.17
C TYR B 700 27.50 -38.16 -7.91
N THR B 701 27.31 -39.16 -8.76
CA THR B 701 26.05 -39.39 -9.45
C THR B 701 25.20 -40.33 -8.60
N MET B 702 23.88 -40.10 -8.61
CA MET B 702 22.97 -40.87 -7.78
C MET B 702 22.91 -42.33 -8.20
N SER B 703 22.72 -43.20 -7.22
CA SER B 703 22.45 -44.62 -7.45
C SER B 703 20.97 -44.85 -7.18
N LEU B 704 20.27 -45.36 -8.19
CA LEU B 704 18.81 -45.50 -8.08
C LEU B 704 18.42 -46.68 -7.19
N GLY B 705 19.23 -47.72 -7.16
CA GLY B 705 18.93 -48.85 -6.32
C GLY B 705 19.80 -50.04 -6.67
N ALA B 706 19.60 -51.12 -5.92
CA ALA B 706 20.34 -52.34 -6.17
C ALA B 706 19.86 -53.01 -7.45
N GLU B 707 20.81 -53.44 -8.28
CA GLU B 707 20.46 -54.12 -9.51
C GLU B 707 19.93 -55.52 -9.22
N ASN B 708 18.81 -55.87 -9.83
CA ASN B 708 18.15 -57.15 -9.57
C ASN B 708 17.71 -57.80 -10.87
N SER B 709 17.87 -59.12 -10.94
CA SER B 709 17.41 -59.92 -12.06
C SER B 709 16.48 -61.01 -11.53
N VAL B 710 15.32 -61.15 -12.16
CA VAL B 710 14.36 -62.19 -11.83
C VAL B 710 14.40 -63.21 -12.95
N ALA B 711 14.68 -64.48 -12.63
CA ALA B 711 14.94 -65.51 -13.61
C ALA B 711 13.63 -66.04 -14.19
N TYR B 712 12.99 -65.21 -15.02
CA TYR B 712 11.73 -65.58 -15.65
C TYR B 712 11.94 -66.74 -16.62
N SER B 713 11.03 -67.72 -16.57
CA SER B 713 11.12 -68.91 -17.41
C SER B 713 9.74 -69.27 -17.93
N ASN B 714 9.67 -70.36 -18.70
CA ASN B 714 8.39 -70.79 -19.23
C ASN B 714 7.48 -71.34 -18.14
N ASN B 715 8.02 -72.15 -17.23
CA ASN B 715 7.18 -72.89 -16.30
C ASN B 715 7.73 -72.86 -14.87
N SER B 716 8.39 -71.78 -14.47
CA SER B 716 8.91 -71.66 -13.11
C SER B 716 8.10 -70.64 -12.33
N ILE B 717 7.74 -70.99 -11.10
CA ILE B 717 6.99 -70.10 -10.22
C ILE B 717 7.66 -70.09 -8.85
N ALA B 718 7.60 -68.96 -8.17
CA ALA B 718 8.15 -68.79 -6.83
C ALA B 718 7.01 -68.58 -5.84
N ILE B 719 7.03 -69.35 -4.75
CA ILE B 719 5.98 -69.28 -3.75
C ILE B 719 6.63 -69.05 -2.39
N PRO B 720 6.14 -68.09 -1.60
CA PRO B 720 6.65 -67.93 -0.24
C PRO B 720 6.21 -69.08 0.65
N THR B 721 7.07 -69.43 1.59
CA THR B 721 6.78 -70.51 2.53
C THR B 721 6.54 -70.02 3.95
N ASN B 722 6.72 -68.73 4.22
CA ASN B 722 6.71 -68.22 5.58
C ASN B 722 6.52 -66.72 5.46
N PHE B 723 6.23 -66.04 6.57
CA PHE B 723 5.72 -64.68 6.49
C PHE B 723 6.31 -63.80 7.57
N THR B 724 5.88 -62.54 7.58
CA THR B 724 6.36 -61.54 8.54
C THR B 724 5.29 -60.47 8.70
N ILE B 725 4.95 -60.13 9.95
CA ILE B 725 4.01 -59.06 10.24
C ILE B 725 4.80 -57.77 10.44
N SER B 726 4.39 -56.71 9.75
CA SER B 726 5.09 -55.43 9.81
C SER B 726 4.14 -54.33 10.26
N VAL B 727 4.65 -53.38 11.02
CA VAL B 727 3.85 -52.26 11.53
C VAL B 727 4.60 -50.97 11.21
N THR B 728 3.96 -50.07 10.49
CA THR B 728 4.57 -48.82 10.04
C THR B 728 3.75 -47.63 10.51
N THR B 729 4.33 -46.43 10.41
CA THR B 729 3.68 -45.18 10.77
C THR B 729 3.32 -44.36 9.54
N GLU B 730 2.36 -43.46 9.74
CA GLU B 730 2.09 -42.39 8.78
C GLU B 730 1.54 -41.19 9.53
N ILE B 731 2.16 -40.03 9.35
CA ILE B 731 1.82 -38.81 10.06
C ILE B 731 1.11 -37.87 9.10
N LEU B 732 -0.07 -37.39 9.47
CA LEU B 732 -0.85 -36.49 8.63
C LEU B 732 -1.30 -35.28 9.46
N PRO B 733 -0.95 -34.07 9.06
CA PRO B 733 -1.50 -32.88 9.72
C PRO B 733 -3.00 -32.74 9.44
N VAL B 734 -3.70 -32.17 10.41
CA VAL B 734 -5.16 -32.10 10.31
C VAL B 734 -5.65 -30.66 10.47
N SER B 735 -4.89 -29.81 11.16
CA SER B 735 -5.35 -28.46 11.46
C SER B 735 -4.17 -27.58 11.82
N MET B 736 -4.42 -26.28 11.87
CA MET B 736 -3.45 -25.31 12.34
C MET B 736 -4.12 -24.40 13.37
N THR B 737 -3.43 -23.33 13.73
CA THR B 737 -3.93 -22.40 14.74
C THR B 737 -4.93 -21.42 14.15
N LYS B 738 -5.97 -21.11 14.92
CA LYS B 738 -6.98 -20.14 14.52
C LYS B 738 -6.56 -18.75 14.98
N THR B 739 -6.62 -17.78 14.08
CA THR B 739 -6.14 -16.43 14.36
C THR B 739 -7.17 -15.39 13.94
N SER B 740 -7.05 -14.20 14.52
CA SER B 740 -7.93 -13.09 14.21
C SER B 740 -7.16 -11.78 14.35
N VAL B 741 -7.54 -10.79 13.55
CA VAL B 741 -6.85 -9.51 13.51
C VAL B 741 -7.90 -8.39 13.60
N ASP B 742 -7.49 -7.24 14.10
CA ASP B 742 -8.34 -6.07 14.22
C ASP B 742 -8.02 -5.08 13.09
N CYS B 743 -9.06 -4.38 12.64
CA CYS B 743 -8.91 -3.33 11.64
C CYS B 743 -8.03 -2.19 12.12
N THR B 744 -8.51 -1.46 13.11
CA THR B 744 -7.90 -0.21 13.50
C THR B 744 -6.61 -0.40 14.28
N MET B 745 -6.58 -1.38 15.19
CA MET B 745 -5.49 -1.46 16.18
C MET B 745 -4.15 -1.77 15.53
N TYR B 746 -4.12 -2.67 14.54
CA TYR B 746 -2.86 -3.00 13.89
C TYR B 746 -2.35 -1.83 13.05
N ILE B 747 -3.22 -1.26 12.22
CA ILE B 747 -2.78 -0.21 11.31
C ILE B 747 -2.55 1.11 12.06
N CYS B 748 -3.48 1.47 12.95
CA CYS B 748 -3.41 2.72 13.69
C CYS B 748 -3.15 2.45 15.16
N GLY B 749 -2.11 3.06 15.71
CA GLY B 749 -1.80 2.92 17.11
C GLY B 749 -2.69 3.79 17.97
N ASP B 750 -3.96 3.40 18.09
CA ASP B 750 -5.05 4.05 18.84
C ASP B 750 -5.18 5.55 18.55
N SER B 751 -4.74 6.00 17.38
CA SER B 751 -4.88 7.39 16.99
C SER B 751 -6.28 7.65 16.45
N THR B 752 -6.73 8.90 16.60
CA THR B 752 -8.09 9.26 16.19
C THR B 752 -8.16 9.61 14.70
N GLU B 753 -7.31 10.55 14.24
CA GLU B 753 -7.33 10.97 12.85
C GLU B 753 -6.91 9.85 11.91
N CYS B 754 -6.08 8.92 12.40
CA CYS B 754 -5.71 7.75 11.62
C CYS B 754 -6.94 6.91 11.29
N SER B 755 -7.88 6.79 12.24
CA SER B 755 -9.11 6.05 11.99
C SER B 755 -9.97 6.74 10.94
N ASN B 756 -10.06 8.07 10.98
CA ASN B 756 -10.82 8.79 9.96
C ASN B 756 -10.17 8.68 8.58
N LEU B 757 -8.84 8.63 8.51
CA LEU B 757 -8.20 8.44 7.22
C LEU B 757 -8.37 7.02 6.71
N LEU B 758 -8.37 6.03 7.63
CA LEU B 758 -8.55 4.64 7.22
C LEU B 758 -9.99 4.38 6.80
N LEU B 759 -10.95 5.11 7.36
CA LEU B 759 -12.36 4.91 7.03
C LEU B 759 -12.65 5.32 5.58
N GLN B 760 -11.85 6.22 5.00
CA GLN B 760 -12.12 6.71 3.66
C GLN B 760 -11.75 5.69 2.59
N TYR B 761 -10.83 4.77 2.89
CA TYR B 761 -10.38 3.80 1.90
C TYR B 761 -11.48 2.81 1.51
N GLY B 762 -12.25 2.33 2.48
CA GLY B 762 -13.31 1.40 2.17
C GLY B 762 -13.48 0.28 3.17
N SER B 763 -13.56 -0.95 2.68
CA SER B 763 -13.91 -2.09 3.51
C SER B 763 -12.99 -3.27 3.21
N PHE B 764 -11.68 -3.02 3.21
CA PHE B 764 -10.72 -4.12 3.10
C PHE B 764 -10.80 -5.05 4.32
N CYS B 765 -10.74 -4.48 5.52
CA CYS B 765 -10.58 -5.32 6.70
C CYS B 765 -11.86 -6.09 7.02
N THR B 766 -13.01 -5.66 6.48
CA THR B 766 -14.20 -6.49 6.54
C THR B 766 -13.99 -7.79 5.78
N GLN B 767 -13.41 -7.71 4.58
CA GLN B 767 -13.12 -8.93 3.82
C GLN B 767 -12.05 -9.77 4.51
N LEU B 768 -11.03 -9.13 5.09
CA LEU B 768 -10.01 -9.90 5.82
C LEU B 768 -10.60 -10.58 7.05
N LYS B 769 -11.50 -9.89 7.77
CA LYS B 769 -12.14 -10.48 8.94
C LYS B 769 -13.02 -11.66 8.56
N ARG B 770 -13.79 -11.52 7.47
CA ARG B 770 -14.62 -12.63 7.01
C ARG B 770 -13.76 -13.81 6.54
N ALA B 771 -12.65 -13.52 5.86
CA ALA B 771 -11.76 -14.60 5.41
C ALA B 771 -11.15 -15.35 6.59
N LEU B 772 -10.69 -14.62 7.61
CA LEU B 772 -10.09 -15.30 8.75
C LEU B 772 -11.13 -16.03 9.60
N THR B 773 -12.34 -15.49 9.69
CA THR B 773 -13.41 -16.20 10.39
C THR B 773 -13.77 -17.50 9.68
N GLY B 774 -13.86 -17.45 8.34
CA GLY B 774 -14.11 -18.67 7.59
C GLY B 774 -12.98 -19.68 7.72
N ILE B 775 -11.73 -19.19 7.77
CA ILE B 775 -10.59 -20.08 7.98
C ILE B 775 -10.68 -20.75 9.35
N ALA B 776 -11.02 -20.00 10.39
CA ALA B 776 -11.12 -20.57 11.73
C ALA B 776 -12.25 -21.60 11.83
N VAL B 777 -13.40 -21.31 11.22
CA VAL B 777 -14.50 -22.27 11.22
C VAL B 777 -14.12 -23.53 10.45
N GLU B 778 -13.39 -23.37 9.34
CA GLU B 778 -12.93 -24.51 8.56
C GLU B 778 -11.95 -25.37 9.35
N GLN B 779 -11.07 -24.73 10.11
CA GLN B 779 -10.12 -25.47 10.95
C GLN B 779 -10.83 -26.21 12.07
N ASP B 780 -11.91 -25.64 12.60
CA ASP B 780 -12.70 -26.37 13.59
C ASP B 780 -13.42 -27.56 12.97
N LYS B 781 -13.89 -27.42 11.73
CA LYS B 781 -14.58 -28.51 11.06
C LYS B 781 -13.62 -29.62 10.64
N ASN B 782 -12.36 -29.27 10.40
CA ASN B 782 -11.38 -30.24 9.91
C ASN B 782 -11.14 -31.36 10.90
N THR B 783 -11.01 -31.02 12.19
CA THR B 783 -10.79 -32.07 13.19
C THR B 783 -12.08 -32.85 13.47
N GLN B 784 -13.23 -32.22 13.28
CA GLN B 784 -14.50 -32.93 13.47
C GLN B 784 -14.71 -33.98 12.38
N GLU B 785 -14.29 -33.69 11.15
CA GLU B 785 -14.50 -34.64 10.07
C GLU B 785 -13.62 -35.88 10.16
N VAL B 786 -12.57 -35.85 10.96
CA VAL B 786 -11.63 -36.97 11.05
C VAL B 786 -11.90 -37.85 12.27
N PHE B 787 -11.91 -37.26 13.46
CA PHE B 787 -12.02 -38.04 14.69
C PHE B 787 -13.45 -38.40 15.03
N ALA B 788 -14.39 -37.47 14.84
CA ALA B 788 -15.79 -37.70 15.24
C ALA B 788 -16.48 -38.53 14.15
N GLN B 789 -16.22 -39.84 14.19
CA GLN B 789 -16.84 -40.76 13.26
C GLN B 789 -17.52 -41.94 13.93
N VAL B 790 -17.55 -41.99 15.25
CA VAL B 790 -18.21 -43.06 15.98
C VAL B 790 -19.52 -42.54 16.56
N LYS B 791 -20.52 -43.42 16.58
CA LYS B 791 -21.81 -43.04 17.16
C LYS B 791 -21.73 -43.01 18.69
N GLN B 792 -21.05 -43.98 19.29
CA GLN B 792 -21.06 -44.17 20.72
C GLN B 792 -19.63 -44.36 21.21
N ILE B 793 -19.40 -44.03 22.48
CA ILE B 793 -18.09 -44.16 23.11
C ILE B 793 -17.97 -45.57 23.67
N TYR B 794 -16.96 -46.30 23.20
CA TYR B 794 -16.73 -47.68 23.59
C TYR B 794 -15.62 -47.76 24.63
N LYS B 795 -15.63 -48.86 25.40
CA LYS B 795 -14.55 -49.15 26.32
C LYS B 795 -14.17 -50.62 26.19
N THR B 796 -12.91 -50.92 26.51
CA THR B 796 -12.42 -52.28 26.59
C THR B 796 -12.88 -52.92 27.90
N PRO B 797 -12.99 -54.25 27.94
CA PRO B 797 -13.32 -54.92 29.20
C PRO B 797 -12.20 -54.75 30.22
N PRO B 798 -12.52 -54.82 31.52
CA PRO B 798 -11.46 -54.66 32.53
C PRO B 798 -10.39 -55.74 32.49
N ILE B 799 -10.74 -56.95 32.11
CA ILE B 799 -9.74 -57.98 31.82
C ILE B 799 -9.21 -57.75 30.40
N LYS B 800 -7.90 -57.92 30.22
CA LYS B 800 -7.25 -57.58 28.96
C LYS B 800 -6.41 -58.78 28.52
N TYR B 801 -7.04 -59.68 27.77
CA TYR B 801 -6.35 -60.82 27.16
C TYR B 801 -6.98 -61.03 25.79
N PHE B 802 -6.31 -60.55 24.74
CA PHE B 802 -6.84 -60.61 23.39
C PHE B 802 -5.99 -61.62 22.60
N GLY B 803 -6.29 -62.89 22.79
CA GLY B 803 -5.66 -63.97 22.04
C GLY B 803 -4.15 -64.06 22.16
N GLY B 804 -3.57 -63.50 23.21
CA GLY B 804 -2.14 -63.39 23.32
C GLY B 804 -1.54 -62.16 22.66
N PHE B 805 -2.33 -61.38 21.94
CA PHE B 805 -1.85 -60.12 21.39
C PHE B 805 -1.86 -59.07 22.50
N ASN B 806 -0.83 -58.23 22.54
CA ASN B 806 -0.61 -57.39 23.71
C ASN B 806 -0.65 -55.92 23.27
N PHE B 807 -1.72 -55.22 23.66
CA PHE B 807 -2.04 -53.90 23.13
C PHE B 807 -1.75 -52.80 24.11
N SER B 808 -0.83 -53.01 25.06
CA SER B 808 -0.65 -52.07 26.15
C SER B 808 -0.03 -50.74 25.70
N GLN B 809 0.61 -50.71 24.54
CA GLN B 809 1.27 -49.49 24.09
C GLN B 809 0.31 -48.48 23.45
N ILE B 810 -0.87 -48.91 23.05
CA ILE B 810 -1.81 -48.02 22.38
C ILE B 810 -3.06 -47.73 23.20
N LEU B 811 -3.42 -48.58 24.14
CA LEU B 811 -4.53 -48.27 25.03
C LEU B 811 -4.11 -47.22 26.06
N PRO B 812 -5.04 -46.38 26.51
CA PRO B 812 -4.68 -45.34 27.48
C PRO B 812 -4.29 -45.92 28.83
N ASP B 813 -3.42 -45.21 29.53
CA ASP B 813 -2.95 -45.61 30.84
C ASP B 813 -3.69 -44.81 31.91
N PRO B 814 -4.46 -45.46 32.78
CA PRO B 814 -5.22 -44.69 33.78
C PRO B 814 -4.37 -44.07 34.88
N SER B 815 -3.11 -44.50 35.04
CA SER B 815 -2.25 -43.92 36.06
C SER B 815 -1.92 -42.47 35.75
N LYS B 816 -1.66 -42.16 34.49
CA LYS B 816 -1.43 -40.78 34.08
C LYS B 816 -2.75 -40.01 34.20
N PRO B 817 -2.72 -38.75 34.69
CA PRO B 817 -3.97 -37.99 34.80
C PRO B 817 -4.62 -37.66 33.47
N SER B 818 -3.89 -37.71 32.36
CA SER B 818 -4.46 -37.62 31.03
C SER B 818 -4.48 -39.01 30.41
N LYS B 819 -5.66 -39.46 29.98
CA LYS B 819 -5.83 -40.82 29.46
C LYS B 819 -5.22 -40.90 28.06
N ARG B 820 -3.89 -41.03 28.03
CA ARG B 820 -3.14 -41.11 26.78
C ARG B 820 -2.18 -42.28 26.84
N SER B 821 -2.00 -42.94 25.70
CA SER B 821 -1.10 -44.07 25.59
C SER B 821 0.35 -43.59 25.64
N PRO B 822 1.30 -44.50 25.90
CA PRO B 822 2.72 -44.13 25.81
C PRO B 822 3.14 -43.59 24.45
N ILE B 823 2.55 -44.08 23.36
CA ILE B 823 2.83 -43.53 22.04
C ILE B 823 2.35 -42.09 21.95
N GLU B 824 1.14 -41.81 22.43
CA GLU B 824 0.61 -40.45 22.39
C GLU B 824 1.40 -39.51 23.30
N ASP B 825 1.86 -40.02 24.46
CA ASP B 825 2.71 -39.22 25.33
C ASP B 825 4.04 -38.90 24.67
N LEU B 826 4.62 -39.88 23.97
CA LEU B 826 5.88 -39.64 23.25
C LEU B 826 5.68 -38.62 22.13
N LEU B 827 4.57 -38.72 21.40
CA LEU B 827 4.31 -37.77 20.32
C LEU B 827 4.02 -36.37 20.86
N PHE B 828 3.38 -36.27 22.02
CA PHE B 828 3.12 -34.97 22.62
C PHE B 828 4.41 -34.34 23.14
N ASN B 829 5.29 -35.15 23.75
CA ASN B 829 6.54 -34.62 24.27
C ASN B 829 7.55 -34.33 23.15
N LYS B 830 7.42 -35.00 22.00
CA LYS B 830 8.38 -34.78 20.92
C LYS B 830 8.14 -33.44 20.23
N VAL B 831 6.88 -33.07 20.01
CA VAL B 831 6.55 -31.81 19.37
C VAL B 831 6.61 -30.70 20.41
N THR B 832 7.44 -29.69 20.16
CA THR B 832 7.60 -28.55 21.06
C THR B 832 6.83 -27.37 20.49
N LEU B 833 5.74 -26.99 21.16
CA LEU B 833 4.92 -25.88 20.72
C LEU B 833 5.60 -24.54 20.98
N LEU B 854 8.05 -15.45 25.67
CA LEU B 854 8.23 -14.04 25.38
C LEU B 854 7.53 -13.65 24.08
N ILE B 855 7.44 -14.60 23.15
CA ILE B 855 6.82 -14.34 21.86
C ILE B 855 5.31 -14.19 21.98
N CYS B 856 4.71 -14.70 23.06
CA CYS B 856 3.26 -14.57 23.25
C CYS B 856 2.88 -13.13 23.57
N ALA B 857 3.73 -12.40 24.30
CA ALA B 857 3.45 -11.02 24.62
C ALA B 857 3.66 -10.09 23.43
N GLN B 858 4.44 -10.52 22.43
CA GLN B 858 4.68 -9.68 21.27
C GLN B 858 3.46 -9.60 20.35
N LYS B 859 2.58 -10.59 20.40
CA LYS B 859 1.40 -10.62 19.53
C LYS B 859 0.22 -9.91 20.18
N PHE B 860 0.46 -8.70 20.68
CA PHE B 860 -0.55 -7.88 21.36
C PHE B 860 -0.81 -6.59 20.60
N ASN B 861 -0.72 -6.63 19.27
CA ASN B 861 -0.98 -5.49 18.42
C ASN B 861 -2.20 -5.71 17.53
N GLY B 862 -3.25 -6.29 18.11
CA GLY B 862 -4.45 -6.61 17.38
C GLY B 862 -4.58 -8.05 16.95
N LEU B 863 -3.58 -8.88 17.22
CA LEU B 863 -3.59 -10.29 16.83
C LEU B 863 -4.04 -11.13 18.02
N THR B 864 -4.99 -12.04 17.78
CA THR B 864 -5.53 -12.90 18.82
C THR B 864 -5.57 -14.33 18.32
N VAL B 865 -5.05 -15.25 19.11
CA VAL B 865 -5.07 -16.68 18.80
C VAL B 865 -6.25 -17.30 19.54
N LEU B 866 -7.17 -17.89 18.79
CA LEU B 866 -8.36 -18.49 19.37
C LEU B 866 -8.13 -19.95 19.70
N PRO B 867 -8.64 -20.43 20.83
CA PRO B 867 -8.46 -21.84 21.20
C PRO B 867 -9.34 -22.74 20.34
N PRO B 868 -8.90 -23.98 20.10
CA PRO B 868 -9.74 -24.91 19.34
C PRO B 868 -10.95 -25.36 20.14
N LEU B 869 -11.99 -25.75 19.41
CA LEU B 869 -13.23 -26.20 20.06
C LEU B 869 -13.03 -27.54 20.75
N LEU B 870 -12.29 -28.46 20.12
CA LEU B 870 -12.03 -29.77 20.68
C LEU B 870 -10.67 -29.76 21.36
N THR B 871 -10.65 -30.05 22.65
CA THR B 871 -9.39 -30.06 23.39
C THR B 871 -8.70 -31.42 23.23
N ASP B 872 -7.55 -31.56 23.88
CA ASP B 872 -6.73 -32.76 23.68
C ASP B 872 -7.36 -33.99 24.30
N GLU B 873 -7.99 -33.85 25.47
CA GLU B 873 -8.60 -34.98 26.14
C GLU B 873 -9.79 -35.51 25.37
N MET B 874 -10.55 -34.63 24.73
CA MET B 874 -11.72 -35.03 23.96
C MET B 874 -11.32 -35.78 22.69
N ILE B 875 -10.25 -35.33 22.03
CA ILE B 875 -9.71 -36.02 20.87
C ILE B 875 -9.13 -37.38 21.29
N ALA B 876 -8.48 -37.43 22.46
CA ALA B 876 -8.00 -38.70 22.97
C ALA B 876 -9.13 -39.65 23.32
N GLN B 877 -10.28 -39.12 23.75
CA GLN B 877 -11.43 -39.97 24.01
C GLN B 877 -11.99 -40.56 22.71
N TYR B 878 -12.05 -39.75 21.65
CA TYR B 878 -12.37 -40.30 20.32
C TYR B 878 -11.38 -41.38 19.90
N THR B 879 -10.09 -41.15 20.11
CA THR B 879 -9.08 -42.13 19.73
C THR B 879 -9.24 -43.43 20.51
N SER B 880 -9.50 -43.33 21.81
CA SER B 880 -9.71 -44.51 22.64
C SER B 880 -10.97 -45.26 22.25
N ALA B 881 -12.05 -44.53 21.92
CA ALA B 881 -13.28 -45.17 21.47
C ALA B 881 -13.08 -45.91 20.15
N LEU B 882 -12.34 -45.29 19.22
CA LEU B 882 -12.03 -45.96 17.95
C LEU B 882 -11.19 -47.21 18.17
N LEU B 883 -10.21 -47.14 19.07
CA LEU B 883 -9.36 -48.30 19.34
C LEU B 883 -10.15 -49.43 19.99
N ALA B 884 -11.01 -49.11 20.95
CA ALA B 884 -11.83 -50.13 21.60
C ALA B 884 -12.80 -50.77 20.61
N GLY B 885 -13.39 -49.96 19.73
CA GLY B 885 -14.27 -50.50 18.72
C GLY B 885 -13.56 -51.40 17.71
N THR B 886 -12.35 -51.03 17.32
CA THR B 886 -11.65 -51.81 16.31
C THR B 886 -10.94 -53.04 16.87
N ILE B 887 -10.72 -53.10 18.19
CA ILE B 887 -10.15 -54.32 18.77
C ILE B 887 -11.18 -55.16 19.51
N THR B 888 -12.42 -54.68 19.62
CA THR B 888 -13.48 -55.48 20.24
C THR B 888 -14.46 -56.04 19.21
N SER B 889 -14.91 -55.22 18.27
CA SER B 889 -15.96 -55.63 17.34
C SER B 889 -15.49 -55.78 15.90
N GLY B 890 -14.24 -55.46 15.59
CA GLY B 890 -13.76 -55.57 14.22
C GLY B 890 -14.25 -54.44 13.35
N TRP B 891 -14.67 -54.75 12.12
CA TRP B 891 -15.21 -53.76 11.22
C TRP B 891 -16.73 -53.65 11.29
N THR B 892 -17.38 -54.39 12.20
CA THR B 892 -18.83 -54.40 12.25
C THR B 892 -19.39 -53.10 12.81
N PHE B 893 -18.67 -52.43 13.69
CA PHE B 893 -19.16 -51.20 14.28
C PHE B 893 -19.08 -50.01 13.33
N GLY B 894 -18.27 -50.10 12.27
CA GLY B 894 -18.19 -49.03 11.31
C GLY B 894 -19.35 -48.98 10.33
N ALA B 895 -20.08 -50.09 10.18
CA ALA B 895 -21.23 -50.15 9.28
C ALA B 895 -22.55 -50.02 10.03
N GLY B 896 -22.72 -50.78 11.10
CA GLY B 896 -23.91 -50.70 11.92
C GLY B 896 -23.59 -50.83 13.39
N PRO B 897 -24.45 -51.54 14.11
CA PRO B 897 -24.18 -51.80 15.53
C PRO B 897 -23.00 -52.73 15.72
N ALA B 898 -22.34 -52.58 16.86
CA ALA B 898 -21.14 -53.36 17.14
C ALA B 898 -21.50 -54.80 17.49
N LEU B 899 -20.81 -55.75 16.86
CA LEU B 899 -20.98 -57.17 17.13
C LEU B 899 -19.71 -57.73 17.74
N GLN B 900 -19.85 -58.39 18.89
CA GLN B 900 -18.70 -58.98 19.56
C GLN B 900 -18.13 -60.13 18.76
N ILE B 901 -16.80 -60.26 18.79
CA ILE B 901 -16.10 -61.35 18.11
C ILE B 901 -14.75 -61.54 18.80
N PRO B 902 -14.31 -62.78 19.04
CA PRO B 902 -12.96 -62.99 19.57
C PRO B 902 -11.90 -62.50 18.60
N PHE B 903 -10.83 -61.94 19.15
CA PHE B 903 -9.76 -61.38 18.32
C PHE B 903 -9.03 -62.40 17.43
N PRO B 904 -8.70 -63.62 17.88
CA PRO B 904 -8.15 -64.59 16.91
C PRO B 904 -9.08 -64.91 15.74
N MET B 905 -10.39 -64.97 15.98
CA MET B 905 -11.30 -65.20 14.86
C MET B 905 -11.37 -63.97 13.96
N GLN B 906 -11.22 -62.77 14.52
CA GLN B 906 -11.12 -61.57 13.70
C GLN B 906 -9.87 -61.60 12.83
N MET B 907 -8.74 -62.03 13.39
CA MET B 907 -7.52 -62.23 12.60
C MET B 907 -7.70 -63.27 11.51
N ALA B 908 -8.46 -64.33 11.79
CA ALA B 908 -8.74 -65.33 10.77
C ALA B 908 -9.58 -64.73 9.64
N TYR B 909 -10.54 -63.86 9.99
CA TYR B 909 -11.34 -63.17 8.98
C TYR B 909 -10.47 -62.24 8.15
N ARG B 910 -9.52 -61.56 8.78
CA ARG B 910 -8.66 -60.64 8.03
C ARG B 910 -7.68 -61.39 7.13
N PHE B 911 -7.20 -62.55 7.58
CA PHE B 911 -6.38 -63.39 6.70
C PHE B 911 -7.18 -63.92 5.53
N ASN B 912 -8.45 -64.28 5.76
CA ASN B 912 -9.29 -64.80 4.69
C ASN B 912 -9.58 -63.75 3.62
N GLY B 913 -9.41 -62.47 3.93
CA GLY B 913 -9.61 -61.40 2.98
C GLY B 913 -8.44 -61.07 2.09
N ILE B 914 -7.27 -61.64 2.36
CA ILE B 914 -6.08 -61.37 1.54
C ILE B 914 -5.62 -62.62 0.80
N GLY B 915 -6.44 -63.67 0.76
CA GLY B 915 -6.11 -64.85 0.00
C GLY B 915 -5.41 -65.96 0.75
N VAL B 916 -5.37 -65.89 2.08
CA VAL B 916 -4.75 -66.91 2.92
C VAL B 916 -5.84 -67.57 3.74
N THR B 917 -5.88 -68.90 3.71
CA THR B 917 -6.90 -69.63 4.48
C THR B 917 -6.65 -69.48 5.98
N GLN B 918 -7.73 -69.64 6.74
CA GLN B 918 -7.68 -69.35 8.18
C GLN B 918 -6.93 -70.39 8.99
N ASN B 919 -6.61 -71.55 8.42
CA ASN B 919 -5.86 -72.56 9.17
C ASN B 919 -4.40 -72.15 9.34
N VAL B 920 -3.91 -71.20 8.54
CA VAL B 920 -2.54 -70.73 8.69
C VAL B 920 -2.38 -69.98 10.02
N LEU B 921 -3.37 -69.16 10.37
CA LEU B 921 -3.30 -68.40 11.61
C LEU B 921 -3.40 -69.30 12.84
N TYR B 922 -4.40 -70.20 12.87
CA TYR B 922 -4.64 -71.01 14.04
C TYR B 922 -3.52 -71.99 14.32
N GLU B 923 -2.72 -72.34 13.31
CA GLU B 923 -1.56 -73.19 13.49
C GLU B 923 -0.30 -72.39 13.79
N ASN B 924 -0.35 -71.05 13.70
CA ASN B 924 0.79 -70.19 13.95
C ASN B 924 0.39 -68.99 14.79
N GLN B 925 -0.48 -69.21 15.79
CA GLN B 925 -1.01 -68.09 16.58
C GLN B 925 0.07 -67.45 17.44
N LYS B 926 0.88 -68.27 18.12
CA LYS B 926 1.90 -67.75 19.01
C LYS B 926 2.97 -66.97 18.26
N LEU B 927 3.37 -67.47 17.08
CA LEU B 927 4.38 -66.79 16.28
C LEU B 927 3.90 -65.43 15.81
N ILE B 928 2.64 -65.35 15.35
CA ILE B 928 2.10 -64.09 14.87
C ILE B 928 1.93 -63.10 16.02
N ALA B 929 1.50 -63.58 17.19
CA ALA B 929 1.39 -62.71 18.36
C ALA B 929 2.76 -62.16 18.77
N ASN B 930 3.78 -63.02 18.76
CA ASN B 930 5.13 -62.57 19.10
C ASN B 930 5.68 -61.57 18.09
N GLN B 931 5.42 -61.79 16.79
CA GLN B 931 5.86 -60.86 15.77
C GLN B 931 5.16 -59.51 15.91
N PHE B 932 3.86 -59.52 16.21
CA PHE B 932 3.13 -58.27 16.40
C PHE B 932 3.66 -57.51 17.62
N ASN B 933 3.91 -58.21 18.73
CA ASN B 933 4.44 -57.54 19.92
C ASN B 933 5.83 -56.98 19.68
N SER B 934 6.67 -57.72 18.95
CA SER B 934 8.00 -57.22 18.61
C SER B 934 7.93 -56.00 17.70
N ALA B 935 7.00 -56.00 16.76
CA ALA B 935 6.82 -54.85 15.87
C ALA B 935 6.39 -53.61 16.64
N ILE B 936 5.44 -53.78 17.58
CA ILE B 936 5.02 -52.64 18.41
C ILE B 936 6.17 -52.15 19.28
N GLY B 937 6.94 -53.08 19.86
CA GLY B 937 8.08 -52.68 20.67
C GLY B 937 9.15 -51.94 19.89
N LYS B 938 9.36 -52.32 18.62
CA LYS B 938 10.33 -51.62 17.79
C LYS B 938 9.82 -50.25 17.37
N ILE B 939 8.53 -50.15 17.02
CA ILE B 939 8.00 -48.88 16.53
C ILE B 939 7.79 -47.89 17.67
N GLN B 940 7.79 -48.38 18.92
CA GLN B 940 7.69 -47.48 20.07
C GLN B 940 8.89 -46.53 20.13
N ASP B 941 10.10 -47.05 19.93
CA ASP B 941 11.29 -46.21 19.97
C ASP B 941 11.89 -45.91 18.60
N SER B 942 11.28 -46.41 17.51
CA SER B 942 11.69 -45.97 16.19
C SER B 942 11.43 -44.48 15.99
N LEU B 943 10.30 -43.99 16.51
CA LEU B 943 10.02 -42.55 16.44
C LEU B 943 10.95 -41.76 17.36
N SER B 944 11.30 -42.33 18.51
CA SER B 944 12.13 -41.60 19.48
C SER B 944 13.58 -41.55 19.03
N SER B 945 14.05 -42.54 18.28
CA SER B 945 15.45 -42.56 17.85
C SER B 945 15.74 -41.48 16.82
N THR B 946 14.84 -41.29 15.85
CA THR B 946 15.06 -40.31 14.80
C THR B 946 14.33 -39.02 15.13
N PRO B 947 15.02 -37.87 15.18
CA PRO B 947 14.33 -36.62 15.53
C PRO B 947 13.63 -35.95 14.36
N SER B 948 13.77 -36.46 13.14
CA SER B 948 13.18 -35.85 11.96
C SER B 948 11.93 -36.59 11.49
N ALA B 949 11.36 -37.46 12.31
CA ALA B 949 10.18 -38.21 11.90
C ALA B 949 8.94 -37.33 11.85
N LEU B 950 8.75 -36.48 12.87
CA LEU B 950 7.57 -35.63 12.96
C LEU B 950 7.86 -34.26 12.35
N GLY B 951 8.23 -34.27 11.06
CA GLY B 951 8.57 -33.03 10.39
C GLY B 951 7.40 -32.17 10.03
N LYS B 952 6.25 -32.77 9.72
CA LYS B 952 5.13 -32.01 9.16
C LYS B 952 4.47 -31.13 10.21
N LEU B 953 4.22 -31.67 11.41
CA LEU B 953 3.58 -30.90 12.46
C LEU B 953 4.47 -29.76 12.93
N GLN B 954 5.77 -30.02 13.06
CA GLN B 954 6.73 -28.99 13.41
C GLN B 954 6.81 -27.93 12.31
N ASP B 955 6.71 -28.36 11.05
CA ASP B 955 6.67 -27.39 9.95
C ASP B 955 5.44 -26.50 10.03
N VAL B 956 4.30 -27.07 10.40
CA VAL B 956 3.07 -26.28 10.54
C VAL B 956 3.21 -25.23 11.62
N VAL B 957 3.69 -25.64 12.80
CA VAL B 957 3.80 -24.68 13.90
C VAL B 957 4.90 -23.65 13.61
N ASN B 958 5.98 -24.03 12.94
CA ASN B 958 7.02 -23.08 12.59
C ASN B 958 6.54 -22.08 11.54
N HIS B 959 5.75 -22.55 10.57
CA HIS B 959 5.20 -21.63 9.57
C HIS B 959 4.28 -20.60 10.19
N ASN B 960 3.41 -21.05 11.10
CA ASN B 960 2.53 -20.10 11.79
C ASN B 960 3.32 -19.10 12.63
N ALA B 961 4.32 -19.60 13.36
CA ALA B 961 5.13 -18.73 14.21
C ALA B 961 5.90 -17.70 13.39
N GLN B 962 6.50 -18.11 12.27
CA GLN B 962 7.28 -17.16 11.50
C GLN B 962 6.39 -16.19 10.74
N ALA B 963 5.17 -16.60 10.36
CA ALA B 963 4.25 -15.67 9.71
C ALA B 963 3.82 -14.57 10.67
N LEU B 964 3.43 -14.94 11.90
CA LEU B 964 3.07 -13.93 12.88
C LEU B 964 4.27 -13.06 13.25
N ASN B 965 5.45 -13.67 13.36
CA ASN B 965 6.66 -12.94 13.72
C ASN B 965 7.02 -11.92 12.65
N THR B 966 6.96 -12.30 11.38
CA THR B 966 7.32 -11.35 10.32
C THR B 966 6.25 -10.29 10.13
N LEU B 967 4.99 -10.58 10.49
CA LEU B 967 3.99 -9.53 10.49
C LEU B 967 4.30 -8.48 11.56
N VAL B 968 4.69 -8.94 12.75
CA VAL B 968 5.04 -8.01 13.82
C VAL B 968 6.33 -7.24 13.46
N LYS B 969 7.27 -7.90 12.79
CA LYS B 969 8.47 -7.20 12.29
C LYS B 969 8.10 -6.10 11.30
N GLN B 970 7.21 -6.41 10.35
CA GLN B 970 6.85 -5.45 9.31
C GLN B 970 6.04 -4.29 9.88
N LEU B 971 5.37 -4.49 11.02
CA LEU B 971 4.65 -3.40 11.68
C LEU B 971 5.54 -2.21 12.02
N SER B 972 6.85 -2.41 12.21
CA SER B 972 7.77 -1.34 12.58
C SER B 972 8.63 -0.85 11.42
N SER B 973 8.06 -0.76 10.22
CA SER B 973 8.77 -0.26 9.04
C SER B 973 8.29 1.14 8.69
N LYS B 974 9.03 1.80 7.79
CA LYS B 974 8.80 3.19 7.47
C LYS B 974 8.07 3.42 6.16
N PHE B 975 8.31 2.58 5.15
CA PHE B 975 7.66 2.65 3.83
C PHE B 975 7.84 4.02 3.18
N GLY B 976 9.06 4.57 3.26
CA GLY B 976 9.32 5.85 2.65
C GLY B 976 8.75 7.05 3.39
N ALA B 977 8.69 7.00 4.71
CA ALA B 977 8.23 8.11 5.53
C ALA B 977 9.34 8.56 6.46
N ILE B 978 9.11 9.70 7.12
CA ILE B 978 10.11 10.25 8.03
C ILE B 978 10.20 9.44 9.32
N SER B 979 9.12 8.78 9.73
CA SER B 979 9.13 8.02 10.97
C SER B 979 8.16 6.85 10.86
N SER B 980 8.41 5.84 11.68
CA SER B 980 7.60 4.62 11.71
C SER B 980 6.63 4.58 12.88
N VAL B 981 6.57 5.63 13.69
CA VAL B 981 5.67 5.68 14.84
C VAL B 981 4.73 6.88 14.66
N LEU B 982 3.45 6.67 14.97
CA LEU B 982 2.44 7.68 14.67
C LEU B 982 2.46 8.84 15.66
N ASN B 983 2.72 8.55 16.94
CA ASN B 983 2.62 9.59 17.97
C ASN B 983 3.68 10.66 17.80
N ASP B 984 4.87 10.30 17.33
CA ASP B 984 5.91 11.29 17.13
C ASP B 984 5.67 12.12 15.87
N ILE B 985 5.11 11.50 14.82
CA ILE B 985 4.94 12.25 13.57
C ILE B 985 3.71 13.16 13.63
N LEU B 986 2.67 12.78 14.38
CA LEU B 986 1.52 13.67 14.49
C LEU B 986 1.82 14.87 15.38
N SER B 987 2.68 14.70 16.37
CA SER B 987 2.95 15.74 17.35
C SER B 987 4.09 16.65 16.96
N ARG B 988 4.69 16.47 15.78
CA ARG B 988 5.81 17.29 15.34
C ARG B 988 5.51 18.08 14.08
N LEU B 989 4.61 17.62 13.21
CA LEU B 989 4.20 18.35 12.03
C LEU B 989 2.73 18.69 12.10
N ASP B 990 2.34 19.71 11.34
CA ASP B 990 0.95 20.11 11.24
C ASP B 990 0.16 19.06 10.46
N PRO B 991 -1.16 18.96 10.70
CA PRO B 991 -1.99 17.92 10.04
C PRO B 991 -1.97 17.93 8.52
N PRO B 992 -1.95 19.09 7.80
CA PRO B 992 -1.96 19.01 6.33
C PRO B 992 -0.76 18.31 5.71
N GLU B 993 0.39 18.25 6.39
CA GLU B 993 1.50 17.42 5.92
C GLU B 993 1.57 16.08 6.64
N ALA B 994 1.11 16.01 7.88
CA ALA B 994 1.07 14.74 8.59
C ALA B 994 0.15 13.73 7.92
N GLU B 995 -0.94 14.21 7.32
CA GLU B 995 -1.89 13.33 6.64
C GLU B 995 -1.24 12.60 5.47
N VAL B 996 -0.59 13.35 4.57
CA VAL B 996 0.05 12.74 3.42
C VAL B 996 1.28 11.97 3.85
N GLN B 997 1.91 12.32 4.98
CA GLN B 997 3.06 11.55 5.42
C GLN B 997 2.67 10.21 6.05
N ILE B 998 1.49 10.11 6.68
CA ILE B 998 1.08 8.83 7.26
C ILE B 998 0.25 8.00 6.30
N ASP B 999 -0.20 8.57 5.17
CA ASP B 999 -0.93 7.78 4.18
C ASP B 999 -0.08 6.63 3.64
N ARG B 1000 1.23 6.84 3.49
CA ARG B 1000 2.11 5.76 3.03
C ARG B 1000 2.24 4.66 4.08
N LEU B 1001 2.24 5.03 5.36
CA LEU B 1001 2.19 4.02 6.42
C LEU B 1001 0.92 3.20 6.35
N ILE B 1002 -0.22 3.87 6.09
CA ILE B 1002 -1.50 3.17 5.95
C ILE B 1002 -1.44 2.17 4.81
N THR B 1003 -0.92 2.60 3.65
CA THR B 1003 -0.84 1.71 2.49
C THR B 1003 0.10 0.54 2.74
N GLY B 1004 1.25 0.78 3.37
CA GLY B 1004 2.18 -0.30 3.63
C GLY B 1004 1.64 -1.35 4.59
N ARG B 1005 1.03 -0.90 5.69
CA ARG B 1005 0.47 -1.85 6.65
C ARG B 1005 -0.72 -2.60 6.06
N LEU B 1006 -1.51 -1.91 5.23
CA LEU B 1006 -2.64 -2.54 4.56
C LEU B 1006 -2.18 -3.63 3.59
N GLN B 1007 -1.13 -3.35 2.83
CA GLN B 1007 -0.60 -4.34 1.89
C GLN B 1007 0.01 -5.53 2.63
N SER B 1008 0.65 -5.28 3.78
CA SER B 1008 1.18 -6.37 4.59
C SER B 1008 0.05 -7.26 5.12
N LEU B 1009 -1.06 -6.65 5.56
CA LEU B 1009 -2.21 -7.42 6.00
C LEU B 1009 -2.80 -8.26 4.87
N GLN B 1010 -2.90 -7.69 3.66
CA GLN B 1010 -3.41 -8.43 2.51
C GLN B 1010 -2.52 -9.63 2.19
N THR B 1011 -1.20 -9.44 2.23
CA THR B 1011 -0.28 -10.53 1.97
C THR B 1011 -0.41 -11.65 2.99
N TYR B 1012 -0.53 -11.28 4.27
CA TYR B 1012 -0.68 -12.28 5.33
C TYR B 1012 -1.96 -13.07 5.16
N VAL B 1013 -3.06 -12.40 4.83
CA VAL B 1013 -4.34 -13.09 4.67
C VAL B 1013 -4.30 -14.03 3.47
N THR B 1014 -3.69 -13.61 2.36
CA THR B 1014 -3.60 -14.47 1.18
C THR B 1014 -2.76 -15.72 1.45
N GLN B 1015 -1.62 -15.54 2.13
CA GLN B 1015 -0.78 -16.69 2.48
C GLN B 1015 -1.51 -17.65 3.41
N GLN B 1016 -2.26 -17.12 4.38
CA GLN B 1016 -3.02 -17.98 5.27
C GLN B 1016 -4.12 -18.72 4.53
N LEU B 1017 -4.74 -18.09 3.53
CA LEU B 1017 -5.76 -18.78 2.74
C LEU B 1017 -5.18 -19.94 1.95
N ILE B 1018 -4.01 -19.74 1.35
CA ILE B 1018 -3.37 -20.83 0.59
C ILE B 1018 -2.99 -21.98 1.52
N ARG B 1019 -2.42 -21.66 2.69
CA ARG B 1019 -2.07 -22.69 3.65
C ARG B 1019 -3.31 -23.41 4.18
N ALA B 1020 -4.43 -22.69 4.32
CA ALA B 1020 -5.67 -23.31 4.74
C ALA B 1020 -6.19 -24.30 3.70
N ALA B 1021 -6.05 -23.97 2.41
CA ALA B 1021 -6.44 -24.91 1.36
C ALA B 1021 -5.60 -26.18 1.41
N GLU B 1022 -4.28 -26.02 1.60
CA GLU B 1022 -3.40 -27.19 1.69
C GLU B 1022 -3.74 -28.05 2.91
N ILE B 1023 -4.00 -27.41 4.05
CA ILE B 1023 -4.36 -28.13 5.27
C ILE B 1023 -5.70 -28.84 5.11
N ARG B 1024 -6.64 -28.22 4.39
CA ARG B 1024 -7.92 -28.86 4.09
C ARG B 1024 -7.73 -30.13 3.27
N ALA B 1025 -6.86 -30.08 2.25
CA ALA B 1025 -6.60 -31.27 1.45
C ALA B 1025 -5.98 -32.38 2.30
N SER B 1026 -5.02 -32.02 3.16
CA SER B 1026 -4.41 -33.02 4.04
C SER B 1026 -5.42 -33.62 5.02
N ALA B 1027 -6.32 -32.79 5.55
CA ALA B 1027 -7.32 -33.27 6.50
C ALA B 1027 -8.34 -34.18 5.83
N ASN B 1028 -8.70 -33.86 4.57
CA ASN B 1028 -9.60 -34.75 3.83
C ASN B 1028 -8.95 -36.10 3.56
N LEU B 1029 -7.65 -36.10 3.23
CA LEU B 1029 -6.93 -37.36 3.06
C LEU B 1029 -6.89 -38.15 4.37
N ALA B 1030 -6.67 -37.47 5.49
CA ALA B 1030 -6.63 -38.15 6.78
C ALA B 1030 -7.99 -38.73 7.15
N ALA B 1031 -9.07 -37.99 6.87
CA ALA B 1031 -10.41 -38.50 7.14
C ALA B 1031 -10.74 -39.72 6.29
N THR B 1032 -10.35 -39.69 5.00
CA THR B 1032 -10.56 -40.85 4.14
C THR B 1032 -9.76 -42.06 4.63
N LYS B 1033 -8.52 -41.84 5.06
CA LYS B 1033 -7.70 -42.94 5.56
C LYS B 1033 -8.24 -43.49 6.87
N MET B 1034 -8.82 -42.64 7.72
CA MET B 1034 -9.47 -43.15 8.93
C MET B 1034 -10.71 -43.95 8.59
N SER B 1035 -11.48 -43.52 7.59
CA SER B 1035 -12.69 -44.23 7.22
C SER B 1035 -12.39 -45.59 6.59
N GLU B 1036 -11.30 -45.69 5.81
CA GLU B 1036 -11.04 -46.91 5.07
C GLU B 1036 -10.11 -47.87 5.81
N CYS B 1037 -8.97 -47.38 6.32
CA CYS B 1037 -7.99 -48.26 6.92
C CYS B 1037 -8.40 -48.74 8.30
N VAL B 1038 -9.04 -47.88 9.09
CA VAL B 1038 -9.35 -48.21 10.48
C VAL B 1038 -10.69 -48.92 10.60
N LEU B 1039 -11.72 -48.42 9.94
CA LEU B 1039 -13.06 -49.01 10.05
C LEU B 1039 -13.26 -50.21 9.14
N GLY B 1040 -12.26 -50.60 8.36
CA GLY B 1040 -12.40 -51.75 7.51
C GLY B 1040 -11.06 -52.18 6.94
N GLN B 1041 -11.11 -53.18 6.07
CA GLN B 1041 -9.93 -53.69 5.39
C GLN B 1041 -9.92 -53.18 3.95
N SER B 1042 -8.78 -52.63 3.53
CA SER B 1042 -8.67 -51.95 2.25
C SER B 1042 -7.94 -52.85 1.25
N LYS B 1043 -8.51 -52.96 0.04
CA LYS B 1043 -7.89 -53.70 -1.04
C LYS B 1043 -7.00 -52.83 -1.91
N ARG B 1044 -6.96 -51.52 -1.67
CA ARG B 1044 -6.16 -50.61 -2.48
C ARG B 1044 -4.68 -50.81 -2.18
N VAL B 1045 -3.88 -50.85 -3.24
CA VAL B 1045 -2.46 -51.16 -3.12
C VAL B 1045 -1.72 -49.94 -2.61
N ASP B 1046 -0.91 -50.14 -1.57
CA ASP B 1046 -0.05 -49.13 -0.95
C ASP B 1046 -0.83 -47.94 -0.39
N PHE B 1047 -2.12 -48.12 -0.11
CA PHE B 1047 -2.89 -47.06 0.51
C PHE B 1047 -2.68 -47.04 2.03
N CYS B 1048 -3.01 -48.15 2.69
CA CYS B 1048 -2.82 -48.28 4.12
C CYS B 1048 -1.55 -49.05 4.43
N GLY B 1049 -0.41 -48.49 4.03
CA GLY B 1049 0.88 -49.08 4.31
C GLY B 1049 1.39 -49.97 3.19
N LYS B 1050 2.59 -50.50 3.40
CA LYS B 1050 3.26 -51.34 2.42
C LYS B 1050 2.94 -52.82 2.69
N GLY B 1051 2.52 -53.52 1.64
CA GLY B 1051 2.14 -54.91 1.76
C GLY B 1051 0.63 -55.09 1.79
N TYR B 1052 0.23 -56.33 2.05
CA TYR B 1052 -1.19 -56.65 2.16
C TYR B 1052 -1.71 -56.14 3.51
N HIS B 1053 -2.68 -55.24 3.45
CA HIS B 1053 -3.18 -54.57 4.65
C HIS B 1053 -3.94 -55.53 5.55
N LEU B 1054 -3.67 -55.44 6.85
CA LEU B 1054 -4.42 -56.19 7.85
C LEU B 1054 -5.25 -55.27 8.73
N MET B 1055 -4.62 -54.34 9.47
CA MET B 1055 -5.36 -53.42 10.33
C MET B 1055 -4.66 -52.07 10.36
N SER B 1056 -5.29 -51.13 11.07
CA SER B 1056 -4.69 -49.82 11.32
C SER B 1056 -5.20 -49.31 12.67
N PHE B 1057 -4.34 -48.55 13.35
CA PHE B 1057 -4.66 -47.99 14.66
C PHE B 1057 -4.42 -46.49 14.64
N PRO B 1058 -5.38 -45.68 15.11
CA PRO B 1058 -5.18 -44.24 15.15
C PRO B 1058 -4.60 -43.75 16.47
N GLN B 1059 -3.77 -42.71 16.36
CA GLN B 1059 -3.23 -42.01 17.52
C GLN B 1059 -3.31 -40.51 17.26
N SER B 1060 -3.56 -39.75 18.32
CA SER B 1060 -3.62 -38.31 18.20
C SER B 1060 -2.24 -37.69 18.38
N ALA B 1061 -2.02 -36.57 17.70
CA ALA B 1061 -0.76 -35.84 17.78
C ALA B 1061 -1.10 -34.36 17.74
N PRO B 1062 -0.21 -33.49 18.26
CA PRO B 1062 -0.46 -32.04 18.17
C PRO B 1062 -0.65 -31.57 16.74
N HIS B 1063 -1.87 -31.10 16.45
CA HIS B 1063 -2.31 -30.67 15.12
C HIS B 1063 -2.19 -31.80 14.08
N GLY B 1064 -2.44 -33.04 14.49
CA GLY B 1064 -2.33 -34.10 13.50
C GLY B 1064 -2.76 -35.45 14.03
N VAL B 1065 -2.67 -36.43 13.13
CA VAL B 1065 -3.02 -37.82 13.43
C VAL B 1065 -1.88 -38.71 12.96
N VAL B 1066 -1.73 -39.86 13.62
CA VAL B 1066 -0.71 -40.84 13.30
C VAL B 1066 -1.39 -42.19 13.13
N PHE B 1067 -1.21 -42.80 11.97
CA PHE B 1067 -1.77 -44.11 11.68
C PHE B 1067 -0.68 -45.17 11.81
N LEU B 1068 -0.98 -46.22 12.57
CA LEU B 1068 -0.11 -47.39 12.69
C LEU B 1068 -0.72 -48.49 11.83
N HIS B 1069 -0.07 -48.77 10.71
CA HIS B 1069 -0.57 -49.73 9.74
C HIS B 1069 0.08 -51.08 9.99
N VAL B 1070 -0.75 -52.11 10.23
CA VAL B 1070 -0.29 -53.47 10.42
C VAL B 1070 -0.58 -54.23 9.14
N THR B 1071 0.47 -54.76 8.52
CA THR B 1071 0.39 -55.41 7.22
C THR B 1071 1.12 -56.76 7.26
N TYR B 1072 0.78 -57.59 6.27
CA TYR B 1072 1.32 -58.93 6.12
C TYR B 1072 2.30 -58.90 4.94
N VAL B 1073 3.51 -59.39 5.17
CA VAL B 1073 4.58 -59.36 4.16
C VAL B 1073 5.05 -60.78 3.96
N PRO B 1074 5.21 -61.25 2.73
CA PRO B 1074 5.78 -62.58 2.49
C PRO B 1074 7.26 -62.63 2.87
N ALA B 1075 7.77 -63.85 2.91
CA ALA B 1075 9.11 -64.15 3.37
C ALA B 1075 9.61 -65.35 2.56
N GLN B 1076 10.59 -66.08 3.13
CA GLN B 1076 11.45 -67.09 2.50
C GLN B 1076 10.79 -67.90 1.39
N GLU B 1077 11.43 -67.93 0.22
CA GLU B 1077 10.78 -68.35 -1.02
C GLU B 1077 11.29 -69.72 -1.43
N LYS B 1078 10.49 -70.39 -2.24
CA LYS B 1078 10.94 -71.59 -2.93
C LYS B 1078 10.38 -71.59 -4.34
N ASN B 1079 11.20 -71.99 -5.30
CA ASN B 1079 10.76 -72.08 -6.69
C ASN B 1079 10.45 -73.51 -7.08
N PHE B 1080 9.46 -73.65 -7.97
CA PHE B 1080 9.00 -74.95 -8.44
C PHE B 1080 8.63 -74.84 -9.92
N THR B 1081 8.36 -76.00 -10.50
CA THR B 1081 7.84 -76.10 -11.85
C THR B 1081 6.31 -76.11 -11.81
N THR B 1082 5.69 -75.34 -12.70
CA THR B 1082 4.25 -75.19 -12.70
C THR B 1082 3.69 -75.53 -14.08
N ALA B 1083 2.39 -75.85 -14.11
CA ALA B 1083 1.67 -76.17 -15.31
C ALA B 1083 0.31 -75.49 -15.28
N PRO B 1084 -0.24 -75.10 -16.44
CA PRO B 1084 -1.57 -74.48 -16.44
C PRO B 1084 -2.72 -75.46 -16.28
N ALA B 1085 -2.55 -76.72 -16.65
CA ALA B 1085 -3.63 -77.69 -16.58
C ALA B 1085 -3.05 -79.10 -16.45
N ILE B 1086 -3.93 -80.04 -16.06
CA ILE B 1086 -3.57 -81.43 -15.85
C ILE B 1086 -4.44 -82.28 -16.76
N CYS B 1087 -3.80 -83.15 -17.54
CA CYS B 1087 -4.50 -84.07 -18.44
C CYS B 1087 -4.56 -85.45 -17.80
N HIS B 1088 -5.78 -85.95 -17.59
CA HIS B 1088 -5.98 -87.22 -16.91
C HIS B 1088 -6.55 -88.29 -17.84
N ASP B 1089 -7.72 -88.06 -18.43
CA ASP B 1089 -8.39 -89.02 -19.30
C ASP B 1089 -8.87 -88.33 -20.57
N GLY B 1090 -8.01 -87.52 -21.16
CA GLY B 1090 -8.42 -86.68 -22.26
C GLY B 1090 -9.20 -85.45 -21.85
N LYS B 1091 -9.24 -85.15 -20.56
CA LYS B 1091 -9.95 -83.99 -20.03
C LYS B 1091 -8.96 -83.07 -19.34
N ALA B 1092 -9.07 -81.77 -19.60
CA ALA B 1092 -8.21 -80.79 -18.96
C ALA B 1092 -8.77 -80.44 -17.58
N HIS B 1093 -7.90 -80.47 -16.58
CA HIS B 1093 -8.27 -80.17 -15.20
C HIS B 1093 -7.64 -78.84 -14.81
N PHE B 1094 -8.48 -77.88 -14.42
CA PHE B 1094 -7.99 -76.58 -14.00
C PHE B 1094 -8.20 -76.40 -12.50
N PRO B 1095 -7.31 -75.69 -11.81
CA PRO B 1095 -7.48 -75.53 -10.35
C PRO B 1095 -8.68 -74.68 -10.01
N ARG B 1096 -9.45 -75.14 -9.01
CA ARG B 1096 -10.58 -74.37 -8.53
C ARG B 1096 -10.09 -73.07 -7.87
N GLU B 1097 -9.05 -73.17 -7.05
CA GLU B 1097 -8.31 -72.03 -6.54
C GLU B 1097 -6.94 -72.52 -6.13
N GLY B 1098 -5.90 -71.74 -6.49
CA GLY B 1098 -4.53 -72.12 -6.20
C GLY B 1098 -3.71 -72.24 -7.48
N VAL B 1099 -2.73 -73.15 -7.43
CA VAL B 1099 -1.72 -73.26 -8.47
C VAL B 1099 -1.14 -74.66 -8.42
N PHE B 1100 -0.84 -75.22 -9.59
CA PHE B 1100 -0.23 -76.54 -9.70
C PHE B 1100 1.29 -76.43 -9.52
N VAL B 1101 1.83 -77.30 -8.65
CA VAL B 1101 3.22 -77.24 -8.20
C VAL B 1101 3.81 -78.64 -8.29
N SER B 1102 5.10 -78.73 -8.61
CA SER B 1102 5.83 -79.98 -8.55
C SER B 1102 7.19 -79.76 -7.94
N ASN B 1103 7.63 -80.66 -7.05
CA ASN B 1103 9.00 -80.53 -6.57
C ASN B 1103 10.01 -81.10 -7.57
N GLY B 1104 9.55 -81.90 -8.52
CA GLY B 1104 10.40 -82.63 -9.42
C GLY B 1104 9.90 -84.03 -9.72
N THR B 1105 9.15 -84.63 -8.79
CA THR B 1105 8.60 -85.96 -8.97
C THR B 1105 7.09 -85.98 -9.05
N HIS B 1106 6.40 -85.46 -8.05
CA HIS B 1106 4.95 -85.51 -7.98
C HIS B 1106 4.35 -84.11 -8.09
N TRP B 1107 3.06 -84.07 -8.40
CA TRP B 1107 2.33 -82.82 -8.60
C TRP B 1107 1.28 -82.63 -7.51
N PHE B 1108 1.20 -81.40 -7.02
CA PHE B 1108 0.26 -80.99 -5.99
C PHE B 1108 -0.42 -79.71 -6.43
N VAL B 1109 -1.40 -79.28 -5.64
CA VAL B 1109 -2.05 -77.99 -5.81
C VAL B 1109 -1.96 -77.25 -4.48
N THR B 1110 -1.66 -75.96 -4.53
CA THR B 1110 -1.50 -75.19 -3.31
C THR B 1110 -2.09 -73.79 -3.49
N GLN B 1111 -2.29 -73.12 -2.36
CA GLN B 1111 -2.76 -71.74 -2.41
C GLN B 1111 -1.62 -70.81 -2.80
N ARG B 1112 -2.00 -69.60 -3.22
CA ARG B 1112 -1.07 -68.72 -3.93
C ARG B 1112 -0.04 -68.11 -3.00
N ASN B 1113 -0.47 -67.61 -1.85
CA ASN B 1113 0.40 -66.81 -0.98
C ASN B 1113 1.08 -67.61 0.12
N PHE B 1114 0.92 -68.92 0.14
CA PHE B 1114 1.54 -69.76 1.16
C PHE B 1114 1.72 -71.16 0.62
N TYR B 1115 2.82 -71.80 0.99
CA TYR B 1115 3.11 -73.15 0.50
C TYR B 1115 2.35 -74.16 1.36
N GLU B 1116 1.40 -74.86 0.74
CA GLU B 1116 0.63 -75.89 1.42
C GLU B 1116 0.20 -76.92 0.39
N PRO B 1117 1.07 -77.88 0.08
CA PRO B 1117 0.76 -78.84 -1.00
C PRO B 1117 -0.29 -79.84 -0.56
N GLN B 1118 -1.21 -80.14 -1.48
CA GLN B 1118 -2.25 -81.13 -1.27
C GLN B 1118 -2.35 -82.02 -2.50
N ILE B 1119 -2.88 -83.22 -2.28
CA ILE B 1119 -3.05 -84.18 -3.38
C ILE B 1119 -4.13 -83.68 -4.33
N ILE B 1120 -3.84 -83.76 -5.63
CA ILE B 1120 -4.76 -83.28 -6.66
C ILE B 1120 -5.93 -84.26 -6.77
N THR B 1121 -7.07 -83.88 -6.22
CA THR B 1121 -8.28 -84.69 -6.28
C THR B 1121 -9.29 -84.06 -7.24
N THR B 1122 -10.43 -84.73 -7.38
CA THR B 1122 -11.47 -84.25 -8.28
C THR B 1122 -12.29 -83.11 -7.70
N ASP B 1123 -12.11 -82.80 -6.41
CA ASP B 1123 -12.79 -81.66 -5.81
C ASP B 1123 -11.93 -80.40 -5.77
N ASN B 1124 -10.62 -80.53 -5.94
CA ASN B 1124 -9.75 -79.37 -6.04
C ASN B 1124 -9.70 -78.79 -7.44
N THR B 1125 -10.17 -79.52 -8.45
CA THR B 1125 -10.08 -79.11 -9.84
C THR B 1125 -11.45 -79.18 -10.50
N PHE B 1126 -11.56 -78.54 -11.66
CA PHE B 1126 -12.76 -78.62 -12.47
C PHE B 1126 -12.38 -78.93 -13.92
N VAL B 1127 -13.28 -79.63 -14.60
CA VAL B 1127 -13.04 -80.16 -15.94
C VAL B 1127 -13.58 -79.16 -16.96
N SER B 1128 -12.77 -78.85 -17.98
CA SER B 1128 -13.19 -77.94 -19.02
C SER B 1128 -12.48 -78.30 -20.32
N GLY B 1129 -13.20 -78.93 -21.24
CA GLY B 1129 -12.67 -79.20 -22.57
C GLY B 1129 -11.78 -80.42 -22.63
N ASN B 1130 -11.25 -80.65 -23.82
CA ASN B 1130 -10.35 -81.77 -24.08
C ASN B 1130 -8.90 -81.32 -23.88
N CYS B 1131 -7.96 -82.16 -24.30
CA CYS B 1131 -6.55 -82.01 -23.96
C CYS B 1131 -5.72 -81.36 -25.06
N ASP B 1132 -6.29 -81.10 -26.24
CA ASP B 1132 -5.51 -80.66 -27.39
C ASP B 1132 -5.63 -79.17 -27.67
N VAL B 1133 -6.19 -78.38 -26.75
CA VAL B 1133 -6.38 -76.96 -26.97
C VAL B 1133 -5.48 -76.11 -26.06
N VAL B 1134 -5.12 -76.60 -24.88
CA VAL B 1134 -4.28 -75.85 -23.95
C VAL B 1134 -2.83 -76.22 -24.19
N ILE B 1135 -1.98 -75.22 -24.34
CA ILE B 1135 -0.55 -75.44 -24.48
C ILE B 1135 0.08 -75.44 -23.10
N GLY B 1136 1.12 -76.26 -22.94
CA GLY B 1136 1.77 -76.43 -21.66
C GLY B 1136 1.13 -77.42 -20.73
N ILE B 1137 0.10 -78.14 -21.18
CA ILE B 1137 -0.55 -79.15 -20.36
C ILE B 1137 0.38 -80.36 -20.20
N VAL B 1138 0.28 -81.04 -19.06
CA VAL B 1138 1.22 -82.11 -18.70
C VAL B 1138 0.46 -83.40 -18.45
N ASN B 1139 1.23 -84.48 -18.30
CA ASN B 1139 0.69 -85.81 -18.02
C ASN B 1139 0.63 -85.99 -16.50
N ASN B 1140 -0.54 -86.35 -15.98
CA ASN B 1140 -0.66 -86.67 -14.56
C ASN B 1140 -1.96 -87.44 -14.34
N THR B 1141 -2.15 -87.89 -13.12
CA THR B 1141 -3.36 -88.56 -12.67
C THR B 1141 -4.07 -87.72 -11.63
N VAL B 1142 -5.37 -87.93 -11.50
CA VAL B 1142 -6.20 -87.24 -10.53
C VAL B 1142 -6.90 -88.28 -9.67
N TYR B 1143 -6.66 -88.22 -8.36
CA TYR B 1143 -7.21 -89.21 -7.44
C TYR B 1143 -8.69 -88.94 -7.19
N ASP B 1144 -9.52 -89.97 -7.37
CA ASP B 1144 -10.94 -89.87 -7.08
C ASP B 1144 -11.20 -90.44 -5.69
N PRO B 1145 -11.74 -89.66 -4.76
CA PRO B 1145 -12.05 -90.19 -3.42
C PRO B 1145 -13.32 -91.04 -3.34
N LEU B 1146 -13.86 -91.47 -4.47
CA LEU B 1146 -15.13 -92.17 -4.53
C LEU B 1146 -15.02 -93.58 -5.09
N GLN B 1147 -14.22 -93.77 -6.15
CA GLN B 1147 -14.11 -95.08 -6.78
C GLN B 1147 -13.50 -96.18 -5.88
N PRO B 1148 -12.35 -95.98 -5.20
CA PRO B 1148 -11.81 -97.09 -4.40
C PRO B 1148 -12.66 -97.45 -3.19
N GLU B 1149 -13.39 -96.49 -2.62
CA GLU B 1149 -14.30 -96.80 -1.53
C GLU B 1149 -15.39 -97.77 -1.98
N LEU B 1150 -15.93 -97.55 -3.18
CA LEU B 1150 -16.94 -98.47 -3.71
C LEU B 1150 -16.34 -99.80 -4.12
N ASP B 1151 -15.18 -99.80 -4.79
CA ASP B 1151 -14.67 -101.09 -5.24
C ASP B 1151 -14.07 -101.93 -4.11
N SER B 1152 -13.86 -101.33 -2.94
CA SER B 1152 -13.50 -102.09 -1.75
C SER B 1152 -14.70 -102.51 -0.91
N PHE B 1153 -15.67 -101.61 -0.70
CA PHE B 1153 -16.75 -101.90 0.24
C PHE B 1153 -17.83 -102.77 -0.39
N LYS B 1154 -18.11 -102.61 -1.69
CA LYS B 1154 -19.20 -103.36 -2.32
C LYS B 1154 -18.84 -104.83 -2.47
N GLU B 1155 -17.59 -105.13 -2.85
CA GLU B 1155 -17.18 -106.50 -3.13
C GLU B 1155 -17.00 -107.29 -1.84
N THR C 32 -44.27 20.66 37.30
CA THR C 32 -44.22 19.23 37.05
C THR C 32 -42.93 18.84 36.33
N GLN C 33 -42.21 17.87 36.90
CA GLN C 33 -40.99 17.34 36.32
C GLN C 33 -41.05 15.81 36.30
N SER C 34 -42.19 15.27 35.89
CA SER C 34 -42.35 13.82 35.79
C SER C 34 -41.69 13.32 34.50
N TYR C 35 -41.01 12.19 34.62
CA TYR C 35 -40.25 11.61 33.51
C TYR C 35 -40.95 10.34 33.03
N THR C 36 -40.95 10.13 31.71
CA THR C 36 -41.59 8.97 31.10
C THR C 36 -40.78 8.56 29.87
N ASN C 37 -40.68 7.25 29.64
CA ASN C 37 -39.88 6.79 28.51
C ASN C 37 -40.61 6.97 27.18
N SER C 38 -39.83 7.16 26.11
CA SER C 38 -40.35 7.30 24.75
C SER C 38 -39.89 6.09 23.95
N PHE C 39 -40.85 5.22 23.60
CA PHE C 39 -40.54 3.89 23.10
C PHE C 39 -39.83 3.87 21.74
N THR C 40 -40.53 4.24 20.67
CA THR C 40 -39.99 4.15 19.30
C THR C 40 -40.37 5.38 18.50
N ARG C 41 -40.23 6.56 19.08
CA ARG C 41 -40.62 7.79 18.41
C ARG C 41 -39.42 8.71 18.23
N GLY C 42 -39.44 9.49 17.16
CA GLY C 42 -38.39 10.46 16.91
C GLY C 42 -37.51 10.16 15.72
N VAL C 43 -38.07 9.48 14.72
CA VAL C 43 -37.33 9.14 13.51
C VAL C 43 -37.78 10.05 12.38
N TYR C 44 -36.85 10.37 11.48
CA TYR C 44 -37.12 11.29 10.39
C TYR C 44 -36.25 10.94 9.20
N TYR C 45 -36.62 11.47 8.05
CA TYR C 45 -35.86 11.25 6.81
C TYR C 45 -34.57 12.05 6.85
N PRO C 46 -33.41 11.42 6.75
CA PRO C 46 -32.14 12.17 6.89
C PRO C 46 -31.81 13.03 5.69
N ASP C 47 -32.25 12.65 4.49
CA ASP C 47 -31.84 13.34 3.27
C ASP C 47 -33.01 13.42 2.31
N LYS C 48 -32.77 14.04 1.16
CA LYS C 48 -33.80 14.33 0.18
C LYS C 48 -33.93 13.29 -0.92
N VAL C 49 -33.16 12.22 -0.88
CA VAL C 49 -33.15 11.25 -1.96
C VAL C 49 -34.22 10.19 -1.71
N PHE C 50 -34.83 9.71 -2.79
CA PHE C 50 -35.77 8.61 -2.72
C PHE C 50 -35.00 7.30 -2.60
N ARG C 51 -35.55 6.37 -1.83
CA ARG C 51 -34.86 5.14 -1.53
C ARG C 51 -35.89 4.10 -1.11
N SER C 52 -35.87 2.93 -1.75
CA SER C 52 -36.98 1.98 -1.65
C SER C 52 -36.50 0.56 -1.42
N SER C 53 -37.19 -0.14 -0.51
CA SER C 53 -37.10 -1.59 -0.31
C SER C 53 -35.69 -2.07 0.01
N VAL C 54 -34.98 -1.29 0.84
CA VAL C 54 -33.61 -1.63 1.24
C VAL C 54 -33.47 -1.40 2.74
N LEU C 55 -32.26 -1.59 3.24
CA LEU C 55 -31.85 -1.22 4.59
C LEU C 55 -30.67 -0.26 4.48
N HIS C 56 -30.80 0.91 5.07
CA HIS C 56 -29.77 1.94 4.94
C HIS C 56 -29.32 2.42 6.31
N SER C 57 -28.01 2.58 6.48
CA SER C 57 -27.43 2.98 7.76
C SER C 57 -27.11 4.46 7.75
N THR C 58 -27.63 5.18 8.74
CA THR C 58 -27.45 6.62 8.86
C THR C 58 -26.83 6.96 10.21
N GLN C 59 -26.09 8.08 10.22
CA GLN C 59 -25.35 8.54 11.40
C GLN C 59 -25.47 10.06 11.48
N ASP C 60 -26.47 10.53 12.21
CA ASP C 60 -26.61 11.94 12.60
C ASP C 60 -27.51 11.99 13.83
N LEU C 61 -27.96 13.20 14.17
CA LEU C 61 -28.68 13.41 15.43
C LEU C 61 -30.07 12.77 15.38
N PHE C 62 -30.31 11.82 16.29
CA PHE C 62 -31.63 11.23 16.48
C PHE C 62 -31.97 11.19 17.95
N LEU C 63 -33.22 10.85 18.23
CA LEU C 63 -33.64 10.59 19.60
C LEU C 63 -33.49 9.11 19.90
N PRO C 64 -32.69 8.71 20.89
CA PRO C 64 -32.45 7.29 21.14
C PRO C 64 -33.71 6.57 21.61
N PHE C 65 -33.76 5.28 21.28
CA PHE C 65 -34.89 4.45 21.67
C PHE C 65 -34.89 4.23 23.19
N PHE C 66 -36.09 4.24 23.76
CA PHE C 66 -36.32 3.98 25.19
C PHE C 66 -35.52 4.95 26.07
N SER C 67 -35.53 6.22 25.68
CA SER C 67 -34.95 7.28 26.47
C SER C 67 -36.05 8.07 27.16
N ASN C 68 -35.71 8.64 28.31
CA ASN C 68 -36.70 9.13 29.26
C ASN C 68 -36.80 10.65 29.21
N VAL C 69 -38.03 11.14 28.99
CA VAL C 69 -38.28 12.53 28.62
C VAL C 69 -39.14 13.18 29.70
N THR C 70 -39.05 14.51 29.75
CA THR C 70 -39.68 15.32 30.78
C THR C 70 -41.03 15.84 30.31
N TRP C 71 -41.95 15.99 31.27
CA TRP C 71 -43.31 16.51 31.03
C TRP C 71 -43.50 17.79 31.84
N PHE C 72 -43.18 18.93 31.25
CA PHE C 72 -43.52 20.20 31.89
C PHE C 72 -45.02 20.47 31.74
N HIS C 73 -45.58 21.17 32.73
CA HIS C 73 -47.02 21.40 32.79
C HIS C 73 -47.31 22.89 32.85
N ALA C 74 -48.46 23.27 32.31
CA ALA C 74 -49.02 24.61 32.45
C ALA C 74 -50.24 24.53 33.35
N ILE C 75 -50.32 25.44 34.32
CA ILE C 75 -51.38 25.47 35.31
C ILE C 75 -51.97 26.88 35.31
N SER C 76 -53.08 27.07 36.02
CA SER C 76 -53.74 28.37 36.15
C SER C 76 -53.59 28.89 37.57
N GLY C 77 -53.15 30.14 37.68
CA GLY C 77 -52.92 30.74 38.99
C GLY C 77 -53.65 32.05 39.22
N THR C 78 -53.97 32.76 38.13
CA THR C 78 -54.66 34.06 38.09
C THR C 78 -53.88 35.21 38.73
N ASN C 79 -54.01 36.40 38.16
CA ASN C 79 -53.36 37.66 38.57
C ASN C 79 -51.84 37.46 38.51
N GLY C 80 -51.11 38.20 39.35
CA GLY C 80 -49.67 38.09 39.39
C GLY C 80 -49.16 37.00 40.31
N THR C 81 -49.75 35.81 40.20
CA THR C 81 -49.36 34.69 41.04
C THR C 81 -48.00 34.13 40.64
N LYS C 82 -47.56 34.37 39.39
CA LYS C 82 -46.30 33.88 38.84
C LYS C 82 -46.23 32.36 38.88
N ARG C 83 -47.06 31.76 38.02
CA ARG C 83 -47.15 30.31 37.90
C ARG C 83 -45.80 29.65 37.62
N PHE C 84 -44.95 30.34 36.84
CA PHE C 84 -43.65 29.83 36.39
C PHE C 84 -43.77 28.50 35.66
N ASP C 85 -44.75 28.40 34.76
CA ASP C 85 -44.98 27.18 34.01
C ASP C 85 -44.10 27.07 32.76
N ASN C 86 -43.40 28.15 32.40
CA ASN C 86 -42.55 28.18 31.20
C ASN C 86 -41.11 28.39 31.62
N PRO C 87 -40.33 27.32 31.79
CA PRO C 87 -38.92 27.48 32.17
C PRO C 87 -37.99 27.61 30.97
N VAL C 88 -36.69 27.68 31.24
CA VAL C 88 -35.67 27.81 30.21
C VAL C 88 -34.83 26.54 30.21
N LEU C 89 -34.55 26.02 29.00
CA LEU C 89 -33.95 24.70 28.85
C LEU C 89 -32.56 24.82 28.20
N PRO C 90 -31.65 23.89 28.50
CA PRO C 90 -30.26 24.02 28.02
C PRO C 90 -30.06 23.99 26.50
N PHE C 91 -30.86 23.26 25.74
CA PHE C 91 -30.78 23.18 24.26
C PHE C 91 -29.36 22.81 23.80
N ASN C 92 -29.00 21.56 24.07
CA ASN C 92 -27.79 21.00 23.49
C ASN C 92 -28.15 20.09 22.33
N ASP C 93 -27.41 20.23 21.22
CA ASP C 93 -27.41 19.47 19.96
C ASP C 93 -28.78 18.96 19.52
N GLY C 94 -29.77 19.84 19.49
CA GLY C 94 -31.07 19.52 18.95
C GLY C 94 -32.06 19.07 20.01
N VAL C 95 -33.34 19.41 19.79
CA VAL C 95 -34.42 19.09 20.70
C VAL C 95 -35.60 18.51 19.93
N TYR C 96 -36.11 17.38 20.40
CA TYR C 96 -37.38 16.82 19.95
C TYR C 96 -38.51 17.42 20.77
N PHE C 97 -39.64 17.68 20.13
CA PHE C 97 -40.79 18.29 20.77
C PHE C 97 -42.04 17.50 20.39
N ALA C 98 -42.96 17.38 21.33
CA ALA C 98 -44.22 16.71 21.05
C ALA C 98 -45.32 17.30 21.90
N SER C 99 -46.55 17.17 21.41
CA SER C 99 -47.71 17.65 22.15
C SER C 99 -48.93 16.88 21.69
N THR C 100 -49.96 16.89 22.53
CA THR C 100 -51.27 16.33 22.16
C THR C 100 -52.35 17.07 22.92
N GLU C 101 -53.32 17.62 22.17
CA GLU C 101 -54.40 18.42 22.70
C GLU C 101 -55.43 18.64 21.60
N LYS C 102 -56.64 19.04 22.02
CA LYS C 102 -57.73 19.24 21.08
C LYS C 102 -57.80 20.68 20.57
N SER C 103 -57.59 21.65 21.45
CA SER C 103 -57.66 23.06 21.08
C SER C 103 -56.28 23.54 20.64
N ASN C 104 -56.09 24.85 20.55
CA ASN C 104 -54.86 25.41 20.01
C ASN C 104 -54.17 26.28 21.07
N ILE C 105 -54.03 25.75 22.28
CA ILE C 105 -53.31 26.49 23.33
C ILE C 105 -51.84 26.67 22.96
N ILE C 106 -51.20 25.60 22.50
CA ILE C 106 -49.79 25.66 22.15
C ILE C 106 -49.61 26.39 20.83
N ARG C 107 -48.76 27.42 20.84
CA ARG C 107 -48.53 28.27 19.67
C ARG C 107 -47.20 28.99 19.87
N GLY C 108 -46.22 28.70 19.03
CA GLY C 108 -45.02 29.52 18.99
C GLY C 108 -43.92 29.01 19.89
N TRP C 109 -42.68 29.35 19.51
CA TRP C 109 -41.49 29.03 20.27
C TRP C 109 -40.50 30.18 20.10
N ILE C 110 -39.73 30.45 21.15
CA ILE C 110 -38.65 31.43 21.06
C ILE C 110 -37.33 30.71 21.27
N PHE C 111 -36.25 31.39 20.88
CA PHE C 111 -34.90 30.84 20.96
C PHE C 111 -33.95 31.97 21.34
N GLY C 112 -32.66 31.71 21.21
CA GLY C 112 -31.66 32.74 21.43
C GLY C 112 -30.83 32.49 22.67
N THR C 113 -29.54 32.81 22.58
CA THR C 113 -28.61 32.62 23.68
C THR C 113 -28.68 33.72 24.73
N THR C 114 -29.32 34.84 24.44
CA THR C 114 -29.32 35.99 25.32
C THR C 114 -30.70 36.41 25.78
N LEU C 115 -31.69 36.45 24.86
CA LEU C 115 -33.03 37.01 25.09
C LEU C 115 -32.96 38.46 25.56
N ASP C 116 -31.96 39.21 25.09
CA ASP C 116 -31.72 40.57 25.52
C ASP C 116 -31.59 41.51 24.32
N SER C 117 -31.16 42.74 24.58
CA SER C 117 -30.97 43.71 23.51
C SER C 117 -29.64 43.53 22.78
N LYS C 118 -28.70 42.78 23.35
CA LYS C 118 -27.36 42.68 22.77
C LYS C 118 -27.34 41.81 21.53
N THR C 119 -28.05 40.68 21.54
CA THR C 119 -27.95 39.68 20.49
C THR C 119 -29.35 39.31 20.01
N GLN C 120 -29.45 38.96 18.73
CA GLN C 120 -30.72 38.64 18.09
C GLN C 120 -31.33 37.38 18.70
N SER C 121 -32.66 37.33 18.68
CA SER C 121 -33.41 36.15 19.12
C SER C 121 -34.58 35.92 18.18
N LEU C 122 -35.09 34.69 18.19
CA LEU C 122 -35.95 34.18 17.13
C LEU C 122 -37.34 33.87 17.67
N LEU C 123 -38.31 33.88 16.76
CA LEU C 123 -39.73 33.77 17.09
C LEU C 123 -40.46 33.04 15.98
N ILE C 124 -41.26 32.03 16.37
CA ILE C 124 -42.00 31.18 15.43
C ILE C 124 -43.48 31.33 15.82
N VAL C 125 -43.88 32.54 16.20
CA VAL C 125 -45.25 32.78 16.63
C VAL C 125 -46.24 32.46 15.51
N ASN C 126 -47.38 31.87 15.89
CA ASN C 126 -48.38 31.40 14.96
C ASN C 126 -49.59 32.34 14.97
N ASN C 127 -50.10 32.64 13.79
CA ASN C 127 -51.33 33.41 13.65
C ASN C 127 -52.52 32.44 13.63
N ALA C 128 -53.69 32.96 13.28
CA ALA C 128 -54.88 32.10 13.19
C ALA C 128 -54.77 31.11 12.04
N THR C 129 -54.41 31.60 10.85
CA THR C 129 -54.22 30.76 9.68
C THR C 129 -52.92 31.09 8.96
N ASN C 130 -51.93 31.61 9.70
CA ASN C 130 -50.65 32.00 9.12
C ASN C 130 -49.55 31.80 10.16
N VAL C 131 -48.31 31.93 9.72
CA VAL C 131 -47.15 31.85 10.59
C VAL C 131 -46.20 32.99 10.22
N VAL C 132 -45.56 33.57 11.23
CA VAL C 132 -44.53 34.59 11.03
C VAL C 132 -43.31 34.14 11.82
N ILE C 133 -42.22 33.86 11.13
CA ILE C 133 -40.94 33.53 11.76
C ILE C 133 -40.06 34.77 11.65
N LYS C 134 -39.77 35.40 12.77
CA LYS C 134 -38.94 36.60 12.75
C LYS C 134 -37.78 36.44 13.73
N VAL C 135 -36.59 36.85 13.29
CA VAL C 135 -35.44 36.98 14.18
C VAL C 135 -35.10 38.47 14.26
N CYS C 136 -35.01 38.97 15.49
CA CYS C 136 -34.85 40.40 15.71
C CYS C 136 -34.36 40.64 17.13
N GLU C 137 -34.16 41.91 17.46
CA GLU C 137 -33.74 42.33 18.79
C GLU C 137 -34.99 42.48 19.65
N PHE C 138 -35.18 41.56 20.59
CA PHE C 138 -36.33 41.57 21.48
C PHE C 138 -35.81 41.98 22.87
N GLN C 139 -36.00 43.26 23.21
CA GLN C 139 -35.38 43.80 24.42
C GLN C 139 -36.10 43.32 25.67
N PHE C 140 -37.37 43.67 25.82
CA PHE C 140 -38.12 43.39 27.04
C PHE C 140 -39.21 42.37 26.74
N CYS C 141 -39.15 41.23 27.44
CA CYS C 141 -40.21 40.22 27.43
C CYS C 141 -40.47 39.91 28.90
N ASN C 142 -41.33 40.71 29.54
CA ASN C 142 -41.58 40.54 30.96
C ASN C 142 -42.31 39.24 31.25
N ASP C 143 -43.44 39.00 30.55
CA ASP C 143 -44.28 37.82 30.69
C ASP C 143 -45.36 37.86 29.62
N PRO C 144 -45.84 36.72 29.15
CA PRO C 144 -47.11 36.71 28.40
C PRO C 144 -48.23 37.21 29.28
N PHE C 145 -49.15 37.97 28.68
CA PHE C 145 -50.23 38.57 29.45
C PHE C 145 -51.19 37.49 29.97
N LEU C 146 -51.89 37.83 31.04
CA LEU C 146 -52.66 36.84 31.79
C LEU C 146 -53.99 37.45 32.21
N ASP C 147 -55.07 36.69 32.05
CA ASP C 147 -56.40 37.16 32.40
C ASP C 147 -56.82 36.57 33.74
N VAL C 148 -57.27 37.45 34.65
CA VAL C 148 -57.70 37.02 35.98
C VAL C 148 -59.00 36.23 35.90
N MET C 158 -60.91 34.53 22.45
CA MET C 158 -59.56 35.09 22.52
C MET C 158 -59.40 36.09 21.38
N GLU C 159 -59.38 37.38 21.72
CA GLU C 159 -59.22 38.42 20.71
C GLU C 159 -58.23 39.48 21.20
N SER C 160 -57.10 39.59 20.50
CA SER C 160 -56.20 40.75 20.51
C SER C 160 -55.70 41.10 21.92
N GLU C 161 -55.01 40.14 22.54
CA GLU C 161 -54.40 40.36 23.85
C GLU C 161 -53.01 39.76 23.90
N PHE C 162 -52.27 39.83 22.79
CA PHE C 162 -50.89 39.35 22.73
C PHE C 162 -49.96 40.54 22.48
N ARG C 163 -49.01 40.75 23.40
CA ARG C 163 -48.04 41.84 23.28
C ARG C 163 -46.85 41.45 24.14
N VAL C 164 -45.79 40.94 23.51
CA VAL C 164 -44.68 40.37 24.25
C VAL C 164 -43.42 41.24 24.21
N TYR C 165 -43.21 42.04 23.17
CA TYR C 165 -42.03 42.87 23.05
C TYR C 165 -42.42 44.32 22.80
N SER C 166 -41.54 45.23 23.21
CA SER C 166 -41.79 46.67 23.13
C SER C 166 -40.99 47.36 22.04
N SER C 167 -39.68 47.13 22.00
CA SER C 167 -38.80 47.82 21.06
C SER C 167 -38.20 46.80 20.08
N ALA C 168 -38.09 47.22 18.81
CA ALA C 168 -37.51 46.39 17.76
C ALA C 168 -36.45 47.21 17.05
N ASN C 169 -35.18 46.83 17.21
CA ASN C 169 -34.07 47.49 16.54
C ASN C 169 -33.95 46.97 15.11
N ASN C 170 -32.82 47.27 14.48
CA ASN C 170 -32.58 46.81 13.10
C ASN C 170 -32.48 45.29 13.05
N CYS C 171 -33.15 44.71 12.06
CA CYS C 171 -33.21 43.26 11.86
C CYS C 171 -33.77 42.99 10.48
N THR C 172 -33.61 41.73 10.04
CA THR C 172 -33.93 41.31 8.68
C THR C 172 -34.53 39.90 8.81
N PHE C 173 -35.02 39.35 7.69
CA PHE C 173 -35.52 37.97 7.58
C PHE C 173 -36.76 37.75 8.44
N GLU C 174 -37.83 38.46 8.08
CA GLU C 174 -39.16 38.23 8.64
C GLU C 174 -39.91 37.30 7.68
N TYR C 175 -39.62 36.00 7.80
CA TYR C 175 -40.18 35.00 6.90
C TYR C 175 -41.65 34.76 7.21
N VAL C 176 -42.46 34.66 6.15
CA VAL C 176 -43.89 34.39 6.28
C VAL C 176 -44.26 33.33 5.24
N SER C 177 -44.92 32.27 5.67
CA SER C 177 -45.33 31.20 4.76
C SER C 177 -46.60 30.56 5.29
N GLN C 178 -46.92 29.38 4.78
CA GLN C 178 -48.06 28.61 5.25
C GLN C 178 -47.81 28.15 6.68
N PRO C 179 -48.84 28.20 7.55
CA PRO C 179 -48.63 27.81 8.95
C PRO C 179 -48.25 26.34 9.11
N PHE C 180 -47.46 26.07 10.15
CA PHE C 180 -47.00 24.71 10.41
C PHE C 180 -48.12 23.82 10.93
N LEU C 181 -49.06 24.39 11.67
CA LEU C 181 -50.06 23.61 12.40
C LEU C 181 -51.34 23.54 11.58
N MET C 182 -51.72 22.31 11.20
CA MET C 182 -53.00 22.04 10.57
C MET C 182 -53.97 21.57 11.65
N ASP C 183 -55.07 22.29 11.82
CA ASP C 183 -56.03 22.02 12.88
C ASP C 183 -56.94 20.87 12.43
N LEU C 184 -56.48 19.65 12.67
CA LEU C 184 -57.33 18.48 12.45
C LEU C 184 -58.31 18.37 13.61
N GLU C 185 -59.60 18.35 13.29
CA GLU C 185 -60.64 18.47 14.30
C GLU C 185 -60.78 17.16 15.09
N GLY C 186 -60.73 17.28 16.41
CA GLY C 186 -60.97 16.14 17.28
C GLY C 186 -62.43 16.09 17.68
N LYS C 187 -63.04 14.92 17.57
CA LYS C 187 -64.47 14.77 17.80
C LYS C 187 -64.75 13.38 18.36
N GLN C 188 -65.95 13.26 18.96
CA GLN C 188 -66.50 12.01 19.51
C GLN C 188 -65.64 11.43 20.63
N GLY C 189 -64.79 12.24 21.26
CA GLY C 189 -64.01 11.80 22.40
C GLY C 189 -62.85 10.89 22.05
N ASN C 190 -61.87 10.82 22.97
CA ASN C 190 -60.69 9.92 22.93
C ASN C 190 -59.94 9.95 21.59
N PHE C 191 -60.01 11.08 20.89
CA PHE C 191 -59.43 11.21 19.56
C PHE C 191 -58.83 12.61 19.43
N LYS C 192 -57.52 12.71 19.63
CA LYS C 192 -56.82 13.99 19.54
C LYS C 192 -55.67 13.89 18.57
N ASN C 193 -55.50 14.94 17.76
CA ASN C 193 -54.30 15.07 16.95
C ASN C 193 -53.09 15.24 17.86
N LEU C 194 -52.02 14.51 17.57
CA LEU C 194 -50.76 14.68 18.29
C LEU C 194 -49.67 15.13 17.33
N ARG C 195 -48.91 16.13 17.74
CA ARG C 195 -47.98 16.86 16.89
C ARG C 195 -46.56 16.58 17.35
N GLU C 196 -45.70 16.21 16.40
CA GLU C 196 -44.31 15.89 16.68
C GLU C 196 -43.39 16.72 15.79
N PHE C 197 -42.34 17.26 16.41
CA PHE C 197 -41.39 18.16 15.77
C PHE C 197 -39.97 17.81 16.21
N VAL C 198 -39.01 18.15 15.36
CA VAL C 198 -37.59 18.10 15.67
C VAL C 198 -36.95 19.41 15.22
N PHE C 199 -36.17 20.01 16.13
CA PHE C 199 -35.50 21.28 15.92
C PHE C 199 -33.99 21.04 16.06
N LYS C 200 -33.23 21.37 15.02
CA LYS C 200 -31.79 21.16 15.03
C LYS C 200 -31.05 22.41 14.58
N ASN C 201 -29.82 22.57 15.08
CA ASN C 201 -28.94 23.67 14.70
C ASN C 201 -27.57 23.10 14.35
N ILE C 202 -27.24 23.11 13.06
CA ILE C 202 -25.90 22.77 12.59
C ILE C 202 -25.51 23.78 11.51
N ASP C 203 -24.25 24.26 11.59
CA ASP C 203 -23.61 25.24 10.70
C ASP C 203 -24.51 26.41 10.28
N GLY C 204 -25.31 26.92 11.22
CA GLY C 204 -26.20 28.03 10.92
C GLY C 204 -27.27 27.69 9.92
N TYR C 205 -28.00 26.60 10.17
CA TYR C 205 -28.96 26.07 9.21
C TYR C 205 -30.09 25.41 9.98
N PHE C 206 -31.20 26.13 10.13
CA PHE C 206 -32.32 25.69 10.94
C PHE C 206 -33.26 24.82 10.12
N LYS C 207 -33.72 23.72 10.72
CA LYS C 207 -34.60 22.78 10.06
C LYS C 207 -35.81 22.48 10.93
N ILE C 208 -36.92 22.17 10.27
CA ILE C 208 -38.16 21.78 10.91
C ILE C 208 -38.46 20.35 10.48
N TYR C 209 -38.66 19.46 11.45
CA TYR C 209 -39.21 18.15 11.14
C TYR C 209 -40.54 18.01 11.87
N SER C 210 -41.56 17.53 11.17
CA SER C 210 -42.89 17.50 11.76
C SER C 210 -43.69 16.33 11.20
N LYS C 211 -44.70 15.92 11.96
CA LYS C 211 -45.67 14.95 11.46
C LYS C 211 -46.98 15.11 12.22
N HIS C 212 -48.08 15.17 11.48
CA HIS C 212 -49.42 15.31 12.05
C HIS C 212 -50.14 13.98 11.91
N THR C 213 -50.42 13.33 13.04
CA THR C 213 -51.30 12.16 13.01
C THR C 213 -52.37 12.29 14.07
N PRO C 214 -53.62 11.95 13.73
CA PRO C 214 -54.75 12.13 14.65
C PRO C 214 -55.01 10.97 15.60
N ILE C 215 -54.26 9.87 15.50
CA ILE C 215 -54.58 8.64 16.23
C ILE C 215 -53.68 8.55 17.45
N ASN C 216 -54.29 8.64 18.64
CA ASN C 216 -53.59 8.42 19.90
C ASN C 216 -54.33 7.52 20.87
N LEU C 217 -55.66 7.39 20.75
CA LEU C 217 -56.54 6.60 21.60
C LEU C 217 -56.41 7.08 23.06
N GLY C 218 -56.51 6.17 24.01
CA GLY C 218 -56.43 6.51 25.42
C GLY C 218 -55.04 6.65 25.98
N ARG C 219 -54.01 6.41 25.18
CA ARG C 219 -52.63 6.54 25.61
C ARG C 219 -52.04 7.83 25.07
N ASP C 220 -51.47 8.63 25.97
CA ASP C 220 -50.91 9.92 25.58
C ASP C 220 -49.64 9.77 24.74
N LEU C 221 -48.93 8.65 24.88
CA LEU C 221 -47.78 8.32 24.04
C LEU C 221 -48.00 6.93 23.49
N PRO C 222 -48.81 6.79 22.44
CA PRO C 222 -49.25 5.46 22.00
C PRO C 222 -48.14 4.67 21.31
N GLN C 223 -48.34 3.36 21.26
CA GLN C 223 -47.46 2.48 20.53
C GLN C 223 -47.58 2.72 19.03
N GLY C 224 -46.49 2.48 18.32
CA GLY C 224 -46.48 2.64 16.89
C GLY C 224 -45.11 3.09 16.41
N PHE C 225 -45.06 3.46 15.13
CA PHE C 225 -43.83 3.90 14.51
C PHE C 225 -44.18 4.76 13.31
N SER C 226 -43.61 5.96 13.25
CA SER C 226 -43.92 6.88 12.16
C SER C 226 -42.77 7.85 11.97
N ALA C 227 -42.35 8.04 10.73
CA ALA C 227 -41.31 9.00 10.40
C ALA C 227 -41.88 10.41 10.37
N LEU C 228 -40.99 11.39 10.36
CA LEU C 228 -41.37 12.80 10.38
C LEU C 228 -41.14 13.42 9.03
N GLU C 229 -42.12 14.21 8.57
CA GLU C 229 -42.07 14.81 7.24
C GLU C 229 -41.45 16.20 7.31
N PRO C 230 -40.34 16.46 6.62
CA PRO C 230 -39.76 17.82 6.63
C PRO C 230 -40.69 18.80 5.92
N LEU C 231 -40.83 19.99 6.52
CA LEU C 231 -41.80 20.96 6.03
C LEU C 231 -41.16 22.22 5.47
N VAL C 232 -40.41 22.97 6.28
CA VAL C 232 -39.94 24.30 5.91
C VAL C 232 -38.50 24.46 6.35
N ASP C 233 -37.66 25.01 5.46
CA ASP C 233 -36.25 25.27 5.73
C ASP C 233 -36.07 26.73 6.16
N LEU C 234 -35.24 26.95 7.18
CA LEU C 234 -35.00 28.29 7.71
C LEU C 234 -33.52 28.63 7.71
N PRO C 235 -33.05 29.54 6.86
CA PRO C 235 -31.69 30.07 7.03
C PRO C 235 -31.62 31.25 7.98
N ILE C 236 -30.91 31.12 9.11
CA ILE C 236 -30.70 32.27 9.99
C ILE C 236 -29.21 32.50 10.21
N GLY C 237 -28.54 31.52 10.81
CA GLY C 237 -27.11 31.60 11.05
C GLY C 237 -26.69 31.99 12.45
N ILE C 238 -27.60 32.00 13.42
CA ILE C 238 -27.26 32.35 14.79
C ILE C 238 -27.07 31.09 15.60
N ASN C 239 -26.46 31.24 16.78
CA ASN C 239 -26.31 30.14 17.72
C ASN C 239 -27.38 30.24 18.81
N ILE C 240 -27.81 29.09 19.30
CA ILE C 240 -28.86 29.00 20.31
C ILE C 240 -28.32 28.26 21.51
N THR C 241 -28.45 28.87 22.70
CA THR C 241 -28.04 28.27 23.96
C THR C 241 -29.19 28.19 24.95
N ARG C 242 -30.26 28.98 24.75
CA ARG C 242 -31.44 28.91 25.60
C ARG C 242 -32.67 28.96 24.72
N PHE C 243 -33.78 28.41 25.22
CA PHE C 243 -35.06 28.61 24.56
C PHE C 243 -36.18 28.51 25.58
N GLN C 244 -37.36 28.94 25.15
CA GLN C 244 -38.55 28.97 25.98
C GLN C 244 -39.75 28.75 25.07
N THR C 245 -40.84 28.26 25.63
CA THR C 245 -42.05 27.99 24.87
C THR C 245 -43.10 29.02 25.21
N LEU C 246 -43.71 29.62 24.19
CA LEU C 246 -44.79 30.57 24.37
C LEU C 246 -46.12 29.84 24.46
N LEU C 247 -46.83 30.06 25.55
CA LEU C 247 -48.13 29.46 25.80
C LEU C 247 -49.22 30.53 25.76
N ALA C 248 -50.46 30.06 25.74
CA ALA C 248 -51.61 30.92 26.04
C ALA C 248 -51.80 30.94 27.55
N LEU C 249 -50.85 31.58 28.23
CA LEU C 249 -50.85 31.66 29.68
C LEU C 249 -51.96 32.55 30.22
N HIS C 250 -52.66 33.28 29.34
CA HIS C 250 -53.92 33.92 29.67
C HIS C 250 -54.88 32.92 30.33
N ARG C 251 -55.26 31.89 29.57
CA ARG C 251 -56.30 30.94 29.95
C ARG C 251 -55.80 29.53 29.71
N SER C 252 -55.85 28.71 30.76
CA SER C 252 -55.39 27.33 30.67
C SER C 252 -56.52 26.38 30.33
N ALA C 267 -49.51 13.41 33.61
CA ALA C 267 -50.27 13.88 32.46
C ALA C 267 -50.09 15.39 32.27
N ALA C 268 -49.29 15.76 31.27
CA ALA C 268 -48.96 17.16 31.04
C ALA C 268 -49.16 17.64 29.61
N ALA C 269 -49.23 16.73 28.63
CA ALA C 269 -49.49 17.04 27.22
C ALA C 269 -48.47 18.03 26.65
N TYR C 270 -47.21 17.87 27.06
CA TYR C 270 -46.14 18.76 26.63
C TYR C 270 -44.84 17.99 26.81
N TYR C 271 -44.24 17.56 25.70
CA TYR C 271 -43.13 16.61 25.73
C TYR C 271 -41.87 17.26 25.16
N VAL C 272 -40.78 17.18 25.90
CA VAL C 272 -39.48 17.66 25.47
C VAL C 272 -38.51 16.49 25.54
N GLY C 273 -37.87 16.18 24.41
CA GLY C 273 -36.87 15.13 24.35
C GLY C 273 -35.56 15.66 23.82
N TYR C 274 -34.50 14.93 24.10
CA TYR C 274 -33.14 15.43 23.93
C TYR C 274 -32.41 14.55 22.93
N LEU C 275 -31.86 15.18 21.88
CA LEU C 275 -31.27 14.44 20.77
C LEU C 275 -29.80 14.11 21.05
N GLN C 276 -29.33 13.04 20.42
CA GLN C 276 -27.96 12.56 20.55
C GLN C 276 -27.44 12.13 19.20
N PRO C 277 -26.11 12.21 18.98
CA PRO C 277 -25.52 11.69 17.73
C PRO C 277 -25.40 10.18 17.72
N ARG C 278 -26.48 9.49 17.35
CA ARG C 278 -26.57 8.05 17.40
C ARG C 278 -26.64 7.47 15.99
N THR C 279 -26.37 6.17 15.88
CA THR C 279 -26.31 5.47 14.60
C THR C 279 -27.51 4.54 14.47
N PHE C 280 -28.28 4.71 13.40
CA PHE C 280 -29.46 3.87 13.17
C PHE C 280 -29.39 3.17 11.82
N LEU C 281 -30.16 2.09 11.74
CA LEU C 281 -30.42 1.36 10.49
C LEU C 281 -31.90 1.48 10.20
N LEU C 282 -32.23 2.03 9.04
CA LEU C 282 -33.59 2.35 8.63
C LEU C 282 -34.03 1.36 7.56
N LYS C 283 -35.26 0.88 7.66
CA LYS C 283 -35.84 -0.03 6.69
C LYS C 283 -36.82 0.75 5.82
N TYR C 284 -36.48 0.95 4.56
CA TYR C 284 -37.37 1.58 3.61
C TYR C 284 -38.29 0.53 3.01
N ASN C 285 -39.56 0.91 2.82
CA ASN C 285 -40.53 0.02 2.21
C ASN C 285 -40.34 0.02 0.69
N GLU C 286 -41.06 -0.88 0.02
CA GLU C 286 -41.04 -0.89 -1.45
C GLU C 286 -41.77 0.28 -2.06
N ASN C 287 -42.49 1.07 -1.26
CA ASN C 287 -43.30 2.18 -1.74
C ASN C 287 -42.96 3.44 -0.95
N GLY C 288 -41.66 3.72 -0.80
CA GLY C 288 -41.19 5.01 -0.35
C GLY C 288 -40.97 5.22 1.13
N THR C 289 -41.89 4.73 1.97
CA THR C 289 -41.91 5.13 3.37
C THR C 289 -40.87 4.34 4.17
N ILE C 290 -40.75 4.71 5.44
CA ILE C 290 -39.89 4.02 6.40
C ILE C 290 -40.79 3.17 7.29
N THR C 291 -40.54 1.86 7.30
CA THR C 291 -41.40 0.91 8.01
C THR C 291 -40.89 0.57 9.40
N ASP C 292 -39.58 0.42 9.58
CA ASP C 292 -39.04 0.04 10.87
C ASP C 292 -37.62 0.58 10.97
N ALA C 293 -37.10 0.64 12.20
CA ALA C 293 -35.76 1.15 12.42
C ALA C 293 -35.17 0.47 13.65
N VAL C 294 -33.84 0.32 13.65
CA VAL C 294 -33.12 -0.18 14.81
C VAL C 294 -31.98 0.77 15.12
N ASP C 295 -31.57 0.78 16.38
CA ASP C 295 -30.44 1.56 16.85
C ASP C 295 -29.23 0.62 16.89
N CYS C 296 -28.04 1.20 16.96
CA CYS C 296 -26.81 0.40 16.94
C CYS C 296 -25.94 0.60 18.18
N ALA C 297 -26.46 1.21 19.24
CA ALA C 297 -25.70 1.31 20.48
C ALA C 297 -26.59 1.12 21.70
N LEU C 298 -27.73 0.46 21.55
CA LEU C 298 -28.66 0.24 22.65
C LEU C 298 -28.51 -1.14 23.29
N ASP C 299 -28.54 -2.19 22.48
CA ASP C 299 -28.47 -3.56 22.95
C ASP C 299 -27.44 -4.33 22.14
N PRO C 300 -26.86 -5.39 22.72
CA PRO C 300 -26.00 -6.27 21.91
C PRO C 300 -26.71 -6.89 20.72
N LEU C 301 -27.99 -7.24 20.89
CA LEU C 301 -28.78 -7.71 19.76
C LEU C 301 -28.93 -6.63 18.70
N SER C 302 -29.11 -5.38 19.13
CA SER C 302 -29.17 -4.28 18.18
C SER C 302 -27.83 -4.09 17.46
N GLU C 303 -26.72 -4.26 18.19
CA GLU C 303 -25.41 -4.12 17.56
C GLU C 303 -25.16 -5.23 16.54
N THR C 304 -25.56 -6.47 16.82
CA THR C 304 -25.35 -7.51 15.83
C THR C 304 -26.33 -7.40 14.67
N LYS C 305 -27.52 -6.84 14.89
CA LYS C 305 -28.41 -6.53 13.78
C LYS C 305 -27.81 -5.47 12.87
N CYS C 306 -27.16 -4.46 13.45
CA CYS C 306 -26.54 -3.43 12.63
C CYS C 306 -25.31 -3.94 11.89
N THR C 307 -24.45 -4.71 12.57
CA THR C 307 -23.24 -5.17 11.88
C THR C 307 -23.49 -6.34 10.95
N LEU C 308 -24.65 -7.01 11.07
CA LEU C 308 -25.04 -8.04 10.11
C LEU C 308 -25.86 -7.46 8.96
N LYS C 309 -26.25 -6.19 9.06
CA LYS C 309 -27.04 -5.47 8.06
C LYS C 309 -28.36 -6.18 7.76
N SER C 310 -29.01 -6.69 8.81
CA SER C 310 -30.29 -7.35 8.66
C SER C 310 -31.12 -7.10 9.91
N PHE C 311 -32.45 -7.20 9.75
CA PHE C 311 -33.37 -7.02 10.87
C PHE C 311 -33.71 -8.33 11.56
N THR C 312 -33.25 -9.46 11.05
CA THR C 312 -33.44 -10.76 11.67
C THR C 312 -32.11 -11.48 11.76
N VAL C 313 -31.87 -12.16 12.87
CA VAL C 313 -30.64 -12.90 13.08
C VAL C 313 -30.97 -14.37 13.25
N GLU C 314 -29.99 -15.21 12.93
CA GLU C 314 -30.11 -16.65 13.01
C GLU C 314 -29.22 -17.15 14.15
N LYS C 315 -29.55 -18.34 14.68
CA LYS C 315 -28.81 -18.92 15.80
C LYS C 315 -27.34 -19.08 15.47
N GLY C 316 -26.49 -18.65 16.39
CA GLY C 316 -25.06 -18.71 16.20
C GLY C 316 -24.36 -17.68 17.08
N ILE C 317 -23.06 -17.59 16.88
CA ILE C 317 -22.22 -16.63 17.60
C ILE C 317 -21.57 -15.70 16.57
N TYR C 318 -21.71 -14.40 16.80
CA TYR C 318 -21.24 -13.39 15.85
C TYR C 318 -20.28 -12.44 16.56
N GLN C 319 -19.11 -12.24 15.97
CA GLN C 319 -18.16 -11.27 16.51
C GLN C 319 -18.57 -9.88 16.06
N THR C 320 -18.68 -8.96 17.00
CA THR C 320 -19.27 -7.65 16.73
C THR C 320 -18.24 -6.53 16.74
N SER C 321 -17.46 -6.38 17.81
CA SER C 321 -16.55 -5.24 17.91
C SER C 321 -15.43 -5.59 18.87
N ASN C 322 -14.70 -4.58 19.33
CA ASN C 322 -13.59 -4.75 20.24
C ASN C 322 -13.74 -3.77 21.39
N PHE C 323 -13.25 -4.16 22.56
CA PHE C 323 -13.24 -3.29 23.73
C PHE C 323 -11.80 -3.03 24.13
N ARG C 324 -11.53 -1.81 24.61
CA ARG C 324 -10.20 -1.39 24.98
C ARG C 324 -10.24 -0.77 26.38
N VAL C 325 -9.25 -1.11 27.19
CA VAL C 325 -9.05 -0.39 28.45
C VAL C 325 -8.34 0.91 28.15
N GLN C 326 -8.73 1.97 28.87
CA GLN C 326 -8.18 3.27 28.53
C GLN C 326 -7.15 3.70 29.58
N PRO C 327 -6.14 4.48 29.17
CA PRO C 327 -5.23 5.07 30.15
C PRO C 327 -5.97 6.00 31.10
N THR C 328 -5.61 5.91 32.38
CA THR C 328 -6.26 6.71 33.41
C THR C 328 -5.55 8.04 33.64
N GLU C 329 -4.22 8.01 33.80
CA GLU C 329 -3.40 9.21 33.80
C GLU C 329 -2.10 8.92 33.06
N SER C 330 -1.24 9.93 32.99
CA SER C 330 0.06 9.81 32.35
C SER C 330 1.15 10.13 33.36
N ILE C 331 2.19 9.30 33.39
CA ILE C 331 3.32 9.51 34.28
C ILE C 331 4.56 9.84 33.46
N VAL C 332 5.41 10.68 34.02
CA VAL C 332 6.69 11.07 33.42
C VAL C 332 7.73 10.96 34.51
N ARG C 333 8.85 10.29 34.22
CA ARG C 333 9.91 10.10 35.20
C ARG C 333 11.27 10.32 34.59
N PHE C 334 12.05 11.22 35.19
CA PHE C 334 13.41 11.60 34.87
C PHE C 334 14.22 11.53 36.15
N PRO C 335 15.55 11.41 36.08
CA PRO C 335 16.35 11.19 37.30
C PRO C 335 16.31 12.38 38.26
N ASN C 336 16.91 12.17 39.44
CA ASN C 336 16.99 13.25 40.43
C ASN C 336 17.82 14.42 39.93
N ILE C 337 17.46 15.60 40.44
CA ILE C 337 18.35 16.74 40.51
C ILE C 337 18.21 17.31 41.91
N THR C 338 19.27 17.20 42.72
CA THR C 338 19.19 17.62 44.12
C THR C 338 20.53 18.25 44.48
N ASN C 339 20.60 19.57 44.30
CA ASN C 339 21.77 20.43 44.48
C ASN C 339 21.38 21.90 44.29
N LEU C 340 22.13 22.81 44.91
CA LEU C 340 21.72 24.21 45.00
C LEU C 340 22.95 25.11 45.01
N CYS C 341 22.78 26.33 44.50
CA CYS C 341 23.83 27.34 44.51
C CYS C 341 23.29 28.62 45.15
N PRO C 342 24.08 29.26 46.02
CA PRO C 342 23.67 30.57 46.53
C PRO C 342 24.01 31.69 45.56
N PHE C 343 23.07 32.62 45.40
CA PHE C 343 23.28 33.78 44.54
C PHE C 343 23.60 35.05 45.32
N ASP C 344 23.33 35.08 46.62
CA ASP C 344 23.51 36.31 47.39
C ASP C 344 24.99 36.69 47.53
N GLU C 345 25.86 35.71 47.76
CA GLU C 345 27.29 35.99 47.83
C GLU C 345 27.91 36.23 46.46
N VAL C 346 27.31 35.69 45.39
CA VAL C 346 27.81 35.91 44.04
C VAL C 346 27.57 37.35 43.61
N PHE C 347 26.39 37.89 43.94
CA PHE C 347 25.97 39.19 43.41
C PHE C 347 26.78 40.33 43.98
N ASN C 348 27.08 40.29 45.28
CA ASN C 348 27.73 41.41 45.96
C ASN C 348 29.19 41.11 46.23
N ALA C 349 29.98 42.17 46.34
CA ALA C 349 31.39 42.08 46.67
C ALA C 349 31.74 43.21 47.62
N THR C 350 32.88 43.06 48.32
CA THR C 350 33.32 44.08 49.25
C THR C 350 33.66 45.38 48.53
N ARG C 351 34.35 45.28 47.40
CA ARG C 351 34.65 46.44 46.55
C ARG C 351 34.49 46.02 45.11
N PHE C 352 33.59 46.69 44.38
CA PHE C 352 33.37 46.36 42.98
C PHE C 352 34.58 46.76 42.15
N ALA C 353 35.02 45.85 41.29
CA ALA C 353 36.19 46.09 40.45
C ALA C 353 35.87 47.11 39.36
N SER C 354 36.94 47.68 38.81
CA SER C 354 36.79 48.70 37.79
C SER C 354 36.38 48.09 36.45
N VAL C 355 36.08 48.96 35.49
CA VAL C 355 35.58 48.52 34.20
C VAL C 355 36.68 47.83 33.39
N TYR C 356 37.91 48.35 33.46
CA TYR C 356 39.01 47.81 32.68
C TYR C 356 39.43 46.42 33.12
N ALA C 357 39.03 45.99 34.32
CA ALA C 357 39.32 44.64 34.81
C ALA C 357 38.11 44.20 35.63
N TRP C 358 37.20 43.45 35.02
CA TRP C 358 35.98 43.01 35.67
C TRP C 358 36.05 41.53 35.99
N ASN C 359 35.44 41.15 37.11
CA ASN C 359 35.31 39.75 37.46
C ASN C 359 34.12 39.12 36.74
N ARG C 360 34.13 37.79 36.67
CA ARG C 360 33.05 37.05 36.04
C ARG C 360 33.02 35.65 36.64
N LYS C 361 31.84 35.20 37.05
CA LYS C 361 31.67 33.88 37.65
C LYS C 361 30.70 33.06 36.81
N ARG C 362 31.08 31.81 36.53
CA ARG C 362 30.25 30.87 35.81
C ARG C 362 29.81 29.76 36.75
N ILE C 363 28.49 29.60 36.89
CA ILE C 363 27.91 28.56 37.74
C ILE C 363 26.91 27.76 36.92
N SER C 364 26.74 26.50 37.29
CA SER C 364 25.76 25.62 36.68
C SER C 364 25.51 24.48 37.66
N ASN C 365 24.61 23.58 37.26
CA ASN C 365 24.17 22.43 38.06
C ASN C 365 23.66 22.88 39.44
N CYS C 366 22.61 23.69 39.41
CA CYS C 366 21.91 24.10 40.61
C CYS C 366 20.52 24.59 40.23
N VAL C 367 19.68 24.80 41.26
CA VAL C 367 18.31 25.23 41.04
C VAL C 367 18.31 26.68 40.57
N ALA C 368 17.61 26.94 39.47
CA ALA C 368 17.53 28.27 38.88
C ALA C 368 16.40 29.09 39.52
N ASP C 369 16.53 29.31 40.82
CA ASP C 369 15.59 30.12 41.57
C ASP C 369 16.05 31.57 41.52
N TYR C 370 15.21 32.45 40.98
CA TYR C 370 15.57 33.84 40.78
C TYR C 370 14.65 34.82 41.48
N SER C 371 13.68 34.34 42.27
CA SER C 371 12.78 35.20 43.00
C SER C 371 13.30 35.54 44.40
N VAL C 372 14.49 35.08 44.75
CA VAL C 372 15.04 35.33 46.09
C VAL C 372 15.92 36.59 46.12
N LEU C 373 16.40 37.06 44.96
CA LEU C 373 17.34 38.17 44.89
C LEU C 373 16.69 39.53 45.13
N TYR C 374 15.38 39.58 45.38
CA TYR C 374 14.72 40.86 45.63
C TYR C 374 15.12 41.50 46.96
N ASN C 375 15.65 40.70 47.89
CA ASN C 375 15.98 41.21 49.23
C ASN C 375 17.46 41.50 49.42
N PHE C 376 18.34 40.84 48.67
CA PHE C 376 19.78 40.98 48.85
C PHE C 376 20.38 42.07 47.96
N ALA C 377 19.57 42.78 47.18
CA ALA C 377 20.08 43.81 46.31
C ALA C 377 19.02 44.88 46.11
N PRO C 378 19.33 46.15 46.39
CA PRO C 378 18.37 47.22 46.10
C PRO C 378 18.47 47.69 44.66
N PHE C 379 17.31 47.87 44.04
CA PHE C 379 17.22 48.31 42.66
C PHE C 379 15.84 48.89 42.41
N PHE C 380 15.59 49.29 41.16
CA PHE C 380 14.33 49.88 40.76
C PHE C 380 13.76 49.33 39.46
N ALA C 381 14.57 48.78 38.57
CA ALA C 381 14.13 48.42 37.22
C ALA C 381 13.89 46.93 37.05
N PHE C 382 14.90 46.10 37.33
CA PHE C 382 14.89 44.66 37.09
C PHE C 382 14.54 44.33 35.62
N LYS C 383 15.40 44.80 34.72
CA LYS C 383 15.18 44.67 33.28
C LYS C 383 15.60 43.27 32.85
N CYS C 384 14.65 42.34 32.89
CA CYS C 384 14.85 40.97 32.42
C CYS C 384 14.20 40.86 31.05
N TYR C 385 15.01 41.03 30.00
CA TYR C 385 14.47 41.18 28.66
C TYR C 385 13.94 39.87 28.08
N GLY C 386 14.68 38.78 28.28
CA GLY C 386 14.37 37.54 27.60
C GLY C 386 13.33 36.66 28.28
N VAL C 387 13.52 36.39 29.57
CA VAL C 387 12.71 35.43 30.31
C VAL C 387 11.95 36.18 31.40
N SER C 388 10.67 35.90 31.53
CA SER C 388 9.86 36.48 32.59
C SER C 388 10.37 36.00 33.95
N PRO C 389 10.34 36.86 34.98
CA PRO C 389 10.84 36.45 36.31
C PRO C 389 10.08 35.30 36.93
N THR C 390 8.77 35.19 36.68
CA THR C 390 7.98 34.11 37.27
C THR C 390 8.08 32.81 36.50
N LYS C 391 8.67 32.81 35.31
CA LYS C 391 8.81 31.62 34.49
C LYS C 391 10.18 30.95 34.69
N LEU C 392 11.11 31.62 35.36
CA LEU C 392 12.47 31.12 35.54
C LEU C 392 12.57 29.87 36.41
N ASN C 393 11.51 29.51 37.12
CA ASN C 393 11.53 28.33 37.99
C ASN C 393 11.38 27.01 37.25
N ASP C 394 11.06 27.05 35.96
CA ASP C 394 10.83 25.83 35.19
C ASP C 394 11.75 25.66 33.99
N LEU C 395 12.20 26.76 33.38
CA LEU C 395 13.06 26.65 32.21
C LEU C 395 14.45 26.15 32.58
N CYS C 396 15.02 25.34 31.71
CA CYS C 396 16.33 24.71 31.94
C CYS C 396 17.41 25.53 31.27
N PHE C 397 18.45 25.85 32.02
CA PHE C 397 19.58 26.64 31.52
C PHE C 397 20.85 25.82 31.64
N THR C 398 21.65 25.80 30.58
CA THR C 398 22.89 25.03 30.57
C THR C 398 23.99 25.75 31.34
N ASN C 399 24.35 26.95 30.89
CA ASN C 399 25.38 27.75 31.55
C ASN C 399 24.91 29.19 31.68
N VAL C 400 25.25 29.82 32.80
CA VAL C 400 24.93 31.22 33.05
C VAL C 400 26.21 31.94 33.46
N TYR C 401 26.21 33.25 33.27
CA TYR C 401 27.32 34.11 33.67
C TYR C 401 26.81 35.18 34.62
N ALA C 402 27.58 35.47 35.66
CA ALA C 402 27.25 36.53 36.60
C ALA C 402 28.44 37.47 36.71
N ASP C 403 28.21 38.76 36.51
CA ASP C 403 29.28 39.73 36.68
C ASP C 403 28.71 41.06 37.15
N SER C 404 29.60 41.91 37.68
CA SER C 404 29.20 43.20 38.23
C SER C 404 30.33 44.19 38.03
N PHE C 405 29.95 45.46 37.82
CA PHE C 405 30.93 46.52 37.63
C PHE C 405 30.28 47.87 37.93
N VAL C 406 31.12 48.84 38.28
CA VAL C 406 30.68 50.18 38.65
C VAL C 406 31.02 51.15 37.52
N ILE C 407 30.06 52.01 37.18
CA ILE C 407 30.19 53.01 36.13
C ILE C 407 29.63 54.33 36.63
N ARG C 408 29.60 55.31 35.74
CA ARG C 408 28.94 56.59 36.01
C ARG C 408 27.48 56.52 35.56
N GLY C 409 26.66 57.42 36.12
CA GLY C 409 25.25 57.43 35.81
C GLY C 409 24.88 57.99 34.46
N ASN C 410 25.83 58.63 33.76
CA ASN C 410 25.56 59.18 32.44
C ASN C 410 25.49 58.10 31.38
N GLU C 411 26.10 56.94 31.60
CA GLU C 411 26.19 55.87 30.62
C GLU C 411 25.55 54.59 31.15
N VAL C 412 24.39 54.72 31.79
CA VAL C 412 23.69 53.55 32.31
C VAL C 412 23.16 52.69 31.17
N SER C 413 22.54 53.32 30.18
CA SER C 413 21.94 52.61 29.06
C SER C 413 22.95 52.26 27.97
N GLN C 414 24.21 52.66 28.12
CA GLN C 414 25.22 52.35 27.11
C GLN C 414 25.61 50.88 27.11
N ILE C 415 25.34 50.16 28.18
CA ILE C 415 25.62 48.71 28.23
C ILE C 415 24.38 48.03 27.65
N ALA C 416 24.37 47.95 26.32
CA ALA C 416 23.23 47.41 25.58
C ALA C 416 23.72 46.96 24.21
N PRO C 417 23.05 46.01 23.57
CA PRO C 417 23.46 45.62 22.21
C PRO C 417 23.24 46.75 21.22
N GLY C 418 24.15 46.81 20.24
CA GLY C 418 24.08 47.82 19.21
C GLY C 418 24.48 49.22 19.63
N GLN C 419 25.16 49.37 20.76
CA GLN C 419 25.54 50.68 21.28
C GLN C 419 27.00 50.97 20.93
N THR C 420 27.27 52.23 20.61
CA THR C 420 28.61 52.69 20.28
C THR C 420 29.02 53.80 21.25
N GLY C 421 30.27 54.21 21.15
CA GLY C 421 30.82 55.27 21.99
C GLY C 421 32.12 54.85 22.64
N ASN C 422 32.79 55.85 23.21
CA ASN C 422 34.06 55.62 23.87
C ASN C 422 33.87 54.80 25.15
N ILE C 423 32.76 55.00 25.85
CA ILE C 423 32.49 54.29 27.09
C ILE C 423 32.08 52.83 26.86
N ALA C 424 31.77 52.46 25.63
CA ALA C 424 31.30 51.11 25.34
C ALA C 424 32.21 50.33 24.40
N ASP C 425 32.71 50.96 23.32
CA ASP C 425 33.50 50.22 22.34
C ASP C 425 34.87 49.84 22.89
N TYR C 426 35.44 50.66 23.75
CA TYR C 426 36.78 50.40 24.29
C TYR C 426 36.78 49.90 25.72
N ASN C 427 35.63 49.85 26.39
CA ASN C 427 35.55 49.41 27.77
C ASN C 427 34.78 48.12 27.95
N TYR C 428 33.51 48.10 27.53
CA TYR C 428 32.65 46.94 27.71
C TYR C 428 31.45 47.10 26.78
N LYS C 429 31.34 46.22 25.80
CA LYS C 429 30.20 46.25 24.89
C LYS C 429 29.56 44.86 24.84
N LEU C 430 28.26 44.84 24.71
CA LEU C 430 27.44 43.65 24.70
C LEU C 430 27.34 43.07 23.29
N PRO C 431 27.16 41.76 23.16
CA PRO C 431 26.92 41.18 21.83
C PRO C 431 25.56 41.62 21.30
N ASP C 432 25.45 41.64 19.96
CA ASP C 432 24.25 42.14 19.32
C ASP C 432 23.04 41.25 19.52
N ASP C 433 23.24 40.00 19.95
CA ASP C 433 22.15 39.08 20.26
C ASP C 433 22.09 38.75 21.74
N PHE C 434 22.32 39.76 22.58
CA PHE C 434 22.36 39.55 24.02
C PHE C 434 20.96 39.31 24.59
N THR C 435 20.88 38.40 25.54
CA THR C 435 19.68 38.20 26.34
C THR C 435 20.10 37.94 27.79
N GLY C 436 19.19 38.21 28.71
CA GLY C 436 19.49 38.05 30.12
C GLY C 436 18.85 39.09 31.00
N CYS C 437 19.47 39.40 32.13
CA CYS C 437 18.91 40.34 33.10
C CYS C 437 20.00 41.34 33.49
N VAL C 438 19.78 42.61 33.16
CA VAL C 438 20.71 43.68 33.48
C VAL C 438 20.06 44.56 34.53
N ILE C 439 20.76 44.76 35.65
CA ILE C 439 20.25 45.52 36.79
C ILE C 439 21.19 46.68 37.04
N ALA C 440 20.64 47.88 37.17
CA ALA C 440 21.43 49.08 37.46
C ALA C 440 20.82 49.80 38.65
N TRP C 441 21.69 50.20 39.59
CA TRP C 441 21.24 50.91 40.78
C TRP C 441 22.11 52.15 41.01
N ASN C 442 21.47 53.22 41.50
CA ASN C 442 22.18 54.42 41.89
C ASN C 442 22.91 54.13 43.20
N SER C 443 24.24 54.10 43.14
CA SER C 443 25.07 53.74 44.29
C SER C 443 25.86 54.96 44.73
N ASN C 444 25.26 55.76 45.62
CA ASN C 444 25.91 56.93 46.19
C ASN C 444 26.28 56.76 47.65
N LYS C 445 25.51 55.96 48.40
CA LYS C 445 25.79 55.75 49.81
C LYS C 445 26.99 54.82 50.02
N LEU C 446 27.26 53.92 49.08
CA LEU C 446 28.30 52.93 49.22
C LEU C 446 29.44 53.07 48.21
N ASP C 447 29.33 53.96 47.24
CA ASP C 447 30.34 54.12 46.20
C ASP C 447 30.73 55.58 46.02
N SER C 448 30.82 56.31 47.14
CA SER C 448 31.23 57.71 47.09
C SER C 448 31.84 58.09 48.43
N LYS C 449 32.80 59.00 48.39
CA LYS C 449 33.46 59.52 49.58
C LYS C 449 33.54 61.03 49.50
N VAL C 450 33.54 61.67 50.68
CA VAL C 450 33.60 63.13 50.74
C VAL C 450 34.94 63.64 50.22
N GLY C 451 36.02 62.91 50.50
CA GLY C 451 37.32 63.27 49.98
C GLY C 451 37.56 62.90 48.53
N GLY C 452 36.69 62.06 47.96
CA GLY C 452 36.84 61.66 46.58
C GLY C 452 37.35 60.25 46.42
N ASN C 453 36.47 59.32 46.06
CA ASN C 453 36.87 57.94 45.83
C ASN C 453 37.61 57.84 44.50
N TYR C 454 38.79 57.20 44.52
CA TYR C 454 39.65 57.12 43.36
C TYR C 454 40.04 55.68 43.04
N ASN C 455 39.23 54.72 43.46
CA ASN C 455 39.48 53.32 43.19
C ASN C 455 38.82 52.83 41.90
N TYR C 456 38.18 53.72 41.15
CA TYR C 456 37.44 53.35 39.95
C TYR C 456 38.21 53.81 38.73
N ARG C 457 38.35 52.91 37.76
CA ARG C 457 39.26 53.08 36.63
C ARG C 457 38.54 52.74 35.34
N TYR C 458 38.90 53.43 34.26
CA TYR C 458 38.42 53.05 32.92
C TYR C 458 39.49 53.44 31.91
N ARG C 459 39.27 53.04 30.67
CA ARG C 459 40.20 53.31 29.58
C ARG C 459 39.55 54.26 28.57
N LEU C 460 40.32 55.22 28.07
CA LEU C 460 39.78 56.18 27.12
C LEU C 460 40.54 56.23 25.81
N PHE C 461 41.84 55.93 25.81
CA PHE C 461 42.64 55.83 24.60
C PHE C 461 43.06 54.38 24.37
N ARG C 462 42.77 53.88 23.16
CA ARG C 462 43.23 52.57 22.73
C ARG C 462 43.26 52.55 21.21
N LYS C 463 43.96 51.55 20.67
CA LYS C 463 44.29 51.55 19.24
C LYS C 463 43.05 51.40 18.36
N SER C 464 42.22 50.41 18.64
CA SER C 464 41.07 50.13 17.80
C SER C 464 39.97 49.51 18.64
N ASN C 465 38.81 49.28 18.03
CA ASN C 465 37.68 48.67 18.73
C ASN C 465 37.99 47.22 19.06
N LEU C 466 37.57 46.80 20.25
CA LEU C 466 37.88 45.48 20.78
C LEU C 466 36.73 44.51 20.58
N LYS C 467 37.07 43.22 20.52
CA LYS C 467 36.12 42.17 20.25
C LYS C 467 35.14 42.01 21.41
N PRO C 468 33.92 41.50 21.16
CA PRO C 468 32.95 41.35 22.24
C PRO C 468 33.43 40.40 23.34
N PHE C 469 33.11 40.77 24.59
CA PHE C 469 33.49 40.04 25.80
C PHE C 469 35.00 39.83 25.90
N GLU C 470 35.74 40.91 25.65
CA GLU C 470 37.19 40.90 25.77
C GLU C 470 37.62 42.00 26.74
N ARG C 471 38.59 41.68 27.59
CA ARG C 471 39.07 42.58 28.63
C ARG C 471 40.55 42.87 28.41
N ASP C 472 40.89 44.16 28.41
CA ASP C 472 42.27 44.61 28.24
C ASP C 472 42.72 45.29 29.53
N ILE C 473 43.83 44.82 30.09
CA ILE C 473 44.38 45.36 31.32
C ILE C 473 45.78 45.93 31.13
N SER C 474 46.25 46.02 29.89
CA SER C 474 47.58 46.55 29.62
C SER C 474 47.62 48.05 29.87
N THR C 475 48.71 48.52 30.47
CA THR C 475 48.93 49.93 30.77
C THR C 475 50.14 50.40 29.95
N GLU C 476 49.88 50.80 28.71
CA GLU C 476 50.91 51.32 27.83
C GLU C 476 50.47 52.68 27.28
N ILE C 477 51.43 53.56 27.06
CA ILE C 477 51.13 54.92 26.65
C ILE C 477 50.67 54.92 25.20
N TYR C 478 49.50 55.51 24.94
CA TYR C 478 48.94 55.54 23.60
C TYR C 478 49.68 56.54 22.73
N GLN C 479 49.89 56.16 21.47
CA GLN C 479 50.54 57.03 20.48
C GLN C 479 49.45 57.86 19.82
N ALA C 480 49.34 59.13 20.22
CA ALA C 480 48.35 60.05 19.69
C ALA C 480 49.00 61.29 19.10
N GLY C 481 50.17 61.12 18.50
CA GLY C 481 50.88 62.24 17.91
C GLY C 481 52.03 61.75 17.05
N ASN C 482 52.64 62.70 16.36
CA ASN C 482 53.77 62.38 15.48
C ASN C 482 55.03 62.06 16.26
N LYS C 483 55.15 62.54 17.49
CA LYS C 483 56.32 62.21 18.30
C LYS C 483 56.24 60.76 18.75
N PRO C 484 57.34 60.00 18.65
CA PRO C 484 57.33 58.62 19.16
C PRO C 484 57.16 58.59 20.67
N CYS C 485 56.22 57.77 21.14
CA CYS C 485 55.90 57.69 22.57
C CYS C 485 56.79 56.67 23.25
N ASN C 486 58.08 57.01 23.30
CA ASN C 486 59.06 56.17 23.98
C ASN C 486 59.31 56.59 25.43
N GLY C 487 58.98 57.83 25.78
CA GLY C 487 59.09 58.27 27.15
C GLY C 487 57.94 57.77 28.01
N VAL C 488 58.07 57.99 29.31
CA VAL C 488 57.02 57.58 30.24
C VAL C 488 55.77 58.44 30.04
N ALA C 489 55.94 59.76 29.93
CA ALA C 489 54.84 60.66 29.65
C ALA C 489 55.41 61.94 29.03
N GLY C 490 54.53 62.69 28.37
CA GLY C 490 54.94 63.93 27.76
C GLY C 490 53.91 64.37 26.73
N VAL C 491 54.34 65.33 25.90
CA VAL C 491 53.49 65.86 24.85
C VAL C 491 53.19 64.79 23.80
N ASN C 492 51.92 64.78 23.35
CA ASN C 492 51.39 63.82 22.37
C ASN C 492 51.53 62.38 22.82
N CYS C 493 51.56 62.16 24.14
CA CYS C 493 51.64 60.82 24.73
C CYS C 493 50.73 60.83 25.96
N TYR C 494 49.53 60.30 25.80
CA TYR C 494 48.48 60.43 26.81
C TYR C 494 48.32 59.12 27.57
N PHE C 495 48.09 59.24 28.87
CA PHE C 495 47.88 58.06 29.72
C PHE C 495 46.48 57.50 29.47
N PRO C 496 46.35 56.23 29.09
CA PRO C 496 45.01 55.71 28.73
C PRO C 496 44.09 55.50 29.91
N LEU C 497 44.62 55.10 31.07
CA LEU C 497 43.78 54.79 32.22
C LEU C 497 43.36 56.09 32.90
N GLN C 498 42.06 56.38 32.84
CA GLN C 498 41.49 57.58 33.44
C GLN C 498 40.58 57.18 34.59
N SER C 499 40.66 57.91 35.69
CA SER C 499 39.91 57.59 36.89
C SER C 499 38.69 58.51 37.02
N TYR C 500 37.70 58.03 37.75
CA TYR C 500 36.50 58.80 38.03
C TYR C 500 36.70 59.65 39.27
N GLY C 501 36.13 60.85 39.26
CA GLY C 501 36.09 61.68 40.45
C GLY C 501 34.68 61.79 40.98
N PHE C 502 34.40 61.13 42.10
CA PHE C 502 33.05 61.05 42.65
C PHE C 502 32.98 61.79 43.98
N ARG C 503 31.85 62.48 44.20
CA ARG C 503 31.61 63.26 45.41
C ARG C 503 30.12 63.23 45.68
N PRO C 504 29.70 63.09 46.94
CA PRO C 504 28.26 63.14 47.24
C PRO C 504 27.60 64.48 46.94
N THR C 505 28.38 65.56 46.81
CA THR C 505 27.83 66.87 46.51
C THR C 505 27.30 66.95 45.07
N TYR C 506 27.73 66.03 44.20
CA TYR C 506 27.22 65.98 42.84
C TYR C 506 25.74 65.59 42.81
N GLY C 507 25.10 65.89 41.70
CA GLY C 507 23.73 65.48 41.45
C GLY C 507 23.67 64.20 40.65
N VAL C 508 22.56 64.02 39.93
CA VAL C 508 22.37 62.85 39.08
C VAL C 508 23.18 63.03 37.80
N GLY C 509 23.30 61.96 37.02
CA GLY C 509 24.09 62.00 35.80
C GLY C 509 25.54 61.66 36.05
N HIS C 510 26.19 62.43 36.90
CA HIS C 510 27.54 62.13 37.36
C HIS C 510 27.54 61.25 38.60
N GLN C 511 26.37 60.89 39.11
CA GLN C 511 26.27 60.04 40.28
C GLN C 511 26.67 58.61 39.90
N PRO C 512 27.53 57.96 40.68
CA PRO C 512 27.97 56.60 40.33
C PRO C 512 26.85 55.58 40.41
N TYR C 513 26.95 54.56 39.55
CA TYR C 513 25.95 53.51 39.43
C TYR C 513 26.64 52.16 39.45
N ARG C 514 25.94 51.15 39.96
CA ARG C 514 26.43 49.78 39.96
C ARG C 514 25.55 48.94 39.04
N VAL C 515 26.20 48.11 38.23
CA VAL C 515 25.53 47.29 37.23
C VAL C 515 25.86 45.83 37.50
N VAL C 516 24.81 45.01 37.64
CA VAL C 516 24.93 43.57 37.81
C VAL C 516 24.27 42.92 36.60
N VAL C 517 25.01 42.10 35.87
CA VAL C 517 24.52 41.47 34.66
C VAL C 517 24.52 39.95 34.86
N LEU C 518 23.37 39.34 34.60
CA LEU C 518 23.18 37.90 34.58
C LEU C 518 22.92 37.50 33.14
N SER C 519 23.91 36.89 32.50
CA SER C 519 23.85 36.55 31.09
C SER C 519 23.45 35.09 30.92
N PHE C 520 22.46 34.84 30.06
CA PHE C 520 21.95 33.51 29.78
C PHE C 520 22.30 33.12 28.36
N GLU C 521 22.52 31.82 28.14
CA GLU C 521 22.67 31.26 26.81
C GLU C 521 21.99 29.90 26.78
N LEU C 522 21.47 29.55 25.61
CA LEU C 522 20.77 28.29 25.41
C LEU C 522 21.44 27.53 24.27
N LEU C 523 21.91 26.32 24.59
CA LEU C 523 22.60 25.48 23.62
C LEU C 523 22.49 24.03 24.12
N HIS C 524 23.18 23.12 23.44
CA HIS C 524 23.20 21.72 23.85
C HIS C 524 24.64 21.25 24.01
N ALA C 525 24.82 19.91 24.22
CA ALA C 525 25.96 18.99 24.16
C ALA C 525 26.43 18.46 25.52
N PRO C 526 26.54 19.25 26.62
CA PRO C 526 26.91 18.62 27.90
C PRO C 526 25.91 17.60 28.41
N ALA C 527 24.61 17.84 28.20
CA ALA C 527 23.49 16.95 28.54
C ALA C 527 23.41 16.60 30.02
N THR C 528 24.17 17.28 30.89
CA THR C 528 24.11 17.07 32.33
C THR C 528 23.81 18.34 33.10
N VAL C 529 23.86 19.51 32.44
CA VAL C 529 23.66 20.79 33.09
C VAL C 529 22.21 21.24 32.91
N CYS C 530 21.34 20.30 32.54
CA CYS C 530 19.92 20.59 32.40
C CYS C 530 19.31 20.92 33.75
N GLY C 531 18.28 21.77 33.73
CA GLY C 531 17.70 22.28 34.95
C GLY C 531 16.41 21.59 35.36
N PRO C 532 15.34 22.38 35.57
CA PRO C 532 14.09 21.82 36.10
C PRO C 532 13.34 20.94 35.13
N LYS C 533 13.83 19.73 34.92
CA LYS C 533 13.09 18.70 34.18
C LYS C 533 12.54 17.61 35.09
N LYS C 534 12.58 17.83 36.41
CA LYS C 534 12.22 16.81 37.37
C LYS C 534 10.71 16.54 37.35
N SER C 535 10.35 15.26 37.44
CA SER C 535 8.96 14.83 37.49
C SER C 535 8.85 13.67 38.48
N THR C 536 7.61 13.32 38.83
CA THR C 536 7.33 12.55 40.03
C THR C 536 6.24 11.52 39.74
N ASN C 537 5.62 11.05 40.83
CA ASN C 537 4.35 10.29 40.95
C ASN C 537 4.24 9.12 39.95
N LEU C 538 5.12 8.14 40.16
CA LEU C 538 4.92 6.82 39.59
C LEU C 538 3.65 6.18 40.14
N VAL C 539 2.98 5.40 39.30
CA VAL C 539 1.88 4.54 39.72
C VAL C 539 2.15 3.13 39.21
N LYS C 540 1.52 2.16 39.86
CA LYS C 540 1.78 0.75 39.58
C LYS C 540 0.46 0.00 39.49
N ASN C 541 0.47 -1.08 38.70
CA ASN C 541 -0.65 -2.01 38.53
C ASN C 541 -1.90 -1.32 37.98
N LYS C 542 -1.71 -0.29 37.17
CA LYS C 542 -2.81 0.36 36.46
C LYS C 542 -2.38 0.64 35.03
N CYS C 543 -3.36 0.67 34.13
CA CYS C 543 -3.10 0.96 32.72
C CYS C 543 -2.94 2.45 32.55
N VAL C 544 -1.70 2.92 32.41
CA VAL C 544 -1.38 4.33 32.31
C VAL C 544 -0.42 4.56 31.15
N ASN C 545 -0.24 5.84 30.82
CA ASN C 545 0.80 6.28 29.90
C ASN C 545 2.09 6.53 30.68
N PHE C 546 3.22 6.24 30.05
CA PHE C 546 4.50 6.40 30.71
C PHE C 546 5.50 7.03 29.75
N ASN C 547 6.47 7.74 30.33
CA ASN C 547 7.58 8.36 29.60
C ASN C 547 8.83 8.11 30.43
N PHE C 548 9.78 7.37 29.86
CA PHE C 548 10.99 7.01 30.60
C PHE C 548 12.23 7.46 29.83
N ASN C 549 12.71 8.67 30.12
CA ASN C 549 13.95 9.23 29.60
C ASN C 549 13.97 9.33 28.08
N GLY C 550 12.80 9.39 27.43
CA GLY C 550 12.78 9.59 26.00
C GLY C 550 11.73 8.81 25.24
N LEU C 551 11.33 7.63 25.72
CA LEU C 551 10.32 6.84 25.03
C LEU C 551 9.01 6.90 25.79
N THR C 552 7.92 7.07 25.05
CA THR C 552 6.56 7.07 25.55
C THR C 552 5.91 5.71 25.27
N GLY C 553 4.88 5.41 26.05
CA GLY C 553 4.15 4.18 25.83
C GLY C 553 2.90 4.13 26.68
N THR C 554 2.12 3.08 26.46
CA THR C 554 0.87 2.85 27.18
C THR C 554 0.84 1.41 27.66
N GLY C 555 0.49 1.21 28.93
CA GLY C 555 0.38 -0.14 29.44
C GLY C 555 0.32 -0.15 30.95
N VAL C 556 0.41 -1.35 31.50
CA VAL C 556 0.44 -1.57 32.94
C VAL C 556 1.89 -1.85 33.34
N LEU C 557 2.26 -1.38 34.53
CA LEU C 557 3.61 -1.50 35.04
C LEU C 557 3.58 -2.36 36.30
N THR C 558 4.50 -3.32 36.39
CA THR C 558 4.56 -4.21 37.53
C THR C 558 6.01 -4.46 37.90
N GLU C 559 6.22 -5.15 39.02
CA GLU C 559 7.54 -5.57 39.43
C GLU C 559 7.81 -6.98 38.95
N SER C 560 9.02 -7.21 38.46
CA SER C 560 9.40 -8.50 37.88
C SER C 560 10.67 -9.00 38.56
N ASN C 561 10.85 -10.31 38.50
CA ASN C 561 12.05 -10.96 39.05
C ASN C 561 13.17 -11.05 38.03
N LYS C 562 13.47 -9.92 37.39
CA LYS C 562 14.60 -9.78 36.50
C LYS C 562 15.78 -9.15 37.25
N LYS C 563 16.93 -9.14 36.60
CA LYS C 563 18.04 -8.32 37.04
C LYS C 563 18.83 -7.88 35.83
N PHE C 564 19.28 -6.64 35.85
CA PHE C 564 20.03 -6.03 34.76
C PHE C 564 21.47 -5.82 35.18
N LEU C 565 22.37 -5.80 34.20
CA LEU C 565 23.70 -5.28 34.44
C LEU C 565 23.61 -3.79 34.72
N PRO C 566 24.53 -3.23 35.52
CA PRO C 566 24.40 -1.82 35.93
C PRO C 566 24.46 -0.81 34.79
N PHE C 567 24.98 -1.20 33.63
CA PHE C 567 25.00 -0.32 32.47
C PHE C 567 23.72 -0.41 31.63
N GLN C 568 22.97 -1.51 31.71
CA GLN C 568 21.77 -1.65 30.90
C GLN C 568 20.63 -0.80 31.44
N GLN C 569 19.87 -0.20 30.52
CA GLN C 569 18.75 0.66 30.88
C GLN C 569 17.42 0.14 30.35
N PHE C 570 17.33 -0.16 29.06
CA PHE C 570 16.07 -0.59 28.49
C PHE C 570 15.93 -2.10 28.58
N GLY C 571 14.78 -2.61 28.16
CA GLY C 571 14.55 -4.03 28.05
C GLY C 571 13.82 -4.35 26.77
N ARG C 572 14.20 -5.42 26.09
CA ARG C 572 13.67 -5.68 24.76
C ARG C 572 13.65 -7.18 24.50
N ASP C 573 12.89 -7.57 23.49
CA ASP C 573 12.68 -8.97 23.13
C ASP C 573 12.54 -9.04 21.62
N ILE C 574 11.94 -10.13 21.13
CA ILE C 574 11.76 -10.34 19.70
C ILE C 574 10.94 -9.21 19.11
N ALA C 575 11.37 -8.72 17.94
CA ALA C 575 10.68 -7.74 17.10
C ALA C 575 10.65 -6.33 17.70
N ASP C 576 11.68 -6.00 18.49
CA ASP C 576 12.02 -4.62 18.85
C ASP C 576 10.89 -3.94 19.63
N THR C 577 10.43 -4.62 20.68
CA THR C 577 9.39 -4.10 21.55
C THR C 577 9.92 -3.95 22.97
N THR C 578 9.62 -2.80 23.58
CA THR C 578 10.08 -2.55 24.95
C THR C 578 9.30 -3.42 25.93
N ASP C 579 10.03 -4.08 26.83
CA ASP C 579 9.43 -4.96 27.81
C ASP C 579 9.66 -4.49 29.24
N ALA C 580 10.87 -4.10 29.58
CA ALA C 580 11.20 -3.68 30.94
C ALA C 580 12.02 -2.39 30.87
N VAL C 581 11.93 -1.60 31.94
CA VAL C 581 12.66 -0.35 32.05
C VAL C 581 13.29 -0.23 33.43
N ARG C 582 14.30 0.64 33.51
CA ARG C 582 14.89 1.05 34.77
C ARG C 582 14.22 2.36 35.18
N ASP C 583 13.80 2.44 36.43
CA ASP C 583 13.31 3.71 36.93
C ASP C 583 14.48 4.69 37.00
N PRO C 584 14.31 5.93 36.52
CA PRO C 584 15.45 6.86 36.47
C PRO C 584 15.91 7.38 37.81
N GLN C 585 15.04 7.39 38.83
CA GLN C 585 15.42 7.91 40.15
C GLN C 585 15.86 6.79 41.10
N THR C 586 14.98 5.83 41.36
CA THR C 586 15.36 4.66 42.14
C THR C 586 15.80 3.55 41.18
N LEU C 587 16.83 2.81 41.59
CA LEU C 587 17.45 1.85 40.69
C LEU C 587 16.63 0.56 40.74
N GLU C 588 15.54 0.54 39.99
CA GLU C 588 14.53 -0.50 40.12
C GLU C 588 14.11 -1.05 38.76
N ILE C 589 13.87 -2.35 38.71
CA ILE C 589 13.34 -3.03 37.53
C ILE C 589 11.83 -2.82 37.48
N LEU C 590 11.30 -2.44 36.33
CA LEU C 590 9.84 -2.44 36.14
C LEU C 590 9.50 -3.12 34.82
N ASP C 591 8.62 -4.11 34.87
CA ASP C 591 8.16 -4.80 33.67
C ASP C 591 6.91 -4.09 33.16
N ILE C 592 6.80 -4.01 31.84
CA ILE C 592 5.68 -3.36 31.17
C ILE C 592 4.90 -4.40 30.39
N THR C 593 3.58 -4.43 30.61
CA THR C 593 2.69 -5.29 29.86
C THR C 593 1.64 -4.42 29.17
N PRO C 594 1.41 -4.56 27.87
CA PRO C 594 0.48 -3.64 27.20
C PRO C 594 -0.98 -3.91 27.55
N CYS C 595 -1.90 -3.19 26.89
CA CYS C 595 -3.30 -3.22 27.25
C CYS C 595 -3.89 -4.61 27.01
N SER C 596 -4.98 -4.89 27.73
CA SER C 596 -5.61 -6.21 27.64
C SER C 596 -6.32 -6.39 26.31
N PHE C 597 -7.26 -5.50 26.00
CA PHE C 597 -8.15 -5.49 24.83
C PHE C 597 -8.74 -6.86 24.46
N GLY C 598 -9.24 -6.97 23.23
CA GLY C 598 -9.79 -8.24 22.78
C GLY C 598 -11.07 -8.05 21.99
N GLY C 599 -11.66 -9.14 21.53
CA GLY C 599 -12.89 -9.10 20.77
C GLY C 599 -14.10 -9.41 21.64
N VAL C 600 -15.23 -8.83 21.26
CA VAL C 600 -16.51 -9.12 21.91
C VAL C 600 -17.41 -9.80 20.89
N SER C 601 -18.09 -10.86 21.34
CA SER C 601 -18.99 -11.63 20.49
C SER C 601 -20.32 -11.77 21.22
N VAL C 602 -21.37 -11.99 20.43
CA VAL C 602 -22.72 -12.15 20.97
C VAL C 602 -23.23 -13.53 20.59
N ILE C 603 -23.89 -14.19 21.54
CA ILE C 603 -24.42 -15.53 21.38
C ILE C 603 -25.93 -15.42 21.48
N THR C 604 -26.62 -15.82 20.43
CA THR C 604 -28.07 -15.68 20.39
C THR C 604 -28.70 -16.90 19.73
N PRO C 605 -29.92 -17.24 20.11
CA PRO C 605 -30.74 -18.12 19.27
C PRO C 605 -31.38 -17.33 18.14
N GLY C 606 -32.28 -17.95 17.40
CA GLY C 606 -32.99 -17.23 16.35
C GLY C 606 -33.83 -16.10 16.93
N THR C 607 -33.97 -15.03 16.15
CA THR C 607 -34.64 -13.84 16.64
C THR C 607 -36.14 -14.05 16.81
N ASN C 608 -36.70 -15.08 16.19
CA ASN C 608 -38.10 -15.44 16.45
C ASN C 608 -38.27 -16.31 17.68
N THR C 609 -37.24 -17.06 18.07
CA THR C 609 -37.34 -17.89 19.26
C THR C 609 -37.32 -17.05 20.53
N SER C 610 -36.39 -16.11 20.63
CA SER C 610 -36.26 -15.27 21.81
C SER C 610 -35.50 -14.00 21.43
N ASN C 611 -35.30 -13.13 22.42
CA ASN C 611 -34.57 -11.88 22.23
C ASN C 611 -33.38 -11.72 23.15
N GLN C 612 -33.30 -12.46 24.24
CA GLN C 612 -32.18 -12.34 25.16
C GLN C 612 -30.93 -13.00 24.58
N VAL C 613 -29.77 -12.43 24.90
CA VAL C 613 -28.50 -12.83 24.33
C VAL C 613 -27.48 -13.02 25.45
N ALA C 614 -26.35 -13.64 25.11
CA ALA C 614 -25.20 -13.75 25.98
C ALA C 614 -24.02 -13.04 25.33
N VAL C 615 -23.09 -12.57 26.15
CA VAL C 615 -21.97 -11.76 25.68
C VAL C 615 -20.67 -12.44 26.07
N LEU C 616 -19.78 -12.63 25.09
CA LEU C 616 -18.48 -13.25 25.30
C LEU C 616 -17.38 -12.22 25.07
N TYR C 617 -16.47 -12.10 26.03
CA TYR C 617 -15.27 -11.28 25.90
C TYR C 617 -14.08 -12.22 25.77
N GLN C 618 -13.42 -12.19 24.61
CA GLN C 618 -12.47 -13.24 24.27
C GLN C 618 -11.13 -13.01 24.93
N GLY C 619 -10.64 -14.04 25.62
CA GLY C 619 -9.29 -14.07 26.15
C GLY C 619 -8.96 -13.04 27.22
N VAL C 620 -9.92 -12.71 28.08
CA VAL C 620 -9.68 -11.76 29.16
C VAL C 620 -10.16 -12.37 30.47
N ASN C 621 -9.61 -11.85 31.56
CA ASN C 621 -10.01 -12.26 32.90
C ASN C 621 -11.18 -11.39 33.33
N CYS C 622 -12.11 -11.97 34.08
CA CYS C 622 -13.37 -11.31 34.38
C CYS C 622 -13.25 -10.18 35.40
N THR C 623 -12.05 -9.85 35.86
CA THR C 623 -11.86 -8.70 36.74
C THR C 623 -11.60 -7.41 35.97
N GLU C 624 -11.60 -7.46 34.64
CA GLU C 624 -11.31 -6.30 33.80
C GLU C 624 -12.46 -5.93 32.88
N VAL C 625 -13.59 -6.60 33.00
CA VAL C 625 -14.73 -6.41 32.09
C VAL C 625 -15.52 -5.11 32.34
N PRO C 626 -15.66 -4.56 33.59
CA PRO C 626 -16.49 -3.33 33.59
C PRO C 626 -15.86 -2.10 32.94
N GLY C 644 -23.78 -7.64 36.28
CA GLY C 644 -25.09 -8.02 36.75
C GLY C 644 -25.25 -9.52 36.91
N SER C 645 -24.31 -10.13 37.64
CA SER C 645 -24.27 -11.55 37.97
C SER C 645 -24.22 -12.45 36.74
N ASN C 646 -24.30 -13.77 36.96
CA ASN C 646 -24.21 -14.79 35.91
C ASN C 646 -22.94 -14.64 35.07
N VAL C 647 -21.83 -14.35 35.74
CA VAL C 647 -20.54 -14.17 35.08
C VAL C 647 -19.74 -15.44 35.28
N PHE C 648 -19.31 -16.05 34.16
CA PHE C 648 -18.57 -17.30 34.19
C PHE C 648 -17.21 -17.11 33.53
N GLN C 649 -16.19 -17.74 34.11
CA GLN C 649 -14.84 -17.70 33.58
C GLN C 649 -14.58 -18.95 32.75
N THR C 650 -14.09 -18.77 31.53
CA THR C 650 -13.84 -19.85 30.60
C THR C 650 -12.43 -19.66 30.04
N ARG C 651 -11.82 -20.75 29.58
CA ARG C 651 -10.51 -20.67 28.94
C ARG C 651 -10.57 -19.84 27.66
N ALA C 652 -11.72 -19.81 26.99
CA ALA C 652 -11.89 -18.95 25.83
C ALA C 652 -12.02 -17.49 26.23
N GLY C 653 -12.69 -17.21 27.34
CA GLY C 653 -12.88 -15.83 27.77
C GLY C 653 -13.87 -15.73 28.92
N CYS C 654 -14.50 -14.57 29.03
CA CYS C 654 -15.49 -14.30 30.05
C CYS C 654 -16.87 -14.31 29.42
N LEU C 655 -17.81 -15.05 30.02
CA LEU C 655 -19.15 -15.20 29.49
C LEU C 655 -20.15 -14.57 30.45
N ILE C 656 -20.99 -13.68 29.94
CA ILE C 656 -21.96 -12.94 30.75
C ILE C 656 -23.34 -13.19 30.18
N GLY C 657 -24.28 -13.55 31.05
CA GLY C 657 -25.65 -13.78 30.66
C GLY C 657 -26.04 -15.23 30.50
N ALA C 658 -25.12 -16.16 30.75
CA ALA C 658 -25.42 -17.58 30.70
C ALA C 658 -24.85 -18.25 31.94
N GLU C 659 -25.55 -19.29 32.41
CA GLU C 659 -25.20 -19.98 33.63
C GLU C 659 -24.62 -21.36 33.31
N TYR C 660 -23.59 -21.75 34.04
CA TYR C 660 -22.95 -23.03 33.84
C TYR C 660 -23.80 -24.14 34.44
N VAL C 661 -24.02 -25.20 33.67
CA VAL C 661 -24.79 -26.37 34.10
C VAL C 661 -23.88 -27.58 34.04
N ASN C 662 -23.89 -28.38 35.11
CA ASN C 662 -23.03 -29.55 35.20
C ASN C 662 -23.43 -30.66 34.23
N ASN C 663 -24.63 -30.61 33.65
CA ASN C 663 -25.03 -31.60 32.67
C ASN C 663 -24.28 -31.42 31.36
N SER C 664 -24.32 -32.45 30.53
CA SER C 664 -23.65 -32.45 29.23
C SER C 664 -24.67 -32.75 28.14
N TYR C 665 -24.56 -32.03 27.02
CA TYR C 665 -25.46 -32.18 25.89
C TYR C 665 -24.67 -32.12 24.61
N GLU C 666 -25.36 -32.25 23.48
CA GLU C 666 -24.75 -32.00 22.19
C GLU C 666 -24.50 -30.51 22.01
N CYS C 667 -23.44 -30.18 21.29
CA CYS C 667 -23.08 -28.78 21.08
C CYS C 667 -24.06 -28.13 20.11
N ASP C 668 -24.55 -26.94 20.49
CA ASP C 668 -25.45 -26.17 19.64
C ASP C 668 -24.79 -24.88 19.17
N ILE C 669 -24.33 -24.03 20.09
CA ILE C 669 -23.58 -22.83 19.74
C ILE C 669 -22.20 -22.96 20.37
N PRO C 670 -21.15 -23.15 19.58
CA PRO C 670 -19.83 -23.42 20.16
C PRO C 670 -19.12 -22.15 20.61
N ILE C 671 -18.66 -22.15 21.86
CA ILE C 671 -17.76 -21.10 22.35
C ILE C 671 -16.34 -21.56 22.12
N GLY C 672 -15.99 -22.73 22.65
CA GLY C 672 -14.64 -23.23 22.50
C GLY C 672 -14.12 -23.88 23.77
N ALA C 673 -12.97 -24.55 23.65
CA ALA C 673 -12.34 -25.31 24.73
C ALA C 673 -13.29 -26.33 25.33
N GLY C 674 -14.10 -26.94 24.47
CA GLY C 674 -15.10 -27.89 24.91
C GLY C 674 -16.31 -27.29 25.56
N ILE C 675 -16.56 -25.99 25.37
CA ILE C 675 -17.68 -25.30 25.99
C ILE C 675 -18.64 -24.85 24.90
N CYS C 676 -19.92 -25.19 25.05
CA CYS C 676 -20.96 -24.82 24.10
C CYS C 676 -22.18 -24.31 24.85
N ALA C 677 -22.96 -23.45 24.19
CA ALA C 677 -24.15 -22.87 24.80
C ALA C 677 -25.40 -23.32 24.06
N SER C 678 -26.54 -23.19 24.73
CA SER C 678 -27.82 -23.58 24.17
C SER C 678 -28.93 -22.79 24.86
N TYR C 679 -30.12 -22.84 24.25
CA TYR C 679 -31.32 -22.18 24.76
C TYR C 679 -32.33 -23.24 25.15
N GLN C 680 -32.59 -23.37 26.45
CA GLN C 680 -33.48 -24.42 26.93
C GLN C 680 -34.00 -24.06 28.31
N THR C 681 -34.97 -24.84 28.77
CA THR C 681 -35.58 -24.65 30.08
C THR C 681 -34.76 -25.31 31.18
N GLN C 682 -35.22 -25.17 32.41
CA GLN C 682 -34.53 -25.77 33.55
C GLN C 682 -35.52 -26.12 34.65
N SER C 694 -38.26 -19.35 33.03
CA SER C 694 -38.62 -20.58 32.37
C SER C 694 -37.56 -21.00 31.35
N GLN C 695 -37.43 -20.19 30.30
CA GLN C 695 -36.46 -20.44 29.24
C GLN C 695 -35.21 -19.61 29.50
N SER C 696 -34.04 -20.20 29.26
CA SER C 696 -32.80 -19.48 29.54
C SER C 696 -31.68 -20.00 28.65
N ILE C 697 -30.62 -19.21 28.55
CA ILE C 697 -29.41 -19.59 27.84
C ILE C 697 -28.44 -20.19 28.85
N ILE C 698 -27.99 -21.41 28.59
CA ILE C 698 -27.07 -22.11 29.47
C ILE C 698 -25.80 -22.45 28.70
N ALA C 699 -24.72 -22.65 29.45
CA ALA C 699 -23.43 -23.05 28.91
C ALA C 699 -22.99 -24.33 29.59
N TYR C 700 -22.37 -25.23 28.83
CA TYR C 700 -22.04 -26.56 29.34
C TYR C 700 -20.83 -27.10 28.60
N THR C 701 -20.39 -28.27 29.06
CA THR C 701 -19.33 -29.02 28.41
C THR C 701 -19.95 -30.01 27.44
N MET C 702 -19.29 -30.20 26.30
CA MET C 702 -19.82 -31.06 25.24
C MET C 702 -19.92 -32.51 25.70
N SER C 703 -20.94 -33.20 25.18
CA SER C 703 -21.08 -34.64 25.36
C SER C 703 -20.69 -35.31 24.04
N LEU C 704 -19.71 -36.22 24.10
CA LEU C 704 -19.22 -36.82 22.87
C LEU C 704 -20.18 -37.85 22.31
N GLY C 705 -20.93 -38.52 23.17
CA GLY C 705 -21.90 -39.50 22.72
C GLY C 705 -22.34 -40.39 23.86
N ALA C 706 -23.23 -41.31 23.52
CA ALA C 706 -23.71 -42.28 24.50
C ALA C 706 -22.60 -43.25 24.87
N GLU C 707 -22.51 -43.56 26.16
CA GLU C 707 -21.48 -44.47 26.65
C GLU C 707 -21.93 -45.90 26.44
N ASN C 708 -21.05 -46.72 25.85
CA ASN C 708 -21.40 -48.08 25.49
C ASN C 708 -20.32 -49.05 25.94
N SER C 709 -20.75 -50.25 26.32
CA SER C 709 -19.87 -51.34 26.69
C SER C 709 -20.20 -52.54 25.80
N VAL C 710 -19.18 -53.16 25.23
CA VAL C 710 -19.34 -54.37 24.43
C VAL C 710 -18.78 -55.53 25.23
N ALA C 711 -19.62 -56.54 25.46
CA ALA C 711 -19.25 -57.67 26.32
C ALA C 711 -18.37 -58.63 25.52
N TYR C 712 -17.09 -58.27 25.42
CA TYR C 712 -16.13 -59.10 24.72
C TYR C 712 -15.81 -60.35 25.53
N SER C 713 -15.72 -61.48 24.84
CA SER C 713 -15.33 -62.74 25.47
C SER C 713 -14.61 -63.58 24.42
N ASN C 714 -13.85 -64.56 24.89
CA ASN C 714 -13.06 -65.38 23.99
C ASN C 714 -13.84 -66.50 23.32
N ASN C 715 -15.10 -66.73 23.71
CA ASN C 715 -15.91 -67.74 23.05
C ASN C 715 -17.35 -67.25 22.85
N SER C 716 -17.52 -66.01 22.42
CA SER C 716 -18.84 -65.46 22.17
C SER C 716 -18.82 -64.58 20.94
N ILE C 717 -19.83 -64.74 20.09
CA ILE C 717 -19.97 -63.94 18.88
C ILE C 717 -21.43 -63.50 18.76
N ALA C 718 -21.64 -62.37 18.08
CA ALA C 718 -22.97 -61.84 17.84
C ALA C 718 -23.22 -61.82 16.34
N ILE C 719 -24.35 -62.37 15.92
CA ILE C 719 -24.70 -62.48 14.51
C ILE C 719 -26.08 -61.87 14.29
N PRO C 720 -26.25 -60.96 13.35
CA PRO C 720 -27.57 -60.36 13.11
C PRO C 720 -28.57 -61.36 12.55
N THR C 721 -29.83 -61.16 12.92
CA THR C 721 -30.93 -61.99 12.47
C THR C 721 -31.93 -61.25 11.59
N ASN C 722 -31.75 -59.94 11.41
CA ASN C 722 -32.65 -59.13 10.61
C ASN C 722 -31.88 -57.94 10.08
N PHE C 723 -32.44 -57.26 9.09
CA PHE C 723 -31.73 -56.19 8.40
C PHE C 723 -32.64 -54.99 8.20
N THR C 724 -32.09 -53.97 7.54
CA THR C 724 -32.79 -52.72 7.28
C THR C 724 -32.15 -52.07 6.05
N ILE C 725 -32.97 -51.70 5.09
CA ILE C 725 -32.51 -50.97 3.91
C ILE C 725 -32.62 -49.49 4.20
N SER C 726 -31.49 -48.79 4.14
CA SER C 726 -31.44 -47.38 4.53
C SER C 726 -31.00 -46.52 3.35
N VAL C 727 -31.69 -45.40 3.14
CA VAL C 727 -31.38 -44.48 2.07
C VAL C 727 -30.95 -43.16 2.69
N THR C 728 -29.75 -42.71 2.37
CA THR C 728 -29.22 -41.44 2.83
C THR C 728 -28.98 -40.53 1.64
N THR C 729 -28.67 -39.27 1.92
CA THR C 729 -28.47 -38.26 0.88
C THR C 729 -27.14 -37.54 1.10
N GLU C 730 -26.58 -37.02 0.01
CA GLU C 730 -25.33 -36.28 0.08
C GLU C 730 -25.31 -35.21 -1.01
N ILE C 731 -24.98 -33.97 -0.64
CA ILE C 731 -25.02 -32.83 -1.54
C ILE C 731 -23.59 -32.39 -1.82
N LEU C 732 -23.25 -32.23 -3.10
CA LEU C 732 -21.91 -31.79 -3.49
C LEU C 732 -22.00 -30.68 -4.53
N PRO C 733 -21.38 -29.52 -4.28
CA PRO C 733 -21.32 -28.49 -5.32
C PRO C 733 -20.42 -28.90 -6.46
N VAL C 734 -20.77 -28.46 -7.67
CA VAL C 734 -20.06 -28.88 -8.87
C VAL C 734 -19.46 -27.67 -9.58
N SER C 735 -20.12 -26.52 -9.51
CA SER C 735 -19.68 -25.37 -10.29
C SER C 735 -20.22 -24.09 -9.64
N MET C 736 -19.65 -22.97 -10.07
CA MET C 736 -20.06 -21.64 -9.64
C MET C 736 -20.31 -20.78 -10.86
N THR C 737 -20.86 -19.58 -10.63
CA THR C 737 -21.29 -18.74 -11.73
C THR C 737 -20.09 -18.12 -12.45
N LYS C 738 -20.14 -18.14 -13.78
CA LYS C 738 -19.11 -17.51 -14.59
C LYS C 738 -19.30 -16.00 -14.61
N THR C 739 -18.19 -15.27 -14.77
CA THR C 739 -18.23 -13.82 -14.74
C THR C 739 -17.11 -13.25 -15.59
N SER C 740 -17.26 -11.97 -15.96
CA SER C 740 -16.28 -11.27 -16.75
C SER C 740 -16.29 -9.80 -16.35
N VAL C 741 -15.10 -9.18 -16.35
CA VAL C 741 -14.95 -7.79 -15.99
C VAL C 741 -14.27 -7.05 -17.14
N ASP C 742 -14.66 -5.79 -17.33
CA ASP C 742 -14.02 -4.95 -18.33
C ASP C 742 -12.89 -4.14 -17.68
N CYS C 743 -11.84 -3.89 -18.46
CA CYS C 743 -10.76 -3.01 -18.02
C CYS C 743 -11.25 -1.59 -17.79
N THR C 744 -11.68 -0.93 -18.86
CA THR C 744 -11.91 0.50 -18.85
C THR C 744 -13.19 0.87 -18.10
N MET C 745 -14.27 0.10 -18.32
CA MET C 745 -15.61 0.48 -17.83
C MET C 745 -15.66 0.56 -16.31
N TYR C 746 -15.05 -0.39 -15.61
CA TYR C 746 -15.10 -0.40 -14.15
C TYR C 746 -14.28 0.73 -13.55
N ILE C 747 -13.13 1.03 -14.15
CA ILE C 747 -12.20 1.97 -13.54
C ILE C 747 -12.50 3.39 -13.98
N CYS C 748 -12.70 3.60 -15.28
CA CYS C 748 -12.94 4.93 -15.84
C CYS C 748 -14.35 5.02 -16.38
N GLY C 749 -15.07 6.07 -16.01
CA GLY C 749 -16.43 6.25 -16.49
C GLY C 749 -16.45 6.85 -17.87
N ASP C 750 -16.14 6.02 -18.88
CA ASP C 750 -16.07 6.37 -20.31
C ASP C 750 -15.30 7.67 -20.59
N SER C 751 -14.28 7.94 -19.79
CA SER C 751 -13.43 9.11 -19.96
C SER C 751 -12.19 8.72 -20.78
N THR C 752 -11.77 9.64 -21.66
CA THR C 752 -10.66 9.31 -22.54
C THR C 752 -9.29 9.52 -21.87
N GLU C 753 -9.11 10.64 -21.18
CA GLU C 753 -7.83 10.89 -20.51
C GLU C 753 -7.64 10.02 -19.29
N CYS C 754 -8.73 9.53 -18.68
CA CYS C 754 -8.60 8.49 -17.67
C CYS C 754 -8.02 7.22 -18.28
N SER C 755 -8.46 6.86 -19.48
CA SER C 755 -7.91 5.70 -20.17
C SER C 755 -6.46 5.93 -20.56
N ASN C 756 -6.11 7.15 -21.00
CA ASN C 756 -4.72 7.45 -21.34
C ASN C 756 -3.82 7.37 -20.11
N LEU C 757 -4.31 7.81 -18.96
CA LEU C 757 -3.55 7.65 -17.73
C LEU C 757 -3.47 6.18 -17.31
N LEU C 758 -4.51 5.40 -17.60
CA LEU C 758 -4.51 3.99 -17.24
C LEU C 758 -3.53 3.18 -18.09
N LEU C 759 -3.37 3.53 -19.38
CA LEU C 759 -2.45 2.80 -20.25
C LEU C 759 -1.00 2.91 -19.81
N GLN C 760 -0.65 3.93 -19.02
CA GLN C 760 0.72 4.07 -18.54
C GLN C 760 1.08 3.03 -17.48
N TYR C 761 0.08 2.44 -16.82
CA TYR C 761 0.36 1.47 -15.77
C TYR C 761 0.88 0.15 -16.33
N GLY C 762 0.30 -0.32 -17.43
CA GLY C 762 0.79 -1.55 -18.04
C GLY C 762 -0.31 -2.47 -18.56
N SER C 763 -0.23 -3.74 -18.18
CA SER C 763 -1.11 -4.78 -18.70
C SER C 763 -1.66 -5.63 -17.55
N PHE C 764 -2.18 -4.96 -16.52
CA PHE C 764 -2.76 -5.69 -15.40
C PHE C 764 -4.04 -6.41 -15.80
N CYS C 765 -4.96 -5.69 -16.44
CA CYS C 765 -6.27 -6.26 -16.70
C CYS C 765 -6.25 -7.29 -17.81
N THR C 766 -5.18 -7.35 -18.60
CA THR C 766 -4.99 -8.49 -19.49
C THR C 766 -4.83 -9.78 -18.69
N GLN C 767 -4.02 -9.73 -17.63
CA GLN C 767 -3.89 -10.88 -16.74
C GLN C 767 -5.20 -11.17 -16.02
N LEU C 768 -5.91 -10.12 -15.60
CA LEU C 768 -7.22 -10.32 -14.96
C LEU C 768 -8.21 -11.00 -15.90
N LYS C 769 -8.27 -10.56 -17.16
CA LYS C 769 -9.17 -11.14 -18.14
C LYS C 769 -8.79 -12.59 -18.46
N ARG C 770 -7.49 -12.86 -18.55
CA ARG C 770 -7.03 -14.23 -18.77
C ARG C 770 -7.43 -15.15 -17.62
N ALA C 771 -7.28 -14.66 -16.38
CA ALA C 771 -7.66 -15.46 -15.22
C ALA C 771 -9.16 -15.73 -15.19
N LEU C 772 -9.98 -14.72 -15.47
CA LEU C 772 -11.43 -14.92 -15.44
C LEU C 772 -11.89 -15.84 -16.58
N THR C 773 -11.26 -15.72 -17.76
CA THR C 773 -11.61 -16.61 -18.86
C THR C 773 -11.24 -18.06 -18.54
N GLY C 774 -10.08 -18.26 -17.92
CA GLY C 774 -9.71 -19.60 -17.49
C GLY C 774 -10.66 -20.16 -16.44
N ILE C 775 -11.11 -19.30 -15.53
CA ILE C 775 -12.08 -19.73 -14.51
C ILE C 775 -13.39 -20.15 -15.16
N ALA C 776 -13.88 -19.36 -16.13
CA ALA C 776 -15.14 -19.68 -16.79
C ALA C 776 -15.05 -20.98 -17.59
N VAL C 777 -13.94 -21.20 -18.29
CA VAL C 777 -13.74 -22.44 -19.03
C VAL C 777 -13.66 -23.62 -18.06
N GLU C 778 -13.02 -23.42 -16.90
CA GLU C 778 -12.95 -24.45 -15.88
C GLU C 778 -14.33 -24.82 -15.35
N GLN C 779 -15.18 -23.82 -15.12
CA GLN C 779 -16.53 -24.11 -14.63
C GLN C 779 -17.39 -24.78 -15.69
N ASP C 780 -17.15 -24.48 -16.97
CA ASP C 780 -17.84 -25.22 -18.03
C ASP C 780 -17.39 -26.67 -18.09
N LYS C 781 -16.10 -26.93 -17.86
CA LYS C 781 -15.59 -28.29 -17.90
C LYS C 781 -16.00 -29.10 -16.66
N ASN C 782 -16.23 -28.41 -15.55
CA ASN C 782 -16.55 -29.08 -14.29
C ASN C 782 -17.85 -29.86 -14.37
N THR C 783 -18.89 -29.26 -14.95
CA THR C 783 -20.16 -29.97 -15.09
C THR C 783 -20.10 -31.03 -16.16
N GLN C 784 -19.21 -30.87 -17.15
CA GLN C 784 -19.05 -31.89 -18.18
C GLN C 784 -18.40 -33.15 -17.61
N GLU C 785 -17.46 -32.99 -16.67
CA GLU C 785 -16.78 -34.17 -16.12
C GLU C 785 -17.69 -35.00 -15.23
N VAL C 786 -18.70 -34.40 -14.60
CA VAL C 786 -19.55 -35.12 -13.67
C VAL C 786 -20.71 -35.82 -14.37
N PHE C 787 -21.51 -35.09 -15.13
CA PHE C 787 -22.74 -35.64 -15.68
C PHE C 787 -22.52 -36.36 -17.00
N ALA C 788 -21.70 -35.81 -17.90
CA ALA C 788 -21.52 -36.39 -19.23
C ALA C 788 -20.56 -37.57 -19.14
N GLN C 789 -21.10 -38.71 -18.70
CA GLN C 789 -20.32 -39.94 -18.59
C GLN C 789 -21.02 -41.12 -19.26
N VAL C 790 -22.12 -40.90 -19.96
CA VAL C 790 -22.83 -41.97 -20.66
C VAL C 790 -22.60 -41.81 -22.15
N LYS C 791 -22.48 -42.94 -22.84
CA LYS C 791 -22.30 -42.92 -24.29
C LYS C 791 -23.62 -42.63 -25.00
N GLN C 792 -24.72 -43.20 -24.51
CA GLN C 792 -26.01 -43.12 -25.17
C GLN C 792 -27.07 -42.75 -24.15
N ILE C 793 -28.17 -42.17 -24.65
CA ILE C 793 -29.28 -41.76 -23.81
C ILE C 793 -30.25 -42.93 -23.70
N TYR C 794 -30.53 -43.34 -22.46
CA TYR C 794 -31.39 -44.48 -22.19
C TYR C 794 -32.77 -44.01 -21.74
N LYS C 795 -33.76 -44.89 -21.91
CA LYS C 795 -35.11 -44.64 -21.42
C LYS C 795 -35.63 -45.87 -20.68
N THR C 796 -36.56 -45.61 -19.77
CA THR C 796 -37.31 -46.65 -19.09
C THR C 796 -38.37 -47.22 -20.03
N PRO C 797 -38.78 -48.47 -19.84
CA PRO C 797 -39.87 -49.04 -20.65
C PRO C 797 -41.18 -48.33 -20.35
N PRO C 798 -42.12 -48.33 -21.30
CA PRO C 798 -43.43 -47.69 -21.04
C PRO C 798 -44.20 -48.32 -19.89
N ILE C 799 -44.07 -49.62 -19.69
CA ILE C 799 -44.59 -50.26 -18.49
C ILE C 799 -43.53 -50.15 -17.40
N LYS C 800 -43.96 -49.94 -16.16
CA LYS C 800 -43.05 -49.66 -15.05
C LYS C 800 -43.42 -50.57 -13.89
N TYR C 801 -42.81 -51.75 -13.86
CA TYR C 801 -42.96 -52.70 -12.76
C TYR C 801 -41.60 -53.37 -12.56
N PHE C 802 -40.83 -52.90 -11.58
CA PHE C 802 -39.49 -53.39 -11.34
C PHE C 802 -39.50 -54.18 -10.04
N GLY C 803 -39.95 -55.44 -10.12
CA GLY C 803 -39.94 -56.35 -9.00
C GLY C 803 -40.69 -55.91 -7.77
N GLY C 804 -41.64 -54.97 -7.91
CA GLY C 804 -42.32 -54.39 -6.78
C GLY C 804 -41.63 -53.17 -6.20
N PHE C 805 -40.41 -52.87 -6.63
CA PHE C 805 -39.74 -51.64 -6.24
C PHE C 805 -40.35 -50.50 -7.04
N ASN C 806 -40.63 -49.37 -6.39
CA ASN C 806 -41.40 -48.32 -7.06
C ASN C 806 -40.49 -47.09 -7.10
N PHE C 807 -40.14 -46.65 -8.31
CA PHE C 807 -39.14 -45.62 -8.52
C PHE C 807 -39.75 -44.30 -8.94
N SER C 808 -41.04 -44.07 -8.67
CA SER C 808 -41.74 -42.93 -9.22
C SER C 808 -41.24 -41.59 -8.67
N GLN C 809 -40.54 -41.60 -7.54
CA GLN C 809 -40.07 -40.36 -6.96
C GLN C 809 -38.79 -39.84 -7.62
N ILE C 810 -38.08 -40.68 -8.38
CA ILE C 810 -36.84 -40.26 -9.01
C ILE C 810 -36.91 -40.25 -10.53
N LEU C 811 -37.84 -40.98 -11.15
CA LEU C 811 -38.03 -40.86 -12.59
C LEU C 811 -38.77 -39.57 -12.91
N PRO C 812 -38.52 -38.97 -14.08
CA PRO C 812 -39.20 -37.72 -14.44
C PRO C 812 -40.69 -37.91 -14.66
N ASP C 813 -41.44 -36.84 -14.39
CA ASP C 813 -42.88 -36.83 -14.61
C ASP C 813 -43.17 -36.09 -15.90
N PRO C 814 -43.71 -36.76 -16.93
CA PRO C 814 -43.97 -36.06 -18.21
C PRO C 814 -45.05 -35.00 -18.13
N SER C 815 -45.89 -35.00 -17.10
CA SER C 815 -46.95 -34.00 -16.99
C SER C 815 -46.37 -32.60 -16.78
N LYS C 816 -45.31 -32.49 -15.97
CA LYS C 816 -44.62 -31.22 -15.82
C LYS C 816 -43.92 -30.87 -17.13
N PRO C 817 -43.94 -29.59 -17.55
CA PRO C 817 -43.27 -29.22 -18.80
C PRO C 817 -41.76 -29.39 -18.78
N SER C 818 -41.14 -29.43 -17.60
CA SER C 818 -39.74 -29.79 -17.46
C SER C 818 -39.66 -31.21 -16.91
N LYS C 819 -38.92 -32.07 -17.62
CA LYS C 819 -38.85 -33.49 -17.26
C LYS C 819 -37.94 -33.63 -16.04
N ARG C 820 -38.52 -33.37 -14.88
CA ARG C 820 -37.81 -33.42 -13.61
C ARG C 820 -38.62 -34.20 -12.60
N SER C 821 -37.92 -34.97 -11.76
CA SER C 821 -38.57 -35.75 -10.72
C SER C 821 -39.06 -34.84 -9.60
N PRO C 822 -39.97 -35.32 -8.75
CA PRO C 822 -40.37 -34.53 -7.57
C PRO C 822 -39.20 -34.16 -6.66
N ILE C 823 -38.19 -35.02 -6.53
CA ILE C 823 -37.00 -34.66 -5.75
C ILE C 823 -36.27 -33.48 -6.38
N GLU C 824 -36.10 -33.51 -7.71
CA GLU C 824 -35.42 -32.42 -8.39
C GLU C 824 -36.23 -31.13 -8.34
N ASP C 825 -37.56 -31.24 -8.43
CA ASP C 825 -38.41 -30.07 -8.29
C ASP C 825 -38.30 -29.48 -6.89
N LEU C 826 -38.27 -30.33 -5.87
CA LEU C 826 -38.12 -29.85 -4.50
C LEU C 826 -36.76 -29.18 -4.29
N LEU C 827 -35.69 -29.76 -4.86
CA LEU C 827 -34.38 -29.17 -4.72
C LEU C 827 -34.25 -27.85 -5.48
N PHE C 828 -34.93 -27.74 -6.62
CA PHE C 828 -34.89 -26.49 -7.36
C PHE C 828 -35.70 -25.41 -6.67
N ASN C 829 -36.85 -25.77 -6.09
CA ASN C 829 -37.66 -24.79 -5.39
C ASN C 829 -37.06 -24.38 -4.05
N LYS C 830 -36.26 -25.27 -3.43
CA LYS C 830 -35.70 -24.97 -2.13
C LYS C 830 -34.57 -23.94 -2.23
N VAL C 831 -33.72 -24.05 -3.26
CA VAL C 831 -32.63 -23.11 -3.45
C VAL C 831 -33.18 -21.86 -4.13
N THR C 832 -32.99 -20.71 -3.49
CA THR C 832 -33.45 -19.44 -4.03
C THR C 832 -32.27 -18.68 -4.62
N LEU C 833 -32.30 -18.47 -5.93
CA LEU C 833 -31.22 -17.78 -6.62
C LEU C 833 -31.32 -16.27 -6.41
N LEU C 854 -33.51 -5.73 -8.97
CA LEU C 854 -32.78 -4.49 -8.68
C LEU C 854 -31.29 -4.76 -8.56
N ILE C 855 -30.93 -5.95 -8.10
CA ILE C 855 -29.52 -6.31 -7.98
C ILE C 855 -28.91 -6.58 -9.35
N CYS C 856 -29.72 -6.98 -10.32
CA CYS C 856 -29.22 -7.25 -11.66
C CYS C 856 -28.90 -5.97 -12.42
N ALA C 857 -29.64 -4.89 -12.14
CA ALA C 857 -29.39 -3.61 -12.81
C ALA C 857 -28.14 -2.91 -12.30
N GLN C 858 -27.65 -3.28 -11.12
CA GLN C 858 -26.46 -2.66 -10.56
C GLN C 858 -25.16 -3.26 -11.09
N LYS C 859 -25.24 -4.37 -11.82
CA LYS C 859 -24.06 -4.93 -12.48
C LYS C 859 -23.92 -4.38 -13.89
N PHE C 860 -23.96 -3.06 -14.01
CA PHE C 860 -23.88 -2.36 -15.28
C PHE C 860 -22.61 -1.51 -15.38
N ASN C 861 -21.58 -1.85 -14.62
CA ASN C 861 -20.32 -1.12 -14.60
C ASN C 861 -19.18 -1.99 -15.10
N GLY C 862 -19.41 -2.73 -16.19
CA GLY C 862 -18.42 -3.64 -16.72
C GLY C 862 -18.50 -5.06 -16.20
N LEU C 863 -19.55 -5.40 -15.45
CA LEU C 863 -19.72 -6.72 -14.88
C LEU C 863 -20.77 -7.47 -15.66
N THR C 864 -20.43 -8.67 -16.12
CA THR C 864 -21.35 -9.52 -16.87
C THR C 864 -21.31 -10.93 -16.31
N VAL C 865 -22.44 -11.61 -16.39
CA VAL C 865 -22.57 -13.00 -15.96
C VAL C 865 -22.86 -13.83 -17.20
N LEU C 866 -21.93 -14.71 -17.56
CA LEU C 866 -22.10 -15.54 -18.73
C LEU C 866 -22.97 -16.75 -18.41
N PRO C 867 -23.85 -17.16 -19.32
CA PRO C 867 -24.68 -18.33 -19.07
C PRO C 867 -23.86 -19.60 -19.19
N PRO C 868 -24.23 -20.65 -18.45
CA PRO C 868 -23.52 -21.93 -18.59
C PRO C 868 -23.78 -22.58 -19.94
N LEU C 869 -22.82 -23.38 -20.38
CA LEU C 869 -22.96 -24.07 -21.66
C LEU C 869 -24.05 -25.13 -21.60
N LEU C 870 -24.13 -25.87 -20.50
CA LEU C 870 -25.14 -26.90 -20.32
C LEU C 870 -26.33 -26.32 -19.56
N THR C 871 -27.50 -26.34 -20.19
CA THR C 871 -28.71 -25.86 -19.55
C THR C 871 -29.24 -26.90 -18.58
N ASP C 872 -30.31 -26.54 -17.87
CA ASP C 872 -30.87 -27.43 -16.85
C ASP C 872 -31.53 -28.66 -17.47
N GLU C 873 -32.15 -28.51 -18.64
CA GLU C 873 -32.80 -29.64 -19.29
C GLU C 873 -31.80 -30.69 -19.75
N MET C 874 -30.64 -30.25 -20.23
CA MET C 874 -29.62 -31.21 -20.66
C MET C 874 -29.03 -31.97 -19.47
N ILE C 875 -28.83 -31.29 -18.35
CA ILE C 875 -28.35 -31.96 -17.14
C ILE C 875 -29.39 -32.93 -16.62
N ALA C 876 -30.67 -32.55 -16.69
CA ALA C 876 -31.74 -33.48 -16.32
C ALA C 876 -31.81 -34.67 -17.26
N GLN C 877 -31.51 -34.48 -18.54
CA GLN C 877 -31.48 -35.60 -19.48
C GLN C 877 -30.32 -36.55 -19.18
N TYR C 878 -29.16 -36.01 -18.81
CA TYR C 878 -28.07 -36.86 -18.35
C TYR C 878 -28.45 -37.65 -17.11
N THR C 879 -29.12 -36.99 -16.16
CA THR C 879 -29.56 -37.68 -14.95
C THR C 879 -30.58 -38.78 -15.27
N SER C 880 -31.50 -38.50 -16.20
CA SER C 880 -32.50 -39.49 -16.60
C SER C 880 -31.85 -40.69 -17.30
N ALA C 881 -30.88 -40.43 -18.17
CA ALA C 881 -30.18 -41.52 -18.84
C ALA C 881 -29.40 -42.37 -17.84
N LEU C 882 -28.73 -41.73 -16.88
CA LEU C 882 -28.01 -42.47 -15.84
C LEU C 882 -28.95 -43.32 -15.00
N LEU C 883 -30.11 -42.77 -14.64
CA LEU C 883 -31.09 -43.52 -13.84
C LEU C 883 -31.65 -44.70 -14.62
N ALA C 884 -31.99 -44.50 -15.89
CA ALA C 884 -32.51 -45.59 -16.71
C ALA C 884 -31.48 -46.68 -16.91
N GLY C 885 -30.21 -46.29 -17.10
CA GLY C 885 -29.16 -47.28 -17.23
C GLY C 885 -28.91 -48.07 -15.96
N THR C 886 -28.95 -47.38 -14.80
CA THR C 886 -28.64 -48.07 -13.56
C THR C 886 -29.83 -48.87 -13.01
N ILE C 887 -31.05 -48.61 -13.47
CA ILE C 887 -32.17 -49.46 -13.04
C ILE C 887 -32.62 -50.43 -14.12
N THR C 888 -32.05 -50.36 -15.33
CA THR C 888 -32.39 -51.29 -16.39
C THR C 888 -31.30 -52.32 -16.63
N SER C 889 -30.04 -51.89 -16.70
CA SER C 889 -28.93 -52.77 -17.06
C SER C 889 -27.96 -53.04 -15.92
N GLY C 890 -28.16 -52.45 -14.75
CA GLY C 890 -27.25 -52.65 -13.65
C GLY C 890 -25.95 -51.88 -13.83
N TRP C 891 -24.81 -52.53 -13.55
CA TRP C 891 -23.51 -51.92 -13.74
C TRP C 891 -22.87 -52.29 -15.07
N THR C 892 -23.59 -53.02 -15.93
CA THR C 892 -23.00 -53.48 -17.19
C THR C 892 -22.81 -52.34 -18.18
N PHE C 893 -23.67 -51.33 -18.14
CA PHE C 893 -23.56 -50.22 -19.08
C PHE C 893 -22.41 -49.27 -18.75
N GLY C 894 -21.85 -49.34 -17.54
CA GLY C 894 -20.71 -48.53 -17.20
C GLY C 894 -19.38 -49.06 -17.69
N ALA C 895 -19.33 -50.32 -18.10
CA ALA C 895 -18.11 -50.94 -18.62
C ALA C 895 -18.14 -51.11 -20.13
N GLY C 896 -19.23 -51.65 -20.66
CA GLY C 896 -19.36 -51.83 -22.09
C GLY C 896 -20.79 -51.59 -22.54
N PRO C 897 -21.31 -52.47 -23.40
CA PRO C 897 -22.71 -52.36 -23.82
C PRO C 897 -23.66 -52.70 -22.67
N ALA C 898 -24.84 -52.10 -22.73
CA ALA C 898 -25.86 -52.33 -21.72
C ALA C 898 -26.51 -53.69 -21.94
N LEU C 899 -26.60 -54.48 -20.86
CA LEU C 899 -27.20 -55.81 -20.91
C LEU C 899 -28.43 -55.84 -20.01
N GLN C 900 -29.54 -56.30 -20.56
CA GLN C 900 -30.79 -56.37 -19.81
C GLN C 900 -30.70 -57.41 -18.69
N ILE C 901 -31.32 -57.09 -17.56
CA ILE C 901 -31.38 -58.01 -16.41
C ILE C 901 -32.60 -57.63 -15.58
N PRO C 902 -33.36 -58.60 -15.06
CA PRO C 902 -34.44 -58.25 -14.13
C PRO C 902 -33.89 -57.62 -12.86
N PHE C 903 -34.63 -56.65 -12.34
CA PHE C 903 -34.19 -55.93 -11.15
C PHE C 903 -34.08 -56.81 -9.89
N PRO C 904 -34.99 -57.75 -9.58
CA PRO C 904 -34.71 -58.66 -8.46
C PRO C 904 -33.44 -59.47 -8.62
N MET C 905 -33.13 -59.92 -9.83
CA MET C 905 -31.88 -60.66 -10.04
C MET C 905 -30.68 -59.74 -9.87
N GLN C 906 -30.80 -58.49 -10.29
CA GLN C 906 -29.75 -57.51 -10.05
C GLN C 906 -29.52 -57.29 -8.55
N MET C 907 -30.61 -57.17 -7.79
CA MET C 907 -30.48 -56.98 -6.35
C MET C 907 -29.91 -58.22 -5.67
N ALA C 908 -30.20 -59.41 -6.21
CA ALA C 908 -29.58 -60.63 -5.70
C ALA C 908 -28.07 -60.62 -5.95
N TYR C 909 -27.66 -60.12 -7.12
CA TYR C 909 -26.22 -59.94 -7.39
C TYR C 909 -25.60 -58.94 -6.42
N ARG C 910 -26.33 -57.86 -6.10
CA ARG C 910 -25.79 -56.85 -5.20
C ARG C 910 -25.65 -57.37 -3.78
N PHE C 911 -26.60 -58.20 -3.31
CA PHE C 911 -26.42 -58.88 -2.03
C PHE C 911 -25.27 -59.87 -2.08
N ASN C 912 -25.10 -60.56 -3.21
CA ASN C 912 -24.02 -61.53 -3.33
C ASN C 912 -22.63 -60.88 -3.27
N GLY C 913 -22.54 -59.58 -3.53
CA GLY C 913 -21.30 -58.85 -3.42
C GLY C 913 -20.93 -58.35 -2.05
N ILE C 914 -21.84 -58.40 -1.09
CA ILE C 914 -21.55 -57.92 0.26
C ILE C 914 -21.51 -59.05 1.28
N GLY C 915 -21.48 -60.30 0.82
CA GLY C 915 -21.35 -61.43 1.72
C GLY C 915 -22.64 -62.08 2.16
N VAL C 916 -23.76 -61.76 1.52
CA VAL C 916 -25.06 -62.35 1.83
C VAL C 916 -25.51 -63.15 0.62
N THR C 917 -25.91 -64.41 0.86
CA THR C 917 -26.35 -65.27 -0.23
C THR C 917 -27.67 -64.76 -0.80
N GLN C 918 -27.91 -65.10 -2.07
CA GLN C 918 -29.03 -64.52 -2.81
C GLN C 918 -30.39 -65.10 -2.40
N ASN C 919 -30.42 -66.20 -1.63
CA ASN C 919 -31.70 -66.73 -1.20
C ASN C 919 -32.37 -65.85 -0.15
N VAL C 920 -31.61 -64.95 0.48
CA VAL C 920 -32.19 -64.04 1.47
C VAL C 920 -33.16 -63.07 0.81
N LEU C 921 -32.78 -62.55 -0.37
CA LEU C 921 -33.63 -61.58 -1.06
C LEU C 921 -34.90 -62.24 -1.60
N TYR C 922 -34.75 -63.38 -2.27
CA TYR C 922 -35.88 -64.04 -2.91
C TYR C 922 -36.92 -64.54 -1.91
N GLU C 923 -36.50 -64.80 -0.67
CA GLU C 923 -37.42 -65.18 0.39
C GLU C 923 -37.95 -63.98 1.17
N ASN C 924 -37.42 -62.78 0.93
CA ASN C 924 -37.85 -61.57 1.62
C ASN C 924 -38.00 -60.41 0.63
N GLN C 925 -38.56 -60.69 -0.54
CA GLN C 925 -38.64 -59.67 -1.60
C GLN C 925 -39.61 -58.55 -1.22
N LYS C 926 -40.80 -58.91 -0.72
CA LYS C 926 -41.82 -57.92 -0.41
C LYS C 926 -41.39 -56.99 0.72
N LEU C 927 -40.72 -57.55 1.75
CA LEU C 927 -40.26 -56.74 2.86
C LEU C 927 -39.21 -55.73 2.42
N ILE C 928 -38.27 -56.15 1.58
CA ILE C 928 -37.22 -55.26 1.11
C ILE C 928 -37.78 -54.18 0.20
N ALA C 929 -38.76 -54.55 -0.66
CA ALA C 929 -39.41 -53.55 -1.50
C ALA C 929 -40.16 -52.52 -0.67
N ASN C 930 -40.86 -52.97 0.38
CA ASN C 930 -41.59 -52.05 1.25
C ASN C 930 -40.64 -51.13 2.01
N GLN C 931 -39.52 -51.68 2.49
CA GLN C 931 -38.53 -50.85 3.19
C GLN C 931 -37.93 -49.80 2.26
N PHE C 932 -37.64 -50.19 1.02
CA PHE C 932 -37.08 -49.24 0.06
C PHE C 932 -38.08 -48.13 -0.27
N ASN C 933 -39.35 -48.49 -0.47
CA ASN C 933 -40.36 -47.48 -0.76
C ASN C 933 -40.57 -46.54 0.43
N SER C 934 -40.57 -47.08 1.65
CA SER C 934 -40.69 -46.24 2.84
C SER C 934 -39.50 -45.31 2.99
N ALA C 935 -38.29 -45.80 2.67
CA ALA C 935 -37.10 -44.96 2.76
C ALA C 935 -37.15 -43.81 1.76
N ILE C 936 -37.56 -44.09 0.53
CA ILE C 936 -37.69 -43.03 -0.48
C ILE C 936 -38.76 -42.03 -0.07
N GLY C 937 -39.88 -42.51 0.47
CA GLY C 937 -40.91 -41.61 0.96
C GLY C 937 -40.44 -40.73 2.12
N LYS C 938 -39.56 -41.26 2.97
CA LYS C 938 -39.02 -40.45 4.06
C LYS C 938 -38.03 -39.42 3.55
N ILE C 939 -37.21 -39.78 2.56
CA ILE C 939 -36.27 -38.82 1.96
C ILE C 939 -37.03 -37.71 1.21
N GLN C 940 -38.23 -38.02 0.72
CA GLN C 940 -39.06 -36.99 0.08
C GLN C 940 -39.38 -35.84 1.02
N ASP C 941 -39.71 -36.13 2.27
CA ASP C 941 -40.08 -35.09 3.22
C ASP C 941 -38.95 -34.65 4.14
N SER C 942 -37.84 -35.38 4.18
CA SER C 942 -36.72 -35.00 5.04
C SER C 942 -36.07 -33.71 4.58
N LEU C 943 -35.93 -33.52 3.26
CA LEU C 943 -35.35 -32.30 2.74
C LEU C 943 -36.30 -31.11 2.92
N SER C 944 -37.61 -31.35 2.84
CA SER C 944 -38.57 -30.27 3.02
C SER C 944 -38.71 -29.87 4.48
N SER C 945 -38.57 -30.82 5.41
CA SER C 945 -38.73 -30.50 6.83
C SER C 945 -37.56 -29.67 7.34
N THR C 946 -36.33 -30.06 7.01
CA THR C 946 -35.15 -29.35 7.48
C THR C 946 -34.74 -28.30 6.46
N PRO C 947 -34.75 -27.01 6.79
CA PRO C 947 -34.40 -25.98 5.82
C PRO C 947 -32.91 -25.75 5.66
N SER C 948 -32.08 -26.35 6.51
CA SER C 948 -30.63 -26.16 6.47
C SER C 948 -29.90 -27.33 5.82
N ALA C 949 -30.63 -28.21 5.13
CA ALA C 949 -30.00 -29.37 4.50
C ALA C 949 -29.15 -28.96 3.30
N LEU C 950 -29.68 -28.05 2.46
CA LEU C 950 -28.96 -27.59 1.28
C LEU C 950 -28.14 -26.34 1.59
N GLY C 951 -27.16 -26.52 2.48
CA GLY C 951 -26.36 -25.41 2.92
C GLY C 951 -25.25 -25.01 1.96
N LYS C 952 -24.66 -26.00 1.29
CA LYS C 952 -23.44 -25.74 0.51
C LYS C 952 -23.73 -24.95 -0.76
N LEU C 953 -24.80 -25.31 -1.47
CA LEU C 953 -25.16 -24.58 -2.68
C LEU C 953 -25.57 -23.15 -2.37
N GLN C 954 -26.31 -22.97 -1.27
CA GLN C 954 -26.69 -21.63 -0.83
C GLN C 954 -25.46 -20.83 -0.42
N ASP C 955 -24.48 -21.48 0.21
CA ASP C 955 -23.23 -20.78 0.54
C ASP C 955 -22.48 -20.35 -0.71
N VAL C 956 -22.51 -21.18 -1.76
CA VAL C 956 -21.85 -20.82 -3.02
C VAL C 956 -22.51 -19.59 -3.63
N VAL C 957 -23.84 -19.60 -3.74
CA VAL C 957 -24.52 -18.47 -4.37
C VAL C 957 -24.42 -17.21 -3.51
N ASN C 958 -24.41 -17.36 -2.17
CA ASN C 958 -24.27 -16.21 -1.30
C ASN C 958 -22.86 -15.63 -1.38
N HIS C 959 -21.84 -16.48 -1.50
CA HIS C 959 -20.47 -16.01 -1.64
C HIS C 959 -20.30 -15.21 -2.93
N ASN C 960 -20.85 -15.73 -4.03
CA ASN C 960 -20.77 -14.99 -5.30
C ASN C 960 -21.51 -13.66 -5.22
N ALA C 961 -22.71 -13.67 -4.63
CA ALA C 961 -23.51 -12.45 -4.51
C ALA C 961 -22.80 -11.41 -3.65
N GLN C 962 -22.22 -11.82 -2.52
CA GLN C 962 -21.59 -10.84 -1.66
C GLN C 962 -20.27 -10.35 -2.24
N ALA C 963 -19.56 -11.18 -3.02
CA ALA C 963 -18.35 -10.71 -3.68
C ALA C 963 -18.67 -9.63 -4.70
N LEU C 964 -19.69 -9.87 -5.54
CA LEU C 964 -20.08 -8.85 -6.52
C LEU C 964 -20.62 -7.60 -5.83
N ASN C 965 -21.40 -7.79 -4.76
CA ASN C 965 -21.95 -6.64 -4.04
C ASN C 965 -20.86 -5.80 -3.40
N THR C 966 -19.85 -6.44 -2.80
CA THR C 966 -18.76 -5.69 -2.18
C THR C 966 -17.93 -4.95 -3.23
N LEU C 967 -17.74 -5.56 -4.40
CA LEU C 967 -17.07 -4.86 -5.49
C LEU C 967 -17.83 -3.61 -5.91
N VAL C 968 -19.15 -3.73 -6.06
CA VAL C 968 -19.95 -2.60 -6.53
C VAL C 968 -20.03 -1.50 -5.47
N LYS C 969 -20.15 -1.88 -4.18
CA LYS C 969 -20.08 -0.91 -3.09
C LYS C 969 -18.73 -0.20 -3.05
N GLN C 970 -17.64 -0.95 -3.23
CA GLN C 970 -16.31 -0.36 -3.16
C GLN C 970 -16.04 0.56 -4.33
N LEU C 971 -16.75 0.39 -5.45
CA LEU C 971 -16.60 1.30 -6.58
C LEU C 971 -16.91 2.76 -6.22
N SER C 972 -17.70 3.01 -5.18
CA SER C 972 -18.13 4.35 -4.80
C SER C 972 -17.33 4.93 -3.64
N SER C 973 -16.04 4.68 -3.56
CA SER C 973 -15.19 5.24 -2.52
C SER C 973 -14.35 6.38 -3.09
N LYS C 974 -13.62 7.05 -2.19
CA LYS C 974 -12.83 8.22 -2.56
C LYS C 974 -11.33 7.95 -2.64
N PHE C 975 -10.81 7.09 -1.75
CA PHE C 975 -9.38 6.73 -1.69
C PHE C 975 -8.49 7.97 -1.53
N GLY C 976 -8.95 8.92 -0.73
CA GLY C 976 -8.18 10.13 -0.49
C GLY C 976 -8.36 11.23 -1.51
N ALA C 977 -9.31 11.10 -2.43
CA ALA C 977 -9.58 12.12 -3.42
C ALA C 977 -10.70 13.03 -2.94
N ILE C 978 -10.93 14.10 -3.70
CA ILE C 978 -11.94 15.09 -3.32
C ILE C 978 -13.36 14.63 -3.62
N SER C 979 -13.53 13.66 -4.52
CA SER C 979 -14.86 13.18 -4.86
C SER C 979 -14.76 11.75 -5.37
N SER C 980 -15.89 11.05 -5.36
CA SER C 980 -15.97 9.68 -5.83
C SER C 980 -16.51 9.56 -7.25
N VAL C 981 -16.82 10.68 -7.90
CA VAL C 981 -17.38 10.69 -9.25
C VAL C 981 -16.33 11.27 -10.20
N LEU C 982 -16.04 10.53 -11.27
CA LEU C 982 -15.03 10.97 -12.22
C LEU C 982 -15.46 12.22 -12.98
N ASN C 983 -16.74 12.28 -13.38
CA ASN C 983 -17.24 13.44 -14.10
C ASN C 983 -17.31 14.68 -13.22
N ASP C 984 -17.58 14.49 -11.92
CA ASP C 984 -17.60 15.63 -11.00
C ASP C 984 -16.20 16.20 -10.82
N ILE C 985 -15.19 15.34 -10.74
CA ILE C 985 -13.80 15.83 -10.63
C ILE C 985 -13.37 16.49 -11.93
N LEU C 986 -13.77 15.91 -13.07
CA LEU C 986 -13.27 16.38 -14.35
C LEU C 986 -13.83 17.74 -14.73
N SER C 987 -15.06 18.05 -14.31
CA SER C 987 -15.68 19.34 -14.58
C SER C 987 -15.42 20.35 -13.49
N ARG C 988 -14.58 20.03 -12.51
CA ARG C 988 -14.32 20.89 -11.37
C ARG C 988 -12.95 21.56 -11.45
N LEU C 989 -11.92 20.84 -11.89
CA LEU C 989 -10.55 21.35 -11.92
C LEU C 989 -10.02 21.35 -13.35
N ASP C 990 -8.89 22.02 -13.51
CA ASP C 990 -8.08 21.95 -14.72
C ASP C 990 -7.24 20.66 -14.71
N PRO C 991 -6.79 20.19 -15.89
CA PRO C 991 -6.07 18.88 -15.98
C PRO C 991 -4.86 18.71 -15.07
N PRO C 992 -3.89 19.66 -15.00
CA PRO C 992 -2.56 19.29 -14.47
C PRO C 992 -2.53 18.89 -12.99
N GLU C 993 -3.61 19.07 -12.23
CA GLU C 993 -3.75 18.37 -10.96
C GLU C 993 -5.04 17.57 -10.86
N ALA C 994 -5.93 17.65 -11.84
CA ALA C 994 -7.01 16.68 -11.93
C ALA C 994 -6.45 15.28 -12.18
N GLU C 995 -5.32 15.18 -12.89
CA GLU C 995 -4.72 13.88 -13.13
C GLU C 995 -4.19 13.26 -11.83
N VAL C 996 -3.62 14.06 -10.92
CA VAL C 996 -3.16 13.49 -9.66
C VAL C 996 -4.34 13.32 -8.70
N GLN C 997 -5.44 14.04 -8.92
CA GLN C 997 -6.68 13.74 -8.20
C GLN C 997 -7.22 12.37 -8.58
N ILE C 998 -7.18 12.02 -9.87
CA ILE C 998 -7.79 10.76 -10.30
C ILE C 998 -6.82 9.58 -10.23
N ASP C 999 -5.52 9.82 -10.07
CA ASP C 999 -4.56 8.72 -9.96
C ASP C 999 -4.81 7.86 -8.72
N ARG C 1000 -5.25 8.49 -7.64
CA ARG C 1000 -5.57 7.72 -6.43
C ARG C 1000 -6.79 6.84 -6.63
N LEU C 1001 -7.78 7.33 -7.38
CA LEU C 1001 -8.91 6.49 -7.77
C LEU C 1001 -8.46 5.31 -8.61
N ILE C 1002 -7.52 5.55 -9.54
CA ILE C 1002 -6.97 4.48 -10.36
C ILE C 1002 -6.32 3.41 -9.50
N THR C 1003 -5.48 3.84 -8.55
CA THR C 1003 -4.78 2.88 -7.67
C THR C 1003 -5.76 2.07 -6.84
N GLY C 1004 -6.77 2.73 -6.27
CA GLY C 1004 -7.76 2.02 -5.47
C GLY C 1004 -8.55 1.01 -6.27
N ARG C 1005 -8.93 1.36 -7.49
CA ARG C 1005 -9.75 0.45 -8.28
C ARG C 1005 -8.95 -0.73 -8.82
N LEU C 1006 -7.68 -0.52 -9.19
CA LEU C 1006 -6.83 -1.66 -9.52
C LEU C 1006 -6.62 -2.58 -8.33
N GLN C 1007 -6.41 -2.01 -7.13
CA GLN C 1007 -6.25 -2.87 -5.94
C GLN C 1007 -7.50 -3.68 -5.66
N SER C 1008 -8.68 -3.07 -5.82
CA SER C 1008 -9.95 -3.76 -5.63
C SER C 1008 -10.12 -4.89 -6.64
N LEU C 1009 -9.80 -4.63 -7.90
CA LEU C 1009 -9.96 -5.65 -8.95
C LEU C 1009 -9.02 -6.82 -8.71
N GLN C 1010 -7.76 -6.54 -8.32
CA GLN C 1010 -6.82 -7.63 -8.07
C GLN C 1010 -7.26 -8.47 -6.87
N THR C 1011 -7.79 -7.83 -5.82
CA THR C 1011 -8.30 -8.58 -4.68
C THR C 1011 -9.45 -9.49 -5.08
N TYR C 1012 -10.38 -8.97 -5.90
CA TYR C 1012 -11.52 -9.76 -6.34
C TYR C 1012 -11.08 -10.96 -7.18
N VAL C 1013 -10.12 -10.75 -8.09
CA VAL C 1013 -9.66 -11.84 -8.94
C VAL C 1013 -8.93 -12.91 -8.13
N THR C 1014 -8.14 -12.49 -7.14
CA THR C 1014 -7.45 -13.48 -6.29
C THR C 1014 -8.44 -14.32 -5.49
N GLN C 1015 -9.47 -13.67 -4.92
CA GLN C 1015 -10.48 -14.43 -4.18
C GLN C 1015 -11.24 -15.39 -5.08
N GLN C 1016 -11.56 -14.94 -6.30
CA GLN C 1016 -12.26 -15.82 -7.25
C GLN C 1016 -11.40 -17.01 -7.66
N LEU C 1017 -10.08 -16.79 -7.82
CA LEU C 1017 -9.19 -17.89 -8.16
C LEU C 1017 -9.13 -18.92 -7.05
N ILE C 1018 -9.05 -18.47 -5.80
CA ILE C 1018 -9.01 -19.41 -4.67
C ILE C 1018 -10.32 -20.21 -4.58
N ARG C 1019 -11.46 -19.51 -4.73
CA ARG C 1019 -12.75 -20.19 -4.67
C ARG C 1019 -12.92 -21.18 -5.82
N ALA C 1020 -12.43 -20.85 -7.02
CA ALA C 1020 -12.48 -21.77 -8.14
C ALA C 1020 -11.60 -22.99 -7.90
N ALA C 1021 -10.45 -22.78 -7.25
CA ALA C 1021 -9.60 -23.91 -6.89
C ALA C 1021 -10.29 -24.86 -5.92
N GLU C 1022 -11.05 -24.32 -4.97
CA GLU C 1022 -11.83 -25.18 -4.07
C GLU C 1022 -12.94 -25.91 -4.82
N ILE C 1023 -13.64 -25.20 -5.72
CA ILE C 1023 -14.76 -25.77 -6.46
C ILE C 1023 -14.29 -26.90 -7.38
N ARG C 1024 -13.07 -26.77 -7.94
CA ARG C 1024 -12.53 -27.84 -8.77
C ARG C 1024 -12.36 -29.14 -7.99
N ALA C 1025 -11.83 -29.06 -6.76
CA ALA C 1025 -11.67 -30.25 -5.94
C ALA C 1025 -13.02 -30.85 -5.56
N SER C 1026 -14.00 -30.00 -5.25
CA SER C 1026 -15.35 -30.51 -4.96
C SER C 1026 -15.96 -31.22 -6.16
N ALA C 1027 -15.77 -30.66 -7.36
CA ALA C 1027 -16.31 -31.27 -8.57
C ALA C 1027 -15.59 -32.57 -8.91
N ASN C 1028 -14.28 -32.65 -8.65
CA ASN C 1028 -13.55 -33.89 -8.85
C ASN C 1028 -14.04 -34.99 -7.91
N LEU C 1029 -14.31 -34.63 -6.65
CA LEU C 1029 -14.88 -35.61 -5.72
C LEU C 1029 -16.26 -36.06 -6.18
N ALA C 1030 -17.08 -35.13 -6.67
CA ALA C 1030 -18.40 -35.49 -7.16
C ALA C 1030 -18.33 -36.41 -8.37
N ALA C 1031 -17.40 -36.15 -9.29
CA ALA C 1031 -17.23 -37.00 -10.46
C ALA C 1031 -16.76 -38.39 -10.07
N THR C 1032 -15.82 -38.48 -9.12
CA THR C 1032 -15.37 -39.79 -8.65
C THR C 1032 -16.50 -40.56 -7.97
N LYS C 1033 -17.31 -39.88 -7.17
CA LYS C 1033 -18.44 -40.55 -6.51
C LYS C 1033 -19.48 -41.00 -7.52
N MET C 1034 -19.70 -40.21 -8.58
CA MET C 1034 -20.63 -40.64 -9.62
C MET C 1034 -20.09 -41.85 -10.38
N SER C 1035 -18.78 -41.88 -10.63
CA SER C 1035 -18.19 -43.02 -11.35
C SER C 1035 -18.22 -44.29 -10.51
N GLU C 1036 -18.01 -44.19 -9.20
CA GLU C 1036 -17.89 -45.39 -8.38
C GLU C 1036 -19.22 -45.85 -7.78
N CYS C 1037 -19.98 -44.93 -7.16
CA CYS C 1037 -21.20 -45.33 -6.47
C CYS C 1037 -22.34 -45.65 -7.43
N VAL C 1038 -22.46 -44.90 -8.52
CA VAL C 1038 -23.61 -45.04 -9.42
C VAL C 1038 -23.36 -46.10 -10.48
N LEU C 1039 -22.19 -46.08 -11.12
CA LEU C 1039 -21.90 -47.02 -12.19
C LEU C 1039 -21.41 -48.37 -11.68
N GLY C 1040 -21.29 -48.56 -10.38
CA GLY C 1040 -20.88 -49.84 -9.85
C GLY C 1040 -21.14 -49.92 -8.36
N GLN C 1041 -20.69 -51.03 -7.77
CA GLN C 1041 -20.80 -51.25 -6.33
C GLN C 1041 -19.43 -51.05 -5.69
N SER C 1042 -19.38 -50.26 -4.63
CA SER C 1042 -18.13 -49.85 -4.02
C SER C 1042 -17.89 -50.62 -2.72
N LYS C 1043 -16.69 -51.16 -2.58
CA LYS C 1043 -16.28 -51.86 -1.37
C LYS C 1043 -15.58 -50.94 -0.39
N ARG C 1044 -15.36 -49.68 -0.74
CA ARG C 1044 -14.71 -48.73 0.15
C ARG C 1044 -15.63 -48.40 1.31
N VAL C 1045 -15.09 -48.42 2.52
CA VAL C 1045 -15.89 -48.25 3.73
C VAL C 1045 -16.23 -46.77 3.91
N ASP C 1046 -17.53 -46.50 4.08
CA ASP C 1046 -18.07 -45.16 4.36
C ASP C 1046 -17.68 -44.18 3.25
N PHE C 1047 -17.76 -44.65 2.01
CA PHE C 1047 -17.58 -43.78 0.85
C PHE C 1047 -18.93 -43.42 0.24
N CYS C 1048 -19.71 -44.41 -0.17
CA CYS C 1048 -21.04 -44.19 -0.72
C CYS C 1048 -22.10 -44.44 0.36
N GLY C 1049 -22.06 -43.63 1.40
CA GLY C 1049 -23.03 -43.73 2.48
C GLY C 1049 -22.57 -44.62 3.62
N LYS C 1050 -23.39 -44.66 4.67
CA LYS C 1050 -23.11 -45.42 5.87
C LYS C 1050 -23.67 -46.83 5.75
N GLY C 1051 -22.84 -47.83 6.03
CA GLY C 1051 -23.23 -49.22 5.94
C GLY C 1051 -22.67 -49.86 4.68
N TYR C 1052 -23.08 -51.12 4.47
CA TYR C 1052 -22.67 -51.85 3.28
C TYR C 1052 -23.42 -51.30 2.07
N HIS C 1053 -22.66 -50.79 1.10
CA HIS C 1053 -23.26 -50.10 -0.04
C HIS C 1053 -24.01 -51.06 -0.95
N LEU C 1054 -25.18 -50.65 -1.40
CA LEU C 1054 -25.96 -51.39 -2.37
C LEU C 1054 -26.08 -50.65 -3.69
N MET C 1055 -26.66 -49.44 -3.70
CA MET C 1055 -26.86 -48.69 -4.92
C MET C 1055 -26.72 -47.20 -4.65
N SER C 1056 -26.78 -46.40 -5.71
CA SER C 1056 -26.81 -44.95 -5.60
C SER C 1056 -27.56 -44.37 -6.79
N PHE C 1057 -28.23 -43.25 -6.56
CA PHE C 1057 -29.01 -42.58 -7.58
C PHE C 1057 -28.61 -41.11 -7.65
N PRO C 1058 -28.39 -40.57 -8.84
CA PRO C 1058 -28.06 -39.14 -8.96
C PRO C 1058 -29.27 -38.26 -9.19
N GLN C 1059 -29.20 -37.04 -8.66
CA GLN C 1059 -30.18 -36.00 -8.91
C GLN C 1059 -29.46 -34.69 -9.13
N SER C 1060 -30.01 -33.85 -9.99
CA SER C 1060 -29.42 -32.55 -10.27
C SER C 1060 -29.91 -31.52 -9.25
N ALA C 1061 -29.10 -30.49 -9.03
CA ALA C 1061 -29.44 -29.41 -8.13
C ALA C 1061 -28.78 -28.15 -8.66
N PRO C 1062 -29.31 -26.95 -8.30
CA PRO C 1062 -28.66 -25.70 -8.72
C PRO C 1062 -27.22 -25.62 -8.26
N HIS C 1063 -26.31 -25.62 -9.25
CA HIS C 1063 -24.86 -25.63 -9.04
C HIS C 1063 -24.40 -26.84 -8.22
N GLY C 1064 -25.02 -28.00 -8.42
CA GLY C 1064 -24.56 -29.15 -7.67
C GLY C 1064 -25.28 -30.44 -8.02
N VAL C 1065 -24.90 -31.49 -7.31
CA VAL C 1065 -25.44 -32.83 -7.51
C VAL C 1065 -25.81 -33.38 -6.14
N VAL C 1066 -26.80 -34.28 -6.13
CA VAL C 1066 -27.30 -34.92 -4.91
C VAL C 1066 -27.28 -36.43 -5.15
N PHE C 1067 -26.58 -37.15 -4.29
CA PHE C 1067 -26.52 -38.60 -4.38
C PHE C 1067 -27.43 -39.21 -3.32
N LEU C 1068 -28.25 -40.18 -3.74
CA LEU C 1068 -29.10 -40.95 -2.85
C LEU C 1068 -28.47 -42.34 -2.72
N HIS C 1069 -27.93 -42.63 -1.54
CA HIS C 1069 -27.18 -43.85 -1.31
C HIS C 1069 -28.08 -44.87 -0.63
N VAL C 1070 -28.26 -46.02 -1.25
CA VAL C 1070 -29.03 -47.13 -0.70
C VAL C 1070 -28.04 -48.14 -0.13
N THR C 1071 -28.16 -48.43 1.16
CA THR C 1071 -27.22 -49.27 1.89
C THR C 1071 -27.97 -50.27 2.76
N TYR C 1072 -27.19 -51.20 3.32
CA TYR C 1072 -27.67 -52.37 4.06
C TYR C 1072 -27.17 -52.27 5.49
N VAL C 1073 -28.08 -52.38 6.46
CA VAL C 1073 -27.71 -52.25 7.88
C VAL C 1073 -28.25 -53.44 8.67
N PRO C 1074 -27.43 -54.15 9.44
CA PRO C 1074 -27.96 -55.17 10.34
C PRO C 1074 -28.83 -54.57 11.45
N ALA C 1075 -29.87 -55.32 11.84
CA ALA C 1075 -30.90 -54.76 12.70
C ALA C 1075 -30.99 -55.43 14.07
N GLN C 1076 -31.23 -56.73 14.14
CA GLN C 1076 -31.52 -57.40 15.41
C GLN C 1076 -30.45 -58.43 15.71
N GLU C 1077 -30.03 -58.48 16.98
CA GLU C 1077 -28.82 -59.19 17.37
C GLU C 1077 -29.16 -60.36 18.28
N LYS C 1078 -28.35 -61.40 18.20
CA LYS C 1078 -28.35 -62.50 19.15
C LYS C 1078 -26.91 -62.96 19.33
N ASN C 1079 -26.58 -63.41 20.54
CA ASN C 1079 -25.28 -63.98 20.81
C ASN C 1079 -25.38 -65.50 20.97
N PHE C 1080 -24.29 -66.18 20.60
CA PHE C 1080 -24.18 -67.63 20.70
C PHE C 1080 -22.81 -67.99 21.24
N THR C 1081 -22.49 -69.28 21.24
CA THR C 1081 -21.14 -69.73 21.59
C THR C 1081 -20.42 -70.16 20.32
N THR C 1082 -19.16 -69.79 20.20
CA THR C 1082 -18.42 -70.06 18.98
C THR C 1082 -17.10 -70.76 19.28
N ALA C 1083 -16.61 -71.49 18.29
CA ALA C 1083 -15.36 -72.23 18.35
C ALA C 1083 -14.63 -72.06 17.03
N PRO C 1084 -13.29 -72.03 17.05
CA PRO C 1084 -12.55 -71.86 15.79
C PRO C 1084 -12.52 -73.10 14.92
N ALA C 1085 -12.67 -74.30 15.49
CA ALA C 1085 -12.57 -75.53 14.71
C ALA C 1085 -13.36 -76.62 15.40
N ILE C 1086 -13.57 -77.72 14.68
CA ILE C 1086 -14.35 -78.87 15.15
C ILE C 1086 -13.48 -80.11 15.04
N CYS C 1087 -13.40 -80.87 16.13
CA CYS C 1087 -12.64 -82.12 16.19
C CYS C 1087 -13.61 -83.28 15.99
N HIS C 1088 -13.35 -84.11 14.99
CA HIS C 1088 -14.23 -85.23 14.67
C HIS C 1088 -13.56 -86.58 14.89
N ASP C 1089 -12.44 -86.85 14.21
CA ASP C 1089 -11.74 -88.13 14.26
C ASP C 1089 -10.26 -87.91 14.44
N GLY C 1090 -9.90 -87.03 15.38
CA GLY C 1090 -8.52 -86.63 15.49
C GLY C 1090 -8.06 -85.65 14.43
N LYS C 1091 -8.99 -85.09 13.66
CA LYS C 1091 -8.68 -84.15 12.60
C LYS C 1091 -9.50 -82.88 12.79
N ALA C 1092 -8.94 -81.76 12.36
CA ALA C 1092 -9.57 -80.46 12.54
C ALA C 1092 -10.42 -80.11 11.33
N HIS C 1093 -11.61 -79.55 11.60
CA HIS C 1093 -12.56 -79.17 10.57
C HIS C 1093 -12.73 -77.66 10.62
N PHE C 1094 -12.28 -76.96 9.59
CA PHE C 1094 -12.44 -75.52 9.54
C PHE C 1094 -13.57 -75.16 8.57
N PRO C 1095 -14.31 -74.08 8.83
CA PRO C 1095 -15.43 -73.72 7.94
C PRO C 1095 -14.94 -73.27 6.57
N ARG C 1096 -15.63 -73.75 5.53
CA ARG C 1096 -15.32 -73.31 4.18
C ARG C 1096 -15.66 -71.84 4.01
N GLU C 1097 -16.85 -71.44 4.43
CA GLU C 1097 -17.23 -70.05 4.57
C GLU C 1097 -18.34 -69.97 5.61
N GLY C 1098 -18.22 -69.01 6.53
CA GLY C 1098 -19.16 -68.88 7.63
C GLY C 1098 -18.46 -68.96 8.98
N VAL C 1099 -19.18 -69.47 9.96
CA VAL C 1099 -18.74 -69.45 11.35
C VAL C 1099 -19.51 -70.52 12.11
N PHE C 1100 -18.84 -71.15 13.08
CA PHE C 1100 -19.42 -72.19 13.90
C PHE C 1100 -20.20 -71.57 15.06
N VAL C 1101 -21.43 -72.03 15.26
CA VAL C 1101 -22.40 -71.42 16.15
C VAL C 1101 -23.09 -72.48 16.99
N SER C 1102 -23.16 -72.27 18.30
CA SER C 1102 -23.87 -73.16 19.20
C SER C 1102 -24.91 -72.37 19.98
N ASN C 1103 -26.16 -72.89 19.98
CA ASN C 1103 -27.22 -72.32 20.78
C ASN C 1103 -27.19 -72.77 22.23
N GLY C 1104 -26.40 -73.79 22.55
CA GLY C 1104 -26.33 -74.33 23.88
C GLY C 1104 -26.27 -75.85 23.91
N THR C 1105 -26.86 -76.49 22.92
CA THR C 1105 -26.89 -77.96 22.84
C THR C 1105 -26.10 -78.49 21.65
N HIS C 1106 -26.43 -78.06 20.44
CA HIS C 1106 -25.81 -78.57 19.23
C HIS C 1106 -25.06 -77.45 18.51
N TRP C 1107 -24.33 -77.83 17.47
CA TRP C 1107 -23.47 -76.92 16.72
C TRP C 1107 -23.90 -76.88 15.27
N PHE C 1108 -23.86 -75.68 14.70
CA PHE C 1108 -24.23 -75.41 13.32
C PHE C 1108 -23.15 -74.52 12.70
N VAL C 1109 -23.28 -74.28 11.39
CA VAL C 1109 -22.44 -73.33 10.68
C VAL C 1109 -23.35 -72.36 9.95
N THR C 1110 -22.98 -71.08 9.94
CA THR C 1110 -23.82 -70.09 9.28
C THR C 1110 -22.96 -68.99 8.67
N GLN C 1111 -23.57 -68.27 7.73
CA GLN C 1111 -22.90 -67.13 7.13
C GLN C 1111 -22.80 -65.97 8.12
N ARG C 1112 -21.88 -65.06 7.84
CA ARG C 1112 -21.46 -64.08 8.83
C ARG C 1112 -22.52 -63.01 9.06
N ASN C 1113 -23.10 -62.48 7.99
CA ASN C 1113 -23.96 -61.30 8.09
C ASN C 1113 -25.44 -61.63 8.25
N PHE C 1114 -25.80 -62.91 8.36
CA PHE C 1114 -27.19 -63.29 8.53
C PHE C 1114 -27.24 -64.64 9.24
N TYR C 1115 -28.24 -64.81 10.11
CA TYR C 1115 -28.38 -66.05 10.86
C TYR C 1115 -29.09 -67.07 10.00
N GLU C 1116 -28.38 -68.15 9.65
CA GLU C 1116 -28.95 -69.24 8.86
C GLU C 1116 -28.25 -70.52 9.23
N PRO C 1117 -28.67 -71.16 10.32
CA PRO C 1117 -27.96 -72.36 10.81
C PRO C 1117 -28.17 -73.55 9.89
N GLN C 1118 -27.09 -74.30 9.68
CA GLN C 1118 -27.12 -75.51 8.86
C GLN C 1118 -26.35 -76.61 9.57
N ILE C 1119 -26.68 -77.85 9.25
CA ILE C 1119 -25.99 -78.99 9.83
C ILE C 1119 -24.57 -79.04 9.31
N ILE C 1120 -23.61 -79.26 10.22
CA ILE C 1120 -22.20 -79.30 9.86
C ILE C 1120 -21.94 -80.60 9.09
N THR C 1121 -21.73 -80.49 7.79
CA THR C 1121 -21.47 -81.62 6.92
C THR C 1121 -20.02 -81.60 6.47
N THR C 1122 -19.65 -82.62 5.68
CA THR C 1122 -18.30 -82.70 5.15
C THR C 1122 -18.08 -81.80 3.94
N ASP C 1123 -19.13 -81.20 3.40
CA ASP C 1123 -19.02 -80.24 2.31
C ASP C 1123 -19.03 -78.80 2.78
N ASN C 1124 -19.38 -78.54 4.04
CA ASN C 1124 -19.32 -77.21 4.62
C ASN C 1124 -17.98 -76.91 5.27
N THR C 1125 -17.15 -77.93 5.50
CA THR C 1125 -15.89 -77.78 6.20
C THR C 1125 -14.76 -78.41 5.38
N PHE C 1126 -13.54 -78.08 5.75
CA PHE C 1126 -12.36 -78.68 5.15
C PHE C 1126 -11.38 -79.11 6.24
N VAL C 1127 -10.58 -80.12 5.93
CA VAL C 1127 -9.70 -80.78 6.90
C VAL C 1127 -8.31 -80.19 6.78
N SER C 1128 -7.72 -79.83 7.92
CA SER C 1128 -6.36 -79.29 7.94
C SER C 1128 -5.70 -79.69 9.25
N GLY C 1129 -4.83 -80.71 9.19
CA GLY C 1129 -4.02 -81.08 10.32
C GLY C 1129 -4.74 -81.94 11.34
N ASN C 1130 -4.04 -82.18 12.45
CA ASN C 1130 -4.56 -82.99 13.54
C ASN C 1130 -5.27 -82.10 14.56
N CYS C 1131 -5.58 -82.67 15.72
CA CYS C 1131 -6.39 -82.03 16.74
C CYS C 1131 -5.57 -81.64 17.96
N ASP C 1132 -4.34 -81.19 17.76
CA ASP C 1132 -3.44 -80.89 18.86
C ASP C 1132 -2.79 -79.52 18.78
N VAL C 1133 -3.05 -78.74 17.73
CA VAL C 1133 -2.35 -77.48 17.53
C VAL C 1133 -3.28 -76.26 17.64
N VAL C 1134 -4.59 -76.43 17.44
CA VAL C 1134 -5.52 -75.31 17.47
C VAL C 1134 -6.00 -75.10 18.90
N ILE C 1135 -5.93 -73.85 19.37
CA ILE C 1135 -6.37 -73.50 20.71
C ILE C 1135 -7.86 -73.18 20.66
N GLY C 1136 -8.65 -73.90 21.46
CA GLY C 1136 -10.08 -73.67 21.51
C GLY C 1136 -10.92 -74.64 20.70
N ILE C 1137 -10.33 -75.71 20.18
CA ILE C 1137 -11.09 -76.68 19.39
C ILE C 1137 -12.01 -77.47 20.33
N VAL C 1138 -13.19 -77.85 19.80
CA VAL C 1138 -14.19 -78.55 20.58
C VAL C 1138 -14.54 -79.86 19.89
N ASN C 1139 -15.15 -80.77 20.65
CA ASN C 1139 -15.58 -82.06 20.12
C ASN C 1139 -16.97 -81.93 19.51
N ASN C 1140 -17.14 -82.51 18.32
CA ASN C 1140 -18.45 -82.61 17.68
C ASN C 1140 -18.37 -83.72 16.64
N THR C 1141 -19.50 -84.02 16.01
CA THR C 1141 -19.60 -85.00 14.96
C THR C 1141 -19.96 -84.30 13.65
N VAL C 1142 -19.18 -84.57 12.61
CA VAL C 1142 -19.44 -84.03 11.28
C VAL C 1142 -20.20 -85.07 10.49
N TYR C 1143 -21.40 -84.70 10.03
CA TYR C 1143 -22.27 -85.65 9.35
C TYR C 1143 -21.83 -85.84 7.91
N ASP C 1144 -21.47 -87.06 7.54
CA ASP C 1144 -21.14 -87.38 6.17
C ASP C 1144 -22.41 -87.76 5.42
N PRO C 1145 -22.81 -87.01 4.39
CA PRO C 1145 -24.02 -87.36 3.64
C PRO C 1145 -23.86 -88.57 2.74
N LEU C 1146 -22.67 -89.13 2.62
CA LEU C 1146 -22.39 -90.21 1.69
C LEU C 1146 -22.64 -91.59 2.27
N GLN C 1147 -22.09 -91.85 3.47
CA GLN C 1147 -22.12 -93.20 4.04
C GLN C 1147 -23.46 -93.77 4.51
N PRO C 1148 -24.47 -92.99 4.96
CA PRO C 1148 -25.75 -93.68 5.29
C PRO C 1148 -26.49 -94.17 4.06
N GLU C 1149 -26.46 -93.41 2.98
CA GLU C 1149 -27.08 -93.84 1.73
C GLU C 1149 -26.37 -95.06 1.15
N LEU C 1150 -25.07 -95.20 1.40
CA LEU C 1150 -24.35 -96.38 0.95
C LEU C 1150 -24.38 -97.51 1.97
N ASP C 1151 -24.83 -97.26 3.19
CA ASP C 1151 -25.06 -98.35 4.13
C ASP C 1151 -26.50 -98.83 4.13
N SER C 1152 -27.40 -98.12 3.47
CA SER C 1152 -28.79 -98.54 3.35
C SER C 1152 -29.07 -99.26 2.03
N PHE C 1153 -28.55 -98.73 0.91
CA PHE C 1153 -28.95 -99.22 -0.40
C PHE C 1153 -28.07 -100.39 -0.89
N LYS C 1154 -26.81 -100.47 -0.44
CA LYS C 1154 -25.99 -101.60 -0.82
C LYS C 1154 -26.46 -102.90 -0.17
N GLU C 1155 -26.94 -102.83 1.06
CA GLU C 1155 -27.36 -104.00 1.80
C GLU C 1155 -28.83 -104.31 1.58
N GLN D 1 -13.02 55.38 27.66
CA GLN D 1 -12.37 55.97 28.81
C GLN D 1 -10.93 55.48 28.95
N VAL D 2 -10.07 55.90 28.03
CA VAL D 2 -8.66 55.56 28.03
C VAL D 2 -7.87 56.79 28.41
N GLN D 3 -7.05 56.67 29.46
CA GLN D 3 -6.30 57.79 30.00
C GLN D 3 -4.83 57.41 30.13
N LEU D 4 -3.95 58.30 29.69
CA LEU D 4 -2.51 58.08 29.71
C LEU D 4 -1.91 58.99 30.76
N GLN D 5 -1.18 58.42 31.72
CA GLN D 5 -0.56 59.19 32.79
C GLN D 5 0.95 59.20 32.68
N GLU D 6 1.54 60.35 32.99
CA GLU D 6 2.99 60.54 32.98
C GLU D 6 3.48 60.84 34.39
N SER D 7 4.65 60.28 34.72
CA SER D 7 5.29 60.51 36.01
C SER D 7 6.76 60.79 35.78
N GLY D 8 7.29 61.75 36.55
CA GLY D 8 8.67 62.18 36.42
C GLY D 8 8.79 63.70 36.38
N GLY D 9 9.86 64.19 35.77
CA GLY D 9 10.04 65.61 35.59
C GLY D 9 10.53 66.32 36.83
N GLY D 10 10.58 67.64 36.74
CA GLY D 10 11.04 68.46 37.84
C GLY D 10 12.29 69.25 37.52
N LEU D 11 12.98 69.71 38.56
CA LEU D 11 14.22 70.47 38.41
C LEU D 11 15.38 69.49 38.39
N VAL D 12 16.09 69.40 37.27
CA VAL D 12 17.25 68.54 37.15
C VAL D 12 18.43 69.39 36.66
N GLN D 13 19.62 69.10 37.17
CA GLN D 13 20.80 69.87 36.81
C GLN D 13 21.25 69.48 35.40
N PRO D 14 21.81 70.43 34.65
CA PRO D 14 22.45 70.08 33.37
C PRO D 14 23.56 69.05 33.57
N GLY D 15 23.63 68.11 32.62
CA GLY D 15 24.50 66.97 32.78
C GLY D 15 23.92 65.84 33.59
N GLY D 16 22.66 65.95 34.00
CA GLY D 16 22.02 64.93 34.82
C GLY D 16 21.29 63.89 34.00
N SER D 17 20.54 63.05 34.70
CA SER D 17 19.79 61.96 34.09
C SER D 17 18.43 61.85 34.77
N LEU D 18 17.45 61.35 34.01
CA LEU D 18 16.10 61.24 34.52
C LEU D 18 15.37 60.17 33.72
N ARG D 19 14.27 59.66 34.31
CA ARG D 19 13.45 58.60 33.75
C ARG D 19 11.98 59.05 33.79
N LEU D 20 11.43 59.46 32.66
CA LEU D 20 10.00 59.68 32.55
C LEU D 20 9.29 58.37 32.27
N SER D 21 8.09 58.22 32.83
CA SER D 21 7.29 57.01 32.61
C SER D 21 5.89 57.39 32.18
N CYS D 22 5.37 56.70 31.17
CA CYS D 22 3.99 56.86 30.74
C CYS D 22 3.28 55.52 30.81
N THR D 23 2.09 55.50 31.41
CA THR D 23 1.32 54.30 31.64
C THR D 23 -0.08 54.48 31.07
N ALA D 24 -0.55 53.48 30.34
CA ALA D 24 -1.90 53.46 29.80
C ALA D 24 -2.84 52.73 30.75
N SER D 25 -4.03 53.28 30.94
CA SER D 25 -5.04 52.67 31.81
C SER D 25 -5.96 51.74 31.04
N GLY D 26 -6.62 52.26 30.00
CA GLY D 26 -7.56 51.46 29.24
C GLY D 26 -6.91 50.53 28.22
N ILE D 27 -6.17 51.11 27.27
CA ILE D 27 -5.52 50.32 26.23
C ILE D 27 -4.29 49.64 26.80
N ALA D 28 -3.73 48.69 26.05
CA ALA D 28 -2.52 47.99 26.43
C ALA D 28 -1.43 48.25 25.40
N LEU D 29 -0.18 48.06 25.84
CA LEU D 29 0.95 48.26 24.96
C LEU D 29 1.19 47.01 24.11
N HIS D 30 2.32 46.99 23.40
CA HIS D 30 2.74 45.99 22.39
C HIS D 30 1.66 45.70 21.35
N THR D 31 0.70 46.60 21.18
CA THR D 31 -0.28 46.56 20.09
C THR D 31 -0.33 47.93 19.44
N HIS D 32 -0.10 48.98 20.23
CA HIS D 32 -0.12 50.36 19.77
C HIS D 32 1.30 50.83 19.49
N ALA D 33 1.42 52.06 18.98
CA ALA D 33 2.71 52.70 18.80
C ALA D 33 2.75 53.93 19.68
N THR D 34 3.81 54.07 20.48
CA THR D 34 3.88 55.09 21.51
C THR D 34 5.02 56.05 21.22
N GLY D 35 4.71 57.35 21.19
CA GLY D 35 5.71 58.37 20.95
C GLY D 35 5.69 59.44 22.02
N TRP D 36 6.76 60.23 22.05
CA TRP D 36 6.91 61.35 22.96
C TRP D 36 7.05 62.64 22.18
N PHE D 37 6.32 63.67 22.61
CA PHE D 37 6.38 64.99 21.98
C PHE D 37 6.65 66.04 23.05
N ARG D 38 7.61 66.91 22.78
CA ARG D 38 7.98 67.95 23.73
C ARG D 38 7.59 69.32 23.20
N GLN D 39 7.23 70.21 24.12
CA GLN D 39 6.84 71.57 23.78
C GLN D 39 7.48 72.54 24.77
N ALA D 40 7.98 73.65 24.25
CA ALA D 40 8.54 74.72 25.05
C ALA D 40 7.87 76.03 24.70
N PRO D 41 7.79 76.99 25.62
CA PRO D 41 7.22 78.30 25.30
C PRO D 41 8.03 79.01 24.22
N GLY D 42 7.33 79.67 23.31
CA GLY D 42 7.95 80.36 22.21
C GLY D 42 8.18 79.53 20.96
N LYS D 43 7.85 78.24 20.99
CA LYS D 43 8.04 77.38 19.83
C LYS D 43 6.96 76.31 19.81
N GLU D 44 6.84 75.65 18.66
CA GLU D 44 5.83 74.64 18.41
C GLU D 44 6.36 73.24 18.76
N ARG D 45 5.43 72.32 19.00
CA ARG D 45 5.77 71.02 19.57
C ARG D 45 6.51 70.12 18.58
N GLU D 46 7.55 69.45 19.07
CA GLU D 46 8.39 68.58 18.25
C GLU D 46 8.51 67.23 18.94
N GLY D 47 8.47 66.16 18.14
CA GLY D 47 8.57 64.82 18.67
C GLY D 47 9.94 64.49 19.22
N VAL D 48 10.01 63.39 19.96
CA VAL D 48 11.23 62.96 20.61
C VAL D 48 11.62 61.56 20.14
N SER D 49 10.77 60.58 20.41
CA SER D 49 11.08 59.19 20.09
C SER D 49 9.78 58.41 19.96
N CYS D 50 9.89 57.20 19.42
CA CYS D 50 8.74 56.33 19.19
C CYS D 50 9.13 54.87 19.32
N ILE D 51 8.14 54.05 19.67
CA ILE D 51 8.22 52.59 19.62
C ILE D 51 7.03 52.09 18.83
N SER D 52 7.28 51.19 17.88
CA SER D 52 6.23 50.59 17.06
C SER D 52 5.49 49.50 17.85
N SER D 53 4.61 48.78 17.15
CA SER D 53 3.73 47.83 17.84
C SER D 53 4.44 46.53 18.17
N GLY D 54 4.90 45.80 17.15
CA GLY D 54 5.53 44.51 17.36
C GLY D 54 7.03 44.67 17.59
N ASP D 55 7.53 44.03 18.65
CA ASP D 55 8.93 44.06 19.08
C ASP D 55 9.38 45.48 19.40
N GLY D 56 9.45 46.35 18.40
CA GLY D 56 9.74 47.75 18.62
C GLY D 56 11.00 48.23 17.94
N THR D 57 10.84 49.00 16.88
CA THR D 57 11.95 49.68 16.23
C THR D 57 12.02 51.10 16.77
N THR D 58 13.13 51.44 17.41
CA THR D 58 13.27 52.71 18.09
C THR D 58 13.76 53.77 17.10
N TYR D 59 12.97 54.81 16.90
CA TYR D 59 13.34 55.94 16.06
C TYR D 59 13.60 57.16 16.94
N TYR D 60 14.61 57.93 16.59
CA TYR D 60 15.00 59.09 17.36
C TYR D 60 15.17 60.29 16.44
N GLU D 61 14.97 61.49 16.98
CA GLU D 61 15.07 62.71 16.21
C GLU D 61 16.53 63.11 16.04
N ASP D 62 16.76 64.20 15.30
CA ASP D 62 18.12 64.62 15.00
C ASP D 62 18.80 65.25 16.22
N SER D 63 18.05 66.01 17.01
CA SER D 63 18.64 66.72 18.15
C SER D 63 18.85 65.82 19.36
N VAL D 64 18.25 64.63 19.39
CA VAL D 64 18.28 63.78 20.57
C VAL D 64 18.92 62.42 20.28
N GLU D 65 19.69 62.32 19.19
CA GLU D 65 20.35 61.07 18.88
C GLU D 65 21.52 60.82 19.82
N GLY D 66 21.69 59.56 20.23
CA GLY D 66 22.78 59.15 21.07
C GLY D 66 22.63 59.44 22.55
N ARG D 67 21.81 60.43 22.92
CA ARG D 67 21.63 60.81 24.31
C ARG D 67 20.39 60.20 24.95
N PHE D 68 19.27 60.17 24.23
CA PHE D 68 18.00 59.74 24.79
C PHE D 68 17.73 58.30 24.37
N THR D 69 17.21 57.50 25.30
CA THR D 69 16.81 56.13 25.01
C THR D 69 15.34 55.93 25.40
N ILE D 70 14.69 54.99 24.71
CA ILE D 70 13.30 54.66 24.97
C ILE D 70 13.21 53.15 25.17
N SER D 71 12.33 52.74 26.08
CA SER D 71 12.10 51.32 26.35
C SER D 71 10.64 51.12 26.69
N ARG D 72 10.18 49.87 26.56
CA ARG D 72 8.78 49.55 26.84
C ARG D 72 8.73 48.25 27.64
N ASP D 73 8.09 48.29 28.81
CA ASP D 73 7.94 47.13 29.68
C ASP D 73 6.48 46.72 29.67
N ASN D 74 6.19 45.55 29.09
CA ASN D 74 4.83 45.02 29.08
C ASN D 74 4.45 44.36 30.39
N ALA D 75 5.44 44.09 31.26
CA ALA D 75 5.12 43.53 32.58
C ALA D 75 4.44 44.56 33.47
N LYS D 76 4.75 45.85 33.27
CA LYS D 76 4.08 46.94 33.96
C LYS D 76 3.24 47.80 33.04
N ASN D 77 3.21 47.49 31.73
CA ASN D 77 2.49 48.25 30.71
C ASN D 77 2.91 49.72 30.70
N THR D 78 4.22 49.95 30.78
CA THR D 78 4.75 51.30 30.95
C THR D 78 5.88 51.53 29.96
N VAL D 79 5.84 52.68 29.29
CA VAL D 79 6.93 53.11 28.42
C VAL D 79 7.82 54.07 29.21
N TYR D 80 9.14 53.93 29.04
CA TYR D 80 10.13 54.64 29.82
C TYR D 80 11.04 55.43 28.88
N LEU D 81 11.11 56.74 29.09
CA LEU D 81 12.05 57.62 28.39
C LEU D 81 13.18 57.94 29.34
N GLN D 82 14.37 57.44 29.03
CA GLN D 82 15.57 57.72 29.81
C GLN D 82 16.36 58.80 29.10
N MET D 83 16.50 59.96 29.73
CA MET D 83 17.27 61.05 29.14
C MET D 83 18.47 61.39 30.02
N ASN D 84 19.64 61.52 29.39
CA ASN D 84 20.90 61.71 30.07
C ASN D 84 21.66 62.84 29.38
N SER D 85 22.55 63.49 30.15
CA SER D 85 23.42 64.57 29.67
C SER D 85 22.61 65.71 29.05
N LEU D 86 21.77 66.32 29.87
CA LEU D 86 20.83 67.32 29.39
C LEU D 86 21.51 68.68 29.26
N LYS D 87 21.28 69.33 28.12
CA LYS D 87 21.76 70.69 27.90
C LYS D 87 20.70 71.69 28.29
N LEU D 88 21.06 72.98 28.26
CA LEU D 88 20.20 74.02 28.79
C LEU D 88 18.98 74.31 27.92
N GLU D 89 18.96 73.82 26.68
CA GLU D 89 17.84 74.05 25.78
C GLU D 89 16.75 72.99 25.88
N ASP D 90 16.88 72.04 26.81
CA ASP D 90 15.93 70.95 26.95
C ASP D 90 14.83 71.24 27.97
N THR D 91 14.68 72.49 28.41
CA THR D 91 13.61 72.86 29.35
C THR D 91 12.27 72.83 28.62
N ALA D 92 11.43 71.85 28.94
CA ALA D 92 10.21 71.67 28.17
C ALA D 92 9.21 70.80 28.93
N VAL D 93 7.98 70.77 28.42
CA VAL D 93 6.96 69.86 28.90
C VAL D 93 6.84 68.70 27.91
N TYR D 94 6.74 67.49 28.43
CA TYR D 94 6.73 66.27 27.62
C TYR D 94 5.37 65.59 27.72
N TYR D 95 4.88 65.13 26.57
CA TYR D 95 3.62 64.41 26.46
C TYR D 95 3.89 63.05 25.85
N CYS D 96 3.25 62.02 26.39
CA CYS D 96 3.25 60.70 25.79
C CYS D 96 1.95 60.52 25.02
N ALA D 97 2.04 59.85 23.87
CA ALA D 97 0.88 59.68 23.02
C ALA D 97 0.90 58.31 22.37
N ALA D 98 -0.27 57.68 22.26
CA ALA D 98 -0.41 56.36 21.69
C ALA D 98 -1.28 56.44 20.43
N ASP D 99 -0.90 55.67 19.41
CA ASP D 99 -1.62 55.67 18.16
C ASP D 99 -1.85 54.22 17.72
N PRO D 100 -2.98 53.93 17.08
CA PRO D 100 -3.20 52.58 16.55
C PRO D 100 -2.25 52.25 15.41
N GLY D 101 -1.89 50.97 15.34
CA GLY D 101 -1.05 50.45 14.28
C GLY D 101 0.42 50.81 14.47
N ALA D 102 1.24 50.26 13.57
CA ALA D 102 2.66 50.60 13.52
C ALA D 102 2.81 51.89 12.71
N VAL D 103 2.52 53.01 13.38
CA VAL D 103 2.37 54.27 12.68
C VAL D 103 3.73 54.93 12.41
N CYS D 104 4.75 54.63 13.21
CA CYS D 104 6.02 55.32 13.12
C CYS D 104 6.87 54.72 12.00
N HIS D 105 7.03 55.48 10.92
CA HIS D 105 7.84 55.15 9.74
C HIS D 105 7.37 53.84 9.10
N SER D 106 6.15 53.90 8.56
CA SER D 106 5.59 52.84 7.73
C SER D 106 5.27 53.45 6.38
N GLY D 107 6.04 53.10 5.36
CA GLY D 107 5.90 53.71 4.05
C GLY D 107 6.61 55.04 3.95
N SER D 108 5.97 56.02 3.31
CA SER D 108 6.52 57.37 3.20
C SER D 108 6.08 58.28 4.33
N TYR D 109 5.39 57.73 5.33
CA TYR D 109 4.85 58.52 6.43
C TYR D 109 5.79 58.44 7.63
N TYR D 110 5.81 59.50 8.43
CA TYR D 110 6.68 59.56 9.60
C TYR D 110 5.97 60.34 10.69
N TYR D 111 6.33 60.07 11.95
CA TYR D 111 5.54 60.52 13.09
C TYR D 111 5.80 61.97 13.49
N THR D 112 6.44 62.78 12.64
CA THR D 112 6.56 64.22 12.92
C THR D 112 5.18 64.88 12.92
N ASP D 113 4.29 64.45 12.03
CA ASP D 113 2.93 64.96 11.99
C ASP D 113 2.19 64.51 13.25
N ASP D 114 1.91 65.46 14.15
CA ASP D 114 1.23 65.17 15.41
C ASP D 114 -0.25 64.96 15.13
N ASP D 115 -0.65 63.70 14.97
CA ASP D 115 -2.05 63.34 14.77
C ASP D 115 -2.42 62.09 15.56
N PHE D 116 -1.78 61.88 16.70
CA PHE D 116 -2.03 60.68 17.49
C PHE D 116 -3.40 60.75 18.16
N TYR D 117 -4.06 59.60 18.27
CA TYR D 117 -5.43 59.58 18.75
C TYR D 117 -5.50 59.85 20.25
N TYR D 118 -4.63 59.22 21.04
CA TYR D 118 -4.59 59.41 22.48
C TYR D 118 -3.52 60.42 22.85
N ARG D 119 -3.83 61.24 23.86
CA ARG D 119 -2.89 62.24 24.36
C ARG D 119 -2.72 62.15 25.87
N GLY D 120 -2.02 63.11 26.45
CA GLY D 120 -1.80 63.16 27.89
C GLY D 120 -1.63 64.58 28.36
N GLN D 121 -1.51 64.74 29.67
CA GLN D 121 -1.36 66.08 30.25
C GLN D 121 0.09 66.55 30.25
N GLY D 122 1.05 65.64 30.24
CA GLY D 122 2.45 65.99 30.15
C GLY D 122 3.03 66.43 31.49
N THR D 123 4.36 66.33 31.59
CA THR D 123 5.10 66.75 32.78
C THR D 123 6.20 67.71 32.37
N GLN D 124 6.47 68.69 33.23
CA GLN D 124 7.48 69.70 32.97
C GLN D 124 8.83 69.26 33.51
N VAL D 125 9.88 69.45 32.71
CA VAL D 125 11.25 69.27 33.14
C VAL D 125 12.02 70.56 32.88
N THR D 126 12.86 70.93 33.85
CA THR D 126 13.56 72.21 33.86
C THR D 126 15.03 71.96 34.20
N VAL D 127 15.91 72.43 33.31
CA VAL D 127 17.35 72.47 33.56
C VAL D 127 17.76 73.91 33.81
N SER D 128 18.44 74.14 34.93
CA SER D 128 18.85 75.49 35.33
C SER D 128 19.96 75.37 36.36
N SER D 129 20.60 76.50 36.62
CA SER D 129 21.65 76.57 37.63
C SER D 129 21.19 77.41 38.82
N GLN E 1 0.45 59.29 -33.32
CA GLN E 1 -0.61 60.19 -33.75
C GLN E 1 -1.72 60.25 -32.70
N VAL E 2 -1.40 59.79 -31.49
CA VAL E 2 -2.34 59.81 -30.38
C VAL E 2 -2.46 61.23 -29.84
N GLN E 3 -3.68 61.72 -29.71
CA GLN E 3 -3.95 63.03 -29.13
C GLN E 3 -4.60 62.87 -27.76
N LEU E 4 -4.26 63.80 -26.87
CA LEU E 4 -4.89 63.93 -25.55
C LEU E 4 -5.65 65.25 -25.53
N GLN E 5 -6.97 65.17 -25.39
CA GLN E 5 -7.83 66.35 -25.53
C GLN E 5 -8.37 66.76 -24.16
N GLU E 6 -8.30 68.06 -23.87
CA GLU E 6 -8.75 68.59 -22.59
C GLU E 6 -10.02 69.42 -22.78
N SER E 7 -10.84 69.45 -21.73
CA SER E 7 -12.06 70.23 -21.73
C SER E 7 -12.32 70.73 -20.31
N GLY E 8 -12.77 71.98 -20.22
CA GLY E 8 -13.07 72.63 -18.96
C GLY E 8 -12.42 73.99 -18.90
N GLY E 9 -12.28 74.50 -17.68
CA GLY E 9 -11.63 75.79 -17.47
C GLY E 9 -12.56 76.94 -17.77
N GLY E 10 -11.98 78.15 -17.65
CA GLY E 10 -12.69 79.38 -17.91
C GLY E 10 -12.60 80.31 -16.73
N LEU E 11 -13.56 81.23 -16.66
CA LEU E 11 -13.64 82.23 -15.59
C LEU E 11 -14.48 81.65 -14.46
N VAL E 12 -13.87 81.44 -13.30
CA VAL E 12 -14.57 80.95 -12.12
C VAL E 12 -14.24 81.86 -10.93
N GLN E 13 -15.27 82.13 -10.13
CA GLN E 13 -15.07 82.95 -8.94
C GLN E 13 -14.25 82.18 -7.90
N PRO E 14 -13.43 82.87 -7.12
CA PRO E 14 -12.76 82.23 -5.98
C PRO E 14 -13.78 81.61 -5.02
N GLY E 15 -13.45 80.42 -4.53
CA GLY E 15 -14.37 79.63 -3.75
C GLY E 15 -15.29 78.74 -4.56
N GLY E 16 -15.17 78.75 -5.89
CA GLY E 16 -15.99 77.92 -6.74
C GLY E 16 -15.40 76.54 -6.95
N SER E 17 -15.97 75.83 -7.93
CA SER E 17 -15.56 74.47 -8.24
C SER E 17 -15.59 74.25 -9.75
N LEU E 18 -14.69 73.39 -10.23
CA LEU E 18 -14.62 73.05 -11.64
C LEU E 18 -14.21 71.59 -11.80
N ARG E 19 -14.43 71.05 -13.00
CA ARG E 19 -14.06 69.67 -13.31
C ARG E 19 -13.38 69.63 -14.67
N LEU E 20 -12.05 69.62 -14.67
CA LEU E 20 -11.29 69.44 -15.90
C LEU E 20 -11.33 67.98 -16.32
N SER E 21 -11.38 67.75 -17.63
CA SER E 21 -11.42 66.40 -18.16
C SER E 21 -10.38 66.24 -19.26
N CYS E 22 -9.63 65.15 -19.22
CA CYS E 22 -8.68 64.80 -20.27
C CYS E 22 -9.02 63.43 -20.81
N THR E 23 -9.16 63.34 -22.14
CA THR E 23 -9.59 62.14 -22.83
C THR E 23 -8.50 61.72 -23.81
N ALA E 24 -8.16 60.43 -23.79
CA ALA E 24 -7.15 59.88 -24.68
C ALA E 24 -7.83 59.30 -25.92
N SER E 25 -7.35 59.72 -27.09
CA SER E 25 -7.94 59.25 -28.35
C SER E 25 -7.37 57.89 -28.75
N GLY E 26 -6.05 57.82 -28.96
CA GLY E 26 -5.43 56.59 -29.40
C GLY E 26 -5.20 55.58 -28.30
N ILE E 27 -4.45 55.98 -27.27
CA ILE E 27 -4.12 55.08 -26.16
C ILE E 27 -5.33 54.93 -25.25
N ALA E 28 -5.28 53.94 -24.36
CA ALA E 28 -6.32 53.71 -23.37
C ALA E 28 -5.77 53.96 -21.97
N LEU E 29 -6.68 54.20 -21.03
CA LEU E 29 -6.31 54.39 -19.64
C LEU E 29 -6.13 53.03 -18.96
N HIS E 30 -5.94 53.05 -17.64
CA HIS E 30 -5.63 51.92 -16.75
C HIS E 30 -4.45 51.07 -17.26
N THR E 31 -3.62 51.61 -18.14
CA THR E 31 -2.37 51.05 -18.63
C THR E 31 -1.23 52.04 -18.52
N HIS E 32 -1.49 53.33 -18.76
CA HIS E 32 -0.52 54.39 -18.56
C HIS E 32 -0.68 55.00 -17.17
N ALA E 33 0.26 55.85 -16.82
CA ALA E 33 0.15 56.74 -15.66
C ALA E 33 -0.13 58.14 -16.18
N THR E 34 -1.18 58.76 -15.64
CA THR E 34 -1.66 60.05 -16.12
C THR E 34 -1.43 61.11 -15.06
N GLY E 35 -0.80 62.21 -15.46
CA GLY E 35 -0.56 63.32 -14.56
C GLY E 35 -1.06 64.63 -15.15
N TRP E 36 -1.23 65.58 -14.25
CA TRP E 36 -1.61 66.95 -14.61
C TRP E 36 -0.49 67.90 -14.23
N PHE E 37 -0.16 68.80 -15.15
CA PHE E 37 0.85 69.83 -14.91
C PHE E 37 0.21 71.20 -15.10
N ARG E 38 0.79 72.20 -14.43
CA ARG E 38 0.24 73.54 -14.40
C ARG E 38 1.36 74.54 -14.68
N GLN E 39 1.13 75.45 -15.61
CA GLN E 39 2.10 76.48 -15.95
C GLN E 39 1.45 77.85 -15.82
N ALA E 40 2.11 78.76 -15.10
CA ALA E 40 1.75 80.13 -14.82
C ALA E 40 2.60 81.10 -15.65
N PRO E 41 2.08 82.27 -16.00
CA PRO E 41 2.89 83.27 -16.70
C PRO E 41 4.01 83.78 -15.82
N GLY E 42 5.22 83.81 -16.38
CA GLY E 42 6.39 84.25 -15.64
C GLY E 42 6.95 83.23 -14.68
N LYS E 43 6.47 81.99 -14.70
CA LYS E 43 6.93 80.93 -13.81
C LYS E 43 7.22 79.68 -14.62
N GLU E 44 7.69 78.64 -13.93
CA GLU E 44 8.03 77.37 -14.55
C GLU E 44 6.97 76.33 -14.18
N ARG E 45 6.76 75.38 -15.10
CA ARG E 45 5.64 74.46 -14.99
C ARG E 45 5.81 73.47 -13.83
N GLU E 46 4.73 73.24 -13.10
CA GLU E 46 4.72 72.37 -11.93
C GLU E 46 3.53 71.43 -12.02
N GLY E 47 3.72 70.18 -11.59
CA GLY E 47 2.67 69.19 -11.66
C GLY E 47 1.54 69.46 -10.68
N VAL E 48 0.47 68.69 -10.84
CA VAL E 48 -0.73 68.83 -10.00
C VAL E 48 -1.03 67.53 -9.29
N SER E 49 -1.31 66.47 -10.06
CA SER E 49 -1.68 65.19 -9.48
C SER E 49 -1.35 64.08 -10.46
N CYS E 50 -1.33 62.85 -9.96
CA CYS E 50 -1.00 61.70 -10.79
C CYS E 50 -1.74 60.45 -10.33
N ILE E 51 -2.11 59.62 -11.31
CA ILE E 51 -2.63 58.27 -11.09
C ILE E 51 -1.74 57.30 -11.86
N SER E 52 -1.34 56.22 -11.20
CA SER E 52 -0.50 55.20 -11.83
C SER E 52 -1.37 54.26 -12.68
N SER E 53 -0.78 53.16 -13.14
CA SER E 53 -1.44 52.31 -14.13
C SER E 53 -2.44 51.35 -13.49
N GLY E 54 -1.96 50.43 -12.65
CA GLY E 54 -2.84 49.43 -12.05
C GLY E 54 -3.52 50.00 -10.83
N ASP E 55 -4.86 49.94 -10.82
CA ASP E 55 -5.73 50.60 -9.84
C ASP E 55 -5.44 52.10 -9.80
N GLY E 56 -4.30 52.47 -9.21
CA GLY E 56 -3.77 53.80 -9.34
C GLY E 56 -3.79 54.61 -8.06
N THR E 57 -2.64 54.64 -7.37
CA THR E 57 -2.51 55.47 -6.19
C THR E 57 -2.43 56.93 -6.60
N THR E 58 -3.23 57.76 -5.94
CA THR E 58 -3.32 59.18 -6.29
C THR E 58 -2.26 59.95 -5.55
N TYR E 59 -1.40 60.65 -6.28
CA TYR E 59 -0.36 61.48 -5.69
C TYR E 59 -0.63 62.95 -5.98
N TYR E 60 -0.41 63.79 -4.98
CA TYR E 60 -0.72 65.21 -5.04
C TYR E 60 0.52 65.99 -4.60
N GLU E 61 0.53 67.28 -4.97
CA GLU E 61 1.63 68.16 -4.58
C GLU E 61 1.42 68.69 -3.16
N ASP E 62 2.37 69.49 -2.70
CA ASP E 62 2.30 70.06 -1.36
C ASP E 62 1.29 71.19 -1.25
N SER E 63 1.13 72.00 -2.30
CA SER E 63 0.26 73.17 -2.26
C SER E 63 -1.18 72.85 -2.64
N VAL E 64 -1.48 71.62 -3.08
CA VAL E 64 -2.81 71.26 -3.54
C VAL E 64 -3.43 70.15 -2.71
N GLU E 65 -2.86 69.85 -1.54
CA GLU E 65 -3.39 68.78 -0.71
C GLU E 65 -4.69 69.20 -0.03
N GLY E 66 -5.66 68.29 -0.01
CA GLY E 66 -6.91 68.51 0.67
C GLY E 66 -7.95 69.30 -0.09
N ARG E 67 -7.62 69.81 -1.27
CA ARG E 67 -8.55 70.62 -2.07
C ARG E 67 -8.84 70.00 -3.42
N PHE E 68 -7.82 69.55 -4.14
CA PHE E 68 -7.95 69.05 -5.50
C PHE E 68 -8.07 67.54 -5.45
N THR E 69 -8.98 66.97 -6.24
CA THR E 69 -9.05 65.52 -6.31
C THR E 69 -8.88 65.06 -7.75
N ILE E 70 -8.57 63.78 -7.92
CA ILE E 70 -8.39 63.17 -9.23
C ILE E 70 -9.13 61.83 -9.26
N SER E 71 -9.71 61.51 -10.41
CA SER E 71 -10.39 60.23 -10.61
C SER E 71 -10.21 59.81 -12.06
N ARG E 72 -10.42 58.53 -12.32
CA ARG E 72 -10.22 57.98 -13.66
C ARG E 72 -11.37 57.05 -13.99
N ASP E 73 -12.11 57.37 -15.05
CA ASP E 73 -13.23 56.55 -15.51
C ASP E 73 -12.78 55.81 -16.76
N ASN E 74 -12.69 54.48 -16.65
CA ASN E 74 -12.28 53.65 -17.78
C ASN E 74 -13.43 53.37 -18.74
N ALA E 75 -14.68 53.61 -18.33
CA ALA E 75 -15.81 53.42 -19.24
C ALA E 75 -15.79 54.47 -20.35
N LYS E 76 -15.56 55.73 -20.00
CA LYS E 76 -15.42 56.80 -20.97
C LYS E 76 -13.97 57.12 -21.29
N ASN E 77 -13.02 56.39 -20.71
CA ASN E 77 -11.58 56.54 -20.95
C ASN E 77 -11.10 57.96 -20.67
N THR E 78 -11.60 58.55 -19.58
CA THR E 78 -11.39 59.96 -19.30
C THR E 78 -10.91 60.13 -17.86
N VAL E 79 -9.90 60.97 -17.67
CA VAL E 79 -9.43 61.33 -16.32
C VAL E 79 -10.03 62.68 -15.95
N TYR E 80 -10.47 62.80 -14.70
CA TYR E 80 -11.22 63.96 -14.21
C TYR E 80 -10.48 64.57 -13.02
N LEU E 81 -10.24 65.87 -13.10
CA LEU E 81 -9.57 66.64 -12.05
C LEU E 81 -10.56 67.63 -11.46
N GLN E 82 -10.82 67.49 -10.16
CA GLN E 82 -11.85 68.25 -9.46
C GLN E 82 -11.19 69.40 -8.69
N MET E 83 -11.45 70.62 -9.17
CA MET E 83 -11.09 71.87 -8.50
C MET E 83 -12.14 72.20 -7.44
N ASN E 84 -11.72 72.23 -6.17
CA ASN E 84 -12.55 72.70 -5.07
C ASN E 84 -11.77 73.71 -4.25
N SER E 85 -12.47 74.76 -3.79
CA SER E 85 -11.92 75.80 -2.92
C SER E 85 -10.71 76.49 -3.57
N LEU E 86 -10.98 77.16 -4.69
CA LEU E 86 -9.92 77.82 -5.44
C LEU E 86 -9.57 79.17 -4.82
N LYS E 87 -8.27 79.40 -4.61
CA LYS E 87 -7.76 80.69 -4.17
C LYS E 87 -7.48 81.55 -5.40
N LEU E 88 -6.74 82.64 -5.22
CA LEU E 88 -6.53 83.61 -6.29
C LEU E 88 -5.29 83.30 -7.13
N GLU E 89 -4.34 82.53 -6.61
CA GLU E 89 -3.00 82.42 -7.19
C GLU E 89 -2.94 81.39 -8.33
N ASP E 90 -3.99 80.60 -8.56
CA ASP E 90 -3.96 79.52 -9.53
C ASP E 90 -4.54 79.95 -10.88
N THR E 91 -4.32 81.20 -11.27
CA THR E 91 -4.76 81.73 -12.57
C THR E 91 -3.72 81.36 -13.61
N ALA E 92 -3.92 80.22 -14.28
CA ALA E 92 -2.86 79.65 -15.10
C ALA E 92 -3.44 78.65 -16.08
N VAL E 93 -2.58 77.96 -16.82
CA VAL E 93 -2.99 76.99 -17.84
C VAL E 93 -2.62 75.59 -17.35
N TYR E 94 -3.50 74.63 -17.63
CA TYR E 94 -3.34 73.25 -17.19
C TYR E 94 -3.17 72.33 -18.41
N TYR E 95 -2.30 71.33 -18.25
CA TYR E 95 -2.03 70.32 -19.27
C TYR E 95 -2.20 68.95 -18.65
N CYS E 96 -2.66 68.00 -19.46
CA CYS E 96 -2.70 66.59 -19.06
C CYS E 96 -1.67 65.82 -19.88
N ALA E 97 -1.05 64.81 -19.26
CA ALA E 97 -0.03 64.04 -19.93
C ALA E 97 -0.09 62.60 -19.43
N ALA E 98 0.45 61.69 -20.24
CA ALA E 98 0.47 60.28 -19.92
C ALA E 98 1.85 59.69 -20.22
N ASP E 99 2.19 58.62 -19.50
CA ASP E 99 3.47 57.95 -19.68
C ASP E 99 3.28 56.46 -19.43
N PRO E 100 3.88 55.59 -20.24
CA PRO E 100 3.71 54.16 -20.03
C PRO E 100 4.34 53.69 -18.72
N GLY E 101 3.69 52.72 -18.09
CA GLY E 101 4.15 52.16 -16.84
C GLY E 101 3.76 52.99 -15.63
N ALA E 102 3.91 52.38 -14.46
CA ALA E 102 3.67 53.06 -13.19
C ALA E 102 4.89 53.91 -12.86
N VAL E 103 4.85 55.17 -13.28
CA VAL E 103 6.03 56.03 -13.22
C VAL E 103 6.03 56.96 -12.01
N CYS E 104 4.85 57.30 -11.47
CA CYS E 104 4.76 58.30 -10.41
C CYS E 104 5.12 57.65 -9.07
N HIS E 105 6.27 58.07 -8.52
CA HIS E 105 6.77 57.69 -7.19
C HIS E 105 6.92 56.18 -7.05
N SER E 106 7.87 55.65 -7.82
CA SER E 106 8.33 54.27 -7.68
C SER E 106 9.83 54.35 -7.42
N GLY E 107 10.19 54.49 -6.15
CA GLY E 107 11.57 54.71 -5.77
C GLY E 107 11.85 56.16 -5.44
N SER E 108 13.07 56.63 -5.70
CA SER E 108 13.43 58.03 -5.46
C SER E 108 13.19 58.89 -6.69
N TYR E 109 11.98 58.78 -7.25
CA TYR E 109 11.56 59.56 -8.40
C TYR E 109 10.18 60.12 -8.11
N TYR E 110 9.86 61.25 -8.75
CA TYR E 110 8.58 61.89 -8.52
C TYR E 110 8.23 62.66 -9.78
N TYR E 111 6.93 62.80 -10.06
CA TYR E 111 6.47 63.33 -11.36
C TYR E 111 6.69 64.85 -11.53
N THR E 112 7.42 65.54 -10.65
CA THR E 112 7.81 66.92 -10.92
C THR E 112 8.71 67.01 -12.14
N ASP E 113 9.57 66.01 -12.35
CA ASP E 113 10.42 65.95 -13.54
C ASP E 113 9.54 65.68 -14.75
N ASP E 114 9.37 66.71 -15.60
CA ASP E 114 8.53 66.61 -16.78
C ASP E 114 9.30 65.91 -17.89
N ASP E 115 9.01 64.62 -18.08
CA ASP E 115 9.59 63.86 -19.18
C ASP E 115 8.55 62.95 -19.82
N PHE E 116 7.27 63.31 -19.73
CA PHE E 116 6.21 62.49 -20.27
C PHE E 116 6.19 62.58 -21.79
N TYR E 117 5.81 61.47 -22.44
CA TYR E 117 5.83 61.41 -23.89
C TYR E 117 4.62 62.09 -24.51
N TYR E 118 3.42 61.61 -24.19
CA TYR E 118 2.21 62.23 -24.67
C TYR E 118 1.95 63.55 -23.96
N ARG E 119 1.50 64.56 -24.72
CA ARG E 119 1.17 65.86 -24.17
C ARG E 119 -0.19 66.34 -24.65
N GLY E 120 -0.54 67.58 -24.32
CA GLY E 120 -1.83 68.14 -24.71
C GLY E 120 -1.75 69.63 -24.92
N GLN E 121 -2.83 70.19 -25.46
CA GLN E 121 -2.87 71.62 -25.76
C GLN E 121 -3.04 72.44 -24.49
N GLY E 122 -3.87 71.99 -23.57
CA GLY E 122 -4.06 72.68 -22.30
C GLY E 122 -5.23 73.64 -22.32
N THR E 123 -5.80 73.86 -21.13
CA THR E 123 -6.93 74.78 -20.97
C THR E 123 -6.61 75.81 -19.90
N GLN E 124 -7.19 77.01 -20.06
CA GLN E 124 -6.92 78.13 -19.18
C GLN E 124 -7.96 78.20 -18.08
N VAL E 125 -7.50 78.28 -16.83
CA VAL E 125 -8.36 78.45 -15.66
C VAL E 125 -8.01 79.80 -15.03
N THR E 126 -9.01 80.65 -14.87
CA THR E 126 -8.82 82.01 -14.40
C THR E 126 -9.78 82.32 -13.26
N VAL E 127 -9.24 82.81 -12.15
CA VAL E 127 -10.02 83.31 -11.03
C VAL E 127 -9.81 84.82 -10.92
N SER E 128 -10.92 85.54 -10.83
CA SER E 128 -10.88 87.00 -10.73
C SER E 128 -12.19 87.49 -10.13
N SER E 129 -12.17 88.75 -9.69
CA SER E 129 -13.38 89.37 -9.13
C SER E 129 -13.87 90.48 -10.05
N GLN F 1 52.92 60.55 38.32
CA GLN F 1 54.09 61.39 38.06
C GLN F 1 53.74 62.45 37.02
N VAL F 2 52.46 62.78 36.92
CA VAL F 2 51.99 63.79 35.99
C VAL F 2 52.26 65.17 36.59
N GLN F 3 52.93 66.04 35.83
CA GLN F 3 53.17 67.42 36.24
C GLN F 3 52.36 68.37 35.37
N LEU F 4 52.05 69.54 35.93
CA LEU F 4 51.38 70.62 35.23
C LEU F 4 52.31 71.83 35.24
N GLN F 5 52.68 72.32 34.07
CA GLN F 5 53.64 73.42 33.94
C GLN F 5 52.92 74.72 33.62
N GLU F 6 53.33 75.79 34.30
CA GLU F 6 52.77 77.12 34.11
C GLU F 6 53.82 78.06 33.54
N SER F 7 53.37 78.95 32.64
CA SER F 7 54.23 79.95 32.04
C SER F 7 53.47 81.26 31.91
N GLY F 8 54.16 82.36 32.19
CA GLY F 8 53.60 83.70 32.11
C GLY F 8 53.89 84.46 33.38
N GLY F 9 53.10 85.52 33.61
CA GLY F 9 53.25 86.32 34.80
C GLY F 9 54.39 87.31 34.72
N GLY F 10 54.60 88.02 35.82
CA GLY F 10 55.64 89.01 35.91
C GLY F 10 55.14 90.38 36.33
N LEU F 11 55.91 91.42 36.02
CA LEU F 11 55.55 92.80 36.35
C LEU F 11 54.74 93.36 35.19
N VAL F 12 53.48 93.67 35.44
CA VAL F 12 52.61 94.25 34.41
C VAL F 12 51.97 95.52 34.96
N GLN F 13 51.96 96.57 34.16
CA GLN F 13 51.35 97.83 34.55
C GLN F 13 49.83 97.65 34.64
N PRO F 14 49.17 98.33 35.58
CA PRO F 14 47.70 98.34 35.60
C PRO F 14 47.12 98.86 34.29
N GLY F 15 46.05 98.20 33.85
CA GLY F 15 45.49 98.46 32.54
C GLY F 15 46.13 97.66 31.42
N GLY F 16 47.10 96.80 31.73
CA GLY F 16 47.76 95.98 30.74
C GLY F 16 47.02 94.67 30.49
N SER F 17 47.71 93.77 29.79
CA SER F 17 47.15 92.48 29.44
C SER F 17 48.23 91.41 29.50
N LEU F 18 47.81 90.19 29.84
CA LEU F 18 48.73 89.05 29.90
C LEU F 18 48.00 87.79 29.44
N ARG F 19 48.76 86.70 29.33
CA ARG F 19 48.20 85.41 28.94
C ARG F 19 48.99 84.31 29.66
N LEU F 20 48.44 83.82 30.77
CA LEU F 20 49.00 82.67 31.46
C LEU F 20 48.69 81.40 30.68
N SER F 21 49.61 80.45 30.69
CA SER F 21 49.42 79.18 30.00
C SER F 21 49.77 78.03 30.93
N CYS F 22 48.92 77.01 30.96
CA CYS F 22 49.18 75.79 31.71
C CYS F 22 49.13 74.59 30.77
N THR F 23 50.18 73.78 30.80
CA THR F 23 50.35 72.64 29.92
C THR F 23 50.44 71.37 30.76
N ALA F 24 49.67 70.35 30.38
CA ALA F 24 49.70 69.06 31.05
C ALA F 24 50.71 68.15 30.36
N SER F 25 51.53 67.47 31.16
CA SER F 25 52.56 66.57 30.61
C SER F 25 52.03 65.14 30.48
N GLY F 26 51.59 64.56 31.58
CA GLY F 26 51.11 63.19 31.56
C GLY F 26 49.71 63.05 31.01
N ILE F 27 48.73 63.69 31.66
CA ILE F 27 47.33 63.60 31.24
C ILE F 27 47.12 64.48 30.01
N ALA F 28 45.98 64.31 29.36
CA ALA F 28 45.56 65.15 28.25
C ALA F 28 44.37 66.00 28.67
N LEU F 29 44.12 67.05 27.90
CA LEU F 29 42.98 67.91 28.14
C LEU F 29 41.75 67.33 27.47
N HIS F 30 40.64 68.10 27.48
CA HIS F 30 39.29 67.74 27.00
C HIS F 30 38.78 66.39 27.54
N THR F 31 39.37 65.91 28.64
CA THR F 31 38.91 64.76 29.42
C THR F 31 38.81 65.09 30.89
N HIS F 32 39.76 65.86 31.42
CA HIS F 32 39.65 66.44 32.76
C HIS F 32 38.96 67.81 32.68
N ALA F 33 38.86 68.46 33.82
CA ALA F 33 38.45 69.86 33.91
C ALA F 33 39.55 70.61 34.66
N THR F 34 40.02 71.69 34.04
CA THR F 34 41.17 72.45 34.56
C THR F 34 40.69 73.80 35.07
N GLY F 35 40.99 74.08 36.33
CA GLY F 35 40.67 75.36 36.93
C GLY F 35 41.89 76.15 37.35
N TRP F 36 41.68 77.44 37.63
CA TRP F 36 42.73 78.33 38.09
C TRP F 36 42.40 78.83 39.48
N PHE F 37 43.40 78.82 40.37
CA PHE F 37 43.24 79.29 41.73
C PHE F 37 44.35 80.29 42.04
N ARG F 38 43.98 81.44 42.59
CA ARG F 38 44.94 82.48 42.92
C ARG F 38 45.02 82.66 44.43
N GLN F 39 46.22 83.01 44.89
CA GLN F 39 46.49 83.22 46.31
C GLN F 39 47.25 84.52 46.48
N ALA F 40 46.83 85.32 47.45
CA ALA F 40 47.46 86.58 47.83
C ALA F 40 48.13 86.43 49.19
N PRO F 41 49.20 87.20 49.45
CA PRO F 41 49.82 87.16 50.78
C PRO F 41 48.87 87.68 51.86
N GLY F 42 48.79 86.93 52.95
CA GLY F 42 47.88 87.26 54.02
C GLY F 42 46.44 86.91 53.78
N LYS F 43 46.14 86.15 52.72
CA LYS F 43 44.78 85.78 52.36
C LYS F 43 44.73 84.28 52.06
N GLU F 44 43.52 83.79 51.81
CA GLU F 44 43.28 82.38 51.49
C GLU F 44 42.96 82.23 50.02
N ARG F 45 43.30 81.07 49.46
CA ARG F 45 43.26 80.87 48.02
C ARG F 45 41.83 80.84 47.49
N GLU F 46 41.61 81.52 46.36
CA GLU F 46 40.30 81.64 45.75
C GLU F 46 40.41 81.31 44.27
N GLY F 47 39.41 80.60 43.74
CA GLY F 47 39.43 80.19 42.35
C GLY F 47 39.25 81.35 41.39
N VAL F 48 39.53 81.07 40.12
CA VAL F 48 39.47 82.10 39.08
C VAL F 48 38.48 81.69 38.00
N SER F 49 38.75 80.57 37.32
CA SER F 49 37.94 80.14 36.19
C SER F 49 38.13 78.65 35.97
N CYS F 50 37.25 78.07 35.14
CA CYS F 50 37.27 76.64 34.86
C CYS F 50 36.67 76.38 33.48
N ILE F 51 37.05 75.23 32.92
CA ILE F 51 36.44 74.68 31.70
C ILE F 51 36.08 73.23 32.00
N SER F 52 34.87 72.82 31.65
CA SER F 52 34.42 71.46 31.87
C SER F 52 35.10 70.50 30.88
N SER F 53 34.77 69.22 30.99
CA SER F 53 35.46 68.19 30.22
C SER F 53 35.03 68.20 28.75
N GLY F 54 33.75 67.95 28.49
CA GLY F 54 33.24 67.91 27.14
C GLY F 54 32.84 69.30 26.67
N ASP F 55 33.32 69.68 25.48
CA ASP F 55 33.07 70.97 24.83
C ASP F 55 33.60 72.13 25.67
N GLY F 56 33.00 72.36 26.84
CA GLY F 56 33.51 73.34 27.76
C GLY F 56 32.55 74.47 28.08
N THR F 57 32.01 74.45 29.30
CA THR F 57 31.21 75.55 29.83
C THR F 57 32.10 76.39 30.73
N THR F 58 32.24 77.67 30.39
CA THR F 58 33.16 78.56 31.09
C THR F 58 32.47 79.18 32.29
N TYR F 59 33.00 78.94 33.48
CA TYR F 59 32.49 79.53 34.71
C TYR F 59 33.50 80.54 35.25
N TYR F 60 32.98 81.65 35.77
CA TYR F 60 33.82 82.72 36.29
C TYR F 60 33.32 83.13 37.66
N GLU F 61 34.24 83.66 38.48
CA GLU F 61 33.88 84.11 39.81
C GLU F 61 33.24 85.49 39.75
N ASP F 62 32.83 85.99 40.92
CA ASP F 62 32.10 87.26 40.98
C ASP F 62 33.03 88.45 40.71
N SER F 63 34.26 88.39 41.19
CA SER F 63 35.18 89.51 41.08
C SER F 63 35.95 89.55 39.76
N VAL F 64 35.81 88.51 38.92
CA VAL F 64 36.59 88.40 37.69
C VAL F 64 35.71 88.35 36.45
N GLU F 65 34.43 88.69 36.57
CA GLU F 65 33.53 88.63 35.43
C GLU F 65 33.74 89.82 34.50
N GLY F 66 33.68 89.55 33.20
CA GLY F 66 33.79 90.58 32.19
C GLY F 66 35.19 91.01 31.83
N ARG F 67 36.21 90.57 32.56
CA ARG F 67 37.59 90.97 32.32
C ARG F 67 38.49 89.81 31.94
N PHE F 68 38.38 88.69 32.63
CA PHE F 68 39.28 87.56 32.47
C PHE F 68 38.63 86.55 31.55
N THR F 69 39.41 85.98 30.63
CA THR F 69 38.85 84.97 29.74
C THR F 69 39.65 83.67 29.88
N ILE F 70 38.99 82.56 29.55
CA ILE F 70 39.61 81.24 29.58
C ILE F 70 39.39 80.56 28.24
N SER F 71 40.39 79.79 27.79
CA SER F 71 40.30 79.05 26.54
C SER F 71 41.16 77.80 26.66
N ARG F 72 40.96 76.86 25.75
CA ARG F 72 41.70 75.61 25.79
C ARG F 72 41.91 75.10 24.38
N ASP F 73 43.13 74.67 24.07
CA ASP F 73 43.40 74.01 22.79
C ASP F 73 44.02 72.65 23.02
N ASN F 74 43.58 71.68 22.22
CA ASN F 74 44.06 70.30 22.31
C ASN F 74 45.18 70.00 21.32
N ALA F 75 45.46 70.89 20.37
CA ALA F 75 46.61 70.70 19.49
C ALA F 75 47.92 70.81 20.28
N LYS F 76 48.00 71.79 21.17
CA LYS F 76 49.15 71.94 22.06
C LYS F 76 48.87 71.46 23.48
N ASN F 77 47.64 70.97 23.75
CA ASN F 77 47.23 70.42 25.05
C ASN F 77 47.42 71.44 26.17
N THR F 78 46.95 72.67 25.92
CA THR F 78 47.26 73.80 26.79
C THR F 78 46.00 74.60 27.08
N VAL F 79 45.83 74.99 28.35
CA VAL F 79 44.76 75.90 28.75
C VAL F 79 45.37 77.30 28.90
N TYR F 80 44.63 78.31 28.44
CA TYR F 80 45.09 79.69 28.39
C TYR F 80 44.15 80.57 29.20
N LEU F 81 44.73 81.37 30.09
CA LEU F 81 43.98 82.31 30.93
C LEU F 81 44.43 83.72 30.57
N GLN F 82 43.53 84.48 29.94
CA GLN F 82 43.86 85.80 29.40
C GLN F 82 43.44 86.88 30.39
N MET F 83 44.41 87.68 30.80
CA MET F 83 44.23 88.82 31.69
C MET F 83 44.02 90.09 30.87
N ASN F 84 42.87 90.74 31.08
CA ASN F 84 42.60 92.05 30.52
C ASN F 84 42.10 92.98 31.63
N SER F 85 42.58 94.23 31.60
CA SER F 85 42.17 95.30 32.53
C SER F 85 42.43 94.92 33.98
N LEU F 86 43.72 94.75 34.30
CA LEU F 86 44.13 94.39 35.64
C LEU F 86 44.10 95.59 36.58
N LYS F 87 43.50 95.41 37.74
CA LYS F 87 43.49 96.41 38.80
C LYS F 87 44.60 96.12 39.81
N LEU F 88 44.77 97.05 40.76
CA LEU F 88 45.90 96.99 41.68
C LEU F 88 45.78 95.86 42.70
N GLU F 89 44.58 95.35 42.94
CA GLU F 89 44.37 94.30 43.94
C GLU F 89 44.61 92.90 43.39
N ASP F 90 44.99 92.76 42.12
CA ASP F 90 45.18 91.46 41.49
C ASP F 90 46.60 90.92 41.62
N THR F 91 47.42 91.51 42.50
CA THR F 91 48.78 91.01 42.74
C THR F 91 48.69 89.68 43.48
N ALA F 92 49.00 88.58 42.79
CA ALA F 92 48.79 87.26 43.38
C ALA F 92 49.64 86.22 42.65
N VAL F 93 49.71 85.05 43.25
CA VAL F 93 50.32 83.88 42.62
C VAL F 93 49.21 82.97 42.11
N TYR F 94 49.36 82.48 40.89
CA TYR F 94 48.34 81.72 40.20
C TYR F 94 48.79 80.27 40.01
N TYR F 95 47.85 79.35 40.24
CA TYR F 95 48.07 77.92 40.10
C TYR F 95 47.03 77.35 39.15
N CYS F 96 47.46 76.45 38.27
CA CYS F 96 46.53 75.68 37.46
C CYS F 96 46.40 74.29 38.08
N ALA F 97 45.18 73.77 38.08
CA ALA F 97 44.92 72.46 38.66
C ALA F 97 43.92 71.71 37.79
N ALA F 98 43.98 70.39 37.83
CA ALA F 98 43.13 69.55 36.98
C ALA F 98 42.46 68.47 37.82
N ASP F 99 41.20 68.21 37.52
CA ASP F 99 40.46 67.13 38.18
C ASP F 99 39.70 66.34 37.14
N PRO F 100 39.70 65.00 37.21
CA PRO F 100 39.01 64.21 36.20
C PRO F 100 37.50 64.38 36.25
N GLY F 101 36.89 64.28 35.07
CA GLY F 101 35.45 64.45 34.95
C GLY F 101 35.05 65.91 34.90
N ALA F 102 33.74 66.13 34.76
CA ALA F 102 33.17 67.47 34.77
C ALA F 102 32.95 67.90 36.22
N VAL F 103 34.07 68.24 36.86
CA VAL F 103 34.04 68.59 38.29
C VAL F 103 33.40 69.95 38.52
N CYS F 104 33.51 70.87 37.56
CA CYS F 104 33.09 72.26 37.79
C CYS F 104 31.58 72.37 37.58
N HIS F 105 30.87 72.60 38.68
CA HIS F 105 29.42 72.84 38.74
C HIS F 105 28.64 71.66 38.13
N SER F 106 28.74 70.53 38.83
CA SER F 106 27.91 69.36 38.56
C SER F 106 27.03 69.11 39.77
N GLY F 107 25.72 69.27 39.60
CA GLY F 107 24.80 69.12 40.70
C GLY F 107 24.83 70.32 41.64
N SER F 108 24.81 70.06 42.95
CA SER F 108 24.90 71.10 43.96
C SER F 108 26.34 71.40 44.37
N TYR F 109 27.31 71.08 43.52
CA TYR F 109 28.72 71.28 43.78
C TYR F 109 29.23 72.45 42.96
N TYR F 110 30.28 73.11 43.46
CA TYR F 110 30.92 74.19 42.72
C TYR F 110 32.41 74.17 43.08
N TYR F 111 33.23 74.67 42.16
CA TYR F 111 34.68 74.44 42.24
C TYR F 111 35.41 75.36 43.22
N THR F 112 34.70 76.06 44.11
CA THR F 112 35.36 76.84 45.15
C THR F 112 36.10 75.93 46.12
N ASP F 113 35.53 74.76 46.43
CA ASP F 113 36.18 73.79 47.30
C ASP F 113 37.40 73.20 46.60
N ASP F 114 38.59 73.57 47.05
CA ASP F 114 39.84 73.14 46.43
C ASP F 114 40.16 71.69 46.80
N ASP F 115 39.71 70.75 45.99
CA ASP F 115 40.03 69.33 46.17
C ASP F 115 40.40 68.73 44.83
N PHE F 116 41.29 69.41 44.11
CA PHE F 116 41.74 68.96 42.80
C PHE F 116 42.94 68.03 42.97
N TYR F 117 42.95 66.93 42.20
CA TYR F 117 43.94 65.89 42.42
C TYR F 117 45.32 66.30 41.90
N TYR F 118 45.38 66.95 40.76
CA TYR F 118 46.64 67.47 40.22
C TYR F 118 46.81 68.94 40.60
N ARG F 119 48.06 69.32 40.88
CA ARG F 119 48.39 70.70 41.21
C ARG F 119 49.57 71.21 40.39
N GLY F 120 50.08 72.39 40.73
CA GLY F 120 51.18 72.97 40.00
C GLY F 120 52.00 73.90 40.87
N GLN F 121 53.13 74.35 40.32
CA GLN F 121 54.04 75.21 41.05
C GLN F 121 53.49 76.63 41.17
N GLY F 122 52.94 77.17 40.10
CA GLY F 122 52.35 78.50 40.12
C GLY F 122 53.32 79.58 39.69
N THR F 123 52.76 80.67 39.15
CA THR F 123 53.54 81.81 38.71
C THR F 123 53.02 83.09 39.35
N GLN F 124 53.92 84.05 39.55
CA GLN F 124 53.58 85.29 40.24
C GLN F 124 53.22 86.38 39.24
N VAL F 125 52.08 87.03 39.45
CA VAL F 125 51.64 88.17 38.66
C VAL F 125 51.56 89.38 39.58
N THR F 126 52.28 90.44 39.23
CA THR F 126 52.40 91.62 40.07
C THR F 126 52.07 92.86 39.27
N VAL F 127 51.14 93.68 39.80
CA VAL F 127 50.81 94.98 39.25
C VAL F 127 51.32 96.05 40.21
N SER F 128 52.05 97.02 39.66
CA SER F 128 52.63 98.10 40.46
C SER F 128 52.97 99.25 39.54
N SER F 129 53.24 100.41 40.13
CA SER F 129 53.63 101.59 39.39
C SER F 129 55.09 101.94 39.68
#